data_8QN8
#
_entry.id   8QN8
#
_cell.length_a   1.00
_cell.length_b   1.00
_cell.length_c   1.00
_cell.angle_alpha   90.00
_cell.angle_beta   90.00
_cell.angle_gamma   90.00
#
_symmetry.space_group_name_H-M   'P 1'
#
loop_
_entity.id
_entity.type
_entity.pdbx_description
1 polymer 'DNA-directed RNA polymerase subunit alpha'
2 polymer 'DNA-directed RNA polymerase subunit beta'
3 polymer "DNA-directed RNA polymerase subunit beta'"
4 polymer 'DNA-directed RNA polymerase subunit omega'
5 polymer 'RNA polymerase sigma factor SigA'
6 polymer Helicase
7 polymer 'RNA polymerase-binding protein RbpA'
8 non-polymer 'ZINC ION'
9 non-polymer 'MAGNESIUM ION'
#
loop_
_entity_poly.entity_id
_entity_poly.type
_entity_poly.pdbx_seq_one_letter_code
_entity_poly.pdbx_strand_id
1 'polypeptide(L)'
;MLISQRPTLSEETVAENRSRFVIEPLEPGFGYTLGNSLRRTLLSSIPGAAVTSIRIDGVLHEFTTVPGVKEDVTDIILNL
KGLVVSSDDDEPVTMYLRKQGPGVVTAGDIVPPAGVTVHNPDMHIATLNDKGKLEVELVVERGRGYVPAVQNKASGAEIG
RIPVDSIYSPVLKVTYKVEATRVEQRTDFDKLIIDVETKNSISPRDALASAGGTLVELFGLARELNADSEHIEIGPSPAE
ADHIASFALPIDDLDLTVRSYNCLKREGVHTVGELVARTESDLLDIRNFGQKSIDEVKIKLHQLGLSLKDSPATFDPSEV
AGYDAATGTWTSDAGYDLDDNQDYAETEQL
;
A,B
2 'polypeptide(L)'
;MLEGCILAVSSQSKSNAITNNSVPGAPNRVSFAKLREPLEVPGLLDVQTDSFEWLVGSDRWRQAAIDRGEENPVGGLEEV
LAELSPIEDFSGSMSLSFSDPRFDEVKASVDECKDKDMTYAAPLFVTAEFINNNTGEIKSQTVFMGDFPMMTEKGTFIIN
GTERVVVSQLVRSPGVYFDETIDKSTEKTLHSVKVIPGRGAWLEFDVDKRDTVGVRIDRKRRQPVTVLLKALGWTNEQIV
ERFGFSEIMMGTLEKDTTSGTDEALLDIYRKLRPGEPPTKESAQTLLENLFFKEKRYDLARVGRYKVNKKLGLNAGKPIT
SSTLTEEDVVATIEYLVRLHEGQTSMTVPGGVEVPVEVDDIDHFGNRRLRTVGELIQNQIRVGLSRMERVVRERMTTQDV
EAITPQTLINIRPVVAAIKEFFGTSQLSQFMDQNNPLSGLTHKRRLSALGPGGLSRERAGLEVRDVHPSHYGRMCPIETP
EGPNIGLIGSLSVYARVNPFGFIETPYRKVENGVVTDQIDYLTADEEDRHVVAQANSPTDENGRFTEDRVMVRKKGGEVE
FVSADQVDYMDVSPRQMVSVATAMIPFLEHDDANRALMGANMQRQAVPLVRSEAPLVGTGMELRAAIDAGDVVVADKTGV
IEEVSADYITVMADDGTRQSYRLRKFARSNHGTCANQRPIVDAGQRVEAGQVIADGPCTQNGEMALGKNLLVAIMPWEGH
NYEDAIILSNRLVEEDVLTSIHIEEHEIDARDTKLGAEEITRDIPNVSDEVLADLDERGIVRIGAEVRDGDILVGKVTPK
GETELTPEERLLRAIFGEKAREVRDTSLKVPHGESGKVIGIRVFSREDDDELPAGVNELVRVYVAQKRKISDGDKLAGRH
GNKGVIGKILPVEDMPFLPDGTPVDIILNTHGVPRRMNIGQILETHLGWVAKAGWNIDVAAGVPDWASKLPEELYSAPAD
STVATPVFDGAQEGELAGLLGSTLPNRDGEVMVDADGKSTLFDGRSGEPFPYPVTVGYMYILKLHHLVDDKIHARSTGPY
SMITQQPLGGKAQFGGQRFGEMECWAMQAYGAAYTLQELLTIKSDDTVGRVKVYEAIVKGENIPEPGIPESFKVLLKELQ
SLCLNVEVLSSDGAAIEMRDGDDEDLERAAANLGINLSRNESASVEDLA
;
C
3 'polypeptide(L)'
;MLDVNFFDELRIGLATADDIRNWSYGEVKKPETINYRTLKPEKDGLFCEKIFGPTRDWECYCGKYKRVRFKGIICERCGV
EVTRAKVRRERMGHIELAAPVTHIWYFKGVPSRLGYLLDLAPKDLEKIIYFAAYVITSVDDEMRHNELSTLEAEMAVEKK
AVEDQRDADLEARAQKLEADLAELEAEGAKSDVRRKVRDSGEREMRQLRDRAQRELDRLDEIWNTFTKLAPKQLIVDEVL
YRELQDRYGEYFTGAMGAESIKKLIENFDIDAEAESLREVIRSGKGQKKLRALKRLKVVAAFQQSGNSPMGMVLDAVPVI
PPELRPMVQLDGGRFATSDLNDLYRRVINRNNRLKRLIDLGAPEIIVNNEKRMLQESVDALFDNGRRGRPVTGPGNRPLK
SLSDLLKGKQGRFRQNLLGKRVDYSGRSVIVVGPQLKLHQCGLPKLMALELFKPFVMKRLVDLNHAQNIKSAKRMVERQR
PQVWDVLEEVIAEHPVLLNRAPTLHRLGIQAFEPQLVEGKAIQLHPLVCEAFNADFDGDQMAVHLPLSAEAQAEARILML
SSNNILSPASGKPLAMPRLDMVTGLYYLTTLVEGATGEYQAATKDAPEQGVYSSPAEAIMAMDRGALSVRAKIKVRLTEL
RPPTDLEAQLFENGWKPGDAWTAETTLGRVMFNELLPKSYPFVNEQMHKKVQARIINDLAERFPMIVVAQTVDKLKDAGF
YWATRSGVTVSMADVLVPPQKQEILERHEAEADAIERKYQRGALNHTERNESLVKIWQDATEEVGKALEEFYPADNPIIT
IVKSGATGNLTQTRTLAGMKGLVTNPKGEFIPRPIKSSFREGLTVLEYFINTHGARKGLADTALRTADSGYLTRRLVDVS
QDVIVREHDCETERGINVTLAERGPDGTLIRDAHVETSAFARTLATDAVDANGNVIIERGHDLGDPAIDALLAAGITTVK
VRSVLTCTSATGVCAMCYGRSMATGKLVDIGEAVGIVAAQSIGEPGTQLTMRTFHQGGVTGGADIVGGLPRVQELFEARV
PRNKAPIADVAGRVRLEESDKFFKITIVPDDGGEEVVYDKLSKRQRLRVITHEDGTEGVLSDGDHVEVGDQLMEGAADPH
EVLRVQGPREVQIHLVKEVQEVYRAQGVSIHDKHIEVIVRQMLRRVTIIDSGSTEFLPGSLTERAEFEAENRRVVAEGGE
PAAGRPVLMGITKASLATDSWLSAASFQETTRVLTDAAINCRSDKLNGLKENVIIGKLIPAGTGISRYRNIQVQPTEEAR
AAAYTIPSYEDQYYSPDFGQATGAAVPLDDYGYSDYR
;
D
4 'polypeptide(L)'
;MSTPHADAQLNAADDLGIDSSAASAYDTPLGITNPPIDELLSRASSKYALVIYAAKRARQINDYYNQLGDGILEYVGPLV
EPGLQEKPLSIALREIHGDLLEHTEGE
;
E
5 'polypeptide(L)'
;MAATKASPATEEPVKRTATKTPAKKAPAKRAAKSAAAKAGGKAPAKKAPAKRAAKGTAAKPEDGVTDDLEVTDDLEAEPG
EDLDVEDTDLELDDLDSDDDTAVEDEEEEADAATPAVATAKAADDDIDEPSEKDKASGDFVWDEEESEALRQARKDAELT
ASADSVRAYLKQIGKVALLNAEEEVELAKRIEAGLYATQKLAELAEKGEKLPVQQRRDMQWICRDGDRAKNHLLEANLRL
VVSLAKRYTGRGMAFLDLIQEGNLGLIRAVEKFDYTKGYKFSTYATWWIRQAITRAMADQARTIRIPVHMVEVINKLGRI
QRELLQDLGREPTPEELAKEMDITPEKVLEIQQYAREPISLDQTIGDEGDSQLGDFIEDSEAVVAVDAVSFTLLQDQLQS
VLETLSEREAGVVRLRFGLTDGQPRTLDEIGQVYGVTRERIRQIESKTMSKLRHPSRSQVLRDYLD
;
F
6 'polypeptide(L)'
;MSGRDYEDELQSERDYVAGLYARLDAERAQSQRRYAAALREHGGTAVERDAEVRALAKDIARLNVADNGLCFGRLDTLDD
ARLYIGRLGIFDRDNDFEPLLLDWRAPMARPFYVATAANPENMRRRRQFHTLGRKVVDFTDEILGRPTGAEHDATNDAAL
LAAVNAPRGEGMRDIVATIQAEQDQVIRLDHTGVLVIEGGPGTGKTVVALHRVAYLLYTYRKQMERHGVLVVGPTPAFLD
HIGRVLPSLGESDAVFMTPGDFVPGLHVTAEDTPEAAEVKGSLKILDVLKAAVADRQELPSEPIPIDLSDVTMRIDAETA
KWARDEARKTGLPHNEARAEFVDVVTYVVTERAVARIGRGWLTRDDKHAWEKMRADVVGELEDHEQFNAALDALWPILTP
EDVLAQLYTSHERLRAAGAPECLWRADGEAWTVSDVPLLDELVDLLGRNKAADEAAERERREEEAYAAGVLDLMVDREDL
MDDEDHLLAQDLIDAEELADRFKEQDNRELSERAAADREWTYGHVVVDEAQELSEMDWRLLMRRCPRRSFTIVGDLAQRR
SPAGARSWGAMLDSYVPGRWVYKSLSVNYRTPAEIMAVAAAVLAEFAPDATPPDSVRACGVAPWARQVTDDDIASAIAEF
VSEEAGREGTSVVIGPPDVPGTVPPSETKGLEFDAVLVVEPERILADGPRGAAELYVALTRATQRLGVLYRDALPQALAG
LAEGDAAATVEQRTSA
;
H
7 'polypeptide(L)'
;MADRVLRGSRLGAVSYETDRNHDLAPRQVARYRTDNGEEFDVPFADDAEIPGTWLCRNGLEGTLIEGDVPEPKKVKPPRT
HWDMLLERRSVEELEELLKERLDLIKAKRRGTGS
;
J
#
loop_
_chem_comp.id
_chem_comp.type
_chem_comp.name
_chem_comp.formula
MG non-polymer 'MAGNESIUM ION' 'Mg 2'
ZN non-polymer 'ZINC ION' 'Zn 2'
#
# COMPACT_ATOMS: atom_id res chain seq x y z
N MET A 1 40.31 65.21 3.93
CA MET A 1 39.65 66.52 3.71
C MET A 1 38.15 66.42 3.96
N LEU A 2 37.56 67.55 4.33
CA LEU A 2 36.12 67.64 4.59
C LEU A 2 35.51 68.59 3.57
N ILE A 3 34.60 68.08 2.76
CA ILE A 3 34.02 68.86 1.66
C ILE A 3 32.92 69.76 2.23
N SER A 4 32.93 71.03 1.82
CA SER A 4 31.92 71.99 2.24
C SER A 4 30.84 72.23 1.20
N GLN A 5 31.09 71.86 -0.05
CA GLN A 5 30.11 72.09 -1.11
C GLN A 5 28.82 71.34 -0.82
N ARG A 6 27.71 72.06 -0.85
CA ARG A 6 26.40 71.45 -0.66
C ARG A 6 25.92 70.79 -1.95
N PRO A 7 25.08 69.76 -1.85
CA PRO A 7 24.52 69.15 -3.05
C PRO A 7 23.57 70.10 -3.77
N THR A 8 23.53 69.96 -5.09
CA THR A 8 22.67 70.79 -5.93
C THR A 8 21.93 69.90 -6.93
N LEU A 9 20.77 70.39 -7.36
CA LEU A 9 19.85 69.66 -8.22
C LEU A 9 19.60 70.44 -9.50
N SER A 10 19.49 69.71 -10.61
CA SER A 10 19.21 70.29 -11.91
C SER A 10 18.31 69.34 -12.70
N GLU A 11 17.65 69.86 -13.73
CA GLU A 11 16.66 69.11 -14.49
C GLU A 11 16.99 69.15 -15.97
N GLU A 12 16.75 68.03 -16.65
CA GLU A 12 16.88 67.93 -18.10
C GLU A 12 15.62 67.27 -18.65
N THR A 13 14.87 68.00 -19.47
CA THR A 13 13.64 67.47 -20.03
C THR A 13 13.96 66.53 -21.19
N VAL A 14 13.43 65.30 -21.11
CA VAL A 14 13.64 64.31 -22.15
C VAL A 14 12.45 64.24 -23.09
N ALA A 15 11.24 64.44 -22.56
CA ALA A 15 10.03 64.47 -23.36
C ALA A 15 9.00 65.30 -22.60
N GLU A 16 7.82 65.45 -23.20
CA GLU A 16 6.76 66.23 -22.55
C GLU A 16 6.40 65.64 -21.19
N ASN A 17 6.54 64.32 -21.03
CA ASN A 17 6.18 63.65 -19.79
C ASN A 17 7.35 62.93 -19.13
N ARG A 18 8.59 63.21 -19.55
CA ARG A 18 9.75 62.53 -19.02
C ARG A 18 10.87 63.52 -18.74
N SER A 19 11.54 63.33 -17.62
CA SER A 19 12.62 64.23 -17.22
C SER A 19 13.69 63.44 -16.48
N ARG A 20 14.85 64.08 -16.34
CA ARG A 20 16.03 63.47 -15.74
C ARG A 20 16.64 64.48 -14.78
N PHE A 21 16.63 64.17 -13.49
CA PHE A 21 17.12 65.09 -12.46
C PHE A 21 18.50 64.65 -12.01
N VAL A 22 19.44 65.58 -12.00
CA VAL A 22 20.83 65.33 -11.60
C VAL A 22 21.08 66.00 -10.26
N ILE A 23 21.54 65.22 -9.29
CA ILE A 23 21.87 65.69 -7.95
C ILE A 23 23.33 65.37 -7.68
N GLU A 24 24.10 66.39 -7.34
CA GLU A 24 25.52 66.20 -7.06
C GLU A 24 26.05 67.46 -6.38
N PRO A 25 27.14 67.34 -5.59
CA PRO A 25 27.82 66.09 -5.20
C PRO A 25 27.14 65.38 -4.03
N LEU A 26 27.39 64.09 -3.90
CA LEU A 26 26.86 63.28 -2.81
C LEU A 26 27.99 62.47 -2.18
N GLU A 27 27.81 62.12 -0.91
CA GLU A 27 28.82 61.34 -0.22
C GLU A 27 28.97 59.97 -0.89
N PRO A 28 30.17 59.39 -0.89
CA PRO A 28 30.35 58.09 -1.55
C PRO A 28 29.40 57.04 -0.99
N GLY A 29 28.82 56.24 -1.87
CA GLY A 29 27.91 55.18 -1.47
C GLY A 29 26.53 55.64 -1.06
N PHE A 30 26.21 56.92 -1.20
CA PHE A 30 24.94 57.47 -0.75
C PHE A 30 23.92 57.62 -1.88
N GLY A 31 24.37 57.60 -3.14
CA GLY A 31 23.45 57.86 -4.24
C GLY A 31 22.35 56.82 -4.36
N TYR A 32 22.72 55.54 -4.21
CA TYR A 32 21.75 54.48 -4.44
C TYR A 32 20.57 54.54 -3.48
N THR A 33 20.85 54.75 -2.18
CA THR A 33 19.76 54.76 -1.21
C THR A 33 18.86 55.97 -1.39
N LEU A 34 19.43 57.13 -1.67
CA LEU A 34 18.62 58.32 -1.93
C LEU A 34 17.75 58.12 -3.16
N GLY A 35 18.33 57.60 -4.24
CA GLY A 35 17.56 57.34 -5.44
C GLY A 35 16.44 56.33 -5.20
N ASN A 36 16.73 55.29 -4.42
CA ASN A 36 15.71 54.28 -4.15
C ASN A 36 14.59 54.84 -3.28
N SER A 37 14.93 55.69 -2.32
CA SER A 37 13.89 56.33 -1.51
C SER A 37 12.99 57.19 -2.38
N LEU A 38 13.60 57.99 -3.26
CA LEU A 38 12.81 58.81 -4.17
C LEU A 38 11.93 57.95 -5.08
N ARG A 39 12.49 56.85 -5.60
CA ARG A 39 11.73 55.97 -6.48
C ARG A 39 10.56 55.34 -5.75
N ARG A 40 10.78 54.86 -4.53
CA ARG A 40 9.70 54.24 -3.77
C ARG A 40 8.59 55.25 -3.49
N THR A 41 8.96 56.46 -3.09
CA THR A 41 7.94 57.48 -2.85
C THR A 41 7.18 57.82 -4.13
N LEU A 42 7.90 57.95 -5.25
CA LEU A 42 7.26 58.30 -6.51
C LEU A 42 6.28 57.21 -6.94
N LEU A 43 6.69 55.95 -6.84
CA LEU A 43 5.87 54.86 -7.35
C LEU A 43 4.70 54.54 -6.43
N SER A 44 4.85 54.77 -5.12
CA SER A 44 3.85 54.32 -4.16
C SER A 44 2.85 55.39 -3.76
N SER A 45 3.30 56.62 -3.48
CA SER A 45 2.50 57.58 -2.70
C SER A 45 2.48 58.95 -3.37
N ILE A 46 2.19 58.97 -4.67
CA ILE A 46 1.95 60.22 -5.40
C ILE A 46 0.44 60.33 -5.65
N PRO A 47 -0.22 61.37 -5.14
CA PRO A 47 -1.68 61.46 -5.33
C PRO A 47 -2.06 61.61 -6.79
N GLY A 48 -3.31 61.26 -7.08
CA GLY A 48 -3.85 61.40 -8.41
C GLY A 48 -5.36 61.29 -8.40
N ALA A 49 -5.93 61.22 -9.59
CA ALA A 49 -7.37 61.06 -9.77
C ALA A 49 -7.64 59.91 -10.71
N ALA A 50 -8.75 59.21 -10.47
CA ALA A 50 -9.09 58.03 -11.25
C ALA A 50 -10.58 57.79 -11.16
N VAL A 51 -11.06 56.94 -12.06
CA VAL A 51 -12.48 56.57 -12.10
C VAL A 51 -12.75 55.53 -11.03
N THR A 52 -13.77 55.78 -10.20
CA THR A 52 -14.12 54.90 -9.10
C THR A 52 -15.29 53.97 -9.42
N SER A 53 -16.26 54.44 -10.19
CA SER A 53 -17.42 53.62 -10.53
C SER A 53 -18.03 54.15 -11.81
N ILE A 54 -18.88 53.33 -12.43
CA ILE A 54 -19.57 53.71 -13.65
C ILE A 54 -21.01 53.21 -13.60
N ARG A 55 -21.86 53.89 -14.38
CA ARG A 55 -23.23 53.45 -14.63
C ARG A 55 -23.48 53.52 -16.13
N ILE A 56 -24.10 52.49 -16.67
CA ILE A 56 -24.30 52.37 -18.11
C ILE A 56 -25.80 52.33 -18.40
N ASP A 57 -26.15 52.71 -19.63
CA ASP A 57 -27.53 52.99 -20.01
C ASP A 57 -28.52 51.96 -19.48
N GLY A 58 -28.36 50.70 -19.87
CA GLY A 58 -29.37 49.70 -19.56
C GLY A 58 -28.85 48.34 -19.14
N VAL A 59 -27.68 48.31 -18.49
CA VAL A 59 -27.07 47.07 -18.05
C VAL A 59 -27.05 47.06 -16.52
N LEU A 60 -27.50 45.96 -15.92
CA LEU A 60 -27.59 45.83 -14.48
C LEU A 60 -26.28 45.35 -13.84
N HIS A 61 -25.32 44.89 -14.62
CA HIS A 61 -24.06 44.41 -14.10
C HIS A 61 -23.05 44.38 -15.24
N GLU A 62 -21.81 44.02 -14.91
CA GLU A 62 -20.72 44.04 -15.88
C GLU A 62 -20.60 42.76 -16.70
N PHE A 63 -21.30 41.70 -16.32
CA PHE A 63 -21.23 40.43 -17.06
C PHE A 63 -22.35 40.36 -18.11
N THR A 64 -22.36 41.34 -19.00
CA THR A 64 -23.37 41.41 -20.05
C THR A 64 -22.84 42.30 -21.17
N THR A 65 -23.64 42.44 -22.22
CA THR A 65 -23.29 43.23 -23.39
C THR A 65 -24.29 44.38 -23.53
N VAL A 66 -23.95 45.30 -24.43
CA VAL A 66 -24.82 46.41 -24.81
C VAL A 66 -25.20 46.24 -26.27
N PRO A 67 -26.49 46.29 -26.62
CA PRO A 67 -26.86 46.06 -28.03
C PRO A 67 -26.17 47.05 -28.96
N GLY A 68 -25.71 46.53 -30.09
CA GLY A 68 -25.06 47.36 -31.10
C GLY A 68 -23.67 47.81 -30.75
N VAL A 69 -23.05 47.23 -29.72
CA VAL A 69 -21.71 47.61 -29.28
C VAL A 69 -20.81 46.39 -29.42
N LYS A 70 -19.67 46.58 -30.10
CA LYS A 70 -18.76 45.47 -30.33
C LYS A 70 -18.16 44.94 -29.03
N GLU A 71 -17.80 45.85 -28.12
CA GLU A 71 -17.22 45.45 -26.84
C GLU A 71 -18.30 45.12 -25.83
N ASP A 72 -18.07 44.11 -25.02
CA ASP A 72 -18.94 43.84 -23.88
C ASP A 72 -18.58 44.78 -22.74
N VAL A 73 -19.40 44.74 -21.69
CA VAL A 73 -19.23 45.70 -20.59
C VAL A 73 -17.86 45.51 -19.94
N THR A 74 -17.40 44.27 -19.81
CA THR A 74 -16.11 44.02 -19.20
C THR A 74 -14.98 44.65 -20.02
N ASP A 75 -15.04 44.50 -21.34
CA ASP A 75 -14.01 45.12 -22.18
C ASP A 75 -14.08 46.64 -22.09
N ILE A 76 -15.28 47.20 -22.04
CA ILE A 76 -15.42 48.65 -21.91
C ILE A 76 -14.80 49.13 -20.61
N ILE A 77 -15.05 48.41 -19.51
CA ILE A 77 -14.48 48.79 -18.22
C ILE A 77 -12.96 48.69 -18.25
N LEU A 78 -12.44 47.61 -18.82
CA LEU A 78 -11.00 47.44 -18.89
C LEU A 78 -10.36 48.54 -19.72
N ASN A 79 -10.99 48.93 -20.82
CA ASN A 79 -10.50 50.06 -21.60
C ASN A 79 -10.55 51.36 -20.80
N LEU A 80 -11.65 51.57 -20.07
CA LEU A 80 -11.77 52.79 -19.27
C LEU A 80 -10.68 52.86 -18.20
N LYS A 81 -10.23 51.70 -17.72
CA LYS A 81 -9.11 51.71 -16.77
C LYS A 81 -7.86 52.35 -17.36
N GLY A 82 -7.74 52.42 -18.68
CA GLY A 82 -6.66 53.16 -19.30
C GLY A 82 -6.85 54.66 -19.30
N LEU A 83 -8.00 55.13 -18.83
CA LEU A 83 -8.29 56.56 -18.81
C LEU A 83 -7.45 57.25 -17.73
N VAL A 84 -6.83 58.36 -18.10
CA VAL A 84 -6.06 59.20 -17.18
C VAL A 84 -6.79 60.53 -17.06
N VAL A 85 -7.21 60.87 -15.84
CA VAL A 85 -8.02 62.05 -15.58
C VAL A 85 -7.44 62.82 -14.41
N SER A 86 -7.44 64.14 -14.53
CA SER A 86 -6.99 65.03 -13.47
C SER A 86 -8.21 65.70 -12.84
N SER A 87 -8.35 65.55 -11.53
CA SER A 87 -9.44 66.15 -10.77
C SER A 87 -8.86 67.16 -9.80
N ASP A 88 -9.44 68.37 -9.77
CA ASP A 88 -8.90 69.48 -9.01
C ASP A 88 -9.73 69.81 -7.78
N ASP A 89 -10.56 68.87 -7.30
CA ASP A 89 -11.34 69.06 -6.09
C ASP A 89 -11.35 67.76 -5.31
N ASP A 90 -11.66 67.88 -4.02
CA ASP A 90 -11.57 66.76 -3.07
C ASP A 90 -12.90 66.05 -2.89
N GLU A 91 -13.75 66.02 -3.91
CA GLU A 91 -15.03 65.34 -3.85
C GLU A 91 -15.30 64.62 -5.15
N PRO A 92 -16.09 63.55 -5.13
CA PRO A 92 -16.42 62.85 -6.38
C PRO A 92 -17.18 63.76 -7.33
N VAL A 93 -16.92 63.57 -8.62
CA VAL A 93 -17.57 64.34 -9.68
C VAL A 93 -17.93 63.41 -10.83
N THR A 94 -19.02 63.73 -11.52
CA THR A 94 -19.59 62.85 -12.53
C THR A 94 -19.30 63.40 -13.93
N MET A 95 -18.72 62.55 -14.77
CA MET A 95 -18.54 62.81 -16.19
C MET A 95 -19.54 62.00 -16.99
N TYR A 96 -19.95 62.52 -18.13
CA TYR A 96 -20.96 61.90 -18.97
C TYR A 96 -20.39 61.60 -20.36
N LEU A 97 -20.82 60.48 -20.93
CA LEU A 97 -20.36 60.04 -22.24
C LEU A 97 -21.56 59.47 -22.99
N ARG A 98 -21.99 60.16 -24.05
CA ARG A 98 -23.16 59.75 -24.81
C ARG A 98 -22.82 59.73 -26.29
N LYS A 99 -23.17 58.63 -26.96
CA LYS A 99 -22.99 58.55 -28.40
C LYS A 99 -24.00 57.57 -28.98
N GLN A 100 -24.27 57.73 -30.28
CA GLN A 100 -25.20 56.88 -30.99
C GLN A 100 -24.78 56.80 -32.45
N GLY A 101 -25.26 55.76 -33.13
CA GLY A 101 -24.99 55.58 -34.54
C GLY A 101 -23.61 55.02 -34.79
N PRO A 102 -23.26 54.81 -36.06
CA PRO A 102 -21.94 54.27 -36.39
C PRO A 102 -20.84 55.20 -35.95
N GLY A 103 -19.74 54.63 -35.47
CA GLY A 103 -18.58 55.40 -35.10
C GLY A 103 -17.81 54.69 -34.00
N VAL A 104 -16.81 55.42 -33.48
CA VAL A 104 -15.98 54.94 -32.38
C VAL A 104 -16.13 55.90 -31.21
N VAL A 105 -16.43 55.36 -30.04
CA VAL A 105 -16.50 56.13 -28.81
C VAL A 105 -15.11 56.15 -28.20
N THR A 106 -14.53 57.33 -28.05
CA THR A 106 -13.19 57.53 -27.53
C THR A 106 -13.25 58.45 -26.33
N ALA A 107 -12.10 58.54 -25.63
CA ALA A 107 -12.02 59.41 -24.46
C ALA A 107 -12.28 60.86 -24.81
N GLY A 108 -12.11 61.24 -26.08
CA GLY A 108 -12.42 62.60 -26.50
C GLY A 108 -13.90 62.90 -26.57
N ASP A 109 -14.76 61.88 -26.52
CA ASP A 109 -16.20 62.08 -26.48
C ASP A 109 -16.72 62.36 -25.09
N ILE A 110 -15.90 62.14 -24.05
CA ILE A 110 -16.33 62.40 -22.68
C ILE A 110 -16.53 63.89 -22.48
N VAL A 111 -17.50 64.24 -21.64
CA VAL A 111 -17.79 65.63 -21.32
C VAL A 111 -17.44 65.87 -19.85
N PRO A 112 -16.17 66.06 -19.52
CA PRO A 112 -15.79 66.26 -18.11
C PRO A 112 -16.35 67.56 -17.58
N PRO A 113 -16.79 67.59 -16.32
CA PRO A 113 -17.24 68.86 -15.73
C PRO A 113 -16.09 69.80 -15.40
N ALA A 114 -16.41 71.01 -14.96
CA ALA A 114 -15.37 71.95 -14.57
C ALA A 114 -14.51 71.36 -13.47
N GLY A 115 -13.20 71.53 -13.59
CA GLY A 115 -12.26 70.95 -12.65
C GLY A 115 -11.84 69.54 -12.94
N VAL A 116 -12.25 68.96 -14.06
CA VAL A 116 -11.87 67.61 -14.47
C VAL A 116 -11.32 67.69 -15.89
N THR A 117 -10.17 67.07 -16.10
CA THR A 117 -9.49 67.11 -17.40
C THR A 117 -9.15 65.69 -17.85
N VAL A 118 -9.49 65.36 -19.09
CA VAL A 118 -9.12 64.10 -19.72
C VAL A 118 -7.88 64.34 -20.57
N HIS A 119 -6.78 63.68 -20.22
CA HIS A 119 -5.50 64.00 -20.82
C HIS A 119 -5.14 63.13 -22.01
N ASN A 120 -5.92 62.10 -22.31
CA ASN A 120 -5.70 61.24 -23.48
C ASN A 120 -7.02 61.04 -24.21
N PRO A 121 -7.52 62.09 -24.86
CA PRO A 121 -8.83 61.99 -25.53
C PRO A 121 -8.84 61.03 -26.71
N ASP A 122 -7.68 60.57 -27.18
CA ASP A 122 -7.61 59.69 -28.34
C ASP A 122 -7.86 58.22 -27.99
N MET A 123 -7.87 57.87 -26.70
CA MET A 123 -8.00 56.46 -26.32
C MET A 123 -9.35 55.91 -26.76
N HIS A 124 -9.36 54.64 -27.16
CA HIS A 124 -10.56 53.98 -27.66
C HIS A 124 -11.36 53.39 -26.49
N ILE A 125 -12.63 53.79 -26.38
CA ILE A 125 -13.53 53.20 -25.40
C ILE A 125 -14.30 52.04 -26.00
N ALA A 126 -14.93 52.25 -27.15
CA ALA A 126 -15.74 51.21 -27.78
C ALA A 126 -16.01 51.62 -29.22
N THR A 127 -16.75 50.78 -29.93
CA THR A 127 -17.22 51.08 -31.28
C THR A 127 -18.68 50.72 -31.41
N LEU A 128 -19.46 51.60 -32.02
CA LEU A 128 -20.90 51.42 -32.20
C LEU A 128 -21.21 51.28 -33.68
N ASN A 129 -22.06 50.31 -34.00
CA ASN A 129 -22.57 50.15 -35.34
C ASN A 129 -23.85 50.99 -35.49
N ASP A 130 -24.60 50.75 -36.56
CA ASP A 130 -25.81 51.54 -36.81
C ASP A 130 -26.78 51.43 -35.65
N LYS A 131 -26.92 50.24 -35.08
CA LYS A 131 -27.85 50.01 -33.97
C LYS A 131 -27.25 50.37 -32.62
N GLY A 132 -25.98 50.79 -32.57
CA GLY A 132 -25.36 51.05 -31.29
C GLY A 132 -25.83 52.34 -30.65
N LYS A 133 -25.81 52.36 -29.33
CA LYS A 133 -26.22 53.52 -28.55
C LYS A 133 -25.65 53.35 -27.15
N LEU A 134 -24.75 54.25 -26.75
CA LEU A 134 -24.02 54.11 -25.49
C LEU A 134 -24.15 55.37 -24.66
N GLU A 135 -24.57 55.19 -23.40
CA GLU A 135 -24.64 56.25 -22.40
C GLU A 135 -23.95 55.77 -21.14
N VAL A 136 -23.01 56.56 -20.63
CA VAL A 136 -22.19 56.17 -19.49
C VAL A 136 -21.99 57.36 -18.57
N GLU A 137 -22.07 57.10 -17.26
CA GLU A 137 -21.68 58.05 -16.23
C GLU A 137 -20.46 57.50 -15.52
N LEU A 138 -19.43 58.33 -15.35
CA LEU A 138 -18.19 57.92 -14.70
C LEU A 138 -17.99 58.80 -13.46
N VAL A 139 -17.69 58.18 -12.33
CA VAL A 139 -17.41 58.90 -11.09
C VAL A 139 -15.89 59.01 -10.92
N VAL A 140 -15.40 60.23 -10.75
CA VAL A 140 -13.98 60.50 -10.61
C VAL A 140 -13.75 61.10 -9.23
N GLU A 141 -12.78 60.54 -8.51
CA GLU A 141 -12.42 60.99 -7.17
C GLU A 141 -10.91 61.19 -7.12
N ARG A 142 -10.42 61.56 -5.93
CA ARG A 142 -8.99 61.75 -5.69
C ARG A 142 -8.50 60.73 -4.66
N GLY A 143 -7.30 60.23 -4.87
CA GLY A 143 -6.74 59.25 -3.97
C GLY A 143 -5.28 59.00 -4.31
N ARG A 144 -4.73 57.94 -3.70
CA ARG A 144 -3.36 57.54 -3.95
C ARG A 144 -3.27 56.03 -3.93
N GLY A 145 -2.37 55.49 -4.74
CA GLY A 145 -2.14 54.06 -4.76
C GLY A 145 -3.28 53.29 -5.41
N TYR A 146 -3.30 51.99 -5.18
CA TYR A 146 -4.32 51.12 -5.74
C TYR A 146 -5.41 50.87 -4.70
N VAL A 147 -6.66 51.04 -5.10
CA VAL A 147 -7.80 50.79 -4.24
C VAL A 147 -8.74 49.85 -4.99
N PRO A 148 -9.10 48.70 -4.42
CA PRO A 148 -10.00 47.78 -5.12
C PRO A 148 -11.43 48.29 -5.15
N ALA A 149 -12.23 47.68 -6.01
CA ALA A 149 -13.61 48.09 -6.17
C ALA A 149 -14.38 47.96 -4.87
N VAL A 150 -15.24 48.94 -4.60
CA VAL A 150 -16.05 48.96 -3.40
C VAL A 150 -17.31 48.13 -3.62
N GLN A 151 -17.81 47.54 -2.54
CA GLN A 151 -19.01 46.70 -2.61
C GLN A 151 -20.27 47.56 -2.61
N ASN A 152 -21.19 47.24 -3.52
CA ASN A 152 -22.44 48.00 -3.60
C ASN A 152 -23.30 47.79 -2.36
N LYS A 153 -23.33 46.56 -1.84
CA LYS A 153 -24.27 46.23 -0.76
C LYS A 153 -24.03 47.11 0.46
N ALA A 154 -22.77 47.26 0.86
CA ALA A 154 -22.45 48.06 2.04
C ALA A 154 -22.47 49.56 1.75
N SER A 155 -22.44 49.95 0.48
CA SER A 155 -22.44 51.36 0.09
C SER A 155 -23.82 51.88 -0.26
N GLY A 156 -24.86 51.05 -0.13
CA GLY A 156 -26.21 51.49 -0.46
C GLY A 156 -26.35 51.91 -1.91
N ALA A 157 -25.68 51.21 -2.82
CA ALA A 157 -25.71 51.56 -4.23
C ALA A 157 -26.85 50.84 -4.93
N GLU A 158 -27.63 51.60 -5.70
CA GLU A 158 -28.73 51.02 -6.46
C GLU A 158 -28.20 50.08 -7.54
N ILE A 159 -29.03 49.12 -7.93
CA ILE A 159 -28.65 48.18 -8.98
C ILE A 159 -28.26 48.96 -10.24
N GLY A 160 -27.24 48.46 -10.93
CA GLY A 160 -26.69 49.11 -12.10
C GLY A 160 -25.39 49.84 -11.87
N ARG A 161 -25.04 50.11 -10.61
CA ARG A 161 -23.74 50.70 -10.31
C ARG A 161 -22.65 49.65 -10.46
N ILE A 162 -21.60 50.00 -11.19
CA ILE A 162 -20.48 49.08 -11.40
C ILE A 162 -19.21 49.70 -10.83
N PRO A 163 -18.86 49.42 -9.58
CA PRO A 163 -17.57 49.88 -9.06
C PRO A 163 -16.41 49.24 -9.80
N VAL A 164 -15.34 50.02 -9.96
CA VAL A 164 -14.13 49.57 -10.65
C VAL A 164 -12.93 49.89 -9.78
N ASP A 165 -11.88 49.08 -9.92
CA ASP A 165 -10.65 49.32 -9.18
C ASP A 165 -9.98 50.60 -9.66
N SER A 166 -9.47 51.36 -8.71
CA SER A 166 -8.88 52.67 -8.98
C SER A 166 -7.37 52.61 -8.80
N ILE A 167 -6.64 53.23 -9.74
CA ILE A 167 -5.19 53.30 -9.68
C ILE A 167 -4.84 54.79 -9.69
N TYR A 168 -4.68 55.36 -8.50
CA TYR A 168 -4.35 56.77 -8.33
C TYR A 168 -2.82 56.88 -8.31
N SER A 169 -2.24 56.88 -9.51
CA SER A 169 -0.78 56.89 -9.65
C SER A 169 -0.43 57.56 -10.97
N PRO A 170 -0.06 58.85 -10.94
CA PRO A 170 0.38 59.53 -12.17
C PRO A 170 1.73 59.06 -12.68
N VAL A 171 2.50 58.32 -11.89
CA VAL A 171 3.86 57.95 -12.25
C VAL A 171 3.82 56.66 -13.05
N LEU A 172 4.52 56.64 -14.19
CA LEU A 172 4.57 55.49 -15.08
C LEU A 172 5.85 54.68 -14.92
N LYS A 173 7.01 55.33 -14.90
CA LYS A 173 8.27 54.59 -14.78
C LYS A 173 9.33 55.49 -14.16
N VAL A 174 10.05 54.94 -13.18
CA VAL A 174 11.10 55.66 -12.47
C VAL A 174 12.32 54.77 -12.38
N THR A 175 13.50 55.36 -12.58
CA THR A 175 14.75 54.65 -12.42
C THR A 175 15.81 55.62 -11.94
N TYR A 176 16.96 55.09 -11.53
CA TYR A 176 18.06 55.94 -11.10
C TYR A 176 19.39 55.31 -11.52
N LYS A 177 20.40 56.17 -11.60
CA LYS A 177 21.75 55.79 -11.97
C LYS A 177 22.71 56.56 -11.07
N VAL A 178 23.85 55.94 -10.77
CA VAL A 178 24.85 56.54 -9.90
C VAL A 178 26.16 56.55 -10.67
N GLU A 179 26.55 57.70 -11.20
CA GLU A 179 27.84 57.88 -11.85
C GLU A 179 28.85 58.37 -10.82
N ALA A 180 29.91 57.61 -10.63
CA ALA A 180 30.96 58.00 -9.69
C ALA A 180 31.79 59.12 -10.28
N THR A 181 31.40 60.38 -10.00
CA THR A 181 32.08 61.53 -10.57
C THR A 181 33.21 61.95 -9.63
N ARG A 182 34.28 61.15 -9.66
CA ARG A 182 35.51 61.46 -8.92
C ARG A 182 36.38 62.32 -9.82
N VAL A 183 36.45 63.62 -9.53
CA VAL A 183 37.18 64.55 -10.37
C VAL A 183 38.66 64.21 -10.29
N GLU A 184 39.21 63.65 -11.37
CA GLU A 184 40.61 63.22 -11.43
C GLU A 184 41.04 62.50 -10.16
N GLN A 185 40.09 61.80 -9.52
CA GLN A 185 40.38 60.92 -8.39
C GLN A 185 41.15 61.63 -7.28
N ARG A 186 40.90 62.93 -7.11
CA ARG A 186 41.43 63.65 -5.96
C ARG A 186 40.52 63.56 -4.76
N THR A 187 39.24 63.28 -4.97
CA THR A 187 38.29 63.04 -3.89
C THR A 187 37.15 62.20 -4.46
N ASP A 188 36.40 61.58 -3.56
CA ASP A 188 35.36 60.63 -3.94
C ASP A 188 33.97 61.24 -3.79
N PHE A 189 33.17 61.14 -4.86
CA PHE A 189 31.84 61.74 -4.93
C PHE A 189 30.90 60.77 -5.63
N ASP A 190 29.60 61.02 -5.44
CA ASP A 190 28.55 60.35 -6.19
C ASP A 190 27.75 61.39 -6.96
N LYS A 191 27.31 61.02 -8.16
CA LYS A 191 26.42 61.84 -8.97
C LYS A 191 25.17 61.02 -9.26
N LEU A 192 24.03 61.44 -8.72
CA LEU A 192 22.79 60.69 -8.87
C LEU A 192 21.99 61.28 -10.02
N ILE A 193 21.46 60.40 -10.88
CA ILE A 193 20.62 60.81 -11.99
C ILE A 193 19.35 59.98 -11.93
N ILE A 194 18.22 60.62 -11.64
CA ILE A 194 16.95 59.94 -11.46
C ILE A 194 16.04 60.32 -12.63
N ASP A 195 15.58 59.31 -13.37
CA ASP A 195 14.74 59.49 -14.53
C ASP A 195 13.29 59.18 -14.16
N VAL A 196 12.40 60.13 -14.43
CA VAL A 196 10.99 60.04 -14.02
C VAL A 196 10.12 60.24 -15.26
N GLU A 197 9.11 59.37 -15.41
CA GLU A 197 8.17 59.42 -16.51
C GLU A 197 6.77 59.19 -15.97
N THR A 198 5.86 60.11 -16.28
CA THR A 198 4.52 60.15 -15.69
C THR A 198 3.45 59.99 -16.77
N LYS A 199 2.19 60.20 -16.37
CA LYS A 199 1.03 59.97 -17.22
C LYS A 199 0.39 61.27 -17.71
N ASN A 200 1.12 62.38 -17.72
CA ASN A 200 0.62 63.65 -18.22
C ASN A 200 -0.44 64.26 -17.29
N SER A 201 -0.81 63.57 -16.21
CA SER A 201 -1.66 64.18 -15.20
C SER A 201 -0.92 65.30 -14.49
N ILE A 202 0.35 65.08 -14.18
CA ILE A 202 1.23 66.10 -13.62
C ILE A 202 2.61 65.89 -14.21
N SER A 203 3.35 66.98 -14.36
CA SER A 203 4.67 66.91 -14.94
C SER A 203 5.62 66.19 -13.99
N PRO A 204 6.73 65.65 -14.51
CA PRO A 204 7.69 64.98 -13.63
C PRO A 204 8.18 65.85 -12.48
N ARG A 205 8.34 67.15 -12.72
CA ARG A 205 8.78 68.04 -11.66
C ARG A 205 7.79 68.04 -10.50
N ASP A 206 6.49 68.05 -10.81
CA ASP A 206 5.49 68.04 -9.75
C ASP A 206 5.55 66.74 -8.95
N ALA A 207 5.71 65.61 -9.63
CA ALA A 207 5.81 64.33 -8.94
C ALA A 207 7.02 64.29 -8.02
N LEU A 208 8.17 64.77 -8.51
CA LEU A 208 9.36 64.76 -7.68
C LEU A 208 9.22 65.71 -6.49
N ALA A 209 8.56 66.86 -6.70
CA ALA A 209 8.32 67.78 -5.59
C ALA A 209 7.41 67.15 -4.54
N SER A 210 6.37 66.43 -4.98
CA SER A 210 5.49 65.74 -4.04
C SER A 210 6.25 64.70 -3.24
N ALA A 211 7.09 63.91 -3.92
CA ALA A 211 7.89 62.91 -3.21
C ALA A 211 8.82 63.57 -2.21
N GLY A 212 9.47 64.67 -2.60
CA GLY A 212 10.35 65.37 -1.70
C GLY A 212 9.63 65.90 -0.47
N GLY A 213 8.44 66.46 -0.67
CA GLY A 213 7.66 66.94 0.47
C GLY A 213 7.27 65.81 1.40
N THR A 214 6.82 64.68 0.84
CA THR A 214 6.48 63.54 1.68
C THR A 214 7.67 63.08 2.50
N LEU A 215 8.84 62.98 1.86
CA LEU A 215 10.01 62.50 2.58
C LEU A 215 10.48 63.51 3.64
N VAL A 216 10.35 64.81 3.36
CA VAL A 216 10.71 65.82 4.35
C VAL A 216 9.80 65.71 5.56
N GLU A 217 8.50 65.56 5.34
CA GLU A 217 7.59 65.38 6.46
C GLU A 217 7.93 64.12 7.24
N LEU A 218 8.29 63.05 6.54
CA LEU A 218 8.59 61.79 7.22
C LEU A 218 9.85 61.90 8.07
N PHE A 219 10.89 62.55 7.55
CA PHE A 219 12.16 62.66 8.27
C PHE A 219 12.17 63.79 9.29
N GLY A 220 11.13 64.64 9.30
CA GLY A 220 10.98 65.53 10.43
C GLY A 220 10.84 64.81 11.76
N LEU A 221 10.37 63.55 11.72
CA LEU A 221 10.31 62.75 12.94
C LEU A 221 11.71 62.53 13.51
N ALA A 222 12.64 62.10 12.66
CA ALA A 222 14.03 61.97 13.10
C ALA A 222 14.61 63.32 13.49
N ARG A 223 14.24 64.38 12.75
CA ARG A 223 14.70 65.71 13.11
C ARG A 223 14.16 66.17 14.47
N GLU A 224 13.10 65.55 14.97
CA GLU A 224 12.53 66.00 16.24
C GLU A 224 13.51 65.86 17.40
N LEU A 225 14.42 64.90 17.34
CA LEU A 225 15.47 64.83 18.35
C LEU A 225 16.53 65.87 18.05
N ASN A 226 17.32 66.20 19.08
CA ASN A 226 18.36 67.20 18.94
C ASN A 226 19.56 66.86 19.80
N MET B 1 -3.43 65.66 1.19
CA MET B 1 -3.95 64.42 1.82
C MET B 1 -3.25 64.16 3.15
N LEU B 2 -4.03 64.10 4.22
CA LEU B 2 -3.48 63.88 5.54
C LEU B 2 -3.10 62.42 5.73
N ILE B 3 -1.97 62.19 6.39
CA ILE B 3 -1.52 60.82 6.63
C ILE B 3 -2.52 60.12 7.53
N SER B 4 -2.76 58.83 7.24
CA SER B 4 -3.77 58.09 7.98
C SER B 4 -3.42 58.01 9.46
N GLN B 5 -2.19 57.59 9.78
CA GLN B 5 -1.72 57.49 11.15
C GLN B 5 -0.39 58.23 11.27
N ARG B 6 -0.30 59.13 12.25
CA ARG B 6 0.91 59.91 12.44
C ARG B 6 1.97 59.04 13.12
N PRO B 7 3.11 58.78 12.47
CA PRO B 7 4.15 58.00 13.12
C PRO B 7 4.79 58.76 14.27
N THR B 8 5.33 58.00 15.22
CA THR B 8 6.02 58.55 16.37
C THR B 8 7.33 57.79 16.58
N LEU B 9 8.28 58.48 17.20
CA LEU B 9 9.65 57.99 17.38
C LEU B 9 9.95 57.91 18.87
N SER B 10 10.28 56.71 19.35
CA SER B 10 10.60 56.47 20.74
C SER B 10 11.98 55.85 20.87
N GLU B 11 12.60 56.06 22.03
CA GLU B 11 13.97 55.65 22.27
C GLU B 11 14.04 54.65 23.43
N GLU B 12 15.03 53.76 23.36
CA GLU B 12 15.29 52.76 24.39
C GLU B 12 16.80 52.64 24.51
N THR B 13 17.35 53.19 25.59
CA THR B 13 18.80 53.18 25.77
C THR B 13 19.28 51.78 26.09
N VAL B 14 20.32 51.33 25.38
CA VAL B 14 20.91 50.02 25.60
C VAL B 14 22.17 50.18 26.44
N ALA B 15 22.85 51.32 26.29
CA ALA B 15 24.07 51.60 27.04
C ALA B 15 24.30 53.11 27.01
N GLU B 16 25.43 53.54 27.56
CA GLU B 16 25.76 54.96 27.58
C GLU B 16 26.03 55.52 26.19
N ASN B 17 26.34 54.65 25.21
CA ASN B 17 26.67 55.09 23.86
C ASN B 17 25.95 54.28 22.79
N ARG B 18 24.88 53.57 23.16
CA ARG B 18 24.12 52.76 22.22
C ARG B 18 22.64 52.85 22.57
N SER B 19 21.80 52.92 21.53
CA SER B 19 20.37 53.09 21.74
C SER B 19 19.60 52.47 20.59
N ARG B 20 18.37 52.06 20.87
CA ARG B 20 17.45 51.54 19.88
C ARG B 20 16.30 52.51 19.71
N PHE B 21 15.88 52.73 18.46
CA PHE B 21 14.84 53.69 18.14
C PHE B 21 13.72 52.99 17.39
N VAL B 22 12.49 53.24 17.81
CA VAL B 22 11.30 52.61 17.23
C VAL B 22 10.44 53.72 16.62
N ILE B 23 10.17 53.60 15.33
CA ILE B 23 9.29 54.50 14.61
C ILE B 23 8.06 53.72 14.19
N GLU B 24 6.89 54.18 14.62
CA GLU B 24 5.65 53.47 14.30
C GLU B 24 4.48 54.39 14.57
N PRO B 25 3.35 54.23 13.85
CA PRO B 25 3.16 53.30 12.73
C PRO B 25 3.45 53.94 11.38
N LEU B 26 4.16 53.22 10.52
CA LEU B 26 4.48 53.70 9.18
C LEU B 26 3.55 53.06 8.16
N GLU B 27 3.15 53.84 7.17
CA GLU B 27 2.31 53.31 6.10
C GLU B 27 3.08 52.20 5.37
N PRO B 28 2.37 51.21 4.82
CA PRO B 28 3.06 50.04 4.27
C PRO B 28 4.11 50.43 3.24
N GLY B 29 5.29 49.82 3.36
CA GLY B 29 6.37 50.02 2.43
C GLY B 29 7.33 51.13 2.78
N PHE B 30 6.97 52.03 3.70
CA PHE B 30 7.85 53.15 4.04
C PHE B 30 8.94 52.77 5.02
N GLY B 31 8.80 51.64 5.72
CA GLY B 31 9.86 51.21 6.62
C GLY B 31 11.18 51.03 5.90
N TYR B 32 11.15 50.39 4.73
CA TYR B 32 12.36 50.23 3.93
C TYR B 32 12.75 51.54 3.25
N THR B 33 11.77 52.41 2.98
CA THR B 33 12.10 53.73 2.45
C THR B 33 12.91 54.55 3.43
N LEU B 34 12.70 54.34 4.73
CA LEU B 34 13.38 55.11 5.77
C LEU B 34 14.63 54.44 6.30
N GLY B 35 14.62 53.11 6.48
CA GLY B 35 15.68 52.47 7.23
C GLY B 35 17.04 52.60 6.57
N ASN B 36 17.13 52.25 5.29
CA ASN B 36 18.42 52.27 4.61
C ASN B 36 18.96 53.70 4.49
N SER B 37 18.08 54.64 4.15
CA SER B 37 18.52 56.03 4.03
C SER B 37 19.03 56.56 5.37
N LEU B 38 18.30 56.26 6.46
CA LEU B 38 18.76 56.71 7.78
C LEU B 38 20.07 56.05 8.15
N ARG B 39 20.23 54.76 7.86
CA ARG B 39 21.48 54.08 8.18
C ARG B 39 22.65 54.72 7.45
N ARG B 40 22.50 54.96 6.14
CA ARG B 40 23.59 55.56 5.39
C ARG B 40 23.88 56.98 5.84
N THR B 41 22.83 57.76 6.15
CA THR B 41 23.05 59.11 6.65
C THR B 41 23.81 59.08 7.97
N LEU B 42 23.45 58.16 8.87
CA LEU B 42 24.14 58.05 10.15
C LEU B 42 25.61 57.66 9.95
N LEU B 43 25.87 56.71 9.04
CA LEU B 43 27.21 56.15 8.91
C LEU B 43 28.11 56.93 7.97
N SER B 44 27.60 57.90 7.21
CA SER B 44 28.42 58.57 6.22
C SER B 44 28.16 60.06 6.07
N SER B 45 27.39 60.69 6.95
CA SER B 45 27.03 62.09 6.78
C SER B 45 27.12 62.89 8.07
N ILE B 46 27.86 62.42 9.06
CA ILE B 46 28.08 63.14 10.31
C ILE B 46 29.57 63.44 10.41
N PRO B 47 29.99 64.71 10.45
CA PRO B 47 31.42 65.01 10.47
C PRO B 47 32.06 64.64 11.80
N GLY B 48 33.36 64.37 11.75
CA GLY B 48 34.12 64.02 12.94
C GLY B 48 35.59 63.99 12.62
N ALA B 49 36.39 63.81 13.68
CA ALA B 49 37.84 63.77 13.58
C ALA B 49 38.35 62.34 13.79
N ALA B 50 39.47 62.03 13.15
CA ALA B 50 40.10 60.73 13.28
C ALA B 50 41.58 60.85 12.99
N VAL B 51 42.35 59.91 13.54
CA VAL B 51 43.78 59.84 13.26
C VAL B 51 43.97 59.27 11.87
N THR B 52 44.58 60.06 10.98
CA THR B 52 44.69 59.68 9.58
C THR B 52 46.07 59.12 9.21
N SER B 53 47.11 59.47 9.96
CA SER B 53 48.43 58.93 9.72
C SER B 53 49.22 59.00 11.02
N ILE B 54 50.26 58.18 11.11
CA ILE B 54 51.14 58.17 12.26
C ILE B 54 52.57 57.93 11.79
N ARG B 55 53.53 58.44 12.55
CA ARG B 55 54.93 58.15 12.30
C ARG B 55 55.61 57.85 13.63
N ILE B 56 56.21 56.66 13.71
CA ILE B 56 56.94 56.20 14.89
C ILE B 56 58.43 56.35 14.63
N ASP B 57 59.16 56.86 15.62
CA ASP B 57 60.53 57.27 15.39
C ASP B 57 61.45 56.09 15.05
N GLY B 58 61.29 54.98 15.75
CA GLY B 58 62.26 53.90 15.66
C GLY B 58 62.07 52.91 14.55
N VAL B 59 60.94 52.98 13.82
CA VAL B 59 60.61 51.99 12.81
C VAL B 59 60.37 52.65 11.46
N LEU B 60 61.06 53.77 11.21
CA LEU B 60 60.82 54.52 9.98
C LEU B 60 60.82 53.63 8.73
N HIS B 61 61.45 52.45 8.80
CA HIS B 61 61.47 51.55 7.66
C HIS B 61 61.38 50.11 8.19
N GLU B 62 60.84 49.22 7.36
CA GLU B 62 60.66 47.81 7.72
C GLU B 62 59.70 47.68 8.91
N PHE B 63 58.45 48.02 8.62
CA PHE B 63 57.42 48.24 9.63
C PHE B 63 57.00 46.93 10.30
N THR B 64 57.96 46.26 10.94
CA THR B 64 57.67 44.99 11.60
C THR B 64 57.39 45.15 13.10
N THR B 65 58.39 45.61 13.87
CA THR B 65 58.26 45.72 15.31
C THR B 65 58.96 46.97 15.80
N VAL B 66 58.40 47.59 16.83
CA VAL B 66 59.01 48.75 17.49
C VAL B 66 59.82 48.25 18.68
N PRO B 67 61.12 48.54 18.76
CA PRO B 67 61.90 48.05 19.90
C PRO B 67 61.45 48.69 21.20
N GLY B 68 61.57 47.92 22.28
CA GLY B 68 61.24 48.40 23.62
C GLY B 68 59.77 48.33 23.97
N VAL B 69 58.91 47.90 23.07
CA VAL B 69 57.48 47.78 23.32
C VAL B 69 57.03 46.41 22.82
N LYS B 70 56.26 45.70 23.64
CA LYS B 70 55.84 44.35 23.27
C LYS B 70 54.73 44.36 22.22
N GLU B 71 53.89 45.39 22.22
CA GLU B 71 52.86 45.51 21.19
C GLU B 71 53.47 45.72 19.83
N ASP B 72 52.93 45.04 18.82
CA ASP B 72 53.46 45.12 17.47
C ASP B 72 52.98 46.40 16.78
N VAL B 73 53.60 46.71 15.64
CA VAL B 73 53.20 47.89 14.87
C VAL B 73 51.74 47.77 14.48
N THR B 74 51.32 46.59 14.03
CA THR B 74 49.91 46.38 13.70
C THR B 74 49.03 46.59 14.93
N ASP B 75 49.46 46.07 16.09
CA ASP B 75 48.68 46.25 17.31
C ASP B 75 48.59 47.71 17.70
N ILE B 76 49.70 48.45 17.59
CA ILE B 76 49.68 49.88 17.91
C ILE B 76 48.74 50.62 16.96
N ILE B 77 48.77 50.28 15.68
CA ILE B 77 47.88 50.93 14.73
C ILE B 77 46.42 50.64 15.06
N LEU B 78 46.12 49.38 15.41
CA LEU B 78 44.76 49.04 15.79
C LEU B 78 44.32 49.81 17.03
N ASN B 79 45.20 49.93 18.02
CA ASN B 79 44.85 50.69 19.22
C ASN B 79 44.61 52.15 18.89
N LEU B 80 45.45 52.74 18.04
CA LEU B 80 45.32 54.16 17.72
C LEU B 80 44.09 54.44 16.88
N LYS B 81 43.70 53.51 16.00
CA LYS B 81 42.52 53.72 15.18
C LYS B 81 41.25 53.83 16.03
N GLY B 82 41.29 53.34 17.27
CA GLY B 82 40.18 53.47 18.19
C GLY B 82 40.18 54.73 19.03
N LEU B 83 41.14 55.62 18.80
CA LEU B 83 41.20 56.86 19.58
C LEU B 83 40.08 57.80 19.17
N VAL B 84 39.31 58.26 20.15
CA VAL B 84 38.16 59.13 19.90
C VAL B 84 38.66 60.56 20.00
N VAL B 85 39.11 61.11 18.88
CA VAL B 85 39.65 62.46 18.82
C VAL B 85 38.58 63.41 18.31
N SER B 86 38.71 64.68 18.69
CA SER B 86 37.82 65.74 18.23
C SER B 86 38.65 66.99 17.96
N SER B 87 38.35 67.68 16.88
CA SER B 87 39.12 68.85 16.47
C SER B 87 38.17 69.93 15.97
N ASP B 88 38.69 71.16 15.94
CA ASP B 88 37.92 72.34 15.60
C ASP B 88 38.57 73.14 14.47
N ASP B 89 39.31 72.46 13.58
CA ASP B 89 40.17 73.15 12.64
C ASP B 89 39.92 72.73 11.20
N ASP B 90 39.50 71.49 10.98
CA ASP B 90 39.35 70.94 9.63
C ASP B 90 40.67 70.97 8.87
N GLU B 91 41.77 70.84 9.59
CA GLU B 91 43.12 70.89 9.04
C GLU B 91 43.93 69.73 9.57
N PRO B 92 45.00 69.33 8.87
CA PRO B 92 45.88 68.29 9.42
C PRO B 92 46.71 68.82 10.57
N VAL B 93 46.40 68.40 11.80
CA VAL B 93 47.04 68.91 13.00
C VAL B 93 47.65 67.74 13.75
N THR B 94 48.87 67.93 14.25
CA THR B 94 49.68 66.83 14.76
C THR B 94 49.68 66.82 16.29
N MET B 95 49.31 65.69 16.88
CA MET B 95 49.59 65.40 18.27
C MET B 95 50.85 64.57 18.39
N TYR B 96 51.41 64.52 19.60
CA TYR B 96 52.60 63.73 19.88
C TYR B 96 52.35 62.86 21.09
N LEU B 97 52.75 61.59 21.00
CA LEU B 97 52.74 60.65 22.12
C LEU B 97 54.18 60.31 22.42
N ARG B 98 54.67 60.74 23.58
CA ARG B 98 56.04 60.50 23.99
C ARG B 98 56.03 59.97 25.41
N LYS B 99 56.62 58.79 25.60
CA LYS B 99 56.68 58.14 26.89
C LYS B 99 58.09 57.57 27.08
N GLN B 100 58.56 57.55 28.32
CA GLN B 100 59.89 57.07 28.63
C GLN B 100 59.84 56.23 29.90
N GLY B 101 60.56 55.12 29.89
CA GLY B 101 60.63 54.23 31.02
C GLY B 101 59.61 53.12 30.94
N PRO B 102 59.92 51.97 31.57
CA PRO B 102 58.98 50.85 31.52
C PRO B 102 57.64 51.21 32.15
N GLY B 103 56.58 50.64 31.59
CA GLY B 103 55.24 50.87 32.11
C GLY B 103 54.19 51.00 31.03
N VAL B 104 52.92 51.01 31.43
CA VAL B 104 51.82 51.11 30.47
C VAL B 104 51.66 52.57 30.03
N VAL B 105 51.35 52.76 28.75
CA VAL B 105 51.11 54.08 28.18
C VAL B 105 49.74 54.04 27.51
N THR B 106 48.89 55.00 27.87
CA THR B 106 47.51 55.08 27.43
C THR B 106 47.27 56.40 26.73
N ALA B 107 46.02 56.61 26.29
CA ALA B 107 45.68 57.85 25.59
C ALA B 107 45.86 59.08 26.47
N GLY B 108 45.80 58.93 27.80
CA GLY B 108 45.95 60.07 28.67
C GLY B 108 47.32 60.73 28.58
N ASP B 109 48.32 60.01 28.09
CA ASP B 109 49.66 60.58 27.95
C ASP B 109 49.78 61.49 26.73
N ILE B 110 48.84 61.40 25.79
CA ILE B 110 48.91 62.23 24.59
C ILE B 110 48.77 63.70 24.98
N VAL B 111 49.57 64.54 24.34
CA VAL B 111 49.50 65.99 24.54
C VAL B 111 48.82 66.60 23.31
N PRO B 112 47.59 67.11 23.43
CA PRO B 112 46.90 67.63 22.25
C PRO B 112 47.14 69.13 22.10
N PRO B 113 47.16 69.64 20.86
CA PRO B 113 47.17 71.10 20.67
C PRO B 113 45.91 71.76 21.21
N ALA B 114 45.84 73.08 21.13
CA ALA B 114 44.66 73.79 21.58
C ALA B 114 43.43 73.35 20.80
N GLY B 115 42.34 73.08 21.51
CA GLY B 115 41.08 72.66 20.92
C GLY B 115 40.97 71.16 20.69
N VAL B 116 42.03 70.53 20.18
CA VAL B 116 42.00 69.09 19.95
C VAL B 116 41.74 68.38 21.28
N THR B 117 40.83 67.41 21.25
CA THR B 117 40.36 66.75 22.45
C THR B 117 40.46 65.23 22.29
N VAL B 118 40.75 64.55 23.39
CA VAL B 118 40.72 63.10 23.48
C VAL B 118 39.59 62.73 24.44
N HIS B 119 38.58 62.03 23.94
CA HIS B 119 37.39 61.73 24.71
C HIS B 119 37.51 60.45 25.54
N ASN B 120 38.51 59.62 25.28
CA ASN B 120 38.72 58.38 26.02
C ASN B 120 40.18 58.29 26.44
N PRO B 121 40.62 59.14 27.37
CA PRO B 121 42.03 59.15 27.76
C PRO B 121 42.51 57.85 28.38
N ASP B 122 41.61 57.03 28.92
CA ASP B 122 41.99 55.78 29.57
C ASP B 122 42.20 54.64 28.59
N MET B 123 42.19 54.91 27.29
CA MET B 123 42.39 53.86 26.30
C MET B 123 43.82 53.37 26.32
N HIS B 124 44.00 52.06 26.43
CA HIS B 124 45.33 51.49 26.40
C HIS B 124 45.94 51.60 25.01
N ILE B 125 47.23 51.93 24.96
CA ILE B 125 47.97 52.08 23.71
C ILE B 125 49.13 51.10 23.63
N ALA B 126 49.98 51.07 24.65
CA ALA B 126 51.18 50.23 24.58
C ALA B 126 51.71 49.98 25.98
N THR B 127 52.74 49.14 26.05
CA THR B 127 53.44 48.85 27.31
C THR B 127 54.92 48.83 27.01
N LEU B 128 55.66 49.77 27.58
CA LEU B 128 57.09 49.89 27.33
C LEU B 128 57.87 48.98 28.27
N ASN B 129 58.86 48.29 27.70
CA ASN B 129 59.69 47.37 28.45
C ASN B 129 60.74 48.13 29.25
N ASP B 130 61.58 47.39 29.97
CA ASP B 130 62.64 48.01 30.75
C ASP B 130 63.57 48.83 29.84
N LYS B 131 63.89 50.04 30.28
CA LYS B 131 64.71 50.99 29.54
C LYS B 131 64.05 51.45 28.25
N GLY B 132 62.79 51.11 28.03
CA GLY B 132 62.14 51.42 26.76
C GLY B 132 61.55 52.82 26.75
N LYS B 133 61.47 53.37 25.54
CA LYS B 133 60.85 54.67 25.32
C LYS B 133 60.19 54.67 23.96
N LEU B 134 59.10 55.42 23.84
CA LEU B 134 58.28 55.44 22.63
C LEU B 134 57.97 56.88 22.25
N GLU B 135 58.01 57.16 20.96
CA GLU B 135 57.72 58.50 20.45
C GLU B 135 57.06 58.35 19.09
N VAL B 136 55.78 58.68 19.01
CA VAL B 136 55.01 58.58 17.76
C VAL B 136 54.14 59.82 17.63
N GLU B 137 54.13 60.41 16.44
CA GLU B 137 53.26 61.56 16.20
C GLU B 137 52.11 61.18 15.29
N LEU B 138 50.93 61.70 15.63
CA LEU B 138 49.65 61.34 15.02
C LEU B 138 49.10 62.57 14.31
N VAL B 139 48.53 62.38 13.12
CA VAL B 139 47.95 63.47 12.34
C VAL B 139 46.44 63.32 12.37
N VAL B 140 45.75 64.24 13.03
CA VAL B 140 44.30 64.28 13.09
C VAL B 140 43.77 65.26 12.07
N GLU B 141 42.70 64.87 11.39
CA GLU B 141 41.95 65.76 10.51
C GLU B 141 40.53 65.24 10.43
N ARG B 142 39.64 66.06 9.89
CA ARG B 142 38.21 65.82 9.97
C ARG B 142 37.65 65.37 8.62
N GLY B 143 36.58 64.59 8.68
CA GLY B 143 35.95 64.09 7.48
C GLY B 143 34.63 63.44 7.82
N ARG B 144 34.10 62.69 6.85
CA ARG B 144 32.84 61.99 7.01
C ARG B 144 32.98 60.54 6.59
N GLY B 145 32.25 59.66 7.28
CA GLY B 145 32.26 58.26 6.94
C GLY B 145 33.58 57.59 7.25
N TYR B 146 33.81 56.48 6.55
CA TYR B 146 35.04 55.71 6.66
C TYR B 146 35.83 55.85 5.36
N VAL B 147 37.05 56.36 5.47
CA VAL B 147 37.91 56.60 4.32
C VAL B 147 39.10 55.64 4.41
N PRO B 148 39.28 54.74 3.44
CA PRO B 148 40.47 53.89 3.46
C PRO B 148 41.75 54.72 3.51
N ALA B 149 42.83 54.07 3.90
CA ALA B 149 44.10 54.75 4.13
C ALA B 149 44.46 55.64 2.96
N VAL B 150 44.53 56.95 3.23
CA VAL B 150 45.00 57.91 2.23
C VAL B 150 46.53 57.80 2.16
N GLN B 151 47.04 57.42 0.98
CA GLN B 151 48.43 57.04 0.86
C GLN B 151 49.34 58.26 0.78
N ASN B 152 50.62 58.02 0.99
CA ASN B 152 51.68 59.02 0.81
C ASN B 152 52.39 58.81 -0.52
N LYS B 153 51.64 58.40 -1.55
CA LYS B 153 52.23 58.01 -2.82
C LYS B 153 53.07 59.12 -3.44
N ALA B 154 52.81 60.39 -3.11
CA ALA B 154 53.58 61.51 -3.63
C ALA B 154 54.72 61.91 -2.70
N SER B 155 55.27 60.97 -1.94
CA SER B 155 56.31 61.29 -0.99
C SER B 155 57.53 61.90 -1.68
N GLY B 156 58.01 63.01 -1.12
CA GLY B 156 59.24 63.61 -1.58
C GLY B 156 60.20 63.89 -0.45
N ALA B 157 59.70 63.87 0.79
CA ALA B 157 60.53 64.09 1.96
C ALA B 157 60.12 63.19 3.13
N GLU B 158 59.46 62.07 2.87
CA GLU B 158 58.91 61.22 3.92
C GLU B 158 59.07 59.76 3.55
N ILE B 159 59.55 58.96 4.51
CA ILE B 159 59.66 57.52 4.34
C ILE B 159 58.95 56.79 5.47
N GLY B 160 58.82 57.45 6.63
CA GLY B 160 58.32 56.82 7.82
C GLY B 160 56.85 56.97 8.10
N ARG B 161 56.12 57.71 7.27
CA ARG B 161 54.70 57.93 7.52
C ARG B 161 53.92 56.64 7.28
N ILE B 162 53.05 56.30 8.23
CA ILE B 162 52.18 55.13 8.14
C ILE B 162 50.75 55.62 7.93
N PRO B 163 50.21 55.56 6.71
CA PRO B 163 48.80 55.92 6.52
C PRO B 163 47.88 54.85 7.07
N VAL B 164 46.83 55.29 7.76
CA VAL B 164 45.88 54.40 8.41
C VAL B 164 44.47 54.75 7.95
N ASP B 165 43.58 53.76 8.00
CA ASP B 165 42.19 54.00 7.69
C ASP B 165 41.58 54.95 8.73
N SER B 166 40.70 55.83 8.26
CA SER B 166 40.16 56.91 9.07
C SER B 166 38.67 56.68 9.29
N ILE B 167 38.28 56.45 10.54
CA ILE B 167 36.87 56.34 10.92
C ILE B 167 36.46 57.73 11.39
N TYR B 168 36.06 58.59 10.45
CA TYR B 168 35.66 59.94 10.80
C TYR B 168 34.31 59.95 11.50
N SER B 169 33.40 59.09 11.08
CA SER B 169 32.02 59.16 11.55
C SER B 169 31.96 58.88 13.04
N PRO B 170 31.31 59.74 13.84
CA PRO B 170 31.08 59.39 15.25
C PRO B 170 30.27 58.10 15.42
N VAL B 171 29.35 57.82 14.51
CA VAL B 171 28.55 56.61 14.59
C VAL B 171 29.39 55.43 14.14
N LEU B 172 29.37 54.35 14.92
CA LEU B 172 30.18 53.16 14.66
C LEU B 172 29.39 52.06 13.97
N LYS B 173 28.19 51.76 14.45
CA LYS B 173 27.41 50.64 13.93
C LYS B 173 25.93 51.01 13.89
N VAL B 174 25.25 50.60 12.83
CA VAL B 174 23.82 50.86 12.68
C VAL B 174 23.18 49.64 12.01
N THR B 175 22.04 49.20 12.54
CA THR B 175 21.30 48.09 11.94
C THR B 175 19.82 48.34 12.08
N TYR B 176 19.07 48.18 10.99
CA TYR B 176 17.64 48.47 10.97
C TYR B 176 16.85 47.22 10.63
N LYS B 177 15.60 47.20 11.10
CA LYS B 177 14.71 46.05 10.95
C LYS B 177 13.29 46.58 10.79
N VAL B 178 12.47 45.83 10.06
CA VAL B 178 11.10 46.22 9.75
C VAL B 178 10.17 45.10 10.17
N GLU B 179 9.10 45.45 10.88
CA GLU B 179 8.11 44.49 11.35
C GLU B 179 6.72 44.98 10.96
N ALA B 180 5.74 44.09 11.11
CA ALA B 180 4.34 44.42 10.83
C ALA B 180 3.64 44.85 12.12
N THR B 181 2.63 45.70 11.96
CA THR B 181 1.79 46.13 13.07
C THR B 181 0.38 46.38 12.56
N ARG B 182 -0.58 46.26 13.46
CA ARG B 182 -1.98 46.56 13.17
C ARG B 182 -2.43 47.73 14.03
N VAL B 183 -2.97 48.76 13.39
CA VAL B 183 -3.37 49.97 14.10
C VAL B 183 -4.78 49.82 14.63
N GLU B 184 -5.75 49.55 13.75
CA GLU B 184 -7.13 49.30 14.15
C GLU B 184 -7.57 47.90 13.75
N GLN B 185 -7.55 47.57 12.46
CA GLN B 185 -7.90 46.23 11.99
C GLN B 185 -6.96 45.70 10.92
N ARG B 186 -6.11 46.54 10.33
CA ARG B 186 -5.28 46.16 9.20
C ARG B 186 -3.82 46.05 9.63
N THR B 187 -3.16 44.97 9.20
CA THR B 187 -1.79 44.67 9.59
C THR B 187 -0.76 45.16 8.59
N ASP B 188 -1.16 46.00 7.64
CA ASP B 188 -0.24 46.45 6.60
C ASP B 188 0.84 47.37 7.16
N PHE B 189 0.52 48.16 8.18
CA PHE B 189 1.43 49.21 8.63
C PHE B 189 2.73 48.60 9.17
N ASP B 190 3.80 49.38 9.08
CA ASP B 190 5.14 48.91 9.39
C ASP B 190 5.70 49.60 10.63
N LYS B 191 6.58 48.89 11.32
CA LYS B 191 7.33 49.39 12.47
C LYS B 191 8.81 49.30 12.13
N LEU B 192 9.54 50.38 12.31
CA LEU B 192 10.97 50.43 11.98
C LEU B 192 11.77 50.52 13.27
N ILE B 193 12.66 49.55 13.48
CA ILE B 193 13.53 49.52 14.66
C ILE B 193 14.96 49.66 14.18
N ILE B 194 15.62 50.75 14.57
CA ILE B 194 17.00 51.03 14.16
C ILE B 194 17.85 51.11 15.41
N ASP B 195 18.88 50.27 15.47
CA ASP B 195 19.82 50.24 16.59
C ASP B 195 21.09 50.96 16.16
N VAL B 196 21.56 51.88 17.01
CA VAL B 196 22.68 52.76 16.72
C VAL B 196 23.67 52.68 17.85
N GLU B 197 24.94 52.45 17.52
CA GLU B 197 26.05 52.45 18.47
C GLU B 197 27.08 53.46 17.97
N THR B 198 27.40 54.44 18.81
CA THR B 198 28.26 55.55 18.44
C THR B 198 29.49 55.60 19.35
N LYS B 199 30.45 56.42 18.95
CA LYS B 199 31.57 56.74 19.84
C LYS B 199 31.06 57.54 21.03
N ASN B 200 31.84 57.51 22.11
CA ASN B 200 31.45 58.22 23.32
C ASN B 200 31.43 59.73 23.14
N SER B 201 32.02 60.25 22.06
CA SER B 201 32.01 61.69 21.82
C SER B 201 30.63 62.22 21.51
N ILE B 202 29.73 61.38 21.00
CA ILE B 202 28.37 61.78 20.66
C ILE B 202 27.40 60.73 21.18
N SER B 203 26.16 61.15 21.41
CA SER B 203 25.11 60.21 21.78
C SER B 203 24.34 59.75 20.55
N PRO B 204 23.75 58.54 20.59
CA PRO B 204 22.94 58.11 19.45
C PRO B 204 21.78 59.05 19.16
N ARG B 205 21.23 59.69 20.19
CA ARG B 205 20.15 60.64 19.99
C ARG B 205 20.59 61.81 19.12
N ASP B 206 21.77 62.38 19.40
CA ASP B 206 22.26 63.49 18.60
C ASP B 206 22.61 63.03 17.19
N ALA B 207 23.14 61.82 17.04
CA ALA B 207 23.45 61.30 15.71
C ALA B 207 22.17 61.14 14.89
N LEU B 208 21.11 60.61 15.49
CA LEU B 208 19.84 60.49 14.78
C LEU B 208 19.28 61.86 14.42
N ALA B 209 19.41 62.83 15.33
CA ALA B 209 18.96 64.18 15.03
C ALA B 209 19.70 64.75 13.82
N SER B 210 21.02 64.59 13.80
CA SER B 210 21.81 65.11 12.68
C SER B 210 21.45 64.42 11.37
N ALA B 211 21.28 63.10 11.42
CA ALA B 211 20.90 62.37 10.20
C ALA B 211 19.54 62.83 9.70
N GLY B 212 18.58 63.01 10.61
CA GLY B 212 17.27 63.50 10.19
C GLY B 212 17.36 64.87 9.56
N GLY B 213 18.13 65.77 10.18
CA GLY B 213 18.28 67.10 9.61
C GLY B 213 18.91 67.07 8.23
N THR B 214 19.95 66.26 8.06
CA THR B 214 20.61 66.18 6.76
C THR B 214 19.66 65.63 5.69
N LEU B 215 18.91 64.58 6.03
CA LEU B 215 17.94 64.04 5.07
C LEU B 215 16.86 65.06 4.76
N VAL B 216 16.43 65.82 5.76
CA VAL B 216 15.43 66.86 5.53
C VAL B 216 15.96 67.90 4.55
N GLU B 217 17.23 68.30 4.71
CA GLU B 217 17.82 69.24 3.76
C GLU B 217 17.89 68.63 2.37
N LEU B 218 18.36 67.39 2.27
CA LEU B 218 18.51 66.77 0.96
C LEU B 218 17.18 66.66 0.22
N PHE B 219 16.11 66.33 0.93
CA PHE B 219 14.82 66.18 0.29
C PHE B 219 14.06 67.48 0.14
N GLY B 220 14.36 68.49 0.95
CA GLY B 220 13.90 69.83 0.65
C GLY B 220 14.54 70.35 -0.64
N LEU B 221 15.74 69.87 -0.95
CA LEU B 221 16.35 70.18 -2.24
C LEU B 221 15.39 69.85 -3.38
N ALA B 222 14.64 68.76 -3.26
CA ALA B 222 13.65 68.39 -4.27
C ALA B 222 12.30 69.04 -4.03
N ARG B 223 11.91 69.20 -2.76
CA ARG B 223 10.67 69.92 -2.45
C ARG B 223 10.67 71.33 -3.04
N GLU B 224 11.85 71.93 -3.20
CA GLU B 224 11.95 73.29 -3.73
C GLU B 224 11.50 73.39 -5.17
N LEU B 225 11.33 72.27 -5.87
CA LEU B 225 10.92 72.32 -7.26
C LEU B 225 9.51 72.89 -7.41
N ASN B 226 8.61 72.54 -6.50
CA ASN B 226 7.21 72.95 -6.60
C ASN B 226 6.60 72.93 -5.20
N ALA B 227 5.31 73.24 -5.13
CA ALA B 227 4.56 73.26 -3.88
C ALA B 227 3.22 72.55 -4.06
N ASP B 228 3.26 71.37 -4.67
CA ASP B 228 2.07 70.59 -4.94
C ASP B 228 1.72 69.70 -3.74
N SER B 229 0.63 68.96 -3.86
CA SER B 229 0.11 68.19 -2.74
C SER B 229 1.06 67.06 -2.35
N GLU B 230 1.02 66.71 -1.06
CA GLU B 230 1.84 65.64 -0.50
C GLU B 230 1.27 65.30 0.87
N HIS B 231 1.91 64.35 1.55
CA HIS B 231 1.39 63.83 2.81
C HIS B 231 1.58 64.87 3.92
N ILE B 232 0.47 65.44 4.38
CA ILE B 232 0.50 66.31 5.55
C ILE B 232 0.39 65.48 6.82
N GLU B 233 0.85 66.04 7.93
CA GLU B 233 0.78 65.36 9.22
C GLU B 233 0.26 66.30 10.30
N SER C 22 -2.21 27.08 -43.23
CA SER C 22 -3.40 26.81 -44.03
C SER C 22 -4.55 27.75 -43.66
N VAL C 23 -4.46 28.34 -42.47
CA VAL C 23 -5.51 29.24 -41.99
C VAL C 23 -5.38 30.56 -42.76
N PRO C 24 -6.43 31.01 -43.46
CA PRO C 24 -6.29 32.24 -44.26
C PRO C 24 -5.88 33.45 -43.45
N GLY C 25 -6.40 33.61 -42.24
CA GLY C 25 -6.15 34.82 -41.46
C GLY C 25 -5.42 34.60 -40.16
N ALA C 26 -4.44 33.71 -40.15
CA ALA C 26 -3.70 33.46 -38.92
C ALA C 26 -2.66 34.57 -38.69
N PRO C 27 -2.34 34.87 -37.43
CA PRO C 27 -1.23 35.78 -37.16
C PRO C 27 0.11 35.16 -37.52
N ASN C 28 1.08 36.02 -37.81
CA ASN C 28 2.41 35.56 -38.18
C ASN C 28 3.17 35.09 -36.96
N ARG C 29 3.84 33.94 -37.09
CA ARG C 29 4.67 33.39 -36.02
C ARG C 29 5.86 32.69 -36.67
N VAL C 30 7.00 33.38 -36.72
CA VAL C 30 8.18 32.82 -37.35
C VAL C 30 8.60 31.54 -36.62
N SER C 31 9.03 30.55 -37.39
CA SER C 31 9.32 29.22 -36.86
C SER C 31 10.80 28.91 -36.97
N PHE C 32 11.31 28.15 -35.99
CA PHE C 32 12.67 27.67 -35.99
C PHE C 32 12.83 26.31 -36.65
N ALA C 33 11.75 25.74 -37.17
CA ALA C 33 11.81 24.41 -37.76
C ALA C 33 12.76 24.38 -38.94
N LYS C 34 13.61 23.35 -38.98
CA LYS C 34 14.54 23.15 -40.08
C LYS C 34 14.12 22.03 -41.03
N LEU C 35 13.15 21.21 -40.64
CA LEU C 35 12.65 20.13 -41.48
C LEU C 35 11.38 20.58 -42.19
N ARG C 36 11.17 20.02 -43.38
CA ARG C 36 9.98 20.31 -44.18
C ARG C 36 8.95 19.21 -43.94
N GLU C 37 7.73 19.62 -43.60
CA GLU C 37 6.69 18.67 -43.28
C GLU C 37 6.13 18.04 -44.56
N PRO C 38 6.22 16.72 -44.74
CA PRO C 38 5.59 16.11 -45.92
C PRO C 38 4.10 15.87 -45.76
N LEU C 39 3.59 15.90 -44.53
CA LEU C 39 2.18 15.61 -44.26
C LEU C 39 1.69 16.54 -43.18
N GLU C 40 0.54 17.17 -43.42
CA GLU C 40 -0.04 18.09 -42.46
C GLU C 40 -0.84 17.33 -41.41
N VAL C 41 -1.02 17.96 -40.25
CA VAL C 41 -1.75 17.30 -39.16
C VAL C 41 -3.20 17.07 -39.60
N PRO C 42 -3.75 15.87 -39.44
CA PRO C 42 -5.14 15.64 -39.84
C PRO C 42 -6.11 16.30 -38.85
N GLY C 43 -7.39 16.26 -39.22
CA GLY C 43 -8.43 16.70 -38.33
C GLY C 43 -8.29 16.04 -36.98
N LEU C 44 -8.01 16.84 -35.95
CA LEU C 44 -7.62 16.28 -34.65
C LEU C 44 -8.75 15.44 -34.05
N LEU C 45 -9.99 15.91 -34.16
CA LEU C 45 -11.13 15.18 -33.61
C LEU C 45 -11.85 14.35 -34.66
N ASP C 46 -11.12 13.88 -35.68
CA ASP C 46 -11.73 13.00 -36.68
C ASP C 46 -12.15 11.67 -36.08
N VAL C 47 -11.47 11.24 -35.01
CA VAL C 47 -11.77 9.93 -34.42
C VAL C 47 -13.23 9.88 -33.97
N GLN C 48 -13.82 11.02 -33.62
CA GLN C 48 -15.22 11.04 -33.19
C GLN C 48 -16.15 11.18 -34.39
N THR C 49 -15.90 12.18 -35.24
CA THR C 49 -16.81 12.50 -36.32
C THR C 49 -16.88 11.37 -37.34
N ASP C 50 -15.72 10.82 -37.73
CA ASP C 50 -15.72 9.73 -38.70
C ASP C 50 -16.44 8.50 -38.15
N SER C 51 -16.21 8.19 -36.87
CA SER C 51 -16.87 7.05 -36.27
C SER C 51 -18.39 7.23 -36.28
N PHE C 52 -18.87 8.40 -35.87
CA PHE C 52 -20.32 8.59 -35.83
C PHE C 52 -20.91 8.61 -37.24
N GLU C 53 -20.20 9.20 -38.20
CA GLU C 53 -20.68 9.17 -39.57
C GLU C 53 -20.75 7.76 -40.11
N TRP C 54 -19.81 6.90 -39.70
CA TRP C 54 -19.93 5.48 -40.04
C TRP C 54 -21.17 4.87 -39.41
N LEU C 55 -21.44 5.22 -38.15
CA LEU C 55 -22.59 4.64 -37.45
C LEU C 55 -23.88 4.90 -38.21
N VAL C 56 -24.09 6.14 -38.63
CA VAL C 56 -25.35 6.51 -39.27
C VAL C 56 -25.25 6.34 -40.78
N GLY C 57 -24.12 5.82 -41.25
CA GLY C 57 -23.94 5.60 -42.68
C GLY C 57 -24.06 6.87 -43.50
N SER C 58 -23.43 7.96 -43.04
CA SER C 58 -23.54 9.23 -43.72
C SER C 58 -22.97 9.14 -45.14
N ASP C 59 -23.43 10.07 -45.99
CA ASP C 59 -22.97 10.09 -47.37
C ASP C 59 -21.45 10.31 -47.45
N ARG C 60 -20.93 11.22 -46.62
CA ARG C 60 -19.49 11.46 -46.63
C ARG C 60 -18.72 10.19 -46.28
N TRP C 61 -19.16 9.48 -45.25
CA TRP C 61 -18.49 8.25 -44.88
C TRP C 61 -18.56 7.22 -46.01
N ARG C 62 -19.73 7.12 -46.66
CA ARG C 62 -19.89 6.16 -47.74
C ARG C 62 -18.94 6.47 -48.89
N GLN C 63 -18.84 7.75 -49.27
CA GLN C 63 -17.94 8.14 -50.35
C GLN C 63 -16.49 7.89 -49.96
N ALA C 64 -16.12 8.18 -48.70
CA ALA C 64 -14.76 7.94 -48.26
C ALA C 64 -14.43 6.45 -48.29
N ALA C 65 -15.37 5.61 -47.87
CA ALA C 65 -15.10 4.18 -47.76
C ALA C 65 -15.07 3.51 -49.13
N ILE C 66 -15.99 3.88 -50.01
CA ILE C 66 -16.02 3.27 -51.34
C ILE C 66 -14.76 3.59 -52.12
N ASP C 67 -14.09 4.70 -51.79
CA ASP C 67 -12.84 5.05 -52.45
C ASP C 67 -11.63 4.35 -51.86
N ARG C 68 -11.76 3.75 -50.67
CA ARG C 68 -10.66 3.02 -50.06
C ARG C 68 -10.49 1.62 -50.63
N GLY C 69 -11.45 1.13 -51.42
CA GLY C 69 -11.44 -0.23 -51.92
C GLY C 69 -12.55 -1.09 -51.35
N GLU C 70 -13.09 -0.73 -50.18
CA GLU C 70 -14.20 -1.46 -49.61
C GLU C 70 -15.37 -1.48 -50.57
N GLU C 71 -15.85 -2.66 -50.90
CA GLU C 71 -16.96 -2.82 -51.83
C GLU C 71 -18.28 -2.85 -51.06
N ASN C 72 -19.27 -2.09 -51.56
CA ASN C 72 -20.59 -2.06 -50.97
C ASN C 72 -20.51 -1.79 -49.47
N PRO C 73 -20.15 -0.58 -49.06
CA PRO C 73 -20.02 -0.29 -47.63
C PRO C 73 -21.36 -0.43 -46.91
N VAL C 74 -21.28 -0.88 -45.66
CA VAL C 74 -22.45 -1.08 -44.82
C VAL C 74 -22.25 -0.31 -43.52
N GLY C 75 -23.25 0.48 -43.15
CA GLY C 75 -23.17 1.27 -41.93
C GLY C 75 -23.45 0.46 -40.68
N GLY C 76 -23.23 1.09 -39.54
CA GLY C 76 -23.44 0.42 -38.27
C GLY C 76 -24.90 0.04 -38.05
N LEU C 77 -25.81 1.00 -38.30
CA LEU C 77 -27.23 0.71 -38.15
C LEU C 77 -27.66 -0.37 -39.13
N GLU C 78 -27.20 -0.28 -40.38
CA GLU C 78 -27.50 -1.31 -41.37
C GLU C 78 -26.94 -2.65 -40.91
N GLU C 79 -25.74 -2.66 -40.35
CA GLU C 79 -25.15 -3.90 -39.87
C GLU C 79 -26.01 -4.55 -38.80
N VAL C 80 -26.41 -3.77 -37.78
CA VAL C 80 -27.20 -4.36 -36.70
C VAL C 80 -28.56 -4.79 -37.19
N LEU C 81 -29.16 -4.03 -38.12
CA LEU C 81 -30.49 -4.39 -38.61
C LEU C 81 -30.44 -5.65 -39.48
N ALA C 82 -29.41 -5.78 -40.31
CA ALA C 82 -29.24 -7.00 -41.09
C ALA C 82 -28.98 -8.20 -40.18
N GLU C 83 -28.19 -8.00 -39.12
CA GLU C 83 -27.99 -9.06 -38.15
C GLU C 83 -29.31 -9.46 -37.48
N LEU C 84 -30.13 -8.46 -37.15
CA LEU C 84 -31.41 -8.74 -36.50
C LEU C 84 -32.34 -9.53 -37.42
N SER C 85 -32.53 -9.05 -38.65
CA SER C 85 -33.49 -9.67 -39.54
C SER C 85 -32.92 -10.94 -40.15
N PRO C 86 -33.78 -11.92 -40.50
CA PRO C 86 -35.22 -11.93 -40.27
C PRO C 86 -35.60 -12.43 -38.88
N ILE C 87 -36.79 -12.06 -38.41
CA ILE C 87 -37.35 -12.57 -37.16
C ILE C 87 -38.47 -13.54 -37.54
N GLU C 88 -38.31 -14.80 -37.16
CA GLU C 88 -39.18 -15.87 -37.62
C GLU C 88 -39.60 -16.75 -36.45
N ASP C 89 -40.74 -17.41 -36.62
CA ASP C 89 -41.27 -18.31 -35.61
C ASP C 89 -40.67 -19.71 -35.78
N PHE C 90 -41.12 -20.65 -34.94
CA PHE C 90 -40.60 -22.01 -35.02
C PHE C 90 -40.91 -22.65 -36.37
N SER C 91 -42.13 -22.46 -36.87
CA SER C 91 -42.54 -23.08 -38.13
C SER C 91 -41.95 -22.38 -39.34
N GLY C 92 -41.46 -21.15 -39.19
CA GLY C 92 -40.96 -20.41 -40.34
C GLY C 92 -42.04 -19.85 -41.23
N SER C 93 -43.27 -19.73 -40.73
CA SER C 93 -44.35 -19.17 -41.53
C SER C 93 -44.32 -17.65 -41.53
N MET C 94 -44.01 -17.04 -40.39
CA MET C 94 -43.96 -15.60 -40.25
C MET C 94 -42.52 -15.11 -40.32
N SER C 95 -42.31 -13.97 -40.98
CA SER C 95 -41.00 -13.36 -41.08
C SER C 95 -41.14 -11.84 -41.00
N LEU C 96 -40.14 -11.20 -40.40
CA LEU C 96 -40.09 -9.75 -40.30
C LEU C 96 -38.68 -9.29 -40.63
N SER C 97 -38.57 -8.28 -41.49
CA SER C 97 -37.27 -7.77 -41.92
C SER C 97 -37.26 -6.25 -41.79
N PHE C 98 -36.05 -5.70 -41.66
CA PHE C 98 -35.84 -4.27 -41.50
C PHE C 98 -34.87 -3.78 -42.56
N SER C 99 -35.05 -2.52 -42.98
CA SER C 99 -34.11 -1.93 -43.93
C SER C 99 -34.24 -0.41 -43.92
N ASP C 100 -33.29 0.23 -44.57
CA ASP C 100 -33.31 1.67 -44.83
C ASP C 100 -33.55 2.48 -43.57
N PRO C 101 -32.58 2.56 -42.66
CA PRO C 101 -32.70 3.50 -41.54
C PRO C 101 -32.58 4.94 -42.02
N ARG C 102 -33.57 5.76 -41.67
CA ARG C 102 -33.65 7.13 -42.14
C ARG C 102 -33.70 8.08 -40.95
N PHE C 103 -33.03 9.23 -41.09
CA PHE C 103 -32.98 10.25 -40.06
C PHE C 103 -33.67 11.51 -40.54
N ASP C 104 -34.62 12.02 -39.75
CA ASP C 104 -35.29 13.26 -40.06
C ASP C 104 -34.47 14.43 -39.55
N GLU C 105 -34.96 15.65 -39.82
CA GLU C 105 -34.28 16.84 -39.33
C GLU C 105 -34.28 16.87 -37.81
N VAL C 106 -33.21 17.46 -37.25
CA VAL C 106 -33.10 17.54 -35.80
C VAL C 106 -34.26 18.36 -35.24
N LYS C 107 -34.74 17.95 -34.06
CA LYS C 107 -35.92 18.61 -33.49
C LYS C 107 -35.64 20.05 -33.10
N ALA C 108 -34.44 20.34 -32.58
CA ALA C 108 -34.12 21.68 -32.12
C ALA C 108 -32.63 21.94 -32.33
N SER C 109 -32.28 23.23 -32.37
CA SER C 109 -30.91 23.63 -32.56
C SER C 109 -30.07 23.35 -31.31
N VAL C 110 -28.76 23.30 -31.50
CA VAL C 110 -27.85 23.05 -30.38
C VAL C 110 -28.08 24.05 -29.26
N ASP C 111 -28.17 25.34 -29.62
CA ASP C 111 -28.39 26.36 -28.61
C ASP C 111 -29.71 26.14 -27.88
N GLU C 112 -30.78 25.86 -28.63
CA GLU C 112 -32.07 25.60 -27.99
C GLU C 112 -32.03 24.33 -27.16
N CYS C 113 -31.32 23.31 -27.61
CA CYS C 113 -31.20 22.08 -26.82
C CYS C 113 -30.52 22.37 -25.49
N LYS C 114 -29.45 23.17 -25.51
CA LYS C 114 -28.77 23.52 -24.26
C LYS C 114 -29.56 24.52 -23.43
N ASP C 115 -30.55 25.21 -24.03
CA ASP C 115 -31.34 26.16 -23.27
C ASP C 115 -32.50 25.50 -22.55
N LYS C 116 -33.19 24.57 -23.20
CA LYS C 116 -34.41 23.96 -22.67
C LYS C 116 -34.17 22.57 -22.06
N ASP C 117 -32.90 22.21 -21.83
CA ASP C 117 -32.56 20.92 -21.24
C ASP C 117 -33.04 19.76 -22.11
N MET C 118 -33.01 19.96 -23.42
CA MET C 118 -33.41 18.92 -24.37
C MET C 118 -32.19 18.17 -24.89
N THR C 119 -32.45 17.05 -25.56
CA THR C 119 -31.41 16.22 -26.13
C THR C 119 -31.32 16.48 -27.62
N TYR C 120 -30.09 16.71 -28.11
CA TYR C 120 -29.87 16.99 -29.52
C TYR C 120 -30.04 15.68 -30.29
N ALA C 121 -31.25 15.45 -30.81
CA ALA C 121 -31.60 14.17 -31.39
C ALA C 121 -32.42 14.38 -32.65
N ALA C 122 -32.44 13.35 -33.49
CA ALA C 122 -33.22 13.33 -34.71
C ALA C 122 -34.09 12.07 -34.74
N PRO C 123 -35.33 12.16 -35.23
CA PRO C 123 -36.15 10.96 -35.36
C PRO C 123 -35.51 9.96 -36.31
N LEU C 124 -35.65 8.67 -35.99
CA LEU C 124 -35.09 7.59 -36.78
C LEU C 124 -36.22 6.73 -37.34
N PHE C 125 -36.18 6.47 -38.64
CA PHE C 125 -37.22 5.69 -39.31
C PHE C 125 -36.59 4.54 -40.09
N VAL C 126 -37.21 3.37 -39.97
CA VAL C 126 -36.78 2.17 -40.65
C VAL C 126 -38.00 1.51 -41.28
N THR C 127 -37.84 0.98 -42.48
CA THR C 127 -38.94 0.30 -43.16
C THR C 127 -38.92 -1.17 -42.76
N ALA C 128 -40.03 -1.63 -42.19
CA ALA C 128 -40.19 -2.99 -41.72
C ALA C 128 -41.17 -3.71 -42.63
N GLU C 129 -40.79 -4.90 -43.09
CA GLU C 129 -41.58 -5.70 -44.01
C GLU C 129 -41.97 -7.00 -43.34
N PHE C 130 -43.28 -7.28 -43.33
CA PHE C 130 -43.82 -8.50 -42.75
C PHE C 130 -44.22 -9.46 -43.86
N ILE C 131 -43.83 -10.73 -43.71
CA ILE C 131 -44.12 -11.76 -44.71
C ILE C 131 -44.82 -12.91 -44.00
N ASN C 132 -45.93 -13.36 -44.57
CA ASN C 132 -46.69 -14.50 -44.05
C ASN C 132 -46.72 -15.55 -45.16
N ASN C 133 -45.90 -16.59 -45.01
CA ASN C 133 -45.80 -17.61 -46.04
C ASN C 133 -47.12 -18.35 -46.25
N ASN C 134 -48.02 -18.32 -45.26
CA ASN C 134 -49.30 -19.00 -45.42
C ASN C 134 -50.15 -18.36 -46.51
N THR C 135 -49.86 -17.12 -46.89
CA THR C 135 -50.58 -16.43 -47.95
C THR C 135 -49.68 -15.76 -48.97
N GLY C 136 -48.44 -15.44 -48.64
CA GLY C 136 -47.54 -14.79 -49.57
C GLY C 136 -47.72 -13.31 -49.73
N GLU C 137 -48.57 -12.69 -48.92
CA GLU C 137 -48.82 -11.26 -49.01
C GLU C 137 -47.81 -10.49 -48.17
N ILE C 138 -47.30 -9.40 -48.75
CA ILE C 138 -46.26 -8.59 -48.12
C ILE C 138 -46.89 -7.30 -47.61
N LYS C 139 -46.37 -6.80 -46.50
CA LYS C 139 -46.86 -5.56 -45.89
C LYS C 139 -45.66 -4.76 -45.39
N SER C 140 -45.18 -3.83 -46.22
CA SER C 140 -44.13 -2.91 -45.82
C SER C 140 -44.74 -1.72 -45.10
N GLN C 141 -44.00 -1.19 -44.12
CA GLN C 141 -44.50 -0.08 -43.32
C GLN C 141 -43.32 0.63 -42.67
N THR C 142 -43.40 1.96 -42.62
CA THR C 142 -42.38 2.76 -41.96
C THR C 142 -42.61 2.72 -40.46
N VAL C 143 -41.58 2.34 -39.71
CA VAL C 143 -41.64 2.19 -38.27
C VAL C 143 -40.73 3.24 -37.63
N PHE C 144 -41.28 4.03 -36.72
CA PHE C 144 -40.52 5.04 -36.00
C PHE C 144 -39.78 4.38 -34.86
N MET C 145 -38.44 4.37 -34.94
CA MET C 145 -37.61 3.62 -34.00
C MET C 145 -37.15 4.46 -32.81
N GLY C 146 -37.45 5.75 -32.78
CA GLY C 146 -37.12 6.59 -31.65
C GLY C 146 -36.29 7.79 -32.04
N ASP C 147 -36.07 8.65 -31.04
CA ASP C 147 -35.24 9.84 -31.22
C ASP C 147 -33.78 9.46 -30.99
N PHE C 148 -33.02 9.34 -32.06
CA PHE C 148 -31.61 8.97 -31.97
C PHE C 148 -30.79 10.20 -31.61
N PRO C 149 -30.04 10.19 -30.50
CA PRO C 149 -29.15 11.32 -30.22
C PRO C 149 -28.09 11.47 -31.29
N MET C 150 -27.86 12.70 -31.70
CA MET C 150 -26.91 13.01 -32.77
C MET C 150 -25.64 13.65 -32.20
N MET C 151 -24.59 13.61 -33.00
CA MET C 151 -23.31 14.18 -32.64
C MET C 151 -23.15 15.53 -33.34
N THR C 152 -22.75 16.54 -32.59
CA THR C 152 -22.52 17.87 -33.16
C THR C 152 -21.22 17.86 -33.97
N GLU C 153 -21.02 18.92 -34.75
CA GLU C 153 -19.78 19.05 -35.50
C GLU C 153 -18.57 19.13 -34.58
N LYS C 154 -18.77 19.44 -33.30
CA LYS C 154 -17.69 19.51 -32.32
C LYS C 154 -17.33 18.15 -31.74
N GLY C 155 -18.04 17.09 -32.13
CA GLY C 155 -17.74 15.77 -31.60
C GLY C 155 -18.31 15.48 -30.23
N THR C 156 -19.42 16.12 -29.87
CA THR C 156 -20.04 15.94 -28.57
C THR C 156 -21.51 15.61 -28.74
N PHE C 157 -22.08 14.97 -27.72
CA PHE C 157 -23.51 14.68 -27.65
C PHE C 157 -24.15 15.56 -26.60
N ILE C 158 -25.25 16.21 -26.95
CA ILE C 158 -25.98 17.07 -26.02
C ILE C 158 -27.13 16.24 -25.46
N ILE C 159 -27.05 15.95 -24.16
CA ILE C 159 -28.04 15.13 -23.47
C ILE C 159 -28.61 15.97 -22.32
N ASN C 160 -29.93 16.16 -22.33
CA ASN C 160 -30.62 16.85 -21.25
C ASN C 160 -29.97 18.21 -20.95
N GLY C 161 -29.53 18.88 -22.00
CA GLY C 161 -28.97 20.22 -21.89
C GLY C 161 -27.49 20.27 -21.62
N THR C 162 -26.87 19.17 -21.23
CA THR C 162 -25.45 19.14 -20.92
C THR C 162 -24.67 18.53 -22.09
N GLU C 163 -23.39 18.85 -22.14
CA GLU C 163 -22.51 18.37 -23.20
C GLU C 163 -21.71 17.19 -22.68
N ARG C 164 -21.65 16.11 -23.46
CA ARG C 164 -21.03 14.87 -23.05
C ARG C 164 -20.14 14.34 -24.16
N VAL C 165 -19.09 13.64 -23.76
CA VAL C 165 -18.13 13.03 -24.67
C VAL C 165 -18.10 11.53 -24.40
N VAL C 166 -18.13 10.73 -25.45
CA VAL C 166 -18.01 9.28 -25.36
C VAL C 166 -16.57 8.94 -25.71
N VAL C 167 -15.80 8.52 -24.72
CA VAL C 167 -14.38 8.27 -24.90
C VAL C 167 -14.18 6.92 -25.57
N SER C 168 -13.23 6.86 -26.50
CA SER C 168 -12.87 5.60 -27.13
C SER C 168 -12.30 4.65 -26.11
N GLN C 169 -12.63 3.37 -26.25
CA GLN C 169 -12.28 2.36 -25.26
C GLN C 169 -11.31 1.35 -25.85
N LEU C 170 -10.18 1.14 -25.17
CA LEU C 170 -9.20 0.14 -25.58
C LEU C 170 -9.59 -1.23 -25.04
N VAL C 171 -9.61 -2.24 -25.91
CA VAL C 171 -10.02 -3.58 -25.52
C VAL C 171 -9.19 -4.59 -26.30
N ARG C 172 -8.95 -5.75 -25.70
CA ARG C 172 -8.24 -6.82 -26.39
C ARG C 172 -9.11 -7.32 -27.54
N SER C 173 -8.59 -7.23 -28.75
CA SER C 173 -9.38 -7.57 -29.93
C SER C 173 -9.67 -9.07 -29.96
N PRO C 174 -10.81 -9.47 -30.54
CA PRO C 174 -11.08 -10.91 -30.69
C PRO C 174 -10.01 -11.59 -31.54
N GLY C 175 -9.78 -12.85 -31.25
CA GLY C 175 -8.77 -13.62 -31.97
C GLY C 175 -8.43 -14.89 -31.22
N VAL C 176 -7.20 -15.35 -31.42
CA VAL C 176 -6.65 -16.48 -30.67
C VAL C 176 -5.33 -16.04 -30.07
N TYR C 177 -5.18 -16.22 -28.76
CA TYR C 177 -4.02 -15.70 -28.03
C TYR C 177 -3.32 -16.83 -27.30
N PHE C 178 -2.01 -16.94 -27.51
CA PHE C 178 -1.16 -17.96 -26.90
C PHE C 178 -0.27 -17.29 -25.86
N ASP C 179 -0.03 -17.99 -24.76
CA ASP C 179 0.82 -17.46 -23.70
C ASP C 179 1.51 -18.61 -22.99
N GLU C 180 2.55 -18.28 -22.22
CA GLU C 180 3.23 -19.24 -21.36
C GLU C 180 3.47 -18.59 -20.00
N THR C 181 3.17 -19.33 -18.94
CA THR C 181 3.26 -18.83 -17.58
C THR C 181 3.95 -19.86 -16.70
N ILE C 182 4.57 -19.38 -15.63
CA ILE C 182 5.30 -20.24 -14.71
C ILE C 182 4.34 -20.80 -13.68
N ASP C 183 4.34 -22.12 -13.53
CA ASP C 183 3.49 -22.77 -12.54
C ASP C 183 3.96 -22.41 -11.14
N LYS C 184 3.05 -21.89 -10.32
CA LYS C 184 3.42 -21.47 -8.97
C LYS C 184 3.73 -22.65 -8.06
N SER C 185 3.29 -23.86 -8.42
CA SER C 185 3.57 -25.03 -7.61
C SER C 185 4.94 -25.61 -7.93
N THR C 186 5.15 -26.02 -9.17
CA THR C 186 6.38 -26.71 -9.58
C THR C 186 7.39 -25.79 -10.25
N GLU C 187 7.07 -24.51 -10.41
CA GLU C 187 7.92 -23.53 -11.11
C GLU C 187 8.03 -23.86 -12.59
N LYS C 188 7.29 -24.87 -13.08
CA LYS C 188 7.37 -25.27 -14.47
C LYS C 188 6.70 -24.25 -15.38
N THR C 189 7.23 -24.12 -16.59
CA THR C 189 6.62 -23.28 -17.61
C THR C 189 5.54 -24.07 -18.33
N LEU C 190 4.37 -23.46 -18.51
CA LEU C 190 3.24 -24.12 -19.13
C LEU C 190 2.60 -23.19 -20.15
N HIS C 191 2.17 -23.78 -21.27
CA HIS C 191 1.63 -23.05 -22.39
C HIS C 191 0.12 -23.19 -22.43
N SER C 192 -0.53 -22.14 -22.92
CA SER C 192 -1.99 -22.11 -22.98
C SER C 192 -2.40 -21.22 -24.14
N VAL C 193 -3.65 -21.39 -24.57
CA VAL C 193 -4.24 -20.60 -25.64
C VAL C 193 -5.70 -20.40 -25.32
N LYS C 194 -6.22 -19.23 -25.68
CA LYS C 194 -7.64 -18.94 -25.53
C LYS C 194 -8.15 -18.22 -26.76
N VAL C 195 -9.36 -18.60 -27.18
CA VAL C 195 -10.02 -17.99 -28.33
C VAL C 195 -11.03 -16.99 -27.80
N ILE C 196 -10.83 -15.72 -28.12
CA ILE C 196 -11.65 -14.62 -27.61
C ILE C 196 -12.59 -14.19 -28.73
N PRO C 197 -13.88 -14.51 -28.67
CA PRO C 197 -14.81 -14.07 -29.70
C PRO C 197 -15.48 -12.75 -29.36
N GLY C 198 -16.06 -12.14 -30.38
CA GLY C 198 -16.87 -10.95 -30.14
C GLY C 198 -18.05 -11.26 -29.23
N ARG C 199 -18.67 -12.42 -29.42
CA ARG C 199 -19.75 -12.88 -28.57
C ARG C 199 -19.76 -14.40 -28.59
N GLY C 200 -20.08 -15.00 -27.45
CA GLY C 200 -20.24 -16.44 -27.34
C GLY C 200 -19.27 -17.06 -26.35
N ALA C 201 -19.34 -18.39 -26.29
CA ALA C 201 -18.56 -19.15 -25.32
C ALA C 201 -17.06 -19.06 -25.60
N TRP C 202 -16.29 -18.96 -24.53
CA TRP C 202 -14.83 -19.03 -24.65
C TRP C 202 -14.40 -20.47 -24.88
N LEU C 203 -13.24 -20.63 -25.52
CA LEU C 203 -12.65 -21.93 -25.74
C LEU C 203 -11.16 -21.84 -25.41
N GLU C 204 -10.70 -22.65 -24.45
CA GLU C 204 -9.32 -22.58 -24.00
C GLU C 204 -8.67 -23.95 -24.10
N PHE C 205 -7.40 -23.97 -24.47
CA PHE C 205 -6.58 -25.18 -24.45
C PHE C 205 -5.33 -24.90 -23.64
N ASP C 206 -4.74 -25.94 -23.07
CA ASP C 206 -3.53 -25.74 -22.29
C ASP C 206 -2.77 -27.05 -22.15
N VAL C 207 -1.50 -26.93 -21.76
CA VAL C 207 -0.67 -28.06 -21.38
C VAL C 207 -0.30 -27.88 -19.91
N ASP C 208 -0.65 -28.87 -19.09
CA ASP C 208 -0.50 -28.77 -17.65
C ASP C 208 0.91 -29.19 -17.22
N LYS C 209 1.15 -29.14 -15.90
CA LYS C 209 2.45 -29.46 -15.35
C LYS C 209 2.84 -30.92 -15.57
N ARG C 210 1.87 -31.78 -15.91
CA ARG C 210 2.16 -33.19 -16.18
C ARG C 210 2.14 -33.50 -17.68
N ASP C 211 2.33 -32.48 -18.52
CA ASP C 211 2.43 -32.67 -19.97
C ASP C 211 1.20 -33.38 -20.54
N THR C 212 0.03 -33.01 -20.04
CA THR C 212 -1.23 -33.50 -20.56
C THR C 212 -2.00 -32.33 -21.17
N VAL C 213 -2.45 -32.49 -22.42
CA VAL C 213 -3.13 -31.44 -23.14
C VAL C 213 -4.62 -31.49 -22.79
N GLY C 214 -5.12 -30.39 -22.21
CA GLY C 214 -6.50 -30.31 -21.81
C GLY C 214 -7.24 -29.14 -22.42
N VAL C 215 -8.57 -29.20 -22.41
CA VAL C 215 -9.42 -28.18 -23.02
C VAL C 215 -10.50 -27.79 -22.03
N ARG C 216 -10.74 -26.49 -21.91
CA ARG C 216 -11.84 -25.93 -21.14
C ARG C 216 -12.82 -25.27 -22.10
N ILE C 217 -14.00 -25.86 -22.22
CA ILE C 217 -15.07 -25.33 -23.06
C ILE C 217 -15.94 -24.44 -22.19
N ASP C 218 -16.06 -23.17 -22.59
CA ASP C 218 -16.95 -22.23 -21.90
C ASP C 218 -16.65 -22.16 -20.41
N ARG C 219 -15.36 -22.18 -20.06
CA ARG C 219 -14.89 -21.98 -18.69
C ARG C 219 -15.38 -23.07 -17.74
N LYS C 220 -15.71 -24.25 -18.24
CA LYS C 220 -16.15 -25.35 -17.39
C LYS C 220 -14.95 -26.19 -16.97
N ARG C 221 -15.21 -27.37 -16.42
CA ARG C 221 -14.16 -28.24 -15.92
C ARG C 221 -13.22 -28.65 -17.05
N ARG C 222 -11.93 -28.76 -16.72
CA ARG C 222 -10.93 -29.16 -17.70
C ARG C 222 -11.07 -30.65 -18.04
N GLN C 223 -10.96 -30.95 -19.33
CA GLN C 223 -11.04 -32.32 -19.83
C GLN C 223 -10.03 -32.48 -20.96
N PRO C 224 -9.69 -33.71 -21.31
CA PRO C 224 -8.71 -33.92 -22.39
C PRO C 224 -9.18 -33.34 -23.71
N VAL C 225 -8.23 -32.84 -24.49
CA VAL C 225 -8.54 -32.26 -25.80
C VAL C 225 -9.06 -33.33 -26.74
N THR C 226 -8.56 -34.57 -26.63
CA THR C 226 -9.03 -35.63 -27.50
C THR C 226 -10.52 -35.84 -27.38
N VAL C 227 -11.09 -35.56 -26.21
CA VAL C 227 -12.55 -35.65 -26.06
C VAL C 227 -13.24 -34.68 -27.00
N LEU C 228 -12.76 -33.44 -27.06
CA LEU C 228 -13.34 -32.47 -27.99
C LEU C 228 -13.09 -32.86 -29.44
N LEU C 229 -11.89 -33.37 -29.74
CA LEU C 229 -11.60 -33.79 -31.10
C LEU C 229 -12.58 -34.87 -31.55
N LYS C 230 -12.83 -35.86 -30.69
CA LYS C 230 -13.82 -36.88 -31.00
C LYS C 230 -15.21 -36.27 -31.10
N ALA C 231 -15.51 -35.30 -30.24
CA ALA C 231 -16.79 -34.59 -30.32
C ALA C 231 -16.98 -33.89 -31.66
N LEU C 232 -15.90 -33.56 -32.35
CA LEU C 232 -15.98 -32.95 -33.67
C LEU C 232 -16.04 -33.98 -34.78
N GLY C 233 -16.09 -35.27 -34.45
CA GLY C 233 -16.17 -36.32 -35.44
C GLY C 233 -14.85 -36.97 -35.80
N TRP C 234 -13.77 -36.66 -35.09
CA TRP C 234 -12.48 -37.27 -35.37
C TRP C 234 -12.41 -38.66 -34.76
N THR C 235 -11.81 -39.59 -35.50
CA THR C 235 -11.56 -40.94 -35.03
C THR C 235 -10.11 -41.08 -34.57
N ASN C 236 -9.84 -42.16 -33.84
CA ASN C 236 -8.49 -42.37 -33.32
C ASN C 236 -7.47 -42.39 -34.43
N GLU C 237 -7.81 -42.99 -35.58
CA GLU C 237 -6.90 -43.01 -36.71
C GLU C 237 -6.58 -41.60 -37.19
N GLN C 238 -7.61 -40.76 -37.33
CA GLN C 238 -7.38 -39.39 -37.79
C GLN C 238 -6.56 -38.60 -36.78
N ILE C 239 -6.80 -38.81 -35.49
CA ILE C 239 -6.04 -38.10 -34.47
C ILE C 239 -4.57 -38.52 -34.52
N VAL C 240 -4.30 -39.83 -34.61
CA VAL C 240 -2.93 -40.29 -34.64
C VAL C 240 -2.25 -39.92 -35.96
N GLU C 241 -3.02 -39.65 -37.01
CA GLU C 241 -2.42 -39.21 -38.26
C GLU C 241 -2.08 -37.72 -38.22
N ARG C 242 -3.07 -36.88 -37.93
CA ARG C 242 -2.83 -35.45 -37.85
C ARG C 242 -1.79 -35.12 -36.79
N PHE C 243 -1.99 -35.65 -35.58
CA PHE C 243 -1.02 -35.52 -34.51
C PHE C 243 -0.10 -36.74 -34.53
N GLY C 244 0.67 -36.92 -33.47
CA GLY C 244 1.70 -37.94 -33.41
C GLY C 244 3.10 -37.41 -33.64
N PHE C 245 3.22 -36.21 -34.21
CA PHE C 245 4.51 -35.53 -34.24
C PHE C 245 4.99 -35.19 -32.84
N SER C 246 4.07 -35.12 -31.87
CA SER C 246 4.41 -34.86 -30.47
C SER C 246 3.90 -36.02 -29.63
N GLU C 247 4.73 -36.47 -28.70
CA GLU C 247 4.38 -37.63 -27.88
C GLU C 247 3.35 -37.30 -26.82
N ILE C 248 3.25 -36.04 -26.40
CA ILE C 248 2.30 -35.69 -25.34
C ILE C 248 0.87 -35.88 -25.83
N MET C 249 0.60 -35.56 -27.09
CA MET C 249 -0.74 -35.76 -27.64
C MET C 249 -1.08 -37.24 -27.69
N MET C 250 -0.12 -38.08 -28.09
CA MET C 250 -0.35 -39.51 -28.11
C MET C 250 -0.60 -40.04 -26.70
N GLY C 251 0.14 -39.54 -25.72
CA GLY C 251 -0.10 -39.95 -24.34
C GLY C 251 -1.48 -39.55 -23.86
N THR C 252 -1.92 -38.33 -24.21
CA THR C 252 -3.26 -37.89 -23.84
C THR C 252 -4.33 -38.77 -24.50
N LEU C 253 -4.12 -39.13 -25.77
CA LEU C 253 -5.08 -39.98 -26.48
C LEU C 253 -5.15 -41.37 -25.85
N GLU C 254 -3.99 -41.97 -25.57
CA GLU C 254 -3.97 -43.31 -25.02
C GLU C 254 -4.46 -43.36 -23.58
N LYS C 255 -4.43 -42.22 -22.86
CA LYS C 255 -4.86 -42.14 -21.48
C LYS C 255 -6.24 -41.50 -21.35
N ASP C 256 -7.08 -41.64 -22.36
CA ASP C 256 -8.41 -41.05 -22.37
C ASP C 256 -9.46 -42.14 -22.26
N THR C 257 -10.38 -41.99 -21.31
CA THR C 257 -11.44 -42.97 -21.09
C THR C 257 -12.72 -42.53 -21.82
N THR C 258 -12.64 -42.50 -23.14
CA THR C 258 -13.77 -42.12 -23.97
C THR C 258 -13.45 -42.47 -25.42
N SER C 259 -14.43 -43.05 -26.11
CA SER C 259 -14.23 -43.47 -27.50
C SER C 259 -15.55 -43.30 -28.24
N GLY C 260 -15.51 -42.53 -29.34
CA GLY C 260 -16.67 -42.33 -30.16
C GLY C 260 -17.19 -40.91 -30.10
N THR C 261 -17.72 -40.40 -31.21
CA THR C 261 -18.28 -39.06 -31.22
C THR C 261 -19.44 -38.95 -30.23
N ASP C 262 -20.33 -39.96 -30.21
CA ASP C 262 -21.47 -39.92 -29.30
C ASP C 262 -21.02 -39.89 -27.85
N GLU C 263 -20.01 -40.70 -27.50
CA GLU C 263 -19.53 -40.74 -26.12
C GLU C 263 -18.98 -39.39 -25.69
N ALA C 264 -18.16 -38.77 -26.54
CA ALA C 264 -17.61 -37.46 -26.22
C ALA C 264 -18.70 -36.41 -26.12
N LEU C 265 -19.68 -36.45 -27.01
CA LEU C 265 -20.77 -35.48 -26.98
C LEU C 265 -21.59 -35.63 -25.70
N LEU C 266 -21.84 -36.87 -25.27
CA LEU C 266 -22.56 -37.08 -24.01
C LEU C 266 -21.74 -36.57 -22.82
N ASP C 267 -20.43 -36.83 -22.82
CA ASP C 267 -19.60 -36.35 -21.72
C ASP C 267 -19.60 -34.82 -21.67
N ILE C 268 -19.51 -34.18 -22.84
CA ILE C 268 -19.54 -32.73 -22.90
C ILE C 268 -20.90 -32.20 -22.43
N TYR C 269 -21.98 -32.85 -22.83
CA TYR C 269 -23.30 -32.47 -22.35
C TYR C 269 -23.35 -32.52 -20.83
N ARG C 270 -22.86 -33.60 -20.24
CA ARG C 270 -22.87 -33.72 -18.78
C ARG C 270 -22.04 -32.63 -18.13
N LYS C 271 -20.86 -32.34 -18.69
CA LYS C 271 -19.98 -31.35 -18.08
C LYS C 271 -20.38 -29.91 -18.39
N LEU C 272 -21.34 -29.70 -19.29
CA LEU C 272 -21.94 -28.40 -19.57
C LEU C 272 -23.33 -28.25 -18.95
N ARG C 273 -24.14 -29.31 -18.95
CA ARG C 273 -25.51 -29.26 -18.43
C ARG C 273 -25.65 -30.40 -17.42
N PRO C 274 -25.18 -30.20 -16.19
CA PRO C 274 -25.13 -31.31 -15.24
C PRO C 274 -26.51 -31.80 -14.84
N GLY C 275 -26.60 -33.10 -14.59
CA GLY C 275 -27.82 -33.71 -14.05
C GLY C 275 -28.94 -33.98 -15.03
N GLU C 276 -29.28 -33.01 -15.86
CA GLU C 276 -30.44 -33.15 -16.73
C GLU C 276 -30.20 -34.26 -17.76
N PRO C 277 -31.26 -34.96 -18.17
CA PRO C 277 -31.09 -36.12 -19.05
C PRO C 277 -30.56 -35.70 -20.42
N PRO C 278 -29.64 -36.48 -21.00
CA PRO C 278 -29.17 -36.16 -22.35
C PRO C 278 -30.00 -36.83 -23.44
N THR C 279 -29.63 -36.62 -24.70
CA THR C 279 -30.27 -37.31 -25.82
C THR C 279 -29.41 -37.09 -27.05
N LYS C 280 -29.55 -38.02 -28.01
CA LYS C 280 -28.84 -37.89 -29.28
C LYS C 280 -29.31 -36.67 -30.05
N GLU C 281 -30.57 -36.26 -29.86
CA GLU C 281 -31.10 -35.11 -30.58
C GLU C 281 -30.30 -33.85 -30.27
N SER C 282 -29.89 -33.69 -29.01
CA SER C 282 -29.16 -32.51 -28.57
C SER C 282 -27.65 -32.70 -28.55
N ALA C 283 -27.16 -33.92 -28.70
CA ALA C 283 -25.73 -34.18 -28.56
C ALA C 283 -24.91 -33.33 -29.53
N GLN C 284 -25.25 -33.39 -30.81
CA GLN C 284 -24.54 -32.58 -31.81
C GLN C 284 -25.00 -31.13 -31.74
N THR C 285 -26.29 -30.91 -31.47
CA THR C 285 -26.85 -29.57 -31.53
C THR C 285 -26.20 -28.65 -30.51
N LEU C 286 -25.89 -29.16 -29.32
CA LEU C 286 -25.31 -28.31 -28.29
C LEU C 286 -24.00 -27.69 -28.77
N LEU C 287 -23.09 -28.52 -29.27
CA LEU C 287 -21.81 -28.01 -29.75
C LEU C 287 -22.01 -27.12 -30.97
N GLU C 288 -22.86 -27.54 -31.91
CA GLU C 288 -23.04 -26.77 -33.13
C GLU C 288 -23.56 -25.38 -32.81
N ASN C 289 -24.52 -25.27 -31.89
CA ASN C 289 -25.01 -23.98 -31.47
C ASN C 289 -23.94 -23.21 -30.70
N LEU C 290 -23.16 -23.92 -29.89
CA LEU C 290 -22.22 -23.26 -28.98
C LEU C 290 -21.11 -22.56 -29.74
N PHE C 291 -20.54 -23.20 -30.76
CA PHE C 291 -19.33 -22.68 -31.39
C PHE C 291 -19.44 -22.38 -32.89
N PHE C 292 -20.47 -22.85 -33.58
CA PHE C 292 -20.44 -22.82 -35.05
C PHE C 292 -21.60 -22.08 -35.69
N LYS C 293 -22.77 -22.03 -35.07
CA LYS C 293 -23.89 -21.32 -35.68
C LYS C 293 -23.79 -19.82 -35.38
N GLU C 294 -23.98 -19.00 -36.41
CA GLU C 294 -23.64 -17.58 -36.33
C GLU C 294 -24.52 -16.84 -35.33
N LYS C 295 -25.76 -17.29 -35.13
CA LYS C 295 -26.67 -16.55 -34.26
C LYS C 295 -26.27 -16.61 -32.79
N ARG C 296 -25.31 -17.46 -32.43
CA ARG C 296 -24.84 -17.56 -31.05
C ARG C 296 -23.34 -17.36 -30.90
N TYR C 297 -22.56 -17.49 -31.97
CA TYR C 297 -21.11 -17.34 -31.89
C TYR C 297 -20.62 -16.70 -33.17
N ASP C 298 -19.73 -15.71 -33.04
CA ASP C 298 -19.10 -15.08 -34.19
C ASP C 298 -17.82 -14.39 -33.74
N LEU C 299 -16.90 -14.20 -34.68
CA LEU C 299 -15.63 -13.54 -34.42
C LEU C 299 -15.67 -12.06 -34.77
N ALA C 300 -16.82 -11.53 -35.19
CA ALA C 300 -17.05 -10.11 -35.38
C ALA C 300 -16.27 -9.52 -36.56
N ARG C 301 -15.76 -10.37 -37.45
CA ARG C 301 -15.10 -9.93 -38.68
C ARG C 301 -13.72 -9.32 -38.39
N VAL C 302 -13.40 -9.12 -37.10
CA VAL C 302 -12.07 -8.74 -36.68
C VAL C 302 -11.35 -9.91 -36.01
N GLY C 303 -12.08 -10.71 -35.23
CA GLY C 303 -11.53 -11.96 -34.78
C GLY C 303 -11.29 -12.93 -35.92
N ARG C 304 -12.16 -12.92 -36.92
CA ARG C 304 -11.96 -13.76 -38.10
C ARG C 304 -10.67 -13.37 -38.82
N TYR C 305 -10.46 -12.06 -39.02
CA TYR C 305 -9.24 -11.60 -39.69
C TYR C 305 -8.01 -11.96 -38.87
N LYS C 306 -8.06 -11.76 -37.56
CA LYS C 306 -6.91 -12.08 -36.72
C LYS C 306 -6.60 -13.57 -36.75
N VAL C 307 -7.64 -14.41 -36.66
CA VAL C 307 -7.45 -15.85 -36.66
C VAL C 307 -7.01 -16.36 -38.03
N ASN C 308 -7.33 -15.62 -39.11
CA ASN C 308 -6.80 -15.98 -40.41
C ASN C 308 -5.33 -15.59 -40.54
N LYS C 309 -4.96 -14.39 -40.06
CA LYS C 309 -3.58 -13.96 -40.15
C LYS C 309 -2.67 -14.87 -39.35
N LYS C 310 -3.09 -15.25 -38.14
CA LYS C 310 -2.43 -16.29 -37.39
C LYS C 310 -2.94 -17.65 -37.85
N LEU C 311 -2.09 -18.67 -37.69
CA LEU C 311 -2.44 -20.03 -38.08
C LEU C 311 -2.44 -20.22 -39.59
N GLY C 312 -2.29 -19.13 -40.34
CA GLY C 312 -2.24 -19.23 -41.79
C GLY C 312 -3.48 -19.83 -42.42
N LEU C 313 -4.65 -19.55 -41.86
CA LEU C 313 -5.89 -20.15 -42.34
C LEU C 313 -6.65 -19.19 -43.26
N ASN C 314 -7.37 -19.77 -44.23
CA ASN C 314 -8.23 -19.01 -45.12
C ASN C 314 -7.48 -17.86 -45.79
N ALA C 315 -6.24 -18.14 -46.21
CA ALA C 315 -5.43 -17.13 -46.85
C ALA C 315 -5.92 -16.87 -48.27
N GLY C 316 -5.61 -15.66 -48.77
CA GLY C 316 -5.96 -15.29 -50.12
C GLY C 316 -7.36 -14.75 -50.28
N LYS C 317 -8.36 -15.63 -50.24
CA LYS C 317 -9.73 -15.21 -50.46
C LYS C 317 -10.20 -14.35 -49.29
N PRO C 318 -11.14 -13.44 -49.54
CA PRO C 318 -11.55 -12.49 -48.50
C PRO C 318 -12.35 -13.17 -47.39
N ILE C 319 -12.50 -12.44 -46.28
CA ILE C 319 -13.31 -12.92 -45.18
C ILE C 319 -14.75 -13.08 -45.66
N THR C 320 -15.25 -14.32 -45.59
CA THR C 320 -16.58 -14.65 -46.08
C THR C 320 -17.59 -14.89 -44.97
N SER C 321 -17.19 -15.57 -43.89
CA SER C 321 -18.08 -15.87 -42.78
C SER C 321 -17.39 -15.49 -41.47
N SER C 322 -18.19 -15.09 -40.49
CA SER C 322 -17.69 -14.58 -39.23
C SER C 322 -17.54 -15.63 -38.14
N THR C 323 -17.98 -16.86 -38.38
CA THR C 323 -18.02 -17.87 -37.34
C THR C 323 -16.76 -18.73 -37.34
N LEU C 324 -16.58 -19.48 -36.26
CA LEU C 324 -15.47 -20.41 -36.11
C LEU C 324 -15.73 -21.68 -36.92
N THR C 325 -14.66 -22.44 -37.14
CA THR C 325 -14.74 -23.69 -37.88
C THR C 325 -13.89 -24.75 -37.20
N GLU C 326 -14.21 -26.01 -37.51
CA GLU C 326 -13.41 -27.13 -36.99
C GLU C 326 -11.94 -26.95 -37.33
N GLU C 327 -11.66 -26.44 -38.53
CA GLU C 327 -10.27 -26.21 -38.91
C GLU C 327 -9.58 -25.25 -37.95
N ASP C 328 -10.30 -24.22 -37.49
CA ASP C 328 -9.72 -23.30 -36.53
C ASP C 328 -9.35 -24.00 -35.23
N VAL C 329 -10.24 -24.86 -34.74
CA VAL C 329 -9.95 -25.55 -33.48
C VAL C 329 -8.75 -26.48 -33.63
N VAL C 330 -8.72 -27.23 -34.73
CA VAL C 330 -7.59 -28.16 -34.94
C VAL C 330 -6.30 -27.38 -35.09
N ALA C 331 -6.33 -26.27 -35.83
CA ALA C 331 -5.14 -25.46 -35.99
C ALA C 331 -4.67 -24.88 -34.67
N THR C 332 -5.61 -24.44 -33.82
CA THR C 332 -5.23 -23.93 -32.52
C THR C 332 -4.56 -25.00 -31.67
N ILE C 333 -5.12 -26.22 -31.68
CA ILE C 333 -4.52 -27.31 -30.92
C ILE C 333 -3.11 -27.60 -31.43
N GLU C 334 -2.96 -27.69 -32.75
CA GLU C 334 -1.66 -27.98 -33.33
C GLU C 334 -0.66 -26.88 -33.01
N TYR C 335 -1.09 -25.62 -33.09
CA TYR C 335 -0.20 -24.50 -32.78
C TYR C 335 0.23 -24.55 -31.31
N LEU C 336 -0.71 -24.85 -30.40
CA LEU C 336 -0.36 -24.93 -29.00
C LEU C 336 0.67 -26.03 -28.75
N VAL C 337 0.45 -27.20 -29.36
CA VAL C 337 1.37 -28.32 -29.14
C VAL C 337 2.75 -28.01 -29.73
N ARG C 338 2.77 -27.39 -30.92
CA ARG C 338 4.04 -27.02 -31.53
C ARG C 338 4.78 -26.00 -30.68
N LEU C 339 4.05 -25.01 -30.14
CA LEU C 339 4.67 -24.02 -29.27
C LEU C 339 5.24 -24.69 -28.02
N HIS C 340 4.51 -25.63 -27.43
CA HIS C 340 5.04 -26.35 -26.28
C HIS C 340 6.30 -27.12 -26.63
N GLU C 341 6.32 -27.75 -27.82
CA GLU C 341 7.50 -28.48 -28.26
C GLU C 341 8.69 -27.56 -28.53
N GLY C 342 8.48 -26.25 -28.59
CA GLY C 342 9.56 -25.32 -28.81
C GLY C 342 9.84 -25.00 -30.26
N GLN C 343 8.94 -25.34 -31.17
CA GLN C 343 9.13 -25.05 -32.58
C GLN C 343 8.86 -23.58 -32.87
N THR C 344 9.36 -23.12 -34.02
CA THR C 344 9.19 -21.74 -34.43
C THR C 344 8.38 -21.56 -35.70
N SER C 345 8.28 -22.59 -36.55
CA SER C 345 7.51 -22.52 -37.78
C SER C 345 6.47 -23.64 -37.79
N MET C 346 5.26 -23.29 -38.23
CA MET C 346 4.16 -24.24 -38.34
C MET C 346 3.44 -24.02 -39.65
N THR C 347 2.94 -25.10 -40.23
CA THR C 347 2.23 -25.06 -41.50
C THR C 347 1.02 -25.98 -41.42
N VAL C 348 -0.17 -25.41 -41.38
CA VAL C 348 -1.40 -26.21 -41.40
C VAL C 348 -1.52 -26.88 -42.77
N PRO C 349 -2.02 -28.12 -42.86
CA PRO C 349 -2.20 -28.74 -44.18
C PRO C 349 -3.01 -27.87 -45.12
N GLY C 350 -2.39 -27.39 -46.19
CA GLY C 350 -3.02 -26.50 -47.14
C GLY C 350 -2.88 -25.03 -46.82
N GLY C 351 -2.48 -24.67 -45.59
CA GLY C 351 -2.34 -23.29 -45.20
C GLY C 351 -0.94 -22.76 -45.43
N VAL C 352 -0.78 -21.46 -45.17
CA VAL C 352 0.51 -20.81 -45.33
C VAL C 352 1.34 -21.01 -44.07
N GLU C 353 2.64 -21.19 -44.25
CA GLU C 353 3.54 -21.33 -43.11
C GLU C 353 3.56 -20.05 -42.29
N VAL C 354 3.55 -20.19 -40.98
CA VAL C 354 3.49 -19.05 -40.07
C VAL C 354 4.44 -19.28 -38.90
N PRO C 355 4.91 -18.21 -38.28
CA PRO C 355 5.78 -18.37 -37.10
C PRO C 355 5.02 -18.90 -35.90
N VAL C 356 5.75 -19.54 -35.00
CA VAL C 356 5.21 -20.07 -33.75
C VAL C 356 5.79 -19.22 -32.63
N GLU C 357 4.94 -18.46 -31.95
CA GLU C 357 5.41 -17.54 -30.93
C GLU C 357 4.27 -17.20 -29.98
N VAL C 358 4.65 -16.62 -28.84
CA VAL C 358 3.69 -16.14 -27.85
C VAL C 358 3.16 -14.78 -28.30
N ASP C 359 1.95 -14.45 -27.85
CA ASP C 359 1.30 -13.19 -28.20
C ASP C 359 1.32 -12.25 -27.01
N ASP C 360 1.79 -11.02 -27.25
CA ASP C 360 1.83 -9.98 -26.23
C ASP C 360 0.50 -9.24 -26.24
N ILE C 361 -0.26 -9.36 -25.14
CA ILE C 361 -1.59 -8.74 -25.09
C ILE C 361 -1.51 -7.22 -24.98
N ASP C 362 -0.35 -6.67 -24.61
CA ASP C 362 -0.19 -5.22 -24.52
C ASP C 362 0.04 -4.57 -25.87
N HIS C 363 0.41 -5.36 -26.87
CA HIS C 363 0.79 -4.83 -28.18
C HIS C 363 -0.46 -4.30 -28.90
N PHE C 364 -0.35 -3.09 -29.46
CA PHE C 364 -1.47 -2.55 -30.24
C PHE C 364 -1.77 -3.35 -31.50
N GLY C 365 -1.03 -4.41 -31.79
CA GLY C 365 -1.49 -5.36 -32.79
C GLY C 365 -2.61 -6.24 -32.30
N ASN C 366 -2.77 -6.33 -30.98
CA ASN C 366 -3.84 -7.08 -30.35
C ASN C 366 -4.90 -6.20 -29.73
N ARG C 367 -4.51 -5.09 -29.10
CA ARG C 367 -5.46 -4.14 -28.54
C ARG C 367 -6.07 -3.30 -29.66
N ARG C 368 -7.39 -3.18 -29.66
CA ARG C 368 -8.13 -2.40 -30.63
C ARG C 368 -8.99 -1.37 -29.90
N LEU C 369 -9.53 -0.44 -30.69
CA LEU C 369 -10.24 0.72 -30.17
C LEU C 369 -11.70 0.65 -30.55
N ARG C 370 -12.57 0.50 -29.54
CA ARG C 370 -14.00 0.72 -29.72
C ARG C 370 -14.25 2.21 -29.75
N THR C 371 -14.59 2.73 -30.92
CA THR C 371 -14.93 4.14 -31.04
C THR C 371 -16.36 4.37 -30.52
N VAL C 372 -16.74 5.65 -30.47
CA VAL C 372 -18.07 6.01 -29.99
C VAL C 372 -19.14 5.29 -30.80
N GLY C 373 -18.97 5.27 -32.13
CA GLY C 373 -19.95 4.63 -32.98
C GLY C 373 -20.15 3.16 -32.63
N GLU C 374 -19.05 2.46 -32.33
CA GLU C 374 -19.16 1.03 -32.04
C GLU C 374 -19.84 0.80 -30.69
N LEU C 375 -19.57 1.64 -29.70
CA LEU C 375 -20.24 1.50 -28.41
C LEU C 375 -21.74 1.73 -28.56
N ILE C 376 -22.12 2.79 -29.27
CA ILE C 376 -23.53 3.06 -29.50
C ILE C 376 -24.16 1.92 -30.29
N GLN C 377 -23.41 1.35 -31.24
CA GLN C 377 -23.92 0.23 -32.02
C GLN C 377 -24.16 -0.99 -31.15
N ASN C 378 -23.25 -1.26 -30.20
CA ASN C 378 -23.45 -2.38 -29.30
C ASN C 378 -24.69 -2.19 -28.43
N GLN C 379 -24.89 -0.97 -27.94
CA GLN C 379 -26.09 -0.71 -27.14
C GLN C 379 -27.35 -0.86 -27.98
N ILE C 380 -27.32 -0.38 -29.23
CA ILE C 380 -28.43 -0.60 -30.14
C ILE C 380 -28.66 -2.09 -30.36
N ARG C 381 -27.58 -2.86 -30.42
CA ARG C 381 -27.70 -4.30 -30.61
C ARG C 381 -28.42 -4.94 -29.43
N VAL C 382 -28.09 -4.51 -28.21
CA VAL C 382 -28.78 -5.03 -27.03
C VAL C 382 -30.27 -4.66 -27.07
N GLY C 383 -30.56 -3.40 -27.40
CA GLY C 383 -31.95 -2.98 -27.49
C GLY C 383 -32.71 -3.75 -28.56
N LEU C 384 -32.06 -4.02 -29.69
CA LEU C 384 -32.70 -4.78 -30.76
C LEU C 384 -32.89 -6.24 -30.36
N SER C 385 -31.99 -6.78 -29.53
CA SER C 385 -32.21 -8.13 -29.01
C SER C 385 -33.46 -8.17 -28.14
N ARG C 386 -33.63 -7.17 -27.28
CA ARG C 386 -34.86 -7.11 -26.47
C ARG C 386 -36.10 -6.97 -27.36
N MET C 387 -36.00 -6.12 -28.39
CA MET C 387 -37.11 -5.99 -29.32
C MET C 387 -37.40 -7.29 -30.04
N GLU C 388 -36.36 -8.04 -30.39
CA GLU C 388 -36.55 -9.33 -31.03
C GLU C 388 -37.26 -10.30 -30.10
N ARG C 389 -36.88 -10.29 -28.82
CA ARG C 389 -37.56 -11.16 -27.86
C ARG C 389 -39.04 -10.83 -27.77
N VAL C 390 -39.37 -9.54 -27.63
CA VAL C 390 -40.78 -9.18 -27.48
C VAL C 390 -41.56 -9.49 -28.76
N VAL C 391 -40.94 -9.26 -29.93
CA VAL C 391 -41.60 -9.59 -31.19
C VAL C 391 -41.85 -11.09 -31.28
N ARG C 392 -40.84 -11.89 -30.94
CA ARG C 392 -41.01 -13.34 -30.97
C ARG C 392 -42.12 -13.77 -30.01
N GLU C 393 -42.28 -13.06 -28.89
CA GLU C 393 -43.32 -13.41 -27.94
C GLU C 393 -44.71 -13.08 -28.50
N ARG C 394 -44.89 -11.88 -29.04
CA ARG C 394 -46.23 -11.40 -29.34
C ARG C 394 -46.71 -11.70 -30.77
N MET C 395 -45.92 -12.39 -31.59
CA MET C 395 -46.48 -12.90 -32.84
C MET C 395 -47.46 -14.04 -32.59
N THR C 396 -47.22 -14.84 -31.54
CA THR C 396 -48.09 -15.97 -31.25
C THR C 396 -49.43 -15.54 -30.69
N THR C 397 -49.53 -14.35 -30.12
CA THR C 397 -50.72 -13.91 -29.41
C THR C 397 -51.61 -13.00 -30.23
N GLN C 398 -51.36 -12.90 -31.55
CA GLN C 398 -52.14 -12.03 -32.42
C GLN C 398 -52.56 -12.81 -33.66
N ASP C 399 -53.64 -12.33 -34.28
CA ASP C 399 -54.22 -13.00 -35.44
C ASP C 399 -53.30 -12.83 -36.64
N VAL C 400 -52.73 -13.93 -37.13
CA VAL C 400 -51.78 -13.89 -38.23
C VAL C 400 -52.40 -13.29 -39.48
N GLU C 401 -53.72 -13.30 -39.60
CA GLU C 401 -54.38 -12.77 -40.78
C GLU C 401 -54.50 -11.25 -40.76
N ALA C 402 -54.11 -10.59 -39.67
CA ALA C 402 -54.16 -9.13 -39.59
C ALA C 402 -52.92 -8.49 -39.00
N ILE C 403 -51.95 -9.25 -38.51
CA ILE C 403 -50.77 -8.65 -37.91
C ILE C 403 -50.07 -7.77 -38.93
N THR C 404 -49.51 -6.67 -38.45
CA THR C 404 -48.77 -5.71 -39.26
C THR C 404 -47.47 -5.40 -38.55
N PRO C 405 -46.49 -4.84 -39.26
CA PRO C 405 -45.21 -4.53 -38.61
C PRO C 405 -45.35 -3.62 -37.41
N GLN C 406 -46.35 -2.73 -37.40
CA GLN C 406 -46.47 -1.79 -36.29
C GLN C 406 -46.95 -2.46 -35.01
N THR C 407 -47.88 -3.42 -35.12
CA THR C 407 -48.37 -4.09 -33.93
C THR C 407 -47.28 -4.93 -33.27
N LEU C 408 -46.44 -5.60 -34.07
CA LEU C 408 -45.41 -6.46 -33.50
C LEU C 408 -44.31 -5.66 -32.82
N ILE C 409 -43.99 -4.48 -33.34
CA ILE C 409 -42.78 -3.77 -32.93
C ILE C 409 -43.01 -3.10 -31.58
N ASN C 410 -42.05 -3.29 -30.67
CA ASN C 410 -42.00 -2.59 -29.40
C ASN C 410 -40.71 -1.78 -29.38
N ILE C 411 -40.83 -0.44 -29.38
CA ILE C 411 -39.67 0.44 -29.39
C ILE C 411 -39.30 0.96 -28.02
N ARG C 412 -40.04 0.58 -26.97
CA ARG C 412 -39.60 0.96 -25.62
C ARG C 412 -38.23 0.38 -25.28
N PRO C 413 -37.91 -0.89 -25.56
CA PRO C 413 -36.59 -1.39 -25.14
C PRO C 413 -35.43 -0.71 -25.85
N VAL C 414 -35.52 -0.42 -27.14
CA VAL C 414 -34.38 0.16 -27.85
C VAL C 414 -34.13 1.59 -27.39
N VAL C 415 -35.19 2.39 -27.26
CA VAL C 415 -35.02 3.75 -26.78
C VAL C 415 -34.57 3.72 -25.33
N ALA C 416 -35.03 2.75 -24.55
CA ALA C 416 -34.54 2.61 -23.18
C ALA C 416 -33.05 2.33 -23.16
N ALA C 417 -32.58 1.45 -24.04
CA ALA C 417 -31.15 1.14 -24.10
C ALA C 417 -30.33 2.37 -24.47
N ILE C 418 -30.76 3.10 -25.49
CA ILE C 418 -30.04 4.30 -25.90
C ILE C 418 -30.05 5.33 -24.77
N LYS C 419 -31.20 5.52 -24.13
CA LYS C 419 -31.29 6.49 -23.04
C LYS C 419 -30.42 6.09 -21.86
N GLU C 420 -30.29 4.79 -21.60
CA GLU C 420 -29.47 4.33 -20.49
C GLU C 420 -27.98 4.44 -20.79
N PHE C 421 -27.57 4.25 -22.05
CA PHE C 421 -26.15 4.36 -22.37
C PHE C 421 -25.64 5.78 -22.14
N PHE C 422 -26.41 6.78 -22.54
CA PHE C 422 -25.99 8.17 -22.37
C PHE C 422 -26.22 8.68 -20.96
N GLY C 423 -26.82 7.87 -20.09
CA GLY C 423 -27.03 8.26 -18.71
C GLY C 423 -26.02 7.63 -17.78
N THR C 424 -26.41 6.54 -17.11
CA THR C 424 -25.55 5.86 -16.15
C THR C 424 -24.59 4.92 -16.87
N SER C 425 -23.63 5.54 -17.58
CA SER C 425 -22.56 4.82 -18.24
C SER C 425 -21.23 5.51 -17.93
N GLN C 426 -20.18 4.71 -17.82
CA GLN C 426 -18.87 5.25 -17.48
C GLN C 426 -18.20 5.94 -18.66
N LEU C 427 -18.40 5.43 -19.87
CA LEU C 427 -17.70 5.97 -21.03
C LEU C 427 -18.28 7.31 -21.48
N SER C 428 -19.59 7.49 -21.34
CA SER C 428 -20.21 8.80 -21.61
C SER C 428 -20.00 9.69 -20.40
N GLN C 429 -19.20 10.74 -20.56
CA GLN C 429 -18.76 11.55 -19.44
C GLN C 429 -19.01 13.02 -19.72
N PHE C 430 -19.19 13.79 -18.65
CA PHE C 430 -19.31 15.23 -18.80
C PHE C 430 -18.09 15.79 -19.51
N MET C 431 -18.32 16.67 -20.47
CA MET C 431 -17.23 17.27 -21.22
C MET C 431 -16.34 18.09 -20.30
N ASP C 432 -15.03 17.95 -20.48
CA ASP C 432 -14.04 18.72 -19.72
C ASP C 432 -13.96 20.11 -20.33
N GLN C 433 -14.85 21.00 -19.89
CA GLN C 433 -14.94 22.35 -20.42
C GLN C 433 -14.14 23.36 -19.62
N ASN C 434 -13.09 22.92 -18.91
CA ASN C 434 -12.26 23.86 -18.17
C ASN C 434 -11.61 24.86 -19.12
N ASN C 435 -11.11 24.38 -20.25
CA ASN C 435 -10.58 25.24 -21.31
C ASN C 435 -10.61 24.46 -22.61
N PRO C 436 -10.50 25.13 -23.75
CA PRO C 436 -10.65 24.41 -25.03
C PRO C 436 -9.72 23.22 -25.17
N LEU C 437 -8.46 23.37 -24.72
CA LEU C 437 -7.51 22.26 -24.85
C LEU C 437 -7.96 21.07 -24.00
N SER C 438 -8.56 21.33 -22.84
CA SER C 438 -9.03 20.23 -22.00
C SER C 438 -10.07 19.40 -22.73
N GLY C 439 -11.04 20.06 -23.36
CA GLY C 439 -12.04 19.33 -24.12
C GLY C 439 -11.46 18.62 -25.32
N LEU C 440 -10.53 19.27 -26.03
CA LEU C 440 -9.92 18.64 -27.19
C LEU C 440 -9.18 17.37 -26.78
N THR C 441 -8.44 17.41 -25.68
CA THR C 441 -7.74 16.23 -25.21
C THR C 441 -8.72 15.19 -24.67
N HIS C 442 -9.85 15.63 -24.12
CA HIS C 442 -10.87 14.68 -23.67
C HIS C 442 -11.44 13.89 -24.83
N LYS C 443 -11.68 14.56 -25.96
CA LYS C 443 -12.23 13.85 -27.12
C LYS C 443 -11.26 12.81 -27.66
N ARG C 444 -9.97 13.11 -27.67
CA ARG C 444 -8.95 12.20 -28.17
C ARG C 444 -8.42 11.28 -27.07
N ARG C 445 -9.22 11.03 -26.04
CA ARG C 445 -8.80 10.17 -24.93
C ARG C 445 -9.02 8.71 -25.26
N LEU C 446 -8.11 7.86 -24.80
CA LEU C 446 -8.18 6.41 -24.99
C LEU C 446 -8.26 5.79 -23.61
N SER C 447 -9.45 5.33 -23.23
CA SER C 447 -9.70 4.82 -21.89
C SER C 447 -9.65 3.29 -21.92
N ALA C 448 -8.74 2.70 -21.16
CA ALA C 448 -8.62 1.25 -21.10
C ALA C 448 -9.67 0.62 -20.20
N LEU C 449 -10.28 1.39 -19.30
CA LEU C 449 -11.26 0.86 -18.37
C LEU C 449 -12.67 1.02 -18.96
N GLY C 450 -13.69 0.75 -18.15
CA GLY C 450 -15.06 0.81 -18.60
C GLY C 450 -15.60 -0.57 -18.90
N PRO C 451 -16.92 -0.69 -19.11
CA PRO C 451 -17.52 -1.98 -19.45
C PRO C 451 -16.72 -2.76 -20.47
N GLY C 452 -16.21 -3.93 -20.08
CA GLY C 452 -15.46 -4.78 -20.98
C GLY C 452 -13.99 -4.43 -21.12
N GLY C 453 -13.55 -3.30 -20.59
CA GLY C 453 -12.14 -2.93 -20.65
C GLY C 453 -11.31 -3.71 -19.66
N LEU C 454 -11.53 -3.46 -18.37
CA LEU C 454 -10.84 -4.18 -17.31
C LEU C 454 -11.49 -3.76 -15.98
N SER C 455 -11.14 -4.49 -14.93
CA SER C 455 -11.75 -4.33 -13.62
C SER C 455 -10.65 -4.19 -12.56
N ARG C 456 -11.08 -3.95 -11.32
CA ARG C 456 -10.13 -3.75 -10.23
C ARG C 456 -9.30 -4.99 -9.97
N GLU C 457 -9.82 -6.18 -10.27
CA GLU C 457 -9.09 -7.42 -10.03
C GLU C 457 -8.05 -7.72 -11.11
N ARG C 458 -8.08 -7.01 -12.23
CA ARG C 458 -7.20 -7.31 -13.35
C ARG C 458 -5.90 -6.50 -13.23
N ALA C 459 -5.13 -6.45 -14.32
CA ALA C 459 -3.75 -6.00 -14.25
C ALA C 459 -3.61 -4.63 -13.63
N GLY C 460 -2.60 -4.48 -12.79
CA GLY C 460 -2.22 -3.21 -12.19
C GLY C 460 -0.96 -2.66 -12.83
N LEU C 461 0.17 -2.90 -12.18
CA LEU C 461 1.45 -2.39 -12.67
C LEU C 461 1.68 -2.74 -14.14
N GLU C 462 1.33 -3.97 -14.54
CA GLU C 462 1.74 -4.45 -15.86
C GLU C 462 1.05 -3.66 -16.98
N VAL C 463 -0.26 -3.45 -16.86
CA VAL C 463 -1.01 -2.84 -17.96
C VAL C 463 -0.74 -1.35 -18.08
N ARG C 464 -0.14 -0.74 -17.05
CA ARG C 464 0.09 0.70 -17.05
C ARG C 464 1.41 1.10 -17.70
N ASP C 465 2.20 0.13 -18.18
CA ASP C 465 3.51 0.42 -18.72
C ASP C 465 3.42 1.00 -20.13
N VAL C 466 4.50 1.67 -20.54
CA VAL C 466 4.64 2.14 -21.91
C VAL C 466 5.26 1.02 -22.73
N HIS C 467 4.58 0.61 -23.77
CA HIS C 467 5.02 -0.46 -24.65
C HIS C 467 5.67 0.12 -25.89
N PRO C 468 6.67 -0.55 -26.46
CA PRO C 468 7.32 -0.01 -27.66
C PRO C 468 6.36 0.22 -28.81
N SER C 469 5.25 -0.51 -28.87
CA SER C 469 4.31 -0.36 -29.96
C SER C 469 3.48 0.91 -29.85
N HIS C 470 3.52 1.59 -28.71
CA HIS C 470 2.77 2.84 -28.56
C HIS C 470 3.32 3.95 -29.47
N TYR C 471 4.53 3.80 -29.97
CA TYR C 471 5.18 4.88 -30.70
C TYR C 471 4.31 5.36 -31.86
N GLY C 472 3.95 6.64 -31.82
CA GLY C 472 3.17 7.24 -32.88
C GLY C 472 1.68 6.98 -32.81
N ARG C 473 1.20 6.23 -31.82
CA ARG C 473 -0.20 5.87 -31.71
C ARG C 473 -0.83 6.36 -30.43
N MET C 474 -0.17 6.15 -29.29
CA MET C 474 -0.59 6.70 -28.00
C MET C 474 0.55 7.50 -27.41
N CYS C 475 0.24 8.69 -26.90
CA CYS C 475 1.27 9.54 -26.33
C CYS C 475 1.84 8.89 -25.07
N PRO C 476 3.17 8.76 -24.95
CA PRO C 476 3.74 8.16 -23.75
C PRO C 476 3.81 9.08 -22.54
N ILE C 477 3.40 10.34 -22.70
CA ILE C 477 3.56 11.35 -21.66
C ILE C 477 2.23 11.71 -21.01
N GLU C 478 1.20 11.97 -21.82
CA GLU C 478 -0.09 12.36 -21.27
C GLU C 478 -0.74 11.20 -20.54
N THR C 479 -1.17 11.45 -19.30
CA THR C 479 -1.97 10.51 -18.54
C THR C 479 -2.46 11.20 -17.27
N PRO C 480 -3.72 11.03 -16.87
CA PRO C 480 -4.21 11.76 -15.70
C PRO C 480 -3.41 11.41 -14.45
N GLU C 481 -3.25 12.42 -13.58
CA GLU C 481 -2.42 12.25 -12.39
C GLU C 481 -3.02 11.25 -11.41
N GLY C 482 -4.34 11.06 -11.44
CA GLY C 482 -5.01 10.30 -10.41
C GLY C 482 -4.79 8.81 -10.52
N PRO C 483 -5.80 8.01 -10.17
CA PRO C 483 -5.61 6.55 -10.15
C PRO C 483 -5.49 5.92 -11.53
N ASN C 484 -5.67 6.68 -12.60
CA ASN C 484 -5.72 6.15 -13.95
C ASN C 484 -4.41 6.33 -14.71
N ILE C 485 -3.29 6.46 -14.01
CA ILE C 485 -2.00 6.54 -14.70
C ILE C 485 -1.79 5.25 -15.47
N GLY C 486 -1.55 5.38 -16.78
CA GLY C 486 -1.32 4.23 -17.63
C GLY C 486 -2.59 3.63 -18.19
N LEU C 487 -3.68 3.69 -17.43
CA LEU C 487 -4.95 3.16 -17.90
C LEU C 487 -5.64 4.08 -18.89
N ILE C 488 -5.34 5.37 -18.86
CA ILE C 488 -5.94 6.34 -19.77
C ILE C 488 -4.80 7.02 -20.51
N GLY C 489 -4.85 6.97 -21.84
CA GLY C 489 -3.85 7.63 -22.67
C GLY C 489 -4.48 8.61 -23.63
N SER C 490 -3.68 9.18 -24.52
CA SER C 490 -4.16 10.15 -25.50
C SER C 490 -3.66 9.76 -26.88
N LEU C 491 -4.52 9.90 -27.87
CA LEU C 491 -4.17 9.57 -29.25
C LEU C 491 -3.12 10.55 -29.77
N SER C 492 -2.16 10.01 -30.51
CA SER C 492 -1.13 10.86 -31.11
C SER C 492 -1.72 11.70 -32.24
N VAL C 493 -1.00 12.76 -32.59
CA VAL C 493 -1.55 13.76 -33.51
C VAL C 493 -1.80 13.14 -34.90
N TYR C 494 -0.88 12.29 -35.36
CA TYR C 494 -0.94 11.76 -36.71
C TYR C 494 -1.63 10.40 -36.80
N ALA C 495 -2.07 9.83 -35.68
CA ALA C 495 -2.63 8.49 -35.69
C ALA C 495 -4.08 8.51 -36.15
N ARG C 496 -4.56 7.34 -36.58
CA ARG C 496 -5.95 7.16 -36.99
C ARG C 496 -6.33 5.71 -36.77
N VAL C 497 -7.63 5.45 -36.77
CA VAL C 497 -8.19 4.13 -36.46
C VAL C 497 -8.48 3.39 -37.77
N ASN C 498 -8.23 2.08 -37.76
CA ASN C 498 -8.63 1.22 -38.85
C ASN C 498 -10.14 0.97 -38.81
N PRO C 499 -10.72 0.49 -39.91
CA PRO C 499 -12.09 -0.03 -39.82
C PRO C 499 -12.23 -1.13 -38.78
N PHE C 500 -11.19 -1.95 -38.62
CA PHE C 500 -11.19 -2.95 -37.55
C PHE C 500 -10.98 -2.34 -36.18
N GLY C 501 -10.51 -1.09 -36.12
CA GLY C 501 -10.26 -0.40 -34.87
C GLY C 501 -8.82 -0.33 -34.44
N PHE C 502 -7.90 -0.90 -35.22
CA PHE C 502 -6.47 -0.80 -34.91
C PHE C 502 -5.94 0.55 -35.32
N ILE C 503 -5.07 1.12 -34.49
CA ILE C 503 -4.57 2.47 -34.69
C ILE C 503 -3.38 2.44 -35.63
N GLU C 504 -3.48 3.17 -36.74
CA GLU C 504 -2.41 3.31 -37.70
C GLU C 504 -1.68 4.63 -37.51
N THR C 505 -0.48 4.71 -38.05
CA THR C 505 0.28 5.95 -38.09
C THR C 505 1.02 6.03 -39.42
N PRO C 506 1.21 7.24 -39.96
CA PRO C 506 1.81 7.36 -41.28
C PRO C 506 3.34 7.31 -41.25
N TYR C 507 3.90 6.72 -42.31
CA TYR C 507 5.34 6.68 -42.51
C TYR C 507 5.66 6.94 -43.98
N ARG C 508 6.81 7.56 -44.22
CA ARG C 508 7.33 7.71 -45.57
C ARG C 508 8.04 6.45 -46.02
N LYS C 509 7.81 6.07 -47.28
CA LYS C 509 8.59 5.01 -47.90
C LYS C 509 10.03 5.48 -48.11
N VAL C 510 10.96 4.52 -48.02
CA VAL C 510 12.37 4.78 -48.29
C VAL C 510 12.89 3.66 -49.18
N GLU C 511 13.49 4.03 -50.31
CA GLU C 511 13.99 3.07 -51.28
C GLU C 511 15.44 3.40 -51.61
N ASN C 512 16.27 2.35 -51.69
CA ASN C 512 17.66 2.49 -52.13
C ASN C 512 18.39 3.60 -51.38
N GLY C 513 17.98 3.88 -50.15
CA GLY C 513 18.63 4.88 -49.34
C GLY C 513 18.22 6.31 -49.64
N VAL C 514 17.20 6.52 -50.47
CA VAL C 514 16.66 7.85 -50.73
C VAL C 514 15.23 7.89 -50.20
N VAL C 515 14.94 8.88 -49.37
CA VAL C 515 13.63 8.97 -48.72
C VAL C 515 12.59 9.33 -49.78
N THR C 516 11.61 8.46 -49.97
CA THR C 516 10.56 8.66 -50.96
C THR C 516 9.40 9.43 -50.33
N ASP C 517 8.58 10.04 -51.18
CA ASP C 517 7.49 10.88 -50.74
C ASP C 517 6.18 10.13 -50.58
N GLN C 518 6.17 8.81 -50.76
CA GLN C 518 4.95 8.02 -50.62
C GLN C 518 4.70 7.71 -49.15
N ILE C 519 3.47 7.92 -48.71
CA ILE C 519 3.09 7.80 -47.31
C ILE C 519 2.14 6.61 -47.16
N ASP C 520 2.45 5.73 -46.20
CA ASP C 520 1.64 4.56 -45.91
C ASP C 520 1.26 4.58 -44.44
N TYR C 521 -0.02 4.33 -44.16
CA TYR C 521 -0.51 4.24 -42.78
C TYR C 521 -0.31 2.81 -42.30
N LEU C 522 0.66 2.61 -41.40
CA LEU C 522 1.00 1.29 -40.91
C LEU C 522 0.40 1.06 -39.53
N THR C 523 -0.10 -0.17 -39.33
CA THR C 523 -0.48 -0.65 -38.02
C THR C 523 0.75 -1.22 -37.31
N ALA C 524 0.64 -1.39 -35.99
CA ALA C 524 1.78 -1.89 -35.21
C ALA C 524 2.26 -3.24 -35.73
N ASP C 525 1.34 -4.13 -36.07
CA ASP C 525 1.72 -5.43 -36.62
C ASP C 525 2.49 -5.26 -37.92
N GLU C 526 2.01 -4.39 -38.81
CA GLU C 526 2.74 -4.10 -40.04
C GLU C 526 4.11 -3.50 -39.74
N GLU C 527 4.16 -2.57 -38.79
CA GLU C 527 5.40 -1.86 -38.50
C GLU C 527 6.46 -2.78 -37.94
N ASP C 528 6.08 -3.80 -37.15
CA ASP C 528 7.07 -4.67 -36.54
C ASP C 528 7.87 -5.46 -37.58
N ARG C 529 7.37 -5.57 -38.81
CA ARG C 529 8.03 -6.36 -39.83
C ARG C 529 9.09 -5.59 -40.61
N HIS C 530 9.19 -4.28 -40.40
CA HIS C 530 10.08 -3.42 -41.17
C HIS C 530 11.02 -2.68 -40.22
N VAL C 531 11.93 -1.91 -40.81
CA VAL C 531 12.85 -1.05 -40.08
C VAL C 531 12.48 0.39 -40.38
N VAL C 532 12.31 1.19 -39.33
CA VAL C 532 11.84 2.56 -39.45
C VAL C 532 12.94 3.49 -38.96
N ALA C 533 13.26 4.51 -39.76
CA ALA C 533 14.28 5.48 -39.43
C ALA C 533 13.70 6.69 -38.73
N GLN C 534 14.56 7.41 -38.01
CA GLN C 534 14.13 8.57 -37.24
C GLN C 534 13.76 9.72 -38.16
N ALA C 535 12.89 10.60 -37.65
CA ALA C 535 12.45 11.75 -38.45
C ALA C 535 13.61 12.69 -38.75
N ASN C 536 14.51 12.89 -37.79
CA ASN C 536 15.61 13.83 -37.96
C ASN C 536 16.78 13.18 -38.69
N SER C 537 16.52 12.64 -39.88
CA SER C 537 17.56 12.01 -40.67
C SER C 537 18.15 13.04 -41.63
N PRO C 538 19.44 13.37 -41.53
CA PRO C 538 20.03 14.30 -42.51
C PRO C 538 20.03 13.68 -43.89
N THR C 539 19.39 14.36 -44.83
CA THR C 539 19.22 13.86 -46.19
C THR C 539 19.53 14.96 -47.19
N ASP C 540 19.89 14.56 -48.41
CA ASP C 540 20.14 15.50 -49.48
C ASP C 540 18.81 16.08 -49.98
N GLU C 541 18.90 16.89 -51.04
CA GLU C 541 17.71 17.56 -51.55
C GLU C 541 16.67 16.54 -52.02
N ASN C 542 17.11 15.46 -52.65
CA ASN C 542 16.22 14.43 -53.15
C ASN C 542 15.91 13.36 -52.11
N GLY C 543 16.55 13.40 -50.95
CA GLY C 543 16.24 12.50 -49.86
C GLY C 543 17.29 11.47 -49.54
N ARG C 544 18.42 11.46 -50.25
CA ARG C 544 19.47 10.48 -49.97
C ARG C 544 20.11 10.78 -48.62
N PHE C 545 20.24 9.75 -47.80
CA PHE C 545 20.86 9.92 -46.48
C PHE C 545 22.31 10.35 -46.63
N THR C 546 22.70 11.35 -45.85
CA THR C 546 24.09 11.81 -45.88
C THR C 546 24.98 10.96 -44.98
N GLU C 547 24.45 10.53 -43.84
CA GLU C 547 25.21 9.68 -42.93
C GLU C 547 25.17 8.23 -43.39
N ASP C 548 26.30 7.54 -43.28
CA ASP C 548 26.36 6.13 -43.65
C ASP C 548 25.54 5.26 -42.69
N ARG C 549 25.24 5.76 -41.50
CA ARG C 549 24.54 4.99 -40.48
C ARG C 549 23.39 5.83 -39.94
N VAL C 550 22.28 5.16 -39.62
CA VAL C 550 21.03 5.81 -39.26
C VAL C 550 20.46 5.16 -38.01
N MET C 551 19.83 5.98 -37.16
CA MET C 551 19.17 5.51 -35.95
C MET C 551 17.77 5.04 -36.29
N VAL C 552 17.46 3.79 -35.94
CA VAL C 552 16.22 3.14 -36.36
C VAL C 552 15.61 2.37 -35.20
N ARG C 553 14.32 2.05 -35.36
CA ARG C 553 13.61 1.16 -34.45
C ARG C 553 13.44 -0.18 -35.11
N LYS C 554 13.81 -1.25 -34.40
CA LYS C 554 13.75 -2.59 -34.96
C LYS C 554 12.42 -3.25 -34.58
N LYS C 555 12.30 -4.55 -34.84
CA LYS C 555 11.04 -5.25 -34.63
C LYS C 555 10.60 -5.20 -33.17
N GLY C 556 11.47 -5.60 -32.26
CA GLY C 556 11.10 -5.74 -30.87
C GLY C 556 11.15 -4.43 -30.09
N GLY C 557 11.01 -3.30 -30.80
CA GLY C 557 11.14 -2.02 -30.15
C GLY C 557 12.55 -1.70 -29.70
N GLU C 558 13.55 -2.34 -30.31
CA GLU C 558 14.94 -2.13 -29.96
C GLU C 558 15.53 -1.07 -30.87
N VAL C 559 16.07 -0.01 -30.27
CA VAL C 559 16.68 1.07 -31.04
C VAL C 559 18.10 0.67 -31.41
N GLU C 560 18.46 0.90 -32.67
CA GLU C 560 19.74 0.43 -33.19
C GLU C 560 20.29 1.43 -34.18
N PHE C 561 21.56 1.28 -34.51
CA PHE C 561 22.20 2.03 -35.59
C PHE C 561 22.49 1.04 -36.72
N VAL C 562 21.97 1.35 -37.92
CA VAL C 562 22.05 0.43 -39.05
C VAL C 562 22.52 1.16 -40.28
N SER C 563 22.94 0.39 -41.28
CA SER C 563 23.39 0.98 -42.53
C SER C 563 22.25 1.74 -43.21
N ALA C 564 22.63 2.79 -43.93
CA ALA C 564 21.63 3.66 -44.55
C ALA C 564 20.73 2.92 -45.54
N ASP C 565 21.18 1.78 -46.07
CA ASP C 565 20.42 1.01 -47.03
C ASP C 565 19.62 -0.10 -46.38
N GLN C 566 19.52 -0.12 -45.05
CA GLN C 566 18.78 -1.13 -44.31
C GLN C 566 17.56 -0.50 -43.63
N VAL C 567 16.88 0.40 -44.32
CA VAL C 567 15.71 1.11 -43.79
C VAL C 567 14.58 1.02 -44.80
N ASP C 568 13.38 0.72 -44.32
CA ASP C 568 12.20 0.61 -45.17
C ASP C 568 11.25 1.79 -45.04
N TYR C 569 11.18 2.42 -43.87
CA TYR C 569 10.25 3.52 -43.65
C TYR C 569 10.92 4.57 -42.78
N MET C 570 10.31 5.76 -42.77
CA MET C 570 10.82 6.89 -42.01
C MET C 570 9.66 7.65 -41.38
N ASP C 571 9.91 8.24 -40.22
CA ASP C 571 8.89 9.03 -39.55
C ASP C 571 8.59 10.29 -40.35
N VAL C 572 7.29 10.64 -40.42
CA VAL C 572 6.90 11.81 -41.21
C VAL C 572 7.39 13.09 -40.54
N SER C 573 7.32 13.15 -39.21
CA SER C 573 7.73 14.35 -38.49
C SER C 573 8.18 13.95 -37.10
N PRO C 574 9.01 14.77 -36.44
CA PRO C 574 9.38 14.49 -35.05
C PRO C 574 8.22 14.54 -34.08
N ARG C 575 7.14 15.22 -34.42
CA ARG C 575 5.94 15.28 -33.58
C ARG C 575 5.11 13.99 -33.65
N GLN C 576 5.66 12.93 -34.26
CA GLN C 576 4.87 11.72 -34.48
C GLN C 576 4.40 11.11 -33.16
N MET C 577 5.28 11.07 -32.16
CA MET C 577 5.02 10.32 -30.94
C MET C 577 4.26 11.12 -29.87
N VAL C 578 4.07 12.43 -30.07
CA VAL C 578 3.48 13.27 -29.06
C VAL C 578 2.04 13.59 -29.42
N SER C 579 1.29 14.04 -28.42
CA SER C 579 -0.10 14.46 -28.58
C SER C 579 -0.18 15.99 -28.58
N VAL C 580 -1.39 16.52 -28.55
CA VAL C 580 -1.59 17.96 -28.71
C VAL C 580 -0.97 18.72 -27.55
N ALA C 581 -1.36 18.37 -26.31
CA ALA C 581 -0.86 19.11 -25.16
C ALA C 581 0.64 18.96 -25.02
N THR C 582 1.15 17.74 -25.23
CA THR C 582 2.60 17.53 -25.22
C THR C 582 3.27 18.29 -26.34
N ALA C 583 2.65 18.30 -27.52
CA ALA C 583 3.19 19.06 -28.64
C ALA C 583 3.17 20.57 -28.39
N MET C 584 2.40 21.01 -27.40
CA MET C 584 2.32 22.43 -27.07
C MET C 584 3.37 22.87 -26.04
N ILE C 585 4.26 21.97 -25.62
CA ILE C 585 5.30 22.28 -24.65
C ILE C 585 6.56 22.66 -25.42
N PRO C 586 7.01 23.92 -25.38
CA PRO C 586 8.26 24.25 -26.05
C PRO C 586 9.45 23.66 -25.33
N PHE C 587 10.49 23.38 -26.11
CA PHE C 587 11.73 22.83 -25.59
C PHE C 587 11.45 21.57 -24.77
N LEU C 588 10.57 20.73 -25.29
CA LEU C 588 10.18 19.51 -24.58
C LEU C 588 11.36 18.57 -24.39
N GLU C 589 12.23 18.48 -25.39
CA GLU C 589 13.35 17.54 -25.33
C GLU C 589 14.34 17.87 -24.23
N HIS C 590 14.29 19.07 -23.66
CA HIS C 590 15.16 19.47 -22.56
C HIS C 590 14.53 19.25 -21.19
N ASP C 591 13.37 18.59 -21.14
CA ASP C 591 12.66 18.32 -19.89
C ASP C 591 12.53 16.82 -19.69
N ASP C 592 12.70 16.37 -18.44
CA ASP C 592 12.54 14.97 -18.14
C ASP C 592 11.08 14.55 -18.28
N ALA C 593 10.87 13.25 -18.52
CA ALA C 593 9.54 12.76 -18.84
C ALA C 593 8.55 13.06 -17.72
N ASN C 594 8.99 12.98 -16.47
CA ASN C 594 8.08 13.22 -15.34
C ASN C 594 7.55 14.65 -15.37
N ARG C 595 8.45 15.63 -15.47
CA ARG C 595 8.02 17.02 -15.50
C ARG C 595 7.29 17.35 -16.80
N ALA C 596 7.64 16.68 -17.90
CA ALA C 596 6.88 16.86 -19.13
C ALA C 596 5.44 16.40 -18.94
N LEU C 597 5.25 15.25 -18.28
CA LEU C 597 3.89 14.78 -17.98
C LEU C 597 3.16 15.77 -17.09
N MET C 598 3.85 16.27 -16.06
CA MET C 598 3.21 17.24 -15.17
C MET C 598 2.78 18.48 -15.93
N GLY C 599 3.65 18.99 -16.81
CA GLY C 599 3.30 20.18 -17.57
C GLY C 599 2.16 19.93 -18.55
N ALA C 600 2.16 18.77 -19.20
CA ALA C 600 1.07 18.43 -20.10
C ALA C 600 -0.25 18.36 -19.36
N ASN C 601 -0.26 17.79 -18.16
CA ASN C 601 -1.49 17.70 -17.40
C ASN C 601 -1.92 19.06 -16.86
N MET C 602 -0.97 19.90 -16.47
CA MET C 602 -1.32 21.22 -15.96
C MET C 602 -1.82 22.15 -17.05
N GLN C 603 -1.34 21.98 -18.29
CA GLN C 603 -1.91 22.73 -19.40
C GLN C 603 -3.40 22.44 -19.54
N ARG C 604 -3.83 21.24 -19.13
CA ARG C 604 -5.21 20.81 -19.28
C ARG C 604 -6.15 21.41 -18.24
N GLN C 605 -5.62 22.07 -17.20
CA GLN C 605 -6.44 22.61 -16.13
C GLN C 605 -6.13 24.07 -15.86
N ALA C 606 -5.71 24.81 -16.88
CA ALA C 606 -5.55 26.26 -16.75
C ALA C 606 -6.89 26.94 -16.94
N VAL C 607 -7.21 27.87 -16.04
CA VAL C 607 -8.49 28.57 -16.07
C VAL C 607 -8.42 29.71 -17.07
N PRO C 608 -9.48 29.95 -17.86
CA PRO C 608 -9.47 31.11 -18.75
C PRO C 608 -9.36 32.41 -17.99
N LEU C 609 -8.64 33.37 -18.56
CA LEU C 609 -8.48 34.69 -17.98
C LEU C 609 -9.37 35.69 -18.70
N VAL C 610 -9.58 36.84 -18.05
CA VAL C 610 -10.45 37.87 -18.63
C VAL C 610 -9.88 38.35 -19.96
N ARG C 611 -8.57 38.64 -19.99
CA ARG C 611 -7.85 38.90 -21.22
C ARG C 611 -6.99 37.70 -21.57
N SER C 612 -7.09 37.25 -22.81
CA SER C 612 -6.24 36.19 -23.33
C SER C 612 -4.99 36.79 -23.96
N GLU C 613 -3.90 36.02 -23.92
CA GLU C 613 -2.63 36.47 -24.50
C GLU C 613 -1.90 35.24 -25.03
N ALA C 614 -1.69 35.20 -26.35
CA ALA C 614 -0.99 34.07 -26.94
C ALA C 614 0.47 34.06 -26.48
N PRO C 615 1.06 32.86 -26.35
CA PRO C 615 2.44 32.80 -25.85
C PRO C 615 3.40 33.57 -26.73
N LEU C 616 4.31 34.31 -26.09
CA LEU C 616 5.35 35.01 -26.84
C LEU C 616 6.28 34.01 -27.51
N VAL C 617 6.65 32.95 -26.81
CA VAL C 617 7.43 31.86 -27.37
C VAL C 617 6.61 30.58 -27.22
N GLY C 618 6.36 29.92 -28.33
CA GLY C 618 5.54 28.72 -28.31
C GLY C 618 5.86 27.75 -29.43
N THR C 619 4.97 26.80 -29.66
CA THR C 619 5.09 25.82 -30.73
C THR C 619 4.17 26.22 -31.89
N GLY C 620 4.35 25.57 -33.03
CA GLY C 620 3.45 25.77 -34.15
C GLY C 620 2.18 24.95 -34.04
N MET C 621 1.72 24.69 -32.81
CA MET C 621 0.55 23.87 -32.58
C MET C 621 -0.62 24.62 -31.96
N GLU C 622 -0.40 25.80 -31.40
CA GLU C 622 -1.49 26.51 -30.73
C GLU C 622 -2.61 26.86 -31.71
N LEU C 623 -2.27 27.33 -32.91
CA LEU C 623 -3.29 27.76 -33.85
C LEU C 623 -4.17 26.60 -34.29
N ARG C 624 -3.55 25.51 -34.75
CA ARG C 624 -4.33 24.37 -35.22
C ARG C 624 -5.15 23.75 -34.09
N ALA C 625 -4.56 23.63 -32.91
CA ALA C 625 -5.30 23.07 -31.78
C ALA C 625 -6.49 23.95 -31.42
N ALA C 626 -6.31 25.27 -31.41
CA ALA C 626 -7.41 26.16 -31.09
C ALA C 626 -8.52 26.05 -32.13
N ILE C 627 -8.16 26.00 -33.41
CA ILE C 627 -9.18 25.94 -34.45
C ILE C 627 -9.92 24.61 -34.41
N ASP C 628 -9.19 23.51 -34.16
CA ASP C 628 -9.83 22.19 -34.15
C ASP C 628 -10.66 21.98 -32.90
N ALA C 629 -10.31 22.64 -31.79
CA ALA C 629 -11.08 22.47 -30.56
C ALA C 629 -12.53 22.87 -30.75
N GLY C 630 -12.80 23.86 -31.61
CA GLY C 630 -14.15 24.25 -31.94
C GLY C 630 -14.74 25.35 -31.09
N ASP C 631 -13.95 26.01 -30.24
CA ASP C 631 -14.43 27.12 -29.45
C ASP C 631 -14.23 28.46 -30.14
N VAL C 632 -13.57 28.49 -31.30
CA VAL C 632 -13.44 29.70 -32.11
C VAL C 632 -14.46 29.61 -33.25
N VAL C 633 -15.11 30.74 -33.54
CA VAL C 633 -16.08 30.79 -34.62
C VAL C 633 -15.35 31.03 -35.93
N VAL C 634 -15.55 30.13 -36.89
CA VAL C 634 -14.87 30.18 -38.17
C VAL C 634 -15.90 30.46 -39.25
N ALA C 635 -15.59 31.41 -40.14
CA ALA C 635 -16.51 31.75 -41.21
C ALA C 635 -16.79 30.53 -42.08
N ASP C 636 -18.07 30.29 -42.35
CA ASP C 636 -18.44 29.13 -43.16
C ASP C 636 -17.94 29.26 -44.58
N LYS C 637 -18.04 30.45 -45.16
CA LYS C 637 -17.65 30.67 -46.55
C LYS C 637 -17.19 32.11 -46.71
N THR C 638 -16.45 32.35 -47.79
CA THR C 638 -15.91 33.68 -48.05
C THR C 638 -17.03 34.70 -48.16
N GLY C 639 -16.79 35.89 -47.61
CA GLY C 639 -17.79 36.93 -47.64
C GLY C 639 -17.23 38.21 -47.06
N VAL C 640 -18.13 39.17 -46.85
CA VAL C 640 -17.80 40.46 -46.28
C VAL C 640 -18.58 40.62 -44.99
N ILE C 641 -17.89 41.01 -43.92
CA ILE C 641 -18.56 41.22 -42.64
C ILE C 641 -19.59 42.35 -42.80
N GLU C 642 -20.82 42.07 -42.42
CA GLU C 642 -21.93 43.01 -42.59
C GLU C 642 -22.26 43.78 -41.33
N GLU C 643 -22.27 43.11 -40.17
CA GLU C 643 -22.60 43.77 -38.92
C GLU C 643 -21.99 42.98 -37.77
N VAL C 644 -21.21 43.65 -36.93
CA VAL C 644 -20.51 43.02 -35.82
C VAL C 644 -21.08 43.58 -34.52
N SER C 645 -21.47 42.69 -33.62
CA SER C 645 -21.94 43.05 -32.30
C SER C 645 -21.33 42.09 -31.29
N ALA C 646 -21.42 42.46 -30.01
CA ALA C 646 -20.94 41.57 -28.96
C ALA C 646 -21.72 40.26 -28.92
N ASP C 647 -22.90 40.22 -29.52
CA ASP C 647 -23.77 39.05 -29.47
C ASP C 647 -23.76 38.23 -30.76
N TYR C 648 -23.61 38.86 -31.92
CA TYR C 648 -23.72 38.14 -33.17
C TYR C 648 -22.85 38.79 -34.24
N ILE C 649 -22.50 38.01 -35.25
CA ILE C 649 -21.72 38.46 -36.39
C ILE C 649 -22.47 38.10 -37.66
N THR C 650 -22.59 39.05 -38.59
CA THR C 650 -23.28 38.83 -39.85
C THR C 650 -22.27 38.87 -41.00
N VAL C 651 -22.34 37.87 -41.86
CA VAL C 651 -21.46 37.75 -43.02
C VAL C 651 -22.32 37.66 -44.27
N MET C 652 -22.07 38.56 -45.23
CA MET C 652 -22.70 38.51 -46.54
C MET C 652 -21.76 37.76 -47.48
N ALA C 653 -22.09 36.51 -47.77
CA ALA C 653 -21.22 35.67 -48.58
C ALA C 653 -21.21 36.14 -50.03
N ASP C 654 -20.11 35.85 -50.73
CA ASP C 654 -20.02 36.14 -52.15
C ASP C 654 -20.98 35.28 -52.96
N ASP C 655 -21.44 34.15 -52.41
CA ASP C 655 -22.41 33.31 -53.07
C ASP C 655 -23.83 33.86 -52.99
N GLY C 656 -24.04 34.94 -52.22
CA GLY C 656 -25.35 35.54 -52.07
C GLY C 656 -26.06 35.16 -50.78
N THR C 657 -25.66 34.08 -50.14
CA THR C 657 -26.27 33.67 -48.88
C THR C 657 -25.70 34.49 -47.73
N ARG C 658 -26.53 34.72 -46.72
CA ARG C 658 -26.17 35.49 -45.54
C ARG C 658 -26.09 34.56 -44.33
N GLN C 659 -24.97 34.62 -43.60
CA GLN C 659 -24.78 33.82 -42.40
C GLN C 659 -24.81 34.72 -41.18
N SER C 660 -25.38 34.21 -40.09
CA SER C 660 -25.42 34.92 -38.81
C SER C 660 -24.94 33.98 -37.73
N TYR C 661 -23.83 34.33 -37.09
CA TYR C 661 -23.22 33.52 -36.05
C TYR C 661 -23.54 34.12 -34.70
N ARG C 662 -24.18 33.31 -33.84
CA ARG C 662 -24.47 33.72 -32.47
C ARG C 662 -23.26 33.45 -31.59
N LEU C 663 -22.92 34.39 -30.73
CA LEU C 663 -21.76 34.28 -29.86
C LEU C 663 -22.20 34.01 -28.43
N ARG C 664 -21.51 33.08 -27.77
CA ARG C 664 -21.79 32.77 -26.37
C ARG C 664 -21.07 33.78 -25.48
N LYS C 665 -21.83 34.41 -24.59
CA LYS C 665 -21.32 35.48 -23.74
C LYS C 665 -21.53 35.10 -22.28
N PHE C 666 -20.43 35.03 -21.53
CA PHE C 666 -20.48 34.76 -20.10
C PHE C 666 -21.34 33.53 -19.80
N ALA C 667 -21.11 32.48 -20.56
CA ALA C 667 -21.80 31.21 -20.35
C ALA C 667 -20.99 30.32 -19.41
N ARG C 668 -21.70 29.57 -18.58
CA ARG C 668 -21.04 28.71 -17.60
C ARG C 668 -20.58 27.41 -18.24
N SER C 669 -19.32 27.07 -18.04
CA SER C 669 -18.79 25.79 -18.46
C SER C 669 -19.17 24.71 -17.45
N ASN C 670 -19.01 23.44 -17.86
CA ASN C 670 -19.34 22.34 -16.97
C ASN C 670 -18.60 22.44 -15.64
N HIS C 671 -17.39 23.02 -15.66
CA HIS C 671 -16.57 23.14 -14.46
C HIS C 671 -16.73 24.48 -13.77
N GLY C 672 -17.55 25.38 -14.30
CA GLY C 672 -17.79 26.67 -13.68
C GLY C 672 -16.96 27.82 -14.21
N THR C 673 -16.25 27.62 -15.32
CA THR C 673 -15.44 28.68 -15.91
C THR C 673 -16.28 29.51 -16.88
N CYS C 674 -15.73 30.66 -17.27
CA CYS C 674 -16.40 31.55 -18.20
C CYS C 674 -16.10 31.12 -19.64
N ALA C 675 -17.15 31.10 -20.47
CA ALA C 675 -17.04 30.70 -21.87
C ALA C 675 -17.41 31.85 -22.80
N ASN C 676 -16.93 33.05 -22.48
CA ASN C 676 -17.25 34.21 -23.29
C ASN C 676 -16.52 34.16 -24.64
N GLN C 677 -17.22 34.56 -25.69
CA GLN C 677 -16.66 34.65 -27.03
C GLN C 677 -16.72 36.10 -27.49
N ARG C 678 -15.61 36.58 -28.05
CA ARG C 678 -15.50 37.96 -28.49
C ARG C 678 -15.14 38.03 -29.96
N PRO C 679 -15.80 38.90 -30.74
CA PRO C 679 -15.43 39.03 -32.16
C PRO C 679 -14.06 39.68 -32.31
N ILE C 680 -13.39 39.33 -33.41
CA ILE C 680 -12.09 39.92 -33.74
C ILE C 680 -12.13 40.48 -35.15
N VAL C 681 -13.32 40.85 -35.63
CA VAL C 681 -13.49 41.46 -36.93
C VAL C 681 -14.39 42.67 -36.78
N ASP C 682 -14.28 43.58 -37.74
CA ASP C 682 -15.09 44.80 -37.76
C ASP C 682 -15.87 44.89 -39.06
N ALA C 683 -16.96 45.65 -39.02
CA ALA C 683 -17.84 45.76 -40.18
C ALA C 683 -17.07 46.26 -41.39
N GLY C 684 -17.33 45.66 -42.54
CA GLY C 684 -16.68 46.02 -43.79
C GLY C 684 -15.45 45.20 -44.13
N GLN C 685 -15.04 44.29 -43.26
CA GLN C 685 -13.87 43.47 -43.52
C GLN C 685 -14.21 42.29 -44.42
N ARG C 686 -13.23 41.85 -45.20
CA ARG C 686 -13.36 40.71 -46.09
C ARG C 686 -12.66 39.51 -45.47
N VAL C 687 -13.40 38.41 -45.34
CA VAL C 687 -12.91 37.22 -44.63
C VAL C 687 -12.96 36.03 -45.58
N GLU C 688 -11.86 35.29 -45.65
CA GLU C 688 -11.79 34.07 -46.45
C GLU C 688 -12.43 32.93 -45.69
N ALA C 689 -12.91 31.93 -46.45
CA ALA C 689 -13.53 30.76 -45.84
C ALA C 689 -12.53 30.05 -44.93
N GLY C 690 -12.99 29.68 -43.74
CA GLY C 690 -12.14 29.05 -42.75
C GLY C 690 -11.43 30.00 -41.83
N GLN C 691 -11.54 31.31 -42.06
CA GLN C 691 -10.89 32.30 -41.21
C GLN C 691 -11.62 32.43 -39.89
N VAL C 692 -10.86 32.64 -38.81
CA VAL C 692 -11.44 32.81 -37.49
C VAL C 692 -11.96 34.23 -37.35
N ILE C 693 -13.20 34.37 -36.89
CA ILE C 693 -13.82 35.67 -36.71
C ILE C 693 -14.16 35.97 -35.26
N ALA C 694 -14.10 34.99 -34.36
CA ALA C 694 -14.33 35.24 -32.95
C ALA C 694 -13.44 34.31 -32.14
N ASP C 695 -12.83 34.85 -31.09
CA ASP C 695 -11.95 34.07 -30.23
C ASP C 695 -12.75 33.38 -29.13
N GLY C 696 -12.25 32.22 -28.70
CA GLY C 696 -12.88 31.45 -27.66
C GLY C 696 -12.39 31.85 -26.28
N PRO C 697 -12.68 31.00 -25.28
CA PRO C 697 -12.29 31.34 -23.91
C PRO C 697 -10.80 31.59 -23.72
N CYS C 698 -9.95 30.83 -24.40
CA CYS C 698 -8.50 30.88 -24.18
C CYS C 698 -7.76 30.98 -25.50
N THR C 699 -8.19 31.90 -26.36
CA THR C 699 -7.53 32.09 -27.65
C THR C 699 -7.36 33.57 -27.93
N GLN C 700 -6.28 33.90 -28.61
CA GLN C 700 -6.03 35.24 -29.15
C GLN C 700 -5.80 35.12 -30.65
N ASN C 701 -6.70 35.68 -31.44
CA ASN C 701 -6.58 35.66 -32.90
C ASN C 701 -6.51 34.24 -33.44
N GLY C 702 -7.14 33.29 -32.73
CA GLY C 702 -7.29 31.94 -33.23
C GLY C 702 -6.29 30.91 -32.74
N GLU C 703 -5.50 31.22 -31.72
CA GLU C 703 -4.51 30.29 -31.19
C GLU C 703 -4.57 30.29 -29.67
N MET C 704 -4.11 29.17 -29.09
CA MET C 704 -4.20 28.99 -27.64
C MET C 704 -3.58 30.14 -26.88
N ALA C 705 -4.28 30.57 -25.84
CA ALA C 705 -3.83 31.64 -24.94
C ALA C 705 -4.08 31.23 -23.49
N LEU C 706 -3.67 30.01 -23.14
CA LEU C 706 -3.98 29.46 -21.83
C LEU C 706 -3.40 30.28 -20.68
N GLY C 707 -2.38 31.10 -20.95
CA GLY C 707 -1.70 31.81 -19.87
C GLY C 707 -1.25 33.20 -20.23
N LYS C 708 -0.24 33.71 -19.51
CA LYS C 708 0.26 35.06 -19.70
C LYS C 708 1.78 35.05 -19.71
N ASN C 709 2.36 35.99 -20.46
CA ASN C 709 3.80 36.17 -20.52
C ASN C 709 4.22 37.17 -19.44
N LEU C 710 5.04 36.71 -18.51
CA LEU C 710 5.48 37.53 -17.38
C LEU C 710 6.99 37.65 -17.38
N LEU C 711 7.47 38.81 -16.95
CA LEU C 711 8.89 39.06 -16.79
C LEU C 711 9.36 38.38 -15.52
N VAL C 712 10.30 37.44 -15.65
CA VAL C 712 10.73 36.57 -14.57
C VAL C 712 12.23 36.74 -14.34
N ALA C 713 12.61 36.78 -13.06
CA ALA C 713 14.00 36.76 -12.64
C ALA C 713 14.24 35.48 -11.84
N ILE C 714 15.32 34.77 -12.17
CA ILE C 714 15.66 33.50 -11.54
C ILE C 714 16.62 33.79 -10.41
N MET C 715 16.11 33.80 -9.18
CA MET C 715 16.95 34.05 -8.01
C MET C 715 16.18 33.76 -6.73
N PRO C 716 16.85 33.34 -5.65
CA PRO C 716 16.19 33.32 -4.35
C PRO C 716 16.05 34.73 -3.80
N TRP C 717 14.91 34.98 -3.16
CA TRP C 717 14.57 36.35 -2.72
C TRP C 717 14.01 36.28 -1.30
N GLU C 718 14.89 36.49 -0.32
CA GLU C 718 14.50 36.66 1.08
C GLU C 718 13.71 35.49 1.64
N GLY C 719 13.75 34.34 0.97
CA GLY C 719 13.08 33.15 1.47
C GLY C 719 11.61 33.06 1.17
N HIS C 720 11.01 34.07 0.53
CA HIS C 720 9.59 34.02 0.21
C HIS C 720 9.28 33.08 -0.94
N ASN C 721 10.27 32.65 -1.71
CA ASN C 721 10.11 31.63 -2.74
C ASN C 721 10.77 30.31 -2.33
N TYR C 722 10.89 30.06 -1.03
CA TYR C 722 11.50 28.85 -0.53
C TYR C 722 10.54 27.67 -0.64
N GLU C 723 11.06 26.51 -1.03
CA GLU C 723 10.24 25.32 -1.29
C GLU C 723 9.18 25.61 -2.35
N ASP C 724 9.62 26.10 -3.50
CA ASP C 724 8.81 26.23 -4.71
C ASP C 724 7.74 27.32 -4.60
N ALA C 725 7.73 28.10 -3.53
CA ALA C 725 6.81 29.23 -3.45
C ALA C 725 7.20 30.28 -4.49
N ILE C 726 6.21 31.07 -4.90
CA ILE C 726 6.37 32.04 -5.98
C ILE C 726 6.05 33.42 -5.44
N ILE C 727 6.79 34.42 -5.90
CA ILE C 727 6.58 35.82 -5.56
C ILE C 727 6.03 36.53 -6.79
N LEU C 728 4.91 37.21 -6.62
CA LEU C 728 4.25 37.92 -7.71
C LEU C 728 4.28 39.42 -7.45
N SER C 729 4.43 40.19 -8.52
CA SER C 729 4.33 41.63 -8.44
C SER C 729 2.87 42.06 -8.33
N ASN C 730 2.64 43.15 -7.60
CA ASN C 730 1.28 43.63 -7.43
C ASN C 730 0.65 44.08 -8.73
N ARG C 731 1.46 44.33 -9.77
CA ARG C 731 0.92 44.69 -11.07
C ARG C 731 -0.07 43.64 -11.55
N LEU C 732 0.27 42.35 -11.38
CA LEU C 732 -0.61 41.28 -11.83
C LEU C 732 -1.97 41.34 -11.16
N VAL C 733 -2.08 42.03 -10.02
CA VAL C 733 -3.37 42.27 -9.39
C VAL C 733 -3.96 43.59 -9.87
N GLU C 734 -3.13 44.62 -10.01
CA GLU C 734 -3.64 45.94 -10.38
C GLU C 734 -4.16 45.95 -11.81
N GLU C 735 -3.46 45.28 -12.73
CA GLU C 735 -3.81 45.29 -14.14
C GLU C 735 -4.67 44.10 -14.55
N ASP C 736 -5.13 43.30 -13.59
CA ASP C 736 -6.02 42.18 -13.87
C ASP C 736 -5.38 41.17 -14.81
N VAL C 737 -4.06 41.01 -14.71
CA VAL C 737 -3.34 40.11 -15.61
C VAL C 737 -3.82 38.68 -15.41
N LEU C 738 -3.94 38.26 -14.15
CA LEU C 738 -4.31 36.88 -13.81
C LEU C 738 -5.71 36.78 -13.21
N THR C 739 -6.53 37.80 -13.40
CA THR C 739 -7.91 37.74 -12.92
C THR C 739 -8.73 36.81 -13.80
N SER C 740 -9.68 36.12 -13.17
CA SER C 740 -10.54 35.18 -13.88
C SER C 740 -11.99 35.40 -13.47
N ILE C 741 -12.91 34.92 -14.30
CA ILE C 741 -14.34 34.98 -14.02
C ILE C 741 -14.84 33.56 -13.81
N HIS C 742 -15.48 33.32 -12.67
CA HIS C 742 -16.01 32.01 -12.31
C HIS C 742 -17.51 32.13 -12.08
N ILE C 743 -18.26 31.20 -12.67
CA ILE C 743 -19.72 31.21 -12.62
C ILE C 743 -20.17 29.92 -11.96
N GLU C 744 -21.05 30.05 -10.97
CA GLU C 744 -21.59 28.91 -10.23
C GLU C 744 -23.11 28.87 -10.40
N GLU C 745 -23.65 27.66 -10.36
CA GLU C 745 -25.06 27.40 -10.63
C GLU C 745 -25.72 26.83 -9.39
N HIS C 746 -26.84 27.42 -8.98
CA HIS C 746 -27.62 26.96 -7.84
C HIS C 746 -29.00 26.56 -8.32
N GLU C 747 -29.42 25.34 -7.99
CA GLU C 747 -30.67 24.78 -8.48
C GLU C 747 -31.59 24.44 -7.31
N ILE C 748 -32.89 24.65 -7.50
CA ILE C 748 -33.88 24.31 -6.47
C ILE C 748 -35.20 23.96 -7.15
N ASP C 749 -35.89 22.96 -6.60
CA ASP C 749 -37.13 22.46 -7.18
C ASP C 749 -38.25 22.47 -6.15
N ALA C 750 -39.47 22.64 -6.65
CA ALA C 750 -40.69 22.53 -5.86
C ALA C 750 -41.51 21.37 -6.40
N ARG C 751 -42.02 20.55 -5.50
CA ARG C 751 -42.58 19.24 -5.81
C ARG C 751 -43.95 19.07 -5.17
N ASP C 752 -44.53 17.89 -5.37
CA ASP C 752 -45.67 17.45 -4.58
C ASP C 752 -45.19 16.71 -3.33
N THR C 753 -46.10 16.57 -2.36
CA THR C 753 -45.77 15.92 -1.09
C THR C 753 -46.99 15.15 -0.59
N LYS C 754 -46.78 14.39 0.50
CA LYS C 754 -47.87 13.73 1.19
C LYS C 754 -48.78 14.70 1.94
N LEU C 755 -48.34 15.95 2.12
CA LEU C 755 -49.09 16.94 2.87
C LEU C 755 -49.50 18.14 2.02
N GLY C 756 -49.06 18.21 0.78
CA GLY C 756 -49.38 19.31 -0.09
C GLY C 756 -48.30 19.44 -1.17
N ALA C 757 -47.98 20.68 -1.51
CA ALA C 757 -46.94 20.98 -2.48
C ALA C 757 -46.12 22.16 -2.01
N GLU C 758 -44.86 22.20 -2.45
CA GLU C 758 -43.98 23.31 -2.13
C GLU C 758 -44.33 24.53 -2.99
N GLU C 759 -44.40 25.68 -2.35
CA GLU C 759 -44.81 26.93 -2.98
C GLU C 759 -43.66 27.94 -2.93
N ILE C 760 -43.56 28.74 -3.98
CA ILE C 760 -42.53 29.78 -4.08
C ILE C 760 -43.24 31.12 -4.14
N THR C 761 -42.85 32.04 -3.25
CA THR C 761 -43.44 33.37 -3.20
C THR C 761 -42.47 34.30 -2.49
N ARG C 762 -42.71 35.60 -2.64
CA ARG C 762 -41.88 36.61 -1.98
C ARG C 762 -42.00 36.58 -0.47
N ASP C 763 -42.98 35.87 0.07
CA ASP C 763 -43.25 35.86 1.51
C ASP C 763 -42.53 34.69 2.16
N ILE C 764 -41.82 34.97 3.25
CA ILE C 764 -41.14 33.94 4.03
C ILE C 764 -41.44 34.21 5.51
N PRO C 765 -41.85 33.20 6.28
CA PRO C 765 -42.23 33.47 7.67
C PRO C 765 -41.04 33.75 8.56
N ASN C 766 -41.27 34.63 9.54
CA ASN C 766 -40.33 34.87 10.64
C ASN C 766 -38.94 35.23 10.11
N VAL C 767 -38.90 36.16 9.17
CA VAL C 767 -37.64 36.71 8.66
C VAL C 767 -37.78 38.22 8.56
N SER C 768 -36.63 38.89 8.59
CA SER C 768 -36.60 40.35 8.55
C SER C 768 -37.00 40.86 7.17
N ASP C 769 -37.41 42.13 7.13
CA ASP C 769 -37.75 42.77 5.86
C ASP C 769 -36.53 43.01 4.99
N GLU C 770 -35.33 43.07 5.59
CA GLU C 770 -34.13 43.40 4.83
C GLU C 770 -33.51 42.20 4.14
N VAL C 771 -33.75 40.98 4.62
CA VAL C 771 -33.12 39.81 4.02
C VAL C 771 -33.75 39.44 2.68
N LEU C 772 -34.96 39.92 2.40
CA LEU C 772 -35.65 39.64 1.14
C LEU C 772 -35.84 40.90 0.31
N ALA C 773 -34.98 41.90 0.52
CA ALA C 773 -35.09 43.14 -0.24
C ALA C 773 -34.79 42.91 -1.72
N ASP C 774 -33.81 42.07 -2.03
CA ASP C 774 -33.43 41.84 -3.42
C ASP C 774 -34.46 41.03 -4.18
N LEU C 775 -35.35 40.32 -3.48
CA LEU C 775 -36.29 39.43 -4.15
C LEU C 775 -37.32 40.21 -4.96
N ASP C 776 -37.66 39.67 -6.12
CA ASP C 776 -38.67 40.25 -6.98
C ASP C 776 -40.05 39.65 -6.64
N GLU C 777 -41.07 40.00 -7.43
CA GLU C 777 -42.42 39.58 -7.11
C GLU C 777 -42.54 38.07 -6.98
N ARG C 778 -41.70 37.32 -7.71
CA ARG C 778 -41.74 35.87 -7.67
C ARG C 778 -40.98 35.29 -6.48
N GLY C 779 -40.38 36.12 -5.65
CA GLY C 779 -39.51 35.65 -4.60
C GLY C 779 -38.13 35.25 -5.07
N ILE C 780 -37.75 35.64 -6.29
CA ILE C 780 -36.46 35.31 -6.87
C ILE C 780 -35.57 36.54 -6.79
N VAL C 781 -34.29 36.34 -6.45
CA VAL C 781 -33.36 37.46 -6.37
C VAL C 781 -33.25 38.14 -7.71
N ARG C 782 -33.30 39.47 -7.70
CA ARG C 782 -33.21 40.24 -8.93
C ARG C 782 -31.82 40.11 -9.55
N ILE C 783 -31.78 40.11 -10.88
CA ILE C 783 -30.51 40.06 -11.59
C ILE C 783 -29.72 41.33 -11.30
N GLY C 784 -28.40 41.17 -11.16
CA GLY C 784 -27.55 42.27 -10.79
C GLY C 784 -27.39 42.49 -9.30
N ALA C 785 -28.08 41.70 -8.48
CA ALA C 785 -27.98 41.84 -7.03
C ALA C 785 -26.72 41.18 -6.51
N GLU C 786 -26.08 41.83 -5.54
CA GLU C 786 -24.93 41.26 -4.86
C GLU C 786 -25.40 40.31 -3.77
N VAL C 787 -24.88 39.08 -3.78
CA VAL C 787 -25.30 38.04 -2.84
C VAL C 787 -24.06 37.45 -2.19
N ARG C 788 -24.14 37.22 -0.88
CA ARG C 788 -23.03 36.64 -0.13
C ARG C 788 -23.53 35.52 0.76
N ASP C 789 -22.67 35.04 1.67
CA ASP C 789 -22.97 33.89 2.49
C ASP C 789 -24.31 34.05 3.19
N GLY C 790 -25.22 33.09 2.93
CA GLY C 790 -26.49 33.04 3.61
C GLY C 790 -27.59 33.87 3.00
N ASP C 791 -27.30 34.67 1.98
CA ASP C 791 -28.32 35.51 1.38
C ASP C 791 -29.36 34.65 0.65
N ILE C 792 -30.62 35.07 0.75
CA ILE C 792 -31.70 34.34 0.10
C ILE C 792 -31.62 34.54 -1.41
N LEU C 793 -31.62 33.44 -2.15
CA LEU C 793 -31.65 33.51 -3.61
C LEU C 793 -33.08 33.43 -4.13
N VAL C 794 -33.81 32.38 -3.77
CA VAL C 794 -35.23 32.26 -4.08
C VAL C 794 -35.94 31.69 -2.86
N GLY C 795 -37.04 32.32 -2.46
CA GLY C 795 -37.77 31.90 -1.28
C GLY C 795 -38.78 30.81 -1.60
N LYS C 796 -38.71 29.71 -0.86
CA LYS C 796 -39.64 28.61 -1.02
C LYS C 796 -40.24 28.26 0.33
N VAL C 797 -41.58 28.21 0.38
CA VAL C 797 -42.31 27.91 1.60
C VAL C 797 -43.05 26.61 1.41
N THR C 798 -43.00 25.74 2.42
CA THR C 798 -43.51 24.38 2.33
C THR C 798 -44.39 24.08 3.53
N PRO C 799 -45.31 23.12 3.40
CA PRO C 799 -46.06 22.67 4.57
C PRO C 799 -45.13 22.05 5.61
N LYS C 800 -45.52 22.19 6.88
CA LYS C 800 -44.71 21.68 7.99
C LYS C 800 -44.33 20.22 7.77
N GLU C 822 -50.03 28.27 8.18
CA GLU C 822 -48.96 27.55 8.85
C GLU C 822 -48.04 26.93 7.80
N VAL C 823 -46.89 27.57 7.57
CA VAL C 823 -45.96 27.15 6.53
C VAL C 823 -44.55 27.11 7.09
N ARG C 824 -43.66 26.43 6.38
CA ARG C 824 -42.27 26.27 6.76
C ARG C 824 -41.38 26.86 5.68
N ASP C 825 -40.31 27.55 6.10
CA ASP C 825 -39.38 28.18 5.18
C ASP C 825 -38.32 27.17 4.75
N THR C 826 -38.12 27.04 3.44
CA THR C 826 -37.11 26.14 2.88
C THR C 826 -36.38 26.84 1.73
N SER C 827 -36.09 28.12 1.90
CA SER C 827 -35.53 28.91 0.82
C SER C 827 -34.13 28.44 0.45
N LEU C 828 -33.79 28.62 -0.82
CA LEU C 828 -32.42 28.41 -1.28
C LEU C 828 -31.56 29.60 -0.85
N LYS C 829 -30.33 29.31 -0.43
CA LYS C 829 -29.44 30.34 0.08
C LYS C 829 -28.02 30.07 -0.40
N VAL C 830 -27.24 31.14 -0.46
CA VAL C 830 -25.84 31.01 -0.91
C VAL C 830 -25.06 30.19 0.11
N PRO C 831 -24.32 29.15 -0.30
CA PRO C 831 -23.58 28.35 0.68
C PRO C 831 -22.49 29.13 1.39
N HIS C 832 -21.81 28.46 2.32
CA HIS C 832 -20.79 29.12 3.13
C HIS C 832 -19.62 29.57 2.25
N GLY C 833 -19.20 30.82 2.45
CA GLY C 833 -18.00 31.31 1.78
C GLY C 833 -18.14 31.63 0.32
N GLU C 834 -19.36 31.68 -0.21
CA GLU C 834 -19.60 31.94 -1.62
C GLU C 834 -20.29 33.30 -1.79
N SER C 835 -19.95 33.99 -2.88
CA SER C 835 -20.49 35.30 -3.14
C SER C 835 -20.30 35.62 -4.62
N GLY C 836 -21.00 36.66 -5.06
CA GLY C 836 -20.90 37.08 -6.45
C GLY C 836 -22.11 37.92 -6.83
N LYS C 837 -22.28 38.07 -8.14
CA LYS C 837 -23.39 38.83 -8.71
C LYS C 837 -24.32 37.89 -9.48
N VAL C 838 -25.62 38.13 -9.37
CA VAL C 838 -26.63 37.33 -10.06
C VAL C 838 -26.64 37.76 -11.52
N ILE C 839 -26.25 36.86 -12.41
CA ILE C 839 -26.15 37.17 -13.84
C ILE C 839 -27.22 36.50 -14.68
N GLY C 840 -27.94 35.52 -14.15
CA GLY C 840 -28.96 34.85 -14.93
C GLY C 840 -29.89 33.97 -14.13
N ILE C 841 -31.14 33.85 -14.59
CA ILE C 841 -32.16 33.02 -13.97
C ILE C 841 -32.85 32.22 -15.06
N ARG C 842 -33.01 30.92 -14.82
CA ARG C 842 -33.77 30.04 -15.72
C ARG C 842 -34.83 29.33 -14.89
N VAL C 843 -36.09 29.48 -15.28
CA VAL C 843 -37.21 28.92 -14.52
C VAL C 843 -38.04 28.04 -15.45
N PHE C 844 -38.40 26.86 -14.96
CA PHE C 844 -39.25 25.91 -15.66
C PHE C 844 -40.42 25.56 -14.77
N SER C 845 -41.61 25.46 -15.36
CA SER C 845 -42.82 25.21 -14.60
C SER C 845 -43.68 24.17 -15.30
N ARG C 846 -44.38 23.37 -14.50
CA ARG C 846 -45.32 22.40 -15.07
C ARG C 846 -46.53 23.09 -15.68
N GLU C 847 -46.89 24.27 -15.19
CA GLU C 847 -48.01 25.01 -15.74
C GLU C 847 -47.75 25.43 -17.19
N ASP C 848 -46.48 25.51 -17.59
CA ASP C 848 -46.10 25.91 -18.94
C ASP C 848 -45.62 24.73 -19.78
N ASP C 849 -46.05 23.52 -19.41
CA ASP C 849 -45.76 22.32 -20.19
C ASP C 849 -44.25 22.06 -20.30
N ASP C 850 -43.49 22.47 -19.30
CA ASP C 850 -42.07 22.16 -19.24
C ASP C 850 -41.88 20.72 -18.79
N GLU C 851 -40.92 20.03 -19.39
CA GLU C 851 -40.72 18.60 -19.18
C GLU C 851 -39.85 18.33 -17.95
N LEU C 852 -40.35 18.77 -16.80
CA LEU C 852 -39.71 18.46 -15.54
C LEU C 852 -39.98 17.01 -15.14
N PRO C 853 -39.12 16.44 -14.30
CA PRO C 853 -39.32 15.05 -13.87
C PRO C 853 -40.56 14.91 -12.99
N ALA C 854 -41.00 13.66 -12.85
CA ALA C 854 -42.22 13.38 -12.09
C ALA C 854 -42.06 13.85 -10.64
N GLY C 855 -43.15 14.39 -10.09
CA GLY C 855 -43.17 14.91 -8.75
C GLY C 855 -42.80 16.38 -8.64
N VAL C 856 -41.90 16.85 -9.49
CA VAL C 856 -41.46 18.24 -9.46
C VAL C 856 -42.50 19.10 -10.14
N ASN C 857 -42.90 20.19 -9.48
CA ASN C 857 -43.82 21.16 -10.05
C ASN C 857 -43.12 22.36 -10.67
N GLU C 858 -41.99 22.77 -10.11
CA GLU C 858 -41.26 23.91 -10.65
C GLU C 858 -39.77 23.71 -10.39
N LEU C 859 -38.94 24.39 -11.19
CA LEU C 859 -37.50 24.32 -11.09
C LEU C 859 -36.90 25.69 -11.38
N VAL C 860 -35.91 26.09 -10.59
CA VAL C 860 -35.24 27.38 -10.76
C VAL C 860 -33.74 27.17 -10.67
N ARG C 861 -33.01 27.77 -11.61
CA ARG C 861 -31.56 27.82 -11.62
C ARG C 861 -31.11 29.28 -11.61
N VAL C 862 -30.20 29.60 -10.69
CA VAL C 862 -29.65 30.95 -10.57
C VAL C 862 -28.14 30.87 -10.78
N TYR C 863 -27.61 31.78 -11.59
CA TYR C 863 -26.20 31.81 -11.92
C TYR C 863 -25.54 32.99 -11.22
N VAL C 864 -24.46 32.72 -10.48
CA VAL C 864 -23.74 33.75 -9.74
C VAL C 864 -22.32 33.81 -10.26
N ALA C 865 -21.89 35.00 -10.67
CA ALA C 865 -20.58 35.21 -11.27
C ALA C 865 -19.70 36.04 -10.34
N GLN C 866 -18.42 35.69 -10.30
CA GLN C 866 -17.45 36.39 -9.46
C GLN C 866 -16.13 36.52 -10.19
N LYS C 867 -15.52 37.70 -10.08
CA LYS C 867 -14.15 37.90 -10.54
C LYS C 867 -13.20 37.55 -9.40
N ARG C 868 -12.31 36.60 -9.65
CA ARG C 868 -11.28 36.20 -8.70
C ARG C 868 -9.95 36.80 -9.14
N LYS C 869 -9.38 37.64 -8.28
CA LYS C 869 -8.01 38.09 -8.45
C LYS C 869 -7.05 36.98 -8.09
N ILE C 870 -5.79 37.14 -8.48
CA ILE C 870 -4.75 36.22 -8.04
C ILE C 870 -4.37 36.57 -6.61
N SER C 871 -4.21 35.54 -5.77
CA SER C 871 -3.99 35.75 -4.35
C SER C 871 -3.03 34.68 -3.84
N ASP C 872 -2.51 34.92 -2.63
CA ASP C 872 -1.61 33.98 -2.00
C ASP C 872 -2.28 32.61 -1.86
N GLY C 873 -1.55 31.57 -2.21
CA GLY C 873 -2.04 30.21 -2.14
C GLY C 873 -2.55 29.66 -3.46
N ASP C 874 -2.81 30.52 -4.44
CA ASP C 874 -3.23 30.05 -5.75
C ASP C 874 -2.03 29.43 -6.47
N LYS C 875 -2.28 28.34 -7.18
CA LYS C 875 -1.22 27.59 -7.83
C LYS C 875 -0.97 28.16 -9.23
N LEU C 876 0.28 28.54 -9.49
CA LEU C 876 0.74 28.95 -10.80
C LEU C 876 1.68 27.88 -11.33
N ALA C 877 1.75 27.76 -12.66
CA ALA C 877 2.60 26.75 -13.27
C ALA C 877 2.99 27.18 -14.68
N GLY C 878 4.15 26.70 -15.11
CA GLY C 878 4.56 26.82 -16.49
C GLY C 878 4.25 25.56 -17.28
N ARG C 879 4.76 25.54 -18.51
CA ARG C 879 4.56 24.41 -19.42
C ARG C 879 5.58 23.30 -19.24
N HIS C 880 6.53 23.47 -18.33
CA HIS C 880 7.64 22.53 -18.17
C HIS C 880 7.59 21.79 -16.83
N GLY C 881 6.43 21.76 -16.17
CA GLY C 881 6.30 21.08 -14.91
C GLY C 881 6.71 21.86 -13.70
N ASN C 882 7.01 23.15 -13.84
CA ASN C 882 7.37 24.01 -12.71
C ASN C 882 6.08 24.60 -12.15
N LYS C 883 5.70 24.17 -10.94
CA LYS C 883 4.46 24.58 -10.32
C LYS C 883 4.72 25.02 -8.89
N GLY C 884 3.95 26.02 -8.44
CA GLY C 884 4.08 26.49 -7.08
C GLY C 884 2.95 27.41 -6.67
N VAL C 885 2.70 27.51 -5.38
CA VAL C 885 1.66 28.41 -4.87
C VAL C 885 2.29 29.76 -4.58
N ILE C 886 1.49 30.81 -4.68
CA ILE C 886 1.96 32.17 -4.45
C ILE C 886 2.12 32.39 -2.96
N GLY C 887 3.37 32.62 -2.53
CA GLY C 887 3.64 32.83 -1.12
C GLY C 887 3.65 34.28 -0.72
N LYS C 888 3.82 35.18 -1.69
CA LYS C 888 3.90 36.60 -1.39
C LYS C 888 3.58 37.39 -2.65
N ILE C 889 2.84 38.48 -2.48
CA ILE C 889 2.56 39.43 -3.55
C ILE C 889 3.17 40.77 -3.10
N LEU C 890 4.33 41.10 -3.63
CA LEU C 890 5.05 42.29 -3.20
C LEU C 890 4.49 43.53 -3.89
N PRO C 891 4.61 44.70 -3.26
CA PRO C 891 4.31 45.94 -3.97
C PRO C 891 5.20 46.10 -5.18
N VAL C 892 4.81 47.04 -6.06
CA VAL C 892 5.52 47.20 -7.33
C VAL C 892 6.96 47.66 -7.10
N GLU C 893 7.18 48.50 -6.10
CA GLU C 893 8.51 49.06 -5.86
C GLU C 893 9.39 48.16 -5.02
N ASP C 894 8.88 47.04 -4.53
CA ASP C 894 9.69 46.08 -3.80
C ASP C 894 10.35 45.05 -4.71
N MET C 895 9.81 44.82 -5.89
CA MET C 895 10.36 43.84 -6.80
C MET C 895 11.73 44.29 -7.30
N PRO C 896 12.64 43.37 -7.60
CA PRO C 896 13.84 43.75 -8.33
C PRO C 896 13.46 44.36 -9.67
N PHE C 897 14.17 45.43 -10.04
CA PHE C 897 13.83 46.18 -11.25
C PHE C 897 15.05 46.35 -12.12
N LEU C 898 14.82 46.38 -13.43
CA LEU C 898 15.88 46.46 -14.41
C LEU C 898 16.48 47.87 -14.42
N PRO C 899 17.67 48.03 -15.01
CA PRO C 899 18.32 49.35 -14.97
C PRO C 899 17.46 50.47 -15.54
N ASP C 900 16.54 50.17 -16.46
CA ASP C 900 15.63 51.18 -16.99
C ASP C 900 14.45 51.45 -16.07
N GLY C 901 14.31 50.69 -14.97
CA GLY C 901 13.23 50.88 -14.03
C GLY C 901 12.09 49.90 -14.17
N THR C 902 12.20 48.90 -15.03
CA THR C 902 11.13 47.94 -15.23
C THR C 902 11.16 46.91 -14.10
N PRO C 903 10.10 46.80 -13.29
CA PRO C 903 10.08 45.75 -12.26
C PRO C 903 9.72 44.40 -12.86
N VAL C 904 10.36 43.35 -12.32
CA VAL C 904 10.03 41.99 -12.74
C VAL C 904 8.66 41.63 -12.20
N ASP C 905 7.97 40.74 -12.91
CA ASP C 905 6.62 40.35 -12.54
C ASP C 905 6.59 39.13 -11.63
N ILE C 906 7.57 38.24 -11.74
CA ILE C 906 7.58 37.00 -10.98
C ILE C 906 9.03 36.65 -10.66
N ILE C 907 9.25 36.05 -9.49
CA ILE C 907 10.57 35.60 -9.05
C ILE C 907 10.47 34.11 -8.79
N LEU C 908 11.36 33.34 -9.43
CA LEU C 908 11.41 31.89 -9.29
C LEU C 908 12.73 31.50 -8.63
N ASN C 909 12.64 30.58 -7.68
CA ASN C 909 13.82 30.16 -6.92
C ASN C 909 14.78 29.39 -7.82
N THR C 910 16.08 29.56 -7.56
CA THR C 910 17.10 28.89 -8.37
C THR C 910 17.19 27.41 -8.04
N HIS C 911 16.94 27.03 -6.79
CA HIS C 911 17.18 25.66 -6.33
C HIS C 911 16.18 24.66 -6.91
N GLY C 912 15.11 25.12 -7.56
CA GLY C 912 14.13 24.21 -8.11
C GLY C 912 14.51 23.59 -9.43
N VAL C 913 15.24 24.33 -10.26
CA VAL C 913 15.49 23.93 -11.65
C VAL C 913 16.46 22.76 -11.72
N PRO C 914 17.69 22.88 -11.22
CA PRO C 914 18.73 21.90 -11.59
C PRO C 914 18.40 20.46 -11.18
N ARG C 915 17.72 20.25 -10.06
CA ARG C 915 17.50 18.90 -9.54
C ARG C 915 16.29 18.21 -10.15
N ARG C 916 15.54 18.89 -11.03
CA ARG C 916 14.33 18.32 -11.61
C ARG C 916 14.45 18.08 -13.12
N MET C 917 15.58 18.44 -13.72
CA MET C 917 15.82 18.19 -15.14
C MET C 917 14.69 18.75 -15.99
N ASN C 918 14.22 19.93 -15.61
CA ASN C 918 13.26 20.70 -16.41
C ASN C 918 13.92 22.00 -16.86
N ILE C 919 15.18 21.91 -17.29
CA ILE C 919 15.92 23.09 -17.72
C ILE C 919 15.31 23.76 -18.94
N GLY C 920 14.36 23.10 -19.60
CA GLY C 920 13.68 23.74 -20.72
C GLY C 920 13.02 25.04 -20.32
N GLN C 921 12.50 25.12 -19.09
CA GLN C 921 11.92 26.37 -18.60
C GLN C 921 12.92 27.50 -18.70
N ILE C 922 14.21 27.20 -18.52
CA ILE C 922 15.23 28.23 -18.69
C ILE C 922 15.39 28.59 -20.16
N LEU C 923 15.44 27.59 -21.04
CA LEU C 923 15.59 27.91 -22.46
C LEU C 923 14.51 28.92 -22.88
N GLU C 924 13.26 28.59 -22.59
CA GLU C 924 12.15 29.48 -22.87
C GLU C 924 12.41 30.86 -22.30
N THR C 925 12.80 30.92 -21.02
CA THR C 925 13.00 32.21 -20.38
C THR C 925 13.94 33.08 -21.20
N HIS C 926 15.00 32.50 -21.76
CA HIS C 926 15.89 33.28 -22.60
C HIS C 926 15.21 33.67 -23.91
N LEU C 927 14.62 32.69 -24.60
CA LEU C 927 14.01 32.98 -25.89
C LEU C 927 12.84 33.94 -25.74
N GLY C 928 12.06 33.77 -24.67
CA GLY C 928 10.98 34.71 -24.41
C GLY C 928 11.44 36.14 -24.33
N TRP C 929 12.68 36.36 -23.86
CA TRP C 929 13.24 37.70 -23.88
C TRP C 929 13.53 38.13 -25.32
N VAL C 930 14.22 37.27 -26.08
CA VAL C 930 14.58 37.62 -27.45
C VAL C 930 13.34 37.88 -28.28
N ALA C 931 12.21 37.24 -27.94
CA ALA C 931 10.97 37.50 -28.64
C ALA C 931 10.39 38.86 -28.24
N LYS C 932 10.47 39.20 -26.95
CA LYS C 932 9.91 40.48 -26.50
C LYS C 932 10.66 41.65 -27.11
N ALA C 933 11.99 41.58 -27.12
CA ALA C 933 12.83 42.61 -27.74
C ALA C 933 13.43 42.02 -29.00
N GLY C 934 13.11 42.61 -30.15
CA GLY C 934 13.54 42.09 -31.41
C GLY C 934 15.05 41.87 -31.49
N TRP C 935 15.50 41.20 -32.55
CA TRP C 935 16.91 40.91 -32.74
C TRP C 935 17.30 41.24 -34.17
N ASN C 936 18.60 41.41 -34.38
CA ASN C 936 19.13 41.74 -35.70
C ASN C 936 20.53 41.13 -35.81
N ILE C 937 20.63 40.01 -36.54
CA ILE C 937 21.92 39.37 -36.73
C ILE C 937 22.75 40.19 -37.69
N ASP C 938 23.99 40.47 -37.30
CA ASP C 938 24.92 41.22 -38.15
C ASP C 938 25.53 40.26 -39.17
N VAL C 939 25.20 40.47 -40.44
CA VAL C 939 25.62 39.58 -41.51
C VAL C 939 26.54 40.35 -42.45
N ALA C 940 27.26 41.33 -41.89
CA ALA C 940 28.14 42.16 -42.71
C ALA C 940 29.21 41.31 -43.38
N ALA C 941 30.08 40.70 -42.59
CA ALA C 941 31.14 39.83 -43.13
C ALA C 941 30.67 38.39 -43.22
N GLY C 942 29.54 38.18 -43.87
CA GLY C 942 28.94 36.87 -43.98
C GLY C 942 28.19 36.49 -42.73
N VAL C 943 27.34 35.48 -42.87
CA VAL C 943 26.56 34.99 -41.72
C VAL C 943 27.49 34.36 -40.70
N PRO C 944 27.24 34.50 -39.40
CA PRO C 944 28.06 33.81 -38.41
C PRO C 944 27.87 32.31 -38.49
N ASP C 945 28.86 31.59 -37.95
CA ASP C 945 28.82 30.13 -38.02
C ASP C 945 27.60 29.58 -37.29
N TRP C 946 27.25 30.16 -36.13
CA TRP C 946 26.13 29.66 -35.36
C TRP C 946 24.79 29.90 -36.04
N ALA C 947 24.73 30.83 -37.00
CA ALA C 947 23.48 31.17 -37.68
C ALA C 947 23.37 30.51 -39.06
N SER C 948 24.23 29.55 -39.39
CA SER C 948 24.20 28.95 -40.71
C SER C 948 22.94 28.14 -40.95
N LYS C 949 22.25 27.71 -39.89
CA LYS C 949 21.05 26.89 -40.03
C LYS C 949 19.76 27.69 -39.95
N LEU C 950 19.80 28.91 -39.43
CA LEU C 950 18.58 29.70 -39.25
C LEU C 950 18.00 30.07 -40.61
N PRO C 951 16.71 29.82 -40.86
CA PRO C 951 16.08 30.36 -42.07
C PRO C 951 16.18 31.88 -42.11
N GLU C 952 16.29 32.41 -43.33
CA GLU C 952 16.53 33.84 -43.49
C GLU C 952 15.45 34.68 -42.84
N GLU C 953 14.23 34.15 -42.69
CA GLU C 953 13.17 34.90 -42.04
C GLU C 953 13.47 35.16 -40.57
N LEU C 954 14.42 34.42 -39.98
CA LEU C 954 14.80 34.60 -38.58
C LEU C 954 16.00 35.52 -38.41
N TYR C 955 16.51 36.11 -39.48
CA TYR C 955 17.66 37.01 -39.36
C TYR C 955 17.32 38.28 -38.59
N SER C 956 16.04 38.65 -38.51
CA SER C 956 15.66 39.84 -37.76
C SER C 956 14.16 39.79 -37.51
N ALA C 957 13.73 40.45 -36.43
CA ALA C 957 12.33 40.54 -36.08
C ALA C 957 12.13 41.78 -35.22
N PRO C 958 10.95 42.38 -35.23
CA PRO C 958 10.69 43.56 -34.40
C PRO C 958 10.37 43.15 -32.96
N ALA C 959 10.18 44.16 -32.12
CA ALA C 959 9.84 43.91 -30.72
C ALA C 959 8.45 43.31 -30.62
N ASP C 960 8.22 42.61 -29.51
CA ASP C 960 6.94 41.93 -29.26
C ASP C 960 6.62 40.91 -30.34
N SER C 961 7.66 40.33 -30.93
CA SER C 961 7.47 39.31 -31.96
C SER C 961 7.14 37.97 -31.31
N THR C 962 6.45 37.12 -32.07
CA THR C 962 6.12 35.77 -31.64
C THR C 962 6.89 34.77 -32.49
N VAL C 963 7.44 33.75 -31.84
CA VAL C 963 8.26 32.75 -32.50
C VAL C 963 7.68 31.37 -32.21
N ALA C 964 8.01 30.41 -33.08
CA ALA C 964 7.56 29.04 -32.95
C ALA C 964 8.77 28.11 -32.89
N THR C 965 8.81 27.25 -31.88
CA THR C 965 9.88 26.27 -31.71
C THR C 965 9.25 24.89 -31.50
N PRO C 966 9.11 24.07 -32.54
CA PRO C 966 8.53 22.73 -32.36
C PRO C 966 9.23 21.92 -31.29
N VAL C 967 8.59 20.83 -30.86
CA VAL C 967 9.06 20.11 -29.67
C VAL C 967 10.44 19.50 -29.91
N PHE C 968 10.63 18.80 -31.02
CA PHE C 968 11.87 18.10 -31.30
C PHE C 968 12.62 18.67 -32.50
N ASP C 969 12.22 19.86 -32.97
CA ASP C 969 12.94 20.53 -34.05
C ASP C 969 12.69 22.03 -33.91
N GLY C 970 13.65 22.74 -33.35
CA GLY C 970 13.48 24.15 -33.11
C GLY C 970 14.76 24.88 -32.74
N ALA C 971 14.65 25.86 -31.85
CA ALA C 971 15.79 26.68 -31.50
C ALA C 971 16.88 25.84 -30.83
N GLN C 972 18.04 25.78 -31.46
CA GLN C 972 19.18 25.08 -30.89
C GLN C 972 19.87 25.96 -29.85
N GLU C 973 20.74 25.32 -29.05
CA GLU C 973 21.42 26.05 -27.99
C GLU C 973 22.32 27.14 -28.55
N GLY C 974 23.08 26.84 -29.61
CA GLY C 974 23.94 27.86 -30.19
C GLY C 974 23.17 28.99 -30.84
N GLU C 975 22.09 28.67 -31.55
CA GLU C 975 21.29 29.70 -32.17
C GLU C 975 20.70 30.64 -31.12
N LEU C 976 20.18 30.07 -30.04
CA LEU C 976 19.64 30.89 -28.96
C LEU C 976 20.73 31.72 -28.30
N ALA C 977 21.92 31.14 -28.12
CA ALA C 977 23.01 31.88 -27.51
C ALA C 977 23.38 33.10 -28.36
N GLY C 978 23.45 32.92 -29.68
CA GLY C 978 23.74 34.03 -30.56
C GLY C 978 22.62 35.06 -30.58
N LEU C 979 21.38 34.60 -30.59
CA LEU C 979 20.24 35.52 -30.61
C LEU C 979 20.19 36.36 -29.34
N LEU C 980 20.61 35.78 -28.20
CA LEU C 980 20.71 36.56 -26.98
C LEU C 980 21.67 37.73 -27.15
N GLY C 981 22.77 37.51 -27.86
CA GLY C 981 23.72 38.58 -28.13
C GLY C 981 23.37 39.46 -29.31
N SER C 982 22.34 39.10 -30.06
CA SER C 982 21.88 39.89 -31.21
C SER C 982 20.61 40.68 -30.92
N THR C 983 20.28 40.88 -29.65
CA THR C 983 19.04 41.56 -29.29
C THR C 983 19.15 43.07 -29.53
N LEU C 984 18.02 43.66 -29.90
CA LEU C 984 17.99 45.09 -30.17
C LEU C 984 18.07 45.90 -28.87
N PRO C 985 18.55 47.14 -28.93
CA PRO C 985 18.52 48.00 -27.74
C PRO C 985 17.10 48.42 -27.38
N ASN C 986 16.96 48.92 -26.16
CA ASN C 986 15.66 49.35 -25.66
C ASN C 986 15.41 50.80 -26.07
N ARG C 987 14.38 51.41 -25.46
CA ARG C 987 14.03 52.79 -25.79
C ARG C 987 15.22 53.73 -25.59
N ASP C 988 16.02 53.49 -24.56
CA ASP C 988 17.15 54.35 -24.24
C ASP C 988 18.40 54.02 -25.05
N GLY C 989 18.36 52.98 -25.87
CA GLY C 989 19.50 52.64 -26.71
C GLY C 989 20.54 51.75 -26.06
N GLU C 990 20.18 51.05 -24.99
CA GLU C 990 21.11 50.15 -24.30
C GLU C 990 20.47 48.80 -24.12
N VAL C 991 21.31 47.75 -24.09
CA VAL C 991 20.85 46.39 -23.91
C VAL C 991 21.07 45.99 -22.46
N MET C 992 20.03 45.47 -21.82
CA MET C 992 20.09 45.10 -20.42
C MET C 992 20.50 43.64 -20.23
N VAL C 993 19.81 42.74 -20.91
CA VAL C 993 20.16 41.31 -20.87
C VAL C 993 21.34 41.10 -21.80
N ASP C 994 22.45 40.60 -21.25
CA ASP C 994 23.69 40.45 -22.00
C ASP C 994 23.68 39.12 -22.75
N ALA C 995 24.82 38.74 -23.33
CA ALA C 995 24.89 37.52 -24.12
C ALA C 995 24.59 36.29 -23.28
N ASP C 996 24.87 36.35 -21.97
CA ASP C 996 24.61 35.21 -21.10
C ASP C 996 23.15 35.08 -20.71
N GLY C 997 22.31 36.04 -21.08
CA GLY C 997 20.92 36.02 -20.65
C GLY C 997 20.69 36.61 -19.28
N LYS C 998 21.67 37.29 -18.69
CA LYS C 998 21.58 37.82 -17.35
C LYS C 998 21.61 39.34 -17.39
N SER C 999 20.95 39.96 -16.41
CA SER C 999 20.89 41.40 -16.29
C SER C 999 21.19 41.81 -14.85
N THR C 1000 21.76 43.00 -14.70
CA THR C 1000 21.99 43.56 -13.38
C THR C 1000 20.68 44.10 -12.82
N LEU C 1001 20.29 43.62 -11.64
CA LEU C 1001 19.02 43.97 -11.03
C LEU C 1001 19.26 44.80 -9.77
N PHE C 1002 18.49 45.86 -9.62
CA PHE C 1002 18.54 46.70 -8.44
C PHE C 1002 17.55 46.18 -7.39
N ASP C 1003 17.98 46.19 -6.13
CA ASP C 1003 17.10 45.76 -5.05
C ASP C 1003 16.07 46.85 -4.78
N GLY C 1004 14.79 46.51 -4.89
CA GLY C 1004 13.75 47.49 -4.71
C GLY C 1004 13.63 48.01 -3.29
N ARG C 1005 14.09 47.22 -2.32
CA ARG C 1005 13.97 47.59 -0.92
C ARG C 1005 15.16 48.42 -0.43
N SER C 1006 16.36 47.87 -0.54
CA SER C 1006 17.55 48.58 -0.12
C SER C 1006 18.06 49.56 -1.16
N GLY C 1007 17.77 49.32 -2.44
CA GLY C 1007 18.21 50.19 -3.51
C GLY C 1007 19.57 49.85 -4.09
N GLU C 1008 20.36 49.04 -3.40
CA GLU C 1008 21.67 48.68 -3.90
C GLU C 1008 21.54 47.67 -5.04
N PRO C 1009 22.39 47.74 -6.06
CA PRO C 1009 22.38 46.68 -7.08
C PRO C 1009 22.77 45.34 -6.48
N PHE C 1010 22.14 44.28 -6.98
CA PHE C 1010 22.51 42.95 -6.52
C PHE C 1010 23.95 42.66 -6.93
N PRO C 1011 24.72 41.97 -6.09
CA PRO C 1011 26.16 41.85 -6.36
C PRO C 1011 26.49 41.15 -7.67
N TYR C 1012 25.62 40.27 -8.16
CA TYR C 1012 25.88 39.52 -9.37
C TYR C 1012 24.71 39.63 -10.33
N PRO C 1013 24.96 39.53 -11.63
CA PRO C 1013 23.85 39.55 -12.59
C PRO C 1013 22.93 38.35 -12.39
N VAL C 1014 21.66 38.55 -12.71
CA VAL C 1014 20.61 37.54 -12.51
C VAL C 1014 19.97 37.24 -13.85
N THR C 1015 19.61 35.98 -14.06
CA THR C 1015 18.93 35.58 -15.29
C THR C 1015 17.53 36.20 -15.32
N VAL C 1016 17.24 36.94 -16.37
CA VAL C 1016 15.97 37.63 -16.53
C VAL C 1016 15.42 37.33 -17.92
N GLY C 1017 14.12 37.09 -17.99
CA GLY C 1017 13.50 36.78 -19.26
C GLY C 1017 12.00 36.91 -19.19
N TYR C 1018 11.33 36.36 -20.20
CA TYR C 1018 9.88 36.29 -20.24
C TYR C 1018 9.45 34.83 -20.30
N MET C 1019 8.54 34.45 -19.41
CA MET C 1019 8.05 33.08 -19.33
C MET C 1019 6.54 33.06 -19.38
N TYR C 1020 5.99 32.04 -20.03
CA TYR C 1020 4.55 31.86 -20.15
C TYR C 1020 4.08 31.01 -18.99
N ILE C 1021 3.22 31.57 -18.14
CA ILE C 1021 2.73 30.87 -16.96
C ILE C 1021 1.21 30.78 -17.03
N LEU C 1022 0.68 29.78 -16.32
CA LEU C 1022 -0.74 29.47 -16.33
C LEU C 1022 -1.32 29.64 -14.93
N LYS C 1023 -2.57 30.07 -14.87
CA LYS C 1023 -3.34 30.07 -13.63
C LYS C 1023 -4.14 28.78 -13.58
N LEU C 1024 -3.75 27.87 -12.69
CA LEU C 1024 -4.36 26.55 -12.62
C LEU C 1024 -5.64 26.61 -11.80
N HIS C 1025 -6.51 25.63 -12.03
CA HIS C 1025 -7.80 25.55 -11.36
C HIS C 1025 -7.68 24.86 -10.01
N HIS C 1026 -6.78 25.36 -9.18
CA HIS C 1026 -6.54 24.88 -7.83
C HIS C 1026 -6.48 26.05 -6.86
N LEU C 1027 -7.42 26.97 -7.02
CA LEU C 1027 -7.40 28.20 -6.24
C LEU C 1027 -7.64 27.91 -4.75
N VAL C 1028 -6.97 28.70 -3.91
CA VAL C 1028 -7.18 28.58 -2.47
C VAL C 1028 -8.59 28.98 -2.09
N ASP C 1029 -9.29 29.70 -2.97
CA ASP C 1029 -10.63 30.18 -2.65
C ASP C 1029 -11.61 29.05 -2.38
N ASP C 1030 -11.35 27.85 -2.94
CA ASP C 1030 -12.23 26.71 -2.76
C ASP C 1030 -11.46 25.52 -2.16
N LYS C 1031 -10.47 25.81 -1.33
CA LYS C 1031 -9.76 24.78 -0.59
C LYS C 1031 -9.69 25.05 0.91
N ILE C 1032 -10.12 26.23 1.36
CA ILE C 1032 -10.13 26.55 2.78
C ILE C 1032 -11.39 25.96 3.41
N HIS C 1033 -11.22 25.15 4.45
CA HIS C 1033 -12.33 24.48 5.10
C HIS C 1033 -12.09 24.46 6.61
N ALA C 1034 -13.14 24.76 7.37
CA ALA C 1034 -13.06 24.78 8.82
C ALA C 1034 -14.40 24.34 9.39
N ARG C 1035 -14.37 23.89 10.65
CA ARG C 1035 -15.57 23.39 11.30
C ARG C 1035 -15.35 23.36 12.80
N SER C 1036 -16.23 24.05 13.55
CA SER C 1036 -16.32 23.88 14.99
C SER C 1036 -17.41 22.88 15.35
N THR C 1037 -18.60 23.07 14.83
CA THR C 1037 -19.70 22.12 14.98
C THR C 1037 -20.55 22.18 13.72
N GLY C 1038 -21.21 21.06 13.41
CA GLY C 1038 -21.98 20.95 12.20
C GLY C 1038 -22.78 19.66 12.11
N PRO C 1039 -23.17 19.27 10.90
CA PRO C 1039 -23.96 18.05 10.74
C PRO C 1039 -23.15 16.80 11.04
N TYR C 1040 -23.88 15.74 11.41
CA TYR C 1040 -23.27 14.47 11.78
C TYR C 1040 -23.93 13.34 11.02
N SER C 1041 -23.16 12.29 10.75
CA SER C 1041 -23.68 11.12 10.04
C SER C 1041 -24.59 10.33 10.98
N MET C 1042 -25.85 10.15 10.59
CA MET C 1042 -26.78 9.39 11.39
C MET C 1042 -26.46 7.90 11.41
N ILE C 1043 -25.56 7.44 10.55
CA ILE C 1043 -25.20 6.03 10.52
C ILE C 1043 -24.17 5.69 11.59
N THR C 1044 -23.32 6.65 11.95
CA THR C 1044 -22.34 6.44 13.00
C THR C 1044 -22.21 7.62 13.96
N GLN C 1045 -22.97 8.69 13.76
CA GLN C 1045 -23.00 9.87 14.64
C GLN C 1045 -21.70 10.67 14.61
N GLN C 1046 -20.77 10.32 13.73
CA GLN C 1046 -19.53 11.06 13.61
C GLN C 1046 -19.69 12.24 12.66
N PRO C 1047 -18.84 13.25 12.78
CA PRO C 1047 -18.90 14.36 11.81
C PRO C 1047 -18.76 13.87 10.38
N LEU C 1048 -19.50 14.51 9.48
CA LEU C 1048 -19.47 14.14 8.08
C LEU C 1048 -18.08 14.38 7.50
N GLY C 1049 -17.90 13.93 6.26
CA GLY C 1049 -16.64 14.11 5.56
C GLY C 1049 -16.80 14.79 4.21
N GLY C 1050 -16.24 15.98 4.07
CA GLY C 1050 -16.32 16.70 2.82
C GLY C 1050 -16.47 18.20 3.00
N LYS C 1051 -15.85 18.98 2.11
CA LYS C 1051 -15.97 20.43 2.19
C LYS C 1051 -17.40 20.88 1.95
N ALA C 1052 -18.07 20.29 0.96
CA ALA C 1052 -19.45 20.66 0.66
C ALA C 1052 -20.43 20.14 1.70
N GLN C 1053 -20.03 19.13 2.48
CA GLN C 1053 -20.84 18.61 3.58
C GLN C 1053 -20.49 19.23 4.92
N PHE C 1054 -19.58 20.21 4.95
CA PHE C 1054 -19.18 20.87 6.19
C PHE C 1054 -18.72 19.85 7.21
N GLY C 1055 -17.91 18.89 6.77
CA GLY C 1055 -17.44 17.81 7.60
C GLY C 1055 -16.20 18.19 8.39
N GLY C 1056 -15.61 17.18 9.04
CA GLY C 1056 -14.40 17.34 9.80
C GLY C 1056 -13.22 16.63 9.15
N GLN C 1057 -12.04 16.93 9.66
CA GLN C 1057 -10.82 16.31 9.16
C GLN C 1057 -10.67 14.90 9.73
N ARG C 1058 -10.08 14.02 8.92
CA ARG C 1058 -9.80 12.67 9.38
C ARG C 1058 -8.70 12.67 10.42
N PHE C 1059 -8.93 11.97 11.52
CA PHE C 1059 -7.93 11.73 12.55
C PHE C 1059 -7.59 10.25 12.48
N GLY C 1060 -6.61 9.92 11.66
CA GLY C 1060 -6.32 8.54 11.34
C GLY C 1060 -5.62 7.81 12.47
N GLU C 1061 -5.52 6.49 12.29
CA GLU C 1061 -4.88 5.65 13.29
C GLU C 1061 -3.40 6.00 13.45
N MET C 1062 -2.72 6.32 12.34
CA MET C 1062 -1.34 6.76 12.45
C MET C 1062 -1.24 8.07 13.22
N GLU C 1063 -2.23 8.95 13.09
CA GLU C 1063 -2.26 10.14 13.94
C GLU C 1063 -2.43 9.76 15.41
N CYS C 1064 -3.23 8.72 15.68
CA CYS C 1064 -3.33 8.22 17.05
C CYS C 1064 -1.97 7.73 17.55
N TRP C 1065 -1.23 7.02 16.70
CA TRP C 1065 0.11 6.58 17.08
C TRP C 1065 1.01 7.77 17.38
N ALA C 1066 0.94 8.81 16.53
CA ALA C 1066 1.78 9.98 16.75
C ALA C 1066 1.45 10.65 18.07
N MET C 1067 0.16 10.77 18.39
CA MET C 1067 -0.24 11.34 19.68
C MET C 1067 0.23 10.46 20.83
N GLN C 1068 0.17 9.13 20.66
CA GLN C 1068 0.62 8.23 21.70
C GLN C 1068 2.12 8.40 21.96
N ALA C 1069 2.91 8.57 20.89
CA ALA C 1069 4.34 8.73 21.06
C ALA C 1069 4.67 9.98 21.87
N TYR C 1070 3.88 11.04 21.71
CA TYR C 1070 4.06 12.24 22.53
C TYR C 1070 3.72 12.00 23.99
N GLY C 1071 2.98 10.93 24.29
CA GLY C 1071 2.48 10.74 25.64
C GLY C 1071 1.35 11.68 25.99
N ALA C 1072 0.67 12.25 25.00
CA ALA C 1072 -0.43 13.18 25.23
C ALA C 1072 -1.73 12.39 25.32
N ALA C 1073 -1.93 11.78 26.48
CA ALA C 1073 -3.14 10.97 26.67
C ALA C 1073 -4.39 11.82 26.64
N TYR C 1074 -4.35 12.99 27.28
CA TYR C 1074 -5.55 13.81 27.39
C TYR C 1074 -6.04 14.29 26.03
N THR C 1075 -5.12 14.78 25.20
CA THR C 1075 -5.50 15.27 23.88
C THR C 1075 -6.05 14.14 23.01
N LEU C 1076 -5.41 12.98 23.06
CA LEU C 1076 -5.89 11.84 22.28
C LEU C 1076 -7.28 11.42 22.71
N GLN C 1077 -7.51 11.33 24.03
CA GLN C 1077 -8.82 10.98 24.53
C GLN C 1077 -9.86 12.01 24.12
N GLU C 1078 -9.51 13.30 24.21
CA GLU C 1078 -10.43 14.35 23.82
C GLU C 1078 -10.80 14.25 22.35
N LEU C 1079 -9.80 13.97 21.49
CA LEU C 1079 -10.07 13.82 20.07
C LEU C 1079 -10.99 12.63 19.81
N LEU C 1080 -10.74 11.51 20.49
CA LEU C 1080 -11.49 10.29 20.18
C LEU C 1080 -12.90 10.30 20.76
N THR C 1081 -13.11 10.97 21.90
CA THR C 1081 -14.37 10.88 22.63
C THR C 1081 -15.29 12.07 22.38
N ILE C 1082 -14.83 13.28 22.75
CA ILE C 1082 -15.70 14.44 22.72
C ILE C 1082 -15.95 14.88 21.27
N LYS C 1083 -14.90 14.99 20.48
CA LYS C 1083 -14.99 15.65 19.19
C LYS C 1083 -15.61 14.80 18.09
N SER C 1084 -15.71 13.48 18.27
CA SER C 1084 -16.24 12.62 17.22
C SER C 1084 -17.51 11.89 17.63
N ASP C 1085 -17.50 11.16 18.76
CA ASP C 1085 -18.55 10.20 19.07
C ASP C 1085 -19.50 10.68 20.16
N ASP C 1086 -18.98 11.06 21.33
CA ASP C 1086 -19.85 11.34 22.47
C ASP C 1086 -20.79 12.51 22.17
N THR C 1087 -22.08 12.23 22.03
CA THR C 1087 -23.08 13.28 21.83
C THR C 1087 -23.31 14.08 23.11
N VAL C 1088 -23.49 13.39 24.24
CA VAL C 1088 -23.72 14.08 25.49
C VAL C 1088 -22.49 14.89 25.88
N GLY C 1089 -21.30 14.27 25.76
CA GLY C 1089 -20.07 15.01 26.00
C GLY C 1089 -19.88 16.14 25.01
N ARG C 1090 -20.24 15.92 23.75
CA ARG C 1090 -20.18 16.97 22.74
C ARG C 1090 -20.96 18.21 23.19
N VAL C 1091 -22.26 18.02 23.47
CA VAL C 1091 -23.11 19.15 23.83
C VAL C 1091 -22.66 19.75 25.15
N LYS C 1092 -22.24 18.91 26.10
CA LYS C 1092 -21.78 19.41 27.38
C LYS C 1092 -20.57 20.31 27.22
N VAL C 1093 -19.60 19.90 26.40
CA VAL C 1093 -18.40 20.71 26.20
C VAL C 1093 -18.76 21.99 25.48
N TYR C 1094 -19.67 21.92 24.51
CA TYR C 1094 -20.08 23.14 23.81
C TYR C 1094 -20.69 24.14 24.77
N GLU C 1095 -21.61 23.68 25.63
CA GLU C 1095 -22.23 24.57 26.61
C GLU C 1095 -21.20 25.11 27.60
N ALA C 1096 -20.27 24.24 28.03
CA ALA C 1096 -19.24 24.69 28.97
C ALA C 1096 -18.38 25.79 28.36
N ILE C 1097 -18.00 25.63 27.09
CA ILE C 1097 -17.18 26.66 26.43
C ILE C 1097 -17.96 27.95 26.33
N VAL C 1098 -19.21 27.89 25.86
CA VAL C 1098 -19.97 29.12 25.67
C VAL C 1098 -20.35 29.76 27.00
N LYS C 1099 -20.30 29.03 28.11
CA LYS C 1099 -20.58 29.58 29.42
C LYS C 1099 -19.33 29.92 30.22
N GLY C 1100 -18.15 29.76 29.64
CA GLY C 1100 -16.92 30.17 30.31
C GLY C 1100 -16.58 29.40 31.57
N GLU C 1101 -16.72 28.08 31.53
CA GLU C 1101 -16.33 27.22 32.64
C GLU C 1101 -15.46 26.09 32.12
N ASN C 1102 -14.54 25.62 32.96
CA ASN C 1102 -13.57 24.63 32.53
C ASN C 1102 -14.27 23.39 31.99
N ILE C 1103 -13.74 22.84 30.90
CA ILE C 1103 -14.39 21.73 30.22
C ILE C 1103 -14.46 20.53 31.16
N PRO C 1104 -15.56 19.77 31.20
CA PRO C 1104 -15.65 18.67 32.16
C PRO C 1104 -14.82 17.46 31.77
N GLU C 1105 -14.90 16.40 32.58
CA GLU C 1105 -14.07 15.22 32.40
C GLU C 1105 -14.86 14.15 31.64
N PRO C 1106 -14.46 13.77 30.43
CA PRO C 1106 -15.12 12.63 29.78
C PRO C 1106 -14.87 11.33 30.54
N GLY C 1107 -15.86 10.45 30.49
CA GLY C 1107 -15.74 9.17 31.16
C GLY C 1107 -17.01 8.36 30.97
N ILE C 1108 -16.87 7.07 31.26
CA ILE C 1108 -17.98 6.11 31.13
C ILE C 1108 -18.64 6.30 29.76
N PRO C 1109 -17.95 6.00 28.66
CA PRO C 1109 -18.55 6.22 27.34
C PRO C 1109 -19.80 5.38 27.11
N GLU C 1110 -20.71 5.93 26.30
CA GLU C 1110 -21.93 5.21 25.95
C GLU C 1110 -21.62 3.86 25.33
N SER C 1111 -20.67 3.84 24.38
CA SER C 1111 -20.31 2.60 23.73
C SER C 1111 -19.63 1.63 24.68
N PHE C 1112 -19.09 2.14 25.80
CA PHE C 1112 -18.65 1.25 26.87
C PHE C 1112 -19.80 0.77 27.73
N LYS C 1113 -20.82 1.62 27.95
CA LYS C 1113 -21.97 1.19 28.73
C LYS C 1113 -22.74 0.09 28.03
N VAL C 1114 -22.85 0.17 26.70
CA VAL C 1114 -23.53 -0.90 25.97
C VAL C 1114 -22.78 -2.22 26.13
N LEU C 1115 -21.44 -2.17 26.04
CA LEU C 1115 -20.65 -3.37 26.24
C LEU C 1115 -20.79 -3.91 27.65
N LEU C 1116 -20.80 -3.03 28.65
CA LEU C 1116 -20.95 -3.47 30.03
C LEU C 1116 -22.31 -4.13 30.24
N LYS C 1117 -23.37 -3.57 29.67
CA LYS C 1117 -24.69 -4.17 29.81
C LYS C 1117 -24.78 -5.49 29.05
N GLU C 1118 -24.11 -5.61 27.90
CA GLU C 1118 -24.05 -6.90 27.23
C GLU C 1118 -23.34 -7.93 28.09
N LEU C 1119 -22.23 -7.55 28.72
CA LEU C 1119 -21.53 -8.48 29.60
C LEU C 1119 -22.41 -8.91 30.76
N GLN C 1120 -23.15 -7.96 31.35
CA GLN C 1120 -24.08 -8.32 32.42
C GLN C 1120 -25.16 -9.26 31.91
N SER C 1121 -25.60 -9.07 30.67
CA SER C 1121 -26.62 -9.94 30.10
C SER C 1121 -26.17 -11.39 30.06
N LEU C 1122 -24.87 -11.62 29.87
CA LEU C 1122 -24.31 -12.98 29.89
C LEU C 1122 -24.04 -13.49 31.30
N CYS C 1123 -24.64 -12.87 32.32
CA CYS C 1123 -24.49 -13.26 33.71
C CYS C 1123 -23.07 -13.05 34.23
N LEU C 1124 -22.27 -12.25 33.55
CA LEU C 1124 -20.92 -11.92 34.00
C LEU C 1124 -20.98 -10.67 34.90
N ASN C 1125 -20.62 -10.84 36.17
CA ASN C 1125 -20.64 -9.75 37.13
C ASN C 1125 -19.42 -8.87 36.90
N VAL C 1126 -19.53 -7.99 35.91
CA VAL C 1126 -18.47 -7.04 35.61
C VAL C 1126 -18.58 -5.87 36.59
N GLU C 1127 -17.49 -5.59 37.29
CA GLU C 1127 -17.48 -4.55 38.31
C GLU C 1127 -16.27 -3.65 38.11
N VAL C 1128 -16.45 -2.35 38.34
CA VAL C 1128 -15.39 -1.36 38.23
C VAL C 1128 -14.80 -1.15 39.62
N LEU C 1129 -13.48 -1.27 39.73
CA LEU C 1129 -12.80 -1.26 41.01
C LEU C 1129 -12.17 0.10 41.26
N SER C 1130 -12.37 0.64 42.47
CA SER C 1130 -11.77 1.90 42.88
C SER C 1130 -10.44 1.58 43.55
N SER C 1131 -9.34 1.78 42.81
CA SER C 1131 -8.01 1.50 43.32
C SER C 1131 -6.99 2.47 42.75
N PHE D 6 -12.15 8.21 38.23
CA PHE D 6 -11.16 7.30 37.65
C PHE D 6 -11.21 5.94 38.32
N PHE D 7 -10.82 4.90 37.58
CA PHE D 7 -10.71 3.56 38.11
C PHE D 7 -9.46 2.92 37.54
N ASP D 8 -8.86 1.99 38.32
CA ASP D 8 -7.60 1.38 37.96
C ASP D 8 -7.72 -0.07 37.52
N GLU D 9 -8.77 -0.78 37.92
CA GLU D 9 -8.90 -2.19 37.61
C GLU D 9 -10.31 -2.49 37.15
N LEU D 10 -10.44 -3.55 36.36
CA LEU D 10 -11.73 -4.01 35.86
C LEU D 10 -11.79 -5.52 36.02
N ARG D 11 -12.84 -6.02 36.67
CA ARG D 11 -12.97 -7.43 36.98
C ARG D 11 -14.33 -7.93 36.52
N ILE D 12 -14.36 -9.18 36.06
CA ILE D 12 -15.60 -9.88 35.73
C ILE D 12 -15.67 -11.14 36.57
N GLY D 13 -16.78 -11.31 37.30
CA GLY D 13 -17.08 -12.52 38.01
C GLY D 13 -18.33 -13.18 37.46
N LEU D 14 -18.67 -14.31 38.06
CA LEU D 14 -19.87 -15.05 37.71
C LEU D 14 -20.98 -14.67 38.69
N ALA D 15 -22.07 -14.13 38.18
CA ALA D 15 -23.12 -13.56 39.01
C ALA D 15 -24.01 -14.65 39.58
N THR D 16 -24.27 -14.57 40.88
CA THR D 16 -25.26 -15.43 41.50
C THR D 16 -26.66 -14.89 41.21
N ALA D 17 -27.66 -15.75 41.43
CA ALA D 17 -29.04 -15.36 41.14
C ALA D 17 -29.43 -14.10 41.90
N ASP D 18 -28.93 -13.92 43.12
CA ASP D 18 -29.24 -12.70 43.87
C ASP D 18 -28.69 -11.47 43.16
N ASP D 19 -27.47 -11.56 42.62
CA ASP D 19 -26.91 -10.43 41.90
C ASP D 19 -27.75 -10.09 40.67
N ILE D 20 -28.20 -11.11 39.94
CA ILE D 20 -29.05 -10.86 38.78
C ILE D 20 -30.35 -10.19 39.23
N ARG D 21 -30.91 -10.64 40.35
CA ARG D 21 -32.13 -10.02 40.86
C ARG D 21 -31.89 -8.55 41.20
N ASN D 22 -30.75 -8.24 41.82
CA ASN D 22 -30.48 -6.87 42.24
C ASN D 22 -30.37 -5.94 41.03
N TRP D 23 -29.74 -6.40 39.96
CA TRP D 23 -29.58 -5.56 38.77
C TRP D 23 -30.91 -5.13 38.18
N SER D 24 -31.98 -5.89 38.44
CA SER D 24 -33.23 -5.75 37.73
C SER D 24 -34.16 -4.73 38.39
N TYR D 25 -35.06 -4.16 37.58
CA TYR D 25 -36.09 -3.26 38.06
C TYR D 25 -37.47 -3.91 38.11
N GLY D 26 -37.66 -5.04 37.45
CA GLY D 26 -38.94 -5.73 37.46
C GLY D 26 -38.96 -6.94 36.54
N GLU D 27 -39.93 -7.83 36.75
CA GLU D 27 -40.03 -9.04 35.95
C GLU D 27 -40.64 -8.75 34.58
N VAL D 28 -40.10 -9.38 33.55
CA VAL D 28 -40.68 -9.34 32.21
C VAL D 28 -41.47 -10.63 32.06
N LYS D 29 -42.75 -10.57 32.41
CA LYS D 29 -43.59 -11.76 32.48
C LYS D 29 -44.38 -12.01 31.22
N LYS D 30 -44.71 -10.98 30.45
CA LYS D 30 -45.60 -11.13 29.31
C LYS D 30 -44.78 -11.34 28.05
N PRO D 31 -44.94 -12.45 27.33
CA PRO D 31 -44.17 -12.65 26.08
C PRO D 31 -44.80 -11.97 24.88
N GLU D 32 -44.78 -10.63 24.90
CA GLU D 32 -45.26 -9.85 23.78
C GLU D 32 -44.44 -8.57 23.70
N THR D 33 -44.23 -8.08 22.48
CA THR D 33 -43.38 -6.92 22.26
C THR D 33 -44.18 -5.63 22.23
N ILE D 34 -45.10 -5.50 21.27
CA ILE D 34 -45.91 -4.30 21.10
C ILE D 34 -47.24 -4.71 20.47
N ASN D 35 -48.30 -4.01 20.85
CA ASN D 35 -49.62 -4.26 20.27
C ASN D 35 -49.67 -3.68 18.86
N TYR D 36 -50.85 -3.74 18.24
CA TYR D 36 -51.06 -3.22 16.89
C TYR D 36 -51.83 -1.90 16.89
N ARG D 37 -52.98 -1.84 17.55
CA ARG D 37 -53.72 -0.58 17.65
C ARG D 37 -52.86 0.47 18.34
N THR D 38 -52.59 1.57 17.62
CA THR D 38 -51.74 2.66 18.08
C THR D 38 -50.41 2.17 18.66
N LEU D 39 -49.98 0.98 18.26
CA LEU D 39 -48.64 0.45 18.55
C LEU D 39 -48.14 0.85 19.93
N LYS D 40 -48.93 0.49 20.95
CA LYS D 40 -48.54 0.78 22.32
C LYS D 40 -47.96 -0.47 22.98
N PRO D 41 -46.78 -0.38 23.61
CA PRO D 41 -46.22 -1.58 24.25
C PRO D 41 -47.13 -2.13 25.33
N GLU D 42 -47.11 -3.46 25.47
CA GLU D 42 -47.91 -4.15 26.46
C GLU D 42 -47.33 -3.99 27.87
N LYS D 43 -48.20 -4.17 28.86
CA LYS D 43 -47.78 -4.20 30.25
C LYS D 43 -47.09 -5.52 30.56
N ASP D 44 -46.01 -5.43 31.34
CA ASP D 44 -45.17 -6.58 31.69
C ASP D 44 -44.53 -7.23 30.48
N GLY D 45 -44.56 -6.57 29.32
CA GLY D 45 -44.00 -7.11 28.10
C GLY D 45 -42.52 -6.83 27.98
N LEU D 46 -41.98 -7.13 26.79
CA LEU D 46 -40.57 -6.89 26.52
C LEU D 46 -40.24 -5.40 26.49
N PHE D 47 -41.25 -4.54 26.38
CA PHE D 47 -41.06 -3.10 26.33
C PHE D 47 -41.89 -2.39 27.40
N CYS D 48 -42.04 -3.01 28.56
CA CYS D 48 -42.93 -2.49 29.59
C CYS D 48 -42.45 -1.12 30.09
N GLU D 49 -43.40 -0.23 30.38
CA GLU D 49 -43.06 1.12 30.80
C GLU D 49 -42.54 1.15 32.24
N LYS D 50 -43.18 0.40 33.14
CA LYS D 50 -42.89 0.56 34.56
C LYS D 50 -41.54 -0.03 34.94
N ILE D 51 -41.07 -1.04 34.20
CA ILE D 51 -39.76 -1.62 34.50
C ILE D 51 -38.64 -0.79 33.87
N PHE D 52 -38.75 -0.52 32.57
CA PHE D 52 -37.68 0.15 31.85
C PHE D 52 -37.78 1.67 31.89
N GLY D 53 -38.99 2.22 31.95
CA GLY D 53 -39.17 3.65 32.05
C GLY D 53 -40.09 4.20 30.98
N PRO D 54 -40.06 5.52 30.77
CA PRO D 54 -40.91 6.13 29.74
C PRO D 54 -40.61 5.56 28.37
N THR D 55 -41.64 5.45 27.54
CA THR D 55 -41.49 4.77 26.26
C THR D 55 -40.38 5.39 25.42
N ARG D 56 -40.42 6.71 25.23
CA ARG D 56 -39.28 7.45 24.69
C ARG D 56 -38.84 8.56 25.63
N ASP D 57 -39.76 9.43 26.04
CA ASP D 57 -39.45 10.46 27.02
C ASP D 57 -40.71 11.11 27.56
N TRP D 58 -40.87 11.10 28.88
CA TRP D 58 -41.86 11.92 29.58
C TRP D 58 -43.29 11.56 29.18
N GLU D 59 -43.64 10.28 29.36
CA GLU D 59 -45.01 9.83 29.11
C GLU D 59 -45.17 8.47 29.77
N CYS D 60 -45.96 8.41 30.84
CA CYS D 60 -46.19 7.13 31.50
C CYS D 60 -47.25 6.33 30.76
N TYR D 61 -47.40 5.06 31.14
CA TYR D 61 -48.25 4.15 30.38
C TYR D 61 -49.69 4.62 30.35
N CYS D 62 -50.23 5.04 31.51
CA CYS D 62 -51.62 5.51 31.54
C CYS D 62 -51.78 6.89 30.93
N GLY D 63 -50.70 7.67 30.86
CA GLY D 63 -50.75 8.98 30.25
C GLY D 63 -51.19 10.10 31.16
N LYS D 64 -51.56 9.81 32.41
CA LYS D 64 -51.99 10.86 33.31
C LYS D 64 -50.84 11.72 33.82
N TYR D 65 -49.60 11.21 33.69
CA TYR D 65 -48.40 11.99 33.98
C TYR D 65 -47.66 12.22 32.68
N LYS D 66 -47.64 13.47 32.21
CA LYS D 66 -47.01 13.81 30.94
C LYS D 66 -46.21 15.10 31.03
N ARG D 67 -45.93 15.61 32.22
CA ARG D 67 -45.31 16.92 32.39
C ARG D 67 -43.84 16.76 32.73
N VAL D 68 -43.01 17.60 32.08
CA VAL D 68 -41.56 17.49 32.22
C VAL D 68 -41.09 17.81 33.64
N ARG D 69 -41.93 18.42 34.46
CA ARG D 69 -41.52 18.86 35.79
C ARG D 69 -41.43 17.70 36.78
N PHE D 70 -42.10 16.59 36.52
CA PHE D 70 -42.21 15.49 37.49
C PHE D 70 -40.93 14.65 37.51
N LYS D 71 -39.83 15.29 37.88
CA LYS D 71 -38.54 14.61 37.91
C LYS D 71 -38.52 13.49 38.94
N GLY D 72 -39.13 13.72 40.10
CA GLY D 72 -39.06 12.75 41.19
C GLY D 72 -40.41 12.25 41.65
N ILE D 73 -41.31 11.98 40.72
CA ILE D 73 -42.67 11.55 41.03
C ILE D 73 -42.88 10.14 40.52
N ILE D 74 -43.67 9.36 41.26
CA ILE D 74 -44.07 8.01 40.86
C ILE D 74 -45.55 8.07 40.52
N CYS D 75 -45.90 7.67 39.30
CA CYS D 75 -47.31 7.60 38.93
C CYS D 75 -47.99 6.51 39.74
N GLU D 76 -49.10 6.85 40.40
CA GLU D 76 -49.70 5.94 41.36
C GLU D 76 -50.15 4.65 40.69
N ARG D 77 -50.92 4.75 39.60
CA ARG D 77 -51.47 3.56 38.97
C ARG D 77 -50.41 2.79 38.19
N CYS D 78 -49.58 3.49 37.41
CA CYS D 78 -48.54 2.80 36.65
C CYS D 78 -47.39 2.37 37.56
N GLY D 79 -47.02 3.20 38.53
CA GLY D 79 -45.78 3.01 39.23
C GLY D 79 -44.56 3.42 38.43
N VAL D 80 -44.76 4.04 37.26
CA VAL D 80 -43.65 4.42 36.40
C VAL D 80 -42.91 5.59 37.03
N GLU D 81 -41.58 5.46 37.13
CA GLU D 81 -40.72 6.55 37.61
C GLU D 81 -40.15 7.25 36.39
N VAL D 82 -40.95 8.16 35.82
CA VAL D 82 -40.52 8.87 34.63
C VAL D 82 -39.27 9.66 34.95
N THR D 83 -38.21 9.44 34.18
CA THR D 83 -36.92 10.04 34.46
C THR D 83 -36.21 10.37 33.15
N ARG D 84 -35.30 11.33 33.23
CA ARG D 84 -34.54 11.79 32.07
C ARG D 84 -33.47 10.76 31.70
N ALA D 85 -32.66 11.12 30.71
CA ALA D 85 -31.49 10.35 30.28
C ALA D 85 -31.86 9.01 29.63
N LYS D 86 -33.10 8.86 29.18
CA LYS D 86 -33.54 7.65 28.49
C LYS D 86 -33.12 6.41 29.26
N VAL D 87 -33.67 6.28 30.47
CA VAL D 87 -33.24 5.23 31.38
C VAL D 87 -33.50 3.84 30.79
N ARG D 88 -34.54 3.70 29.96
CA ARG D 88 -34.87 2.39 29.43
C ARG D 88 -33.80 1.82 28.52
N ARG D 89 -32.85 2.63 28.05
CA ARG D 89 -31.72 2.10 27.31
C ARG D 89 -30.62 1.57 28.22
N GLU D 90 -30.69 1.87 29.52
CA GLU D 90 -29.69 1.40 30.48
C GLU D 90 -30.26 0.62 31.65
N ARG D 91 -31.57 0.70 31.91
CA ARG D 91 -32.19 -0.11 32.94
C ARG D 91 -32.58 -1.46 32.37
N MET D 92 -32.31 -2.52 33.14
CA MET D 92 -32.46 -3.89 32.69
C MET D 92 -33.34 -4.65 33.67
N GLY D 93 -33.91 -5.75 33.19
CA GLY D 93 -34.83 -6.56 33.96
C GLY D 93 -34.28 -7.93 34.28
N HIS D 94 -35.14 -8.76 34.88
CA HIS D 94 -34.81 -10.15 35.12
C HIS D 94 -36.04 -11.01 34.83
N ILE D 95 -35.80 -12.29 34.61
CA ILE D 95 -36.84 -13.29 34.41
C ILE D 95 -36.57 -14.43 35.39
N GLU D 96 -37.53 -14.69 36.27
CA GLU D 96 -37.45 -15.87 37.13
C GLU D 96 -37.96 -17.08 36.37
N LEU D 97 -37.18 -18.16 36.39
CA LEU D 97 -37.53 -19.37 35.68
C LEU D 97 -37.78 -20.50 36.67
N ALA D 98 -38.82 -21.28 36.41
CA ALA D 98 -39.27 -22.30 37.36
C ALA D 98 -38.30 -23.45 37.49
N ALA D 99 -37.34 -23.60 36.58
CA ALA D 99 -36.42 -24.72 36.61
C ALA D 99 -34.98 -24.22 36.47
N PRO D 100 -34.04 -24.81 37.20
CA PRO D 100 -32.63 -24.42 37.02
C PRO D 100 -32.13 -24.76 35.62
N VAL D 101 -31.16 -23.97 35.16
CA VAL D 101 -30.51 -24.20 33.88
C VAL D 101 -29.01 -23.94 34.03
N THR D 102 -28.21 -24.85 33.48
CA THR D 102 -26.76 -24.68 33.49
C THR D 102 -26.35 -23.70 32.41
N HIS D 103 -25.49 -22.75 32.78
CA HIS D 103 -24.98 -21.79 31.80
C HIS D 103 -24.24 -22.53 30.70
N ILE D 104 -24.56 -22.19 29.45
CA ILE D 104 -24.08 -22.99 28.31
C ILE D 104 -22.56 -22.90 28.18
N TRP D 105 -21.98 -21.73 28.47
CA TRP D 105 -20.54 -21.56 28.30
C TRP D 105 -19.75 -22.60 29.08
N TYR D 106 -20.24 -23.01 30.24
CA TYR D 106 -19.46 -23.86 31.13
C TYR D 106 -19.70 -25.35 30.89
N PHE D 107 -20.84 -25.71 30.30
CA PHE D 107 -21.10 -27.11 29.98
C PHE D 107 -20.45 -27.52 28.66
N LYS D 108 -20.89 -26.92 27.56
CA LYS D 108 -20.54 -27.40 26.23
C LYS D 108 -19.34 -26.63 25.71
N GLY D 109 -18.40 -27.36 25.11
CA GLY D 109 -17.16 -26.76 24.63
C GLY D 109 -15.99 -27.17 25.51
N VAL D 110 -15.18 -28.11 25.02
CA VAL D 110 -14.11 -28.69 25.82
C VAL D 110 -12.95 -27.71 25.93
N PRO D 111 -12.21 -27.69 27.06
CA PRO D 111 -12.46 -28.52 28.24
C PRO D 111 -13.69 -28.05 29.03
N SER D 112 -14.67 -28.93 29.19
CA SER D 112 -15.91 -28.56 29.87
C SER D 112 -15.60 -28.21 31.32
N ARG D 113 -15.66 -26.92 31.64
CA ARG D 113 -15.25 -26.46 32.97
C ARG D 113 -16.15 -27.05 34.05
N LEU D 114 -17.46 -27.09 33.82
CA LEU D 114 -18.34 -27.79 34.74
C LEU D 114 -18.00 -29.27 34.78
N GLY D 115 -17.77 -29.88 33.61
CA GLY D 115 -17.40 -31.28 33.58
C GLY D 115 -16.08 -31.55 34.28
N TYR D 116 -15.10 -30.68 34.08
CA TYR D 116 -13.82 -30.82 34.77
C TYR D 116 -14.01 -30.70 36.27
N LEU D 117 -14.84 -29.75 36.71
CA LEU D 117 -15.09 -29.57 38.14
C LEU D 117 -15.75 -30.80 38.75
N LEU D 118 -16.74 -31.36 38.06
CA LEU D 118 -17.52 -32.46 38.60
C LEU D 118 -16.87 -33.83 38.40
N ASP D 119 -15.86 -33.93 37.55
CA ASP D 119 -15.18 -35.16 37.15
C ASP D 119 -16.03 -35.96 36.16
N LEU D 120 -17.24 -35.54 35.85
CA LEU D 120 -18.09 -36.28 34.92
C LEU D 120 -17.73 -35.93 33.48
N ALA D 121 -17.75 -36.95 32.62
CA ALA D 121 -17.40 -36.75 31.23
C ALA D 121 -18.46 -35.88 30.55
N PRO D 122 -18.08 -35.14 29.50
CA PRO D 122 -19.05 -34.27 28.83
C PRO D 122 -20.25 -35.02 28.26
N LYS D 123 -20.07 -36.26 27.82
CA LYS D 123 -21.19 -37.02 27.27
C LYS D 123 -22.20 -37.38 28.36
N ASP D 124 -21.72 -37.91 29.48
CA ASP D 124 -22.61 -38.21 30.60
C ASP D 124 -23.23 -36.93 31.15
N LEU D 125 -22.46 -35.84 31.18
CA LEU D 125 -23.02 -34.57 31.64
C LEU D 125 -24.13 -34.10 30.70
N GLU D 126 -23.96 -34.29 29.40
CA GLU D 126 -25.04 -33.98 28.46
C GLU D 126 -26.26 -34.83 28.73
N LYS D 127 -26.05 -36.13 28.94
CA LYS D 127 -27.18 -37.01 29.22
C LYS D 127 -27.90 -36.62 30.49
N ILE D 128 -27.18 -36.05 31.46
CA ILE D 128 -27.81 -35.65 32.72
C ILE D 128 -28.53 -34.32 32.58
N ILE D 129 -27.87 -33.31 32.02
CA ILE D 129 -28.44 -31.97 31.95
C ILE D 129 -29.73 -31.98 31.13
N TYR D 130 -29.71 -32.66 29.98
CA TYR D 130 -30.80 -32.57 29.01
C TYR D 130 -31.82 -33.71 29.19
N PHE D 131 -31.99 -34.19 30.42
CA PHE D 131 -33.08 -35.11 30.77
C PHE D 131 -33.01 -36.39 29.94
N ALA D 132 -31.90 -37.11 30.15
CA ALA D 132 -31.72 -38.41 29.52
C ALA D 132 -31.20 -39.48 30.47
N ALA D 133 -30.77 -39.14 31.68
CA ALA D 133 -30.27 -40.13 32.63
C ALA D 133 -30.43 -39.57 34.04
N TYR D 134 -30.32 -40.48 35.02
CA TYR D 134 -30.47 -40.14 36.43
C TYR D 134 -29.13 -40.23 37.14
N VAL D 135 -28.86 -39.26 38.00
CA VAL D 135 -27.64 -39.22 38.79
C VAL D 135 -28.02 -39.15 40.26
N ILE D 136 -27.32 -39.94 41.08
CA ILE D 136 -27.67 -40.09 42.49
C ILE D 136 -27.02 -38.98 43.30
N THR D 137 -27.58 -38.74 44.48
CA THR D 137 -27.11 -37.71 45.41
C THR D 137 -27.17 -38.30 46.81
N SER D 138 -27.12 -37.42 47.82
CA SER D 138 -27.00 -37.83 49.22
C SER D 138 -27.71 -39.13 49.50
N VAL D 139 -27.00 -40.06 50.15
CA VAL D 139 -27.50 -41.40 50.43
C VAL D 139 -27.49 -41.62 51.93
N ASP D 140 -28.29 -42.58 52.37
CA ASP D 140 -28.33 -42.98 53.78
C ASP D 140 -27.14 -43.90 54.05
N ASP D 141 -26.25 -43.47 54.93
CA ASP D 141 -25.17 -44.32 55.41
C ASP D 141 -25.19 -44.51 56.92
N GLU D 142 -26.07 -43.80 57.64
CA GLU D 142 -26.14 -43.95 59.08
C GLU D 142 -26.83 -45.24 59.50
N MET D 143 -27.71 -45.79 58.65
CA MET D 143 -28.50 -46.95 59.05
C MET D 143 -28.50 -48.09 58.03
N ARG D 144 -28.30 -47.82 56.74
CA ARG D 144 -28.50 -48.88 55.76
C ARG D 144 -27.52 -50.03 55.93
N HIS D 145 -26.37 -49.78 56.56
CA HIS D 145 -25.38 -50.84 56.72
C HIS D 145 -25.95 -52.00 57.52
N ASN D 146 -26.68 -51.71 58.59
CA ASN D 146 -27.36 -52.75 59.35
C ASN D 146 -28.53 -53.35 58.56
N GLU D 147 -29.02 -52.67 57.54
CA GLU D 147 -30.13 -53.14 56.72
C GLU D 147 -29.70 -53.91 55.48
N LEU D 148 -28.40 -53.96 55.19
CA LEU D 148 -27.93 -54.66 54.01
C LEU D 148 -28.25 -56.14 54.07
N SER D 149 -28.07 -56.74 55.24
CA SER D 149 -28.39 -58.16 55.41
C SER D 149 -29.87 -58.42 55.18
N THR D 150 -30.74 -57.55 55.70
CA THR D 150 -32.17 -57.72 55.50
C THR D 150 -32.55 -57.54 54.05
N LEU D 151 -31.92 -56.59 53.36
CA LEU D 151 -32.19 -56.40 51.93
C LEU D 151 -31.77 -57.63 51.14
N GLU D 152 -30.59 -58.17 51.45
CA GLU D 152 -30.16 -59.40 50.79
C GLU D 152 -31.10 -60.55 51.09
N ALA D 153 -31.62 -60.62 52.32
CA ALA D 153 -32.57 -61.66 52.67
C ALA D 153 -33.86 -61.50 51.87
N GLU D 154 -34.31 -60.27 51.66
CA GLU D 154 -35.47 -60.03 50.81
C GLU D 154 -35.22 -60.55 49.39
N MET D 155 -34.05 -60.22 48.83
CA MET D 155 -33.74 -60.71 47.49
C MET D 155 -33.68 -62.23 47.48
N ALA D 156 -33.12 -62.84 48.52
CA ALA D 156 -32.98 -64.29 48.56
C ALA D 156 -34.34 -64.98 48.65
N VAL D 157 -35.24 -64.46 49.48
CA VAL D 157 -36.56 -65.08 49.61
C VAL D 157 -37.35 -64.94 48.31
N GLU D 158 -37.28 -63.76 47.67
CA GLU D 158 -37.98 -63.63 46.39
C GLU D 158 -37.34 -64.49 45.31
N LYS D 159 -36.02 -64.72 45.40
CA LYS D 159 -35.38 -65.64 44.46
C LYS D 159 -35.80 -67.07 44.69
N LYS D 160 -35.97 -67.48 45.96
CA LYS D 160 -36.48 -68.82 46.23
C LYS D 160 -37.91 -68.97 45.70
N ALA D 161 -38.73 -67.93 45.87
CA ALA D 161 -40.07 -67.95 45.28
C ALA D 161 -40.00 -68.06 43.76
N VAL D 162 -39.05 -67.35 43.15
CA VAL D 162 -38.88 -67.44 41.70
C VAL D 162 -38.49 -68.85 41.29
N GLU D 163 -37.62 -69.49 42.07
CA GLU D 163 -37.24 -70.87 41.78
C GLU D 163 -38.45 -71.80 41.85
N ASP D 164 -39.29 -71.63 42.86
CA ASP D 164 -40.48 -72.47 42.97
C ASP D 164 -41.42 -72.24 41.80
N GLN D 165 -41.60 -70.97 41.41
CA GLN D 165 -42.49 -70.67 40.28
C GLN D 165 -41.92 -71.23 38.98
N ARG D 166 -40.59 -71.17 38.81
CA ARG D 166 -39.95 -71.79 37.66
C ARG D 166 -40.20 -73.29 37.65
N ASP D 167 -40.08 -73.93 38.81
CA ASP D 167 -40.33 -75.36 38.89
C ASP D 167 -41.75 -75.68 38.45
N ALA D 168 -42.72 -74.90 38.93
CA ALA D 168 -44.11 -75.13 38.54
C ALA D 168 -44.33 -74.89 37.04
N ASP D 169 -43.72 -73.84 36.50
CA ASP D 169 -43.92 -73.50 35.09
C ASP D 169 -43.34 -74.59 34.18
N LEU D 170 -42.17 -75.11 34.54
CA LEU D 170 -41.58 -76.18 33.73
C LEU D 170 -42.28 -77.51 33.96
N GLU D 171 -42.78 -77.75 35.18
CA GLU D 171 -43.62 -78.91 35.43
C GLU D 171 -44.87 -78.88 34.57
N ALA D 172 -45.40 -77.69 34.29
CA ALA D 172 -46.55 -77.59 33.39
C ALA D 172 -46.23 -78.20 32.04
N ARG D 173 -45.12 -77.77 31.43
CA ARG D 173 -44.73 -78.30 30.13
C ARG D 173 -44.46 -79.79 30.20
N ALA D 174 -43.73 -80.23 31.22
CA ALA D 174 -43.39 -81.65 31.32
C ALA D 174 -44.64 -82.51 31.45
N GLN D 175 -45.55 -82.11 32.35
CA GLN D 175 -46.76 -82.87 32.57
C GLN D 175 -47.66 -82.88 31.33
N LYS D 176 -47.77 -81.74 30.64
CA LYS D 176 -48.62 -81.72 29.46
C LYS D 176 -48.01 -82.54 28.32
N LEU D 177 -46.68 -82.52 28.18
CA LEU D 177 -46.03 -83.40 27.22
C LEU D 177 -46.32 -84.86 27.54
N GLU D 178 -46.19 -85.23 28.82
CA GLU D 178 -46.44 -86.61 29.20
C GLU D 178 -47.89 -87.00 28.97
N ALA D 179 -48.84 -86.08 29.25
CA ALA D 179 -50.24 -86.40 29.04
C ALA D 179 -50.57 -86.53 27.55
N ASP D 180 -50.01 -85.66 26.72
CA ASP D 180 -50.22 -85.78 25.28
C ASP D 180 -49.67 -87.09 24.76
N LEU D 181 -48.48 -87.48 25.21
CA LEU D 181 -47.93 -88.76 24.78
C LEU D 181 -48.73 -89.93 25.34
N ALA D 182 -49.32 -89.76 26.53
CA ALA D 182 -50.17 -90.82 27.07
C ALA D 182 -51.41 -91.03 26.21
N GLU D 183 -52.06 -89.93 25.80
CA GLU D 183 -53.29 -90.03 25.03
C GLU D 183 -53.02 -90.32 23.55
N LEU D 184 -51.81 -90.10 23.06
CA LEU D 184 -51.48 -90.34 21.66
C LEU D 184 -50.80 -91.68 21.43
N GLU D 185 -49.76 -91.99 22.23
CA GLU D 185 -49.00 -93.22 22.06
C GLU D 185 -49.84 -94.46 22.33
N ALA D 186 -50.96 -94.32 23.05
CA ALA D 186 -51.86 -95.46 23.21
C ALA D 186 -52.35 -95.95 21.85
N GLU D 187 -52.39 -95.05 20.86
CA GLU D 187 -52.64 -95.43 19.48
C GLU D 187 -51.36 -95.92 18.81
N GLY D 188 -51.53 -96.81 17.83
CA GLY D 188 -50.40 -97.23 17.02
C GLY D 188 -50.01 -96.19 16.00
N ALA D 189 -49.64 -95.01 16.49
CA ALA D 189 -49.37 -93.87 15.62
C ALA D 189 -47.92 -93.86 15.15
N LYS D 190 -47.66 -93.05 14.14
CA LYS D 190 -46.33 -92.92 13.58
C LYS D 190 -45.43 -92.11 14.52
N SER D 191 -44.11 -92.20 14.27
CA SER D 191 -43.15 -91.51 15.11
C SER D 191 -43.30 -89.99 15.06
N ASP D 192 -43.93 -89.46 14.01
CA ASP D 192 -44.15 -88.02 13.94
C ASP D 192 -45.05 -87.54 15.08
N VAL D 193 -46.08 -88.32 15.41
CA VAL D 193 -46.96 -87.96 16.51
C VAL D 193 -46.17 -87.86 17.81
N ARG D 194 -45.16 -88.71 17.98
CA ARG D 194 -44.34 -88.67 19.18
C ARG D 194 -43.35 -87.50 19.15
N ARG D 195 -42.78 -87.20 17.98
CA ARG D 195 -41.73 -86.19 17.90
C ARG D 195 -42.29 -84.77 17.94
N LYS D 196 -43.48 -84.54 17.40
CA LYS D 196 -44.04 -83.19 17.39
C LYS D 196 -44.28 -82.70 18.82
N VAL D 197 -44.80 -83.57 19.68
CA VAL D 197 -45.04 -83.19 21.07
C VAL D 197 -43.73 -82.84 21.74
N ARG D 198 -42.69 -83.64 21.53
CA ARG D 198 -41.39 -83.33 22.10
C ARG D 198 -40.91 -81.96 21.63
N ASP D 199 -41.00 -81.70 20.33
CA ASP D 199 -40.51 -80.43 19.79
C ASP D 199 -41.23 -79.25 20.45
N SER D 200 -42.56 -79.27 20.42
CA SER D 200 -43.31 -78.13 20.95
C SER D 200 -43.10 -77.97 22.45
N GLY D 201 -43.21 -79.06 23.20
CA GLY D 201 -43.04 -78.99 24.63
C GLY D 201 -41.66 -78.51 25.03
N GLU D 202 -40.62 -78.97 24.32
CA GLU D 202 -39.27 -78.58 24.69
C GLU D 202 -38.97 -77.15 24.28
N ARG D 203 -39.58 -76.65 23.20
CA ARG D 203 -39.37 -75.24 22.86
C ARG D 203 -40.06 -74.34 23.88
N GLU D 204 -41.26 -74.70 24.32
CA GLU D 204 -41.88 -73.97 25.42
C GLU D 204 -41.04 -74.08 26.68
N MET D 205 -40.46 -75.25 26.93
CA MET D 205 -39.52 -75.44 28.03
C MET D 205 -38.38 -74.44 27.97
N ARG D 206 -37.79 -74.29 26.78
CA ARG D 206 -36.67 -73.36 26.63
C ARG D 206 -37.13 -71.93 26.89
N GLN D 207 -38.30 -71.54 26.37
CA GLN D 207 -38.77 -70.18 26.60
C GLN D 207 -38.98 -69.91 28.09
N LEU D 208 -39.61 -70.85 28.79
CA LEU D 208 -39.84 -70.67 30.23
C LEU D 208 -38.52 -70.62 30.99
N ARG D 209 -37.56 -71.48 30.64
CA ARG D 209 -36.26 -71.45 31.29
C ARG D 209 -35.55 -70.13 31.06
N ASP D 210 -35.64 -69.60 29.83
CA ASP D 210 -35.05 -68.30 29.54
C ASP D 210 -35.68 -67.23 30.42
N ARG D 211 -37.00 -67.24 30.56
CA ARG D 211 -37.65 -66.24 31.40
C ARG D 211 -37.18 -66.35 32.85
N ALA D 212 -37.08 -67.58 33.37
CA ALA D 212 -36.67 -67.76 34.76
C ALA D 212 -35.25 -67.27 34.97
N GLN D 213 -34.34 -67.63 34.07
CA GLN D 213 -32.95 -67.19 34.20
C GLN D 213 -32.84 -65.68 34.09
N ARG D 214 -33.63 -65.07 33.20
CA ARG D 214 -33.61 -63.61 33.08
C ARG D 214 -34.10 -62.96 34.37
N GLU D 215 -35.14 -63.52 34.99
CA GLU D 215 -35.62 -62.97 36.26
C GLU D 215 -34.54 -63.07 37.33
N LEU D 216 -33.86 -64.22 37.41
CA LEU D 216 -32.79 -64.37 38.40
C LEU D 216 -31.68 -63.36 38.15
N ASP D 217 -31.29 -63.17 36.89
CA ASP D 217 -30.25 -62.20 36.57
C ASP D 217 -30.69 -60.78 36.91
N ARG D 218 -31.97 -60.47 36.70
CA ARG D 218 -32.46 -59.13 37.04
C ARG D 218 -32.41 -58.90 38.54
N LEU D 219 -32.77 -59.91 39.32
CA LEU D 219 -32.67 -59.78 40.78
C LEU D 219 -31.22 -59.59 41.22
N ASP D 220 -30.31 -60.35 40.61
CA ASP D 220 -28.89 -60.17 40.90
C ASP D 220 -28.44 -58.77 40.54
N GLU D 221 -28.93 -58.24 39.42
CA GLU D 221 -28.59 -56.88 39.02
C GLU D 221 -29.10 -55.87 40.04
N ILE D 222 -30.31 -56.08 40.57
CA ILE D 222 -30.83 -55.18 41.59
C ILE D 222 -29.92 -55.18 42.80
N TRP D 223 -29.53 -56.38 43.27
CA TRP D 223 -28.63 -56.46 44.42
C TRP D 223 -27.31 -55.76 44.12
N ASN D 224 -26.75 -55.99 42.94
CA ASN D 224 -25.42 -55.48 42.62
C ASN D 224 -25.44 -53.96 42.46
N THR D 225 -26.51 -53.41 41.87
CA THR D 225 -26.60 -51.97 41.73
C THR D 225 -26.84 -51.30 43.07
N PHE D 226 -27.60 -51.94 43.97
CA PHE D 226 -27.78 -51.34 45.29
C PHE D 226 -26.49 -51.37 46.09
N THR D 227 -25.77 -52.49 46.08
CA THR D 227 -24.61 -52.61 46.96
C THR D 227 -23.50 -51.63 46.60
N LYS D 228 -23.51 -51.06 45.39
CA LYS D 228 -22.52 -50.07 44.99
C LYS D 228 -23.07 -48.65 44.94
N LEU D 229 -24.37 -48.46 45.16
CA LEU D 229 -24.98 -47.15 44.97
C LEU D 229 -24.31 -46.11 45.87
N ALA D 230 -23.96 -44.97 45.28
CA ALA D 230 -23.25 -43.91 45.98
C ALA D 230 -23.53 -42.59 45.28
N PRO D 231 -23.23 -41.47 45.92
CA PRO D 231 -23.51 -40.17 45.30
C PRO D 231 -22.81 -40.02 43.95
N LYS D 232 -23.39 -39.16 43.10
CA LYS D 232 -22.88 -38.80 41.78
C LYS D 232 -22.73 -40.00 40.86
N GLN D 233 -23.28 -41.15 41.21
CA GLN D 233 -23.29 -42.30 40.31
C GLN D 233 -24.40 -42.15 39.29
N LEU D 234 -24.23 -42.82 38.16
CA LEU D 234 -25.14 -42.70 37.02
C LEU D 234 -25.95 -43.97 36.84
N ILE D 235 -27.26 -43.81 36.65
CA ILE D 235 -28.16 -44.90 36.29
C ILE D 235 -29.03 -44.42 35.14
N VAL D 236 -29.16 -45.27 34.11
CA VAL D 236 -29.78 -44.85 32.85
C VAL D 236 -31.23 -45.32 32.80
N ASP D 237 -31.44 -46.63 32.91
CA ASP D 237 -32.77 -47.19 32.72
C ASP D 237 -33.77 -46.55 33.68
N GLU D 238 -34.91 -46.10 33.14
CA GLU D 238 -35.94 -45.51 33.98
C GLU D 238 -36.61 -46.57 34.84
N VAL D 239 -36.82 -47.77 34.29
CA VAL D 239 -37.51 -48.82 35.06
C VAL D 239 -36.71 -49.16 36.31
N LEU D 240 -35.41 -49.41 36.14
CA LEU D 240 -34.57 -49.78 37.28
C LEU D 240 -34.49 -48.65 38.29
N TYR D 241 -34.31 -47.41 37.81
CA TYR D 241 -34.19 -46.29 38.73
C TYR D 241 -35.49 -46.10 39.52
N ARG D 242 -36.63 -46.18 38.84
CA ARG D 242 -37.91 -45.97 39.52
C ARG D 242 -38.21 -47.10 40.49
N GLU D 243 -37.90 -48.35 40.11
CA GLU D 243 -38.12 -49.46 41.03
C GLU D 243 -37.22 -49.34 42.25
N LEU D 244 -35.96 -48.95 42.05
CA LEU D 244 -35.08 -48.72 43.18
C LEU D 244 -35.63 -47.61 44.07
N GLN D 245 -36.10 -46.52 43.46
CA GLN D 245 -36.66 -45.43 44.26
C GLN D 245 -37.82 -45.93 45.10
N ASP D 246 -38.89 -46.37 44.43
CA ASP D 246 -40.18 -46.65 45.06
C ASP D 246 -40.05 -47.19 46.48
N ARG D 247 -39.10 -48.10 46.71
CA ARG D 247 -38.89 -48.66 48.05
C ARG D 247 -37.53 -48.32 48.62
N TYR D 248 -36.44 -48.62 47.92
CA TYR D 248 -35.12 -48.48 48.51
C TYR D 248 -34.61 -47.04 48.53
N GLY D 249 -35.35 -46.09 47.95
CA GLY D 249 -34.92 -44.71 47.93
C GLY D 249 -34.99 -44.03 49.28
N GLU D 250 -35.61 -44.68 50.27
CA GLU D 250 -35.41 -44.28 51.64
C GLU D 250 -33.94 -44.28 52.04
N TYR D 251 -33.08 -44.88 51.21
CA TYR D 251 -31.65 -44.87 51.42
C TYR D 251 -30.89 -43.94 50.49
N PHE D 252 -31.50 -43.49 49.39
CA PHE D 252 -30.80 -42.64 48.43
C PHE D 252 -31.79 -41.68 47.78
N THR D 253 -31.25 -40.53 47.35
CA THR D 253 -32.00 -39.54 46.60
C THR D 253 -31.34 -39.32 45.25
N GLY D 254 -32.15 -38.98 44.25
CA GLY D 254 -31.62 -38.75 42.91
C GLY D 254 -32.61 -37.99 42.06
N ALA D 255 -32.13 -37.48 40.94
CA ALA D 255 -32.93 -36.72 39.98
C ALA D 255 -32.12 -36.59 38.70
N MET D 256 -32.65 -35.81 37.75
CA MET D 256 -31.97 -35.49 36.51
C MET D 256 -32.08 -33.99 36.26
N GLY D 257 -31.62 -33.56 35.09
CA GLY D 257 -31.71 -32.17 34.70
C GLY D 257 -30.74 -31.30 35.49
N ALA D 258 -30.83 -30.00 35.23
CA ALA D 258 -29.95 -29.06 35.92
C ALA D 258 -30.16 -29.10 37.43
N GLU D 259 -31.31 -29.59 37.89
CA GLU D 259 -31.55 -29.69 39.33
C GLU D 259 -30.53 -30.60 40.00
N SER D 260 -30.22 -31.75 39.37
CA SER D 260 -29.26 -32.67 39.96
C SER D 260 -27.87 -32.06 40.02
N ILE D 261 -27.45 -31.35 38.96
CA ILE D 261 -26.15 -30.70 38.97
C ILE D 261 -26.11 -29.61 40.05
N LYS D 262 -27.18 -28.83 40.17
CA LYS D 262 -27.24 -27.83 41.23
C LYS D 262 -27.09 -28.49 42.59
N LYS D 263 -27.81 -29.60 42.81
CA LYS D 263 -27.76 -30.27 44.10
C LYS D 263 -26.35 -30.78 44.40
N LEU D 264 -25.71 -31.40 43.41
CA LEU D 264 -24.40 -31.99 43.64
C LEU D 264 -23.28 -30.96 43.65
N ILE D 265 -23.50 -29.75 43.15
CA ILE D 265 -22.53 -28.68 43.36
C ILE D 265 -22.78 -27.96 44.68
N GLU D 266 -24.00 -28.02 45.21
CA GLU D 266 -24.24 -27.55 46.57
C GLU D 266 -23.45 -28.38 47.58
N ASN D 267 -23.39 -29.70 47.36
CA ASN D 267 -22.65 -30.60 48.23
C ASN D 267 -21.18 -30.73 47.82
N PHE D 268 -20.76 -30.06 46.76
CA PHE D 268 -19.37 -30.17 46.31
C PHE D 268 -18.42 -29.65 47.38
N ASP D 269 -17.35 -30.41 47.60
CA ASP D 269 -16.34 -30.10 48.60
C ASP D 269 -15.15 -29.46 47.87
N ILE D 270 -15.23 -28.15 47.64
CA ILE D 270 -14.21 -27.47 46.85
C ILE D 270 -12.84 -27.62 47.49
N ASP D 271 -12.76 -27.33 48.80
CA ASP D 271 -11.47 -27.38 49.47
C ASP D 271 -10.92 -28.81 49.50
N ALA D 272 -11.78 -29.79 49.81
CA ALA D 272 -11.32 -31.17 49.86
C ALA D 272 -10.92 -31.68 48.49
N GLU D 273 -11.69 -31.33 47.44
CA GLU D 273 -11.30 -31.71 46.10
C GLU D 273 -9.96 -31.11 45.70
N ALA D 274 -9.75 -29.83 46.03
CA ALA D 274 -8.46 -29.19 45.72
C ALA D 274 -7.33 -29.88 46.47
N GLU D 275 -7.55 -30.20 47.75
CA GLU D 275 -6.51 -30.87 48.52
C GLU D 275 -6.20 -32.25 47.94
N SER D 276 -7.24 -32.99 47.53
CA SER D 276 -7.01 -34.30 46.94
C SER D 276 -6.24 -34.20 45.64
N LEU D 277 -6.58 -33.22 44.80
CA LEU D 277 -5.86 -33.05 43.55
C LEU D 277 -4.40 -32.66 43.80
N ARG D 278 -4.17 -31.78 44.78
CA ARG D 278 -2.80 -31.40 45.12
C ARG D 278 -2.02 -32.61 45.61
N GLU D 279 -2.64 -33.44 46.46
CA GLU D 279 -1.97 -34.64 46.95
C GLU D 279 -1.67 -35.60 45.80
N VAL D 280 -2.59 -35.73 44.85
CA VAL D 280 -2.38 -36.64 43.72
C VAL D 280 -1.19 -36.17 42.89
N ILE D 281 -1.17 -34.88 42.54
CA ILE D 281 -0.08 -34.38 41.71
C ILE D 281 1.24 -34.43 42.46
N ARG D 282 1.21 -34.22 43.79
CA ARG D 282 2.43 -34.36 44.59
C ARG D 282 2.78 -35.82 44.79
N SER D 283 1.82 -36.64 45.19
CA SER D 283 2.03 -38.08 45.36
C SER D 283 1.59 -38.82 44.09
N GLY D 284 2.21 -38.43 42.97
CA GLY D 284 1.92 -39.04 41.69
C GLY D 284 3.10 -38.97 40.75
N LYS D 285 3.43 -40.10 40.11
CA LYS D 285 4.59 -40.20 39.24
C LYS D 285 4.26 -40.66 37.84
N GLY D 286 3.05 -41.17 37.58
CA GLY D 286 2.70 -41.71 36.30
C GLY D 286 2.40 -40.63 35.26
N GLN D 287 2.14 -41.10 34.04
CA GLN D 287 1.81 -40.18 32.95
C GLN D 287 0.39 -39.64 33.06
N LYS D 288 -0.52 -40.39 33.67
CA LYS D 288 -1.90 -39.93 33.82
C LYS D 288 -2.01 -38.70 34.70
N LYS D 289 -0.97 -38.40 35.49
CA LYS D 289 -1.08 -37.35 36.49
C LYS D 289 -1.50 -36.01 35.89
N LEU D 290 -1.18 -35.78 34.61
CA LEU D 290 -1.51 -34.50 34.00
C LEU D 290 -3.00 -34.18 34.15
N ARG D 291 -3.85 -35.22 34.16
CA ARG D 291 -5.28 -34.97 34.35
C ARG D 291 -5.52 -34.23 35.66
N ALA D 292 -5.03 -34.78 36.77
CA ALA D 292 -5.16 -34.09 38.05
C ALA D 292 -4.44 -32.75 38.01
N LEU D 293 -3.45 -32.61 37.14
CA LEU D 293 -2.77 -31.32 36.98
C LEU D 293 -3.69 -30.32 36.28
N LYS D 294 -4.42 -30.76 35.27
CA LYS D 294 -5.32 -29.86 34.55
C LYS D 294 -6.55 -29.52 35.38
N ARG D 295 -7.17 -30.54 35.97
CA ARG D 295 -8.44 -30.34 36.67
C ARG D 295 -8.29 -29.34 37.80
N LEU D 296 -7.16 -29.41 38.52
CA LEU D 296 -6.92 -28.45 39.60
C LEU D 296 -7.10 -27.02 39.10
N LYS D 297 -6.61 -26.72 37.90
CA LYS D 297 -6.75 -25.38 37.34
C LYS D 297 -8.21 -24.94 37.35
N VAL D 298 -9.11 -25.83 36.93
CA VAL D 298 -10.54 -25.49 36.93
C VAL D 298 -11.06 -25.43 38.36
N VAL D 299 -10.61 -26.33 39.23
CA VAL D 299 -11.19 -26.43 40.57
C VAL D 299 -10.72 -25.27 41.44
N ALA D 300 -9.40 -25.15 41.61
CA ALA D 300 -8.86 -24.14 42.52
C ALA D 300 -9.29 -22.73 42.13
N ALA D 301 -9.69 -22.52 40.87
CA ALA D 301 -10.17 -21.20 40.46
C ALA D 301 -11.28 -20.71 41.39
N PHE D 302 -12.13 -21.62 41.86
CA PHE D 302 -13.18 -21.26 42.80
C PHE D 302 -12.70 -21.26 44.25
N GLN D 303 -11.67 -22.05 44.56
CA GLN D 303 -11.12 -22.06 45.90
C GLN D 303 -10.30 -20.81 46.18
N GLN D 304 -9.54 -20.34 45.17
CA GLN D 304 -8.54 -19.30 45.42
C GLN D 304 -9.20 -18.02 45.91
N SER D 305 -10.31 -17.61 45.30
CA SER D 305 -10.95 -16.34 45.67
C SER D 305 -12.47 -16.46 45.78
N GLY D 306 -12.99 -17.66 46.04
CA GLY D 306 -14.43 -17.80 46.24
C GLY D 306 -15.16 -17.76 44.93
N ASN D 307 -16.26 -16.99 44.88
CA ASN D 307 -17.15 -16.93 43.73
C ASN D 307 -17.68 -18.34 43.42
N SER D 308 -18.44 -18.85 44.39
CA SER D 308 -18.95 -20.22 44.42
C SER D 308 -19.41 -20.67 43.04
N PRO D 309 -19.26 -21.96 42.71
CA PRO D 309 -19.66 -22.43 41.38
C PRO D 309 -21.17 -22.59 41.24
N MET D 310 -21.93 -22.12 42.22
CA MET D 310 -23.38 -22.11 42.09
C MET D 310 -23.82 -21.27 40.90
N GLY D 311 -22.99 -20.34 40.45
CA GLY D 311 -23.28 -19.58 39.25
C GLY D 311 -23.31 -20.42 37.98
N MET D 312 -22.78 -21.64 38.03
CA MET D 312 -22.89 -22.54 36.88
C MET D 312 -24.35 -22.79 36.52
N VAL D 313 -25.25 -22.71 37.49
CA VAL D 313 -26.68 -22.92 37.28
C VAL D 313 -27.40 -21.62 37.63
N LEU D 314 -28.41 -21.29 36.83
CA LEU D 314 -29.15 -20.04 36.96
C LEU D 314 -30.53 -20.31 37.52
N ASP D 315 -30.90 -19.58 38.56
CA ASP D 315 -32.27 -19.52 39.05
C ASP D 315 -32.99 -18.26 38.60
N ALA D 316 -32.31 -17.39 37.87
CA ALA D 316 -32.92 -16.20 37.27
C ALA D 316 -31.98 -15.69 36.19
N VAL D 317 -32.57 -15.20 35.10
CA VAL D 317 -31.82 -14.81 33.91
C VAL D 317 -32.06 -13.33 33.64
N PRO D 318 -31.03 -12.50 33.52
CA PRO D 318 -31.28 -11.08 33.24
C PRO D 318 -31.79 -10.87 31.82
N VAL D 319 -32.53 -9.78 31.63
CA VAL D 319 -33.00 -9.35 30.33
C VAL D 319 -32.44 -7.96 30.04
N ILE D 320 -31.77 -7.84 28.90
CA ILE D 320 -31.05 -6.64 28.47
C ILE D 320 -32.06 -5.52 28.27
N PRO D 321 -31.67 -4.24 28.39
CA PRO D 321 -32.63 -3.16 28.16
C PRO D 321 -33.24 -3.24 26.78
N PRO D 322 -34.53 -2.93 26.65
CA PRO D 322 -35.22 -3.15 25.37
C PRO D 322 -34.64 -2.36 24.20
N GLU D 323 -34.16 -1.13 24.43
CA GLU D 323 -33.71 -0.29 23.32
C GLU D 323 -32.47 -0.82 22.64
N LEU D 324 -31.79 -1.79 23.23
CA LEU D 324 -30.66 -2.44 22.56
C LEU D 324 -31.10 -3.56 21.62
N ARG D 325 -32.40 -3.84 21.55
CA ARG D 325 -32.93 -4.91 20.70
C ARG D 325 -34.22 -4.43 20.04
N PRO D 326 -34.14 -3.39 19.21
CA PRO D 326 -35.36 -2.81 18.65
C PRO D 326 -35.97 -3.68 17.56
N MET D 327 -37.21 -3.34 17.22
CA MET D 327 -37.95 -3.97 16.13
C MET D 327 -38.56 -2.86 15.26
N VAL D 328 -38.68 -3.13 13.96
CA VAL D 328 -39.09 -2.12 12.99
C VAL D 328 -40.26 -2.66 12.19
N GLN D 329 -41.45 -2.12 12.44
CA GLN D 329 -42.59 -2.40 11.57
C GLN D 329 -42.44 -1.60 10.27
N LEU D 330 -43.02 -2.13 9.20
CA LEU D 330 -42.84 -1.57 7.87
C LEU D 330 -44.17 -1.54 7.13
N ASP D 331 -44.20 -0.79 6.04
CA ASP D 331 -45.34 -0.81 5.14
C ASP D 331 -45.38 -2.14 4.39
N GLY D 332 -46.59 -2.49 3.92
CA GLY D 332 -46.78 -3.77 3.27
C GLY D 332 -46.89 -4.95 4.20
N GLY D 333 -46.99 -4.73 5.50
CA GLY D 333 -47.16 -5.81 6.45
C GLY D 333 -45.91 -6.60 6.77
N ARG D 334 -44.72 -6.03 6.54
CA ARG D 334 -43.47 -6.69 6.87
C ARG D 334 -42.92 -6.14 8.18
N PHE D 335 -42.12 -6.97 8.84
CA PHE D 335 -41.51 -6.62 10.13
C PHE D 335 -40.06 -7.05 10.15
N ALA D 336 -39.17 -6.13 10.48
CA ALA D 336 -37.74 -6.42 10.60
C ALA D 336 -37.37 -6.54 12.06
N THR D 337 -36.64 -7.60 12.39
CA THR D 337 -36.32 -7.95 13.77
C THR D 337 -34.82 -8.06 13.94
N SER D 338 -34.35 -7.70 15.14
CA SER D 338 -32.99 -7.99 15.53
C SER D 338 -32.78 -9.47 15.82
N ASP D 339 -33.86 -10.24 15.90
CA ASP D 339 -33.92 -11.70 15.97
C ASP D 339 -33.53 -12.24 17.34
N LEU D 340 -33.08 -11.42 18.29
CA LEU D 340 -32.89 -11.90 19.65
C LEU D 340 -34.13 -11.71 20.50
N ASN D 341 -34.99 -10.75 20.14
CA ASN D 341 -36.26 -10.61 20.83
C ASN D 341 -37.11 -11.88 20.70
N ASP D 342 -36.98 -12.58 19.58
CA ASP D 342 -37.72 -13.83 19.42
C ASP D 342 -37.25 -14.86 20.44
N LEU D 343 -35.95 -14.93 20.70
CA LEU D 343 -35.45 -15.88 21.69
C LEU D 343 -35.91 -15.51 23.09
N TYR D 344 -35.95 -14.21 23.42
CA TYR D 344 -36.47 -13.79 24.72
C TYR D 344 -37.94 -14.14 24.84
N ARG D 345 -38.72 -13.92 23.79
CA ARG D 345 -40.12 -14.31 23.79
C ARG D 345 -40.27 -15.80 24.00
N ARG D 346 -39.44 -16.59 23.32
CA ARG D 346 -39.49 -18.03 23.49
C ARG D 346 -39.20 -18.41 24.93
N VAL D 347 -38.18 -17.81 25.54
CA VAL D 347 -37.83 -18.15 26.92
C VAL D 347 -39.00 -17.83 27.85
N ILE D 348 -39.60 -16.65 27.67
CA ILE D 348 -40.73 -16.27 28.51
C ILE D 348 -41.89 -17.24 28.32
N ASN D 349 -42.15 -17.63 27.07
CA ASN D 349 -43.21 -18.60 26.80
C ASN D 349 -42.94 -19.93 27.49
N ARG D 350 -41.69 -20.41 27.41
CA ARG D 350 -41.38 -21.70 28.01
C ARG D 350 -41.61 -21.63 29.51
N ASN D 351 -41.15 -20.54 30.14
CA ASN D 351 -41.28 -20.40 31.58
C ASN D 351 -42.76 -20.33 31.99
N ASN D 352 -43.55 -19.53 31.27
CA ASN D 352 -44.96 -19.39 31.62
C ASN D 352 -45.70 -20.71 31.45
N ARG D 353 -45.45 -21.41 30.33
CA ARG D 353 -46.12 -22.69 30.12
C ARG D 353 -45.69 -23.71 31.15
N LEU D 354 -44.41 -23.71 31.53
CA LEU D 354 -43.96 -24.62 32.58
C LEU D 354 -44.65 -24.34 33.90
N LYS D 355 -44.77 -23.05 34.26
CA LYS D 355 -45.41 -22.71 35.52
C LYS D 355 -46.87 -23.14 35.52
N ARG D 356 -47.60 -22.82 34.45
CA ARG D 356 -49.00 -23.20 34.41
C ARG D 356 -49.19 -24.70 34.21
N LEU D 357 -48.15 -25.42 33.75
CA LEU D 357 -48.22 -26.87 33.69
C LEU D 357 -48.05 -27.48 35.07
N ILE D 358 -47.08 -27.00 35.84
CA ILE D 358 -46.84 -27.54 37.18
C ILE D 358 -47.93 -27.13 38.17
N ASP D 359 -48.74 -26.14 37.84
CA ASP D 359 -49.82 -25.72 38.73
C ASP D 359 -50.81 -26.85 38.95
N LEU D 360 -51.17 -27.56 37.88
CA LEU D 360 -52.15 -28.64 37.96
C LEU D 360 -51.53 -30.00 38.27
N GLY D 361 -50.21 -30.06 38.43
CA GLY D 361 -49.57 -31.32 38.73
C GLY D 361 -49.66 -32.31 37.58
N ALA D 362 -49.14 -31.92 36.42
CA ALA D 362 -49.17 -32.76 35.24
C ALA D 362 -48.18 -33.92 35.41
N PRO D 363 -48.29 -34.95 34.58
CA PRO D 363 -47.35 -36.08 34.69
C PRO D 363 -45.91 -35.61 34.56
N GLU D 364 -45.03 -36.25 35.34
CA GLU D 364 -43.66 -35.77 35.46
C GLU D 364 -42.91 -35.81 34.14
N ILE D 365 -43.29 -36.71 33.23
CA ILE D 365 -42.58 -36.79 31.96
C ILE D 365 -42.81 -35.54 31.12
N ILE D 366 -44.04 -35.04 31.09
CA ILE D 366 -44.33 -33.81 30.37
C ILE D 366 -43.60 -32.65 31.01
N VAL D 367 -43.50 -32.64 32.34
CA VAL D 367 -42.76 -31.61 33.05
C VAL D 367 -41.28 -31.66 32.65
N ASN D 368 -40.72 -32.86 32.56
CA ASN D 368 -39.33 -33.00 32.14
C ASN D 368 -39.13 -32.50 30.72
N ASN D 369 -40.07 -32.81 29.83
CA ASN D 369 -39.98 -32.31 28.47
C ASN D 369 -39.98 -30.78 28.45
N GLU D 370 -40.90 -30.18 29.21
CA GLU D 370 -40.97 -28.72 29.26
C GLU D 370 -39.71 -28.12 29.85
N LYS D 371 -39.14 -28.76 30.87
CA LYS D 371 -37.90 -28.28 31.46
C LYS D 371 -36.75 -28.33 30.46
N ARG D 372 -36.64 -29.43 29.72
CA ARG D 372 -35.60 -29.54 28.70
C ARG D 372 -35.78 -28.46 27.65
N MET D 373 -37.03 -28.22 27.24
CA MET D 373 -37.34 -27.17 26.28
C MET D 373 -36.91 -25.80 26.78
N LEU D 374 -37.25 -25.47 28.03
CA LEU D 374 -36.89 -24.17 28.57
C LEU D 374 -35.36 -24.02 28.65
N GLN D 375 -34.68 -25.08 29.09
CA GLN D 375 -33.22 -25.03 29.17
C GLN D 375 -32.61 -24.81 27.79
N GLU D 376 -33.11 -25.53 26.77
CA GLU D 376 -32.58 -25.35 25.43
C GLU D 376 -32.87 -23.95 24.90
N SER D 377 -34.05 -23.41 25.20
CA SER D 377 -34.37 -22.06 24.74
C SER D 377 -33.42 -21.04 25.35
N VAL D 378 -33.16 -21.15 26.66
CA VAL D 378 -32.25 -20.20 27.28
C VAL D 378 -30.83 -20.38 26.76
N ASP D 379 -30.43 -21.64 26.50
CA ASP D 379 -29.10 -21.88 25.95
C ASP D 379 -28.96 -21.24 24.57
N ALA D 380 -29.98 -21.38 23.72
CA ALA D 380 -29.96 -20.74 22.41
C ALA D 380 -29.92 -19.22 22.56
N LEU D 381 -30.66 -18.69 23.55
CA LEU D 381 -30.57 -17.26 23.83
C LEU D 381 -29.14 -16.86 24.18
N PHE D 382 -28.41 -17.73 24.87
CA PHE D 382 -27.05 -17.38 25.28
C PHE D 382 -26.06 -17.54 24.13
N ASP D 383 -26.10 -18.68 23.45
CA ASP D 383 -25.15 -18.96 22.38
C ASP D 383 -25.81 -19.84 21.34
N ASN D 384 -25.27 -19.78 20.12
CA ASN D 384 -25.74 -20.62 19.03
C ASN D 384 -24.55 -20.99 18.15
N GLY D 385 -24.73 -22.08 17.39
CA GLY D 385 -23.67 -22.60 16.55
C GLY D 385 -22.75 -23.60 17.24
N ARG D 386 -22.85 -23.75 18.56
CA ARG D 386 -22.04 -24.71 19.29
C ARG D 386 -22.76 -26.06 19.37
N ARG D 387 -23.94 -26.08 20.00
CA ARG D 387 -24.81 -27.25 19.90
C ARG D 387 -25.28 -27.44 18.46
N GLY D 388 -25.62 -26.34 17.79
CA GLY D 388 -26.08 -26.40 16.41
C GLY D 388 -26.66 -25.06 16.01
N ARG D 389 -27.11 -25.01 14.76
CA ARG D 389 -27.69 -23.77 14.26
C ARG D 389 -29.08 -23.57 14.86
N PRO D 390 -29.49 -22.32 15.08
CA PRO D 390 -30.74 -22.05 15.78
C PRO D 390 -31.94 -22.10 14.84
N VAL D 391 -33.11 -21.75 15.40
CA VAL D 391 -34.31 -21.65 14.58
C VAL D 391 -34.10 -20.54 13.54
N THR D 392 -34.80 -20.67 12.41
CA THR D 392 -34.66 -19.74 11.30
C THR D 392 -35.92 -18.93 11.05
N GLY D 393 -37.09 -19.54 11.10
CA GLY D 393 -38.34 -18.83 10.98
C GLY D 393 -38.42 -18.01 9.70
N PRO D 394 -38.70 -16.71 9.83
CA PRO D 394 -38.91 -15.87 8.62
C PRO D 394 -37.60 -15.66 7.88
N GLY D 395 -37.56 -16.10 6.63
CA GLY D 395 -36.36 -15.98 5.81
C GLY D 395 -35.25 -16.91 6.29
N ASN D 396 -34.32 -17.23 5.39
CA ASN D 396 -33.23 -18.15 5.72
C ASN D 396 -32.10 -17.41 6.42
N ARG D 397 -32.43 -16.87 7.60
CA ARG D 397 -31.47 -16.14 8.43
C ARG D 397 -31.52 -16.71 9.84
N PRO D 398 -30.38 -17.06 10.44
CA PRO D 398 -30.41 -17.56 11.81
C PRO D 398 -30.77 -16.46 12.80
N LEU D 399 -31.36 -16.88 13.93
CA LEU D 399 -31.72 -15.92 14.96
C LEU D 399 -30.48 -15.46 15.71
N LYS D 400 -30.41 -14.16 15.97
CA LYS D 400 -29.29 -13.57 16.69
C LYS D 400 -29.28 -14.05 18.13
N SER D 401 -28.09 -14.08 18.72
CA SER D 401 -27.90 -14.48 20.11
C SER D 401 -26.93 -13.53 20.79
N LEU D 402 -26.94 -13.57 22.12
CA LEU D 402 -26.13 -12.64 22.89
C LEU D 402 -24.64 -12.81 22.59
N SER D 403 -24.17 -14.05 22.49
CA SER D 403 -22.76 -14.28 22.26
C SER D 403 -22.28 -13.65 20.96
N ASP D 404 -23.14 -13.58 19.95
CA ASP D 404 -22.77 -12.95 18.68
C ASP D 404 -22.56 -11.45 18.85
N LEU D 405 -23.18 -10.83 19.85
CA LEU D 405 -22.91 -9.43 20.12
C LEU D 405 -21.46 -9.22 20.57
N LEU D 406 -20.88 -10.21 21.22
CA LEU D 406 -19.50 -10.15 21.66
C LEU D 406 -18.53 -10.60 20.58
N LYS D 407 -18.92 -11.62 19.81
CA LYS D 407 -18.04 -12.17 18.78
C LYS D 407 -17.93 -11.24 17.57
N GLY D 408 -19.06 -10.68 17.13
CA GLY D 408 -19.10 -10.00 15.85
C GLY D 408 -18.36 -8.68 15.86
N LYS D 409 -18.14 -8.16 14.64
CA LYS D 409 -17.49 -6.86 14.49
C LYS D 409 -18.30 -5.74 15.09
N GLN D 410 -19.58 -5.95 15.34
CA GLN D 410 -20.36 -4.99 16.12
C GLN D 410 -19.85 -4.97 17.55
N GLY D 411 -20.14 -3.87 18.24
CA GLY D 411 -19.71 -3.71 19.61
C GLY D 411 -18.35 -3.05 19.72
N ARG D 412 -17.69 -3.30 20.86
CA ARG D 412 -16.47 -2.62 21.23
C ARG D 412 -15.21 -3.45 20.99
N PHE D 413 -15.26 -4.76 21.23
CA PHE D 413 -14.04 -5.55 21.32
C PHE D 413 -13.27 -5.54 20.00
N ARG D 414 -13.95 -5.67 18.87
CA ARG D 414 -13.29 -5.70 17.57
C ARG D 414 -13.18 -4.27 17.05
N GLN D 415 -11.96 -3.86 16.74
CA GLN D 415 -11.70 -2.48 16.33
C GLN D 415 -12.18 -2.22 14.92
N ASN D 416 -12.30 -0.93 14.58
CA ASN D 416 -12.64 -0.51 13.23
C ASN D 416 -11.41 -0.25 12.38
N LEU D 417 -10.29 0.14 12.99
CA LEU D 417 -9.04 0.42 12.28
C LEU D 417 -9.18 1.54 11.26
N LEU D 418 -10.18 2.40 11.43
CA LEU D 418 -10.42 3.53 10.56
C LEU D 418 -10.44 4.81 11.39
N GLY D 419 -9.94 5.88 10.80
CA GLY D 419 -9.85 7.13 11.52
C GLY D 419 -11.20 7.78 11.75
N LYS D 420 -11.30 8.51 12.85
CA LYS D 420 -12.48 9.29 13.15
C LYS D 420 -12.41 10.65 12.44
N ARG D 421 -13.57 11.25 12.24
CA ARG D 421 -13.66 12.64 11.80
C ARG D 421 -14.00 13.51 13.00
N VAL D 422 -13.23 14.57 13.19
CA VAL D 422 -13.20 15.31 14.45
C VAL D 422 -13.69 16.73 14.23
N ASP D 423 -14.46 17.22 15.20
CA ASP D 423 -14.90 18.61 15.19
C ASP D 423 -13.72 19.54 15.51
N TYR D 424 -13.99 20.84 15.44
CA TYR D 424 -12.98 21.86 15.73
C TYR D 424 -11.71 21.62 14.92
N SER D 425 -11.90 21.33 13.63
CA SER D 425 -10.80 21.04 12.73
C SER D 425 -10.99 21.81 11.43
N GLY D 426 -9.86 22.09 10.77
CA GLY D 426 -9.86 22.80 9.52
C GLY D 426 -8.73 22.29 8.64
N ARG D 427 -8.65 22.85 7.43
CA ARG D 427 -7.72 22.35 6.43
C ARG D 427 -7.53 23.43 5.38
N SER D 428 -6.28 23.68 4.99
CA SER D 428 -6.01 24.74 4.03
C SER D 428 -4.62 24.57 3.42
N VAL D 429 -4.40 25.29 2.33
CA VAL D 429 -3.11 25.29 1.65
C VAL D 429 -2.08 26.01 2.50
N ILE D 430 -0.82 25.57 2.41
CA ILE D 430 0.27 26.10 3.21
C ILE D 430 1.19 26.94 2.33
N VAL D 431 1.71 28.02 2.89
CA VAL D 431 2.69 28.88 2.23
C VAL D 431 3.82 29.16 3.20
N VAL D 432 4.94 29.62 2.67
CA VAL D 432 6.15 29.83 3.46
C VAL D 432 6.01 31.12 4.26
N GLY D 433 6.01 31.01 5.58
CA GLY D 433 6.07 32.14 6.48
C GLY D 433 7.48 32.45 6.95
N PRO D 434 8.34 32.98 6.08
CA PRO D 434 9.74 33.19 6.47
C PRO D 434 9.92 34.11 7.66
N GLN D 435 9.00 35.05 7.89
CA GLN D 435 9.13 35.97 9.01
C GLN D 435 8.72 35.35 10.34
N LEU D 436 8.00 34.24 10.32
CA LEU D 436 7.50 33.64 11.54
C LEU D 436 8.65 33.11 12.41
N LYS D 437 8.43 33.14 13.72
CA LYS D 437 9.32 32.45 14.65
C LYS D 437 8.99 30.95 14.65
N LEU D 438 9.94 30.17 15.15
CA LEU D 438 9.83 28.71 15.04
C LEU D 438 8.56 28.19 15.71
N HIS D 439 8.09 28.85 16.76
CA HIS D 439 6.91 28.41 17.50
C HIS D 439 5.62 29.01 16.96
N GLN D 440 5.69 29.84 15.92
CA GLN D 440 4.54 30.58 15.42
C GLN D 440 4.05 29.99 14.10
N CYS D 441 2.76 30.14 13.85
CA CYS D 441 2.17 29.77 12.57
C CYS D 441 1.18 30.86 12.17
N GLY D 442 0.93 30.96 10.87
CA GLY D 442 -0.02 31.91 10.33
C GLY D 442 -1.32 31.22 9.98
N LEU D 443 -2.41 31.68 10.59
CA LEU D 443 -3.72 31.07 10.41
C LEU D 443 -4.64 32.06 9.71
N PRO D 444 -5.38 31.63 8.68
CA PRO D 444 -6.33 32.55 8.03
C PRO D 444 -7.40 33.03 9.00
N LYS D 445 -7.87 34.25 8.77
CA LYS D 445 -8.88 34.83 9.65
C LYS D 445 -10.16 33.98 9.63
N LEU D 446 -10.58 33.54 8.46
CA LEU D 446 -11.81 32.75 8.37
C LEU D 446 -11.68 31.43 9.12
N MET D 447 -10.54 30.75 8.95
CA MET D 447 -10.32 29.50 9.67
C MET D 447 -10.31 29.72 11.17
N ALA D 448 -9.66 30.80 11.62
CA ALA D 448 -9.64 31.10 13.05
C ALA D 448 -11.03 31.38 13.57
N LEU D 449 -11.82 32.16 12.83
CA LEU D 449 -13.17 32.50 13.27
C LEU D 449 -14.06 31.27 13.34
N GLU D 450 -13.92 30.35 12.38
CA GLU D 450 -14.75 29.14 12.42
C GLU D 450 -14.29 28.18 13.50
N LEU D 451 -12.97 28.02 13.67
CA LEU D 451 -12.46 27.12 14.70
C LEU D 451 -12.79 27.62 16.10
N PHE D 452 -12.61 28.93 16.34
CA PHE D 452 -12.82 29.53 17.65
C PHE D 452 -14.23 30.10 17.81
N LYS D 453 -15.22 29.52 17.14
CA LYS D 453 -16.57 30.08 17.15
C LYS D 453 -17.13 30.22 18.56
N PRO D 454 -17.13 29.20 19.41
CA PRO D 454 -17.74 29.36 20.73
C PRO D 454 -16.97 30.33 21.63
N PHE D 455 -15.64 30.36 21.55
CA PHE D 455 -14.88 31.33 22.33
C PHE D 455 -15.22 32.76 21.90
N VAL D 456 -15.31 32.99 20.59
CA VAL D 456 -15.67 34.30 20.09
C VAL D 456 -17.09 34.67 20.53
N MET D 457 -18.00 33.71 20.50
CA MET D 457 -19.36 33.98 20.98
C MET D 457 -19.35 34.36 22.45
N LYS D 458 -18.58 33.64 23.26
CA LYS D 458 -18.51 33.96 24.68
C LYS D 458 -17.99 35.37 24.90
N ARG D 459 -16.87 35.71 24.27
CA ARG D 459 -16.30 37.03 24.49
C ARG D 459 -17.14 38.14 23.87
N LEU D 460 -17.96 37.81 22.86
CA LEU D 460 -18.96 38.76 22.39
C LEU D 460 -20.00 39.02 23.46
N VAL D 461 -20.45 37.96 24.13
CA VAL D 461 -21.44 38.13 25.19
C VAL D 461 -20.86 38.94 26.34
N ASP D 462 -19.62 38.63 26.75
CA ASP D 462 -19.02 39.31 27.89
C ASP D 462 -18.85 40.80 27.62
N LEU D 463 -18.40 41.16 26.42
CA LEU D 463 -18.12 42.54 26.07
C LEU D 463 -19.37 43.30 25.64
N ASN D 464 -20.57 42.75 25.85
CA ASN D 464 -21.84 43.38 25.57
C ASN D 464 -22.10 43.59 24.08
N HIS D 465 -21.22 43.07 23.21
CA HIS D 465 -21.47 43.18 21.78
C HIS D 465 -22.74 42.45 21.38
N ALA D 466 -22.96 41.26 21.94
CA ALA D 466 -24.16 40.47 21.73
C ALA D 466 -24.88 40.31 23.05
N GLN D 467 -26.19 40.57 23.05
CA GLN D 467 -26.97 40.49 24.28
C GLN D 467 -27.35 39.06 24.64
N ASN D 468 -27.11 38.09 23.76
CA ASN D 468 -27.48 36.71 24.05
C ASN D 468 -26.60 35.79 23.21
N ILE D 469 -26.54 34.52 23.62
CA ILE D 469 -25.76 33.53 22.88
C ILE D 469 -26.32 33.33 21.48
N LYS D 470 -27.65 33.35 21.35
CA LYS D 470 -28.25 33.26 20.03
C LYS D 470 -27.84 34.46 19.17
N SER D 471 -27.89 35.66 19.75
CA SER D 471 -27.45 36.85 19.04
C SER D 471 -25.97 36.76 18.69
N ALA D 472 -25.16 36.22 19.61
CA ALA D 472 -23.73 36.06 19.32
C ALA D 472 -23.51 35.10 18.16
N LYS D 473 -24.25 33.99 18.13
CA LYS D 473 -24.11 33.04 17.02
C LYS D 473 -24.51 33.68 15.71
N ARG D 474 -25.63 34.41 15.69
CA ARG D 474 -26.04 35.07 14.46
C ARG D 474 -25.01 36.12 14.04
N MET D 475 -24.43 36.83 15.00
CA MET D 475 -23.41 37.83 14.70
C MET D 475 -22.17 37.18 14.09
N VAL D 476 -21.75 36.05 14.64
CA VAL D 476 -20.57 35.37 14.11
C VAL D 476 -20.84 34.84 12.72
N GLU D 477 -22.00 34.21 12.51
CA GLU D 477 -22.33 33.69 11.19
C GLU D 477 -22.42 34.81 10.16
N ARG D 478 -23.04 35.94 10.54
CA ARG D 478 -23.10 37.08 9.64
C ARG D 478 -21.75 37.77 9.50
N GLN D 479 -20.80 37.49 10.40
CA GLN D 479 -19.45 38.05 10.34
C GLN D 479 -19.48 39.57 10.43
N ARG D 480 -20.12 40.08 11.48
CA ARG D 480 -20.11 41.51 11.75
C ARG D 480 -18.69 41.94 12.11
N PRO D 481 -18.35 43.21 11.89
CA PRO D 481 -16.95 43.63 12.10
C PRO D 481 -16.43 43.35 13.50
N GLN D 482 -17.26 43.55 14.53
CA GLN D 482 -16.78 43.47 15.90
C GLN D 482 -16.12 42.12 16.19
N VAL D 483 -16.60 41.04 15.56
CA VAL D 483 -16.06 39.72 15.85
C VAL D 483 -14.56 39.69 15.56
N TRP D 484 -14.14 40.35 14.47
CA TRP D 484 -12.72 40.34 14.12
C TRP D 484 -11.88 40.95 15.23
N ASP D 485 -12.42 41.95 15.94
CA ASP D 485 -11.72 42.51 17.08
C ASP D 485 -11.68 41.52 18.24
N VAL D 486 -12.78 40.80 18.47
CA VAL D 486 -12.84 39.86 19.59
C VAL D 486 -11.94 38.66 19.32
N LEU D 487 -11.89 38.19 18.06
CA LEU D 487 -11.12 37.00 17.74
C LEU D 487 -9.66 37.16 18.16
N GLU D 488 -9.07 38.32 17.86
CA GLU D 488 -7.67 38.52 18.19
C GLU D 488 -7.42 38.31 19.68
N GLU D 489 -8.43 38.56 20.52
CA GLU D 489 -8.27 38.35 21.95
C GLU D 489 -8.25 36.87 22.30
N VAL D 490 -9.15 36.09 21.71
CA VAL D 490 -9.31 34.70 22.13
C VAL D 490 -8.27 33.77 21.53
N ILE D 491 -7.62 34.17 20.43
CA ILE D 491 -6.67 33.30 19.77
C ILE D 491 -5.27 33.41 20.38
N ALA D 492 -5.01 34.45 21.18
CA ALA D 492 -3.68 34.65 21.73
C ALA D 492 -3.30 33.52 22.68
N GLU D 493 -2.06 33.04 22.55
CA GLU D 493 -1.48 32.03 23.42
C GLU D 493 -2.32 30.75 23.48
N HIS D 494 -3.14 30.51 22.45
CA HIS D 494 -3.91 29.28 22.37
C HIS D 494 -3.28 28.39 21.30
N PRO D 495 -2.59 27.32 21.67
CA PRO D 495 -1.88 26.53 20.65
C PRO D 495 -2.85 25.78 19.74
N VAL D 496 -2.38 25.51 18.53
CA VAL D 496 -3.13 24.74 17.54
C VAL D 496 -2.21 23.67 16.98
N LEU D 497 -2.76 22.49 16.71
CA LEU D 497 -2.00 21.35 16.21
C LEU D 497 -2.08 21.32 14.70
N LEU D 498 -0.93 21.42 14.04
CA LEU D 498 -0.84 21.28 12.59
C LEU D 498 -0.38 19.87 12.26
N ASN D 499 -1.05 19.27 11.27
CA ASN D 499 -0.80 17.88 10.89
C ASN D 499 -0.86 17.75 9.38
N ARG D 500 -0.05 16.84 8.85
CA ARG D 500 -0.05 16.54 7.41
C ARG D 500 0.02 15.02 7.25
N ALA D 501 -1.06 14.44 6.72
CA ALA D 501 -1.06 13.01 6.45
C ALA D 501 -0.27 12.70 5.17
N PRO D 502 0.38 11.53 5.10
CA PRO D 502 0.46 10.51 6.16
C PRO D 502 1.42 10.89 7.28
N THR D 503 1.06 10.55 8.51
CA THR D 503 1.88 10.85 9.68
C THR D 503 2.76 9.63 9.96
N LEU D 504 4.00 9.68 9.49
CA LEU D 504 4.91 8.55 9.63
C LEU D 504 5.74 8.60 10.91
N HIS D 505 5.66 9.67 11.68
CA HIS D 505 6.36 9.76 12.96
C HIS D 505 5.74 10.87 13.78
N ARG D 506 6.12 10.92 15.06
CA ARG D 506 5.47 11.83 16.00
C ARG D 506 5.60 13.28 15.56
N LEU D 507 6.70 13.64 14.90
CA LEU D 507 6.88 15.02 14.47
C LEU D 507 6.01 15.38 13.26
N GLY D 508 5.12 14.50 12.82
CA GLY D 508 4.12 14.86 11.83
C GLY D 508 2.98 15.69 12.35
N ILE D 509 2.87 15.81 13.68
CA ILE D 509 1.91 16.69 14.34
C ILE D 509 2.69 17.60 15.27
N GLN D 510 2.46 18.91 15.15
CA GLN D 510 3.20 19.86 15.97
C GLN D 510 2.29 21.01 16.39
N ALA D 511 2.56 21.53 17.58
CA ALA D 511 1.77 22.63 18.13
C ALA D 511 2.44 23.97 17.81
N PHE D 512 1.62 24.94 17.41
CA PHE D 512 2.09 26.26 17.05
C PHE D 512 1.19 27.32 17.67
N GLU D 513 1.76 28.51 17.89
CA GLU D 513 0.97 29.65 18.32
C GLU D 513 0.38 30.34 17.10
N PRO D 514 -0.94 30.49 17.00
CA PRO D 514 -1.52 31.11 15.80
C PRO D 514 -1.26 32.60 15.73
N GLN D 515 -1.28 33.10 14.50
CA GLN D 515 -1.33 34.53 14.21
C GLN D 515 -2.35 34.76 13.12
N LEU D 516 -3.32 35.63 13.37
CA LEU D 516 -4.31 35.93 12.33
C LEU D 516 -3.63 36.59 11.15
N VAL D 517 -3.88 36.07 9.95
CA VAL D 517 -3.28 36.61 8.74
C VAL D 517 -4.36 36.86 7.70
N GLU D 518 -4.15 37.90 6.90
CA GLU D 518 -4.96 38.11 5.72
C GLU D 518 -4.66 37.02 4.69
N GLY D 519 -5.64 36.74 3.84
CA GLY D 519 -5.52 35.64 2.90
C GLY D 519 -6.03 34.34 3.50
N LYS D 520 -5.98 33.30 2.68
CA LYS D 520 -6.58 32.01 3.02
C LYS D 520 -5.60 30.85 2.94
N ALA D 521 -4.29 31.14 2.89
CA ALA D 521 -3.27 30.10 2.97
C ALA D 521 -2.63 30.11 4.35
N ILE D 522 -2.31 28.93 4.85
CA ILE D 522 -1.65 28.81 6.15
C ILE D 522 -0.17 29.08 5.96
N GLN D 523 0.37 30.01 6.75
CA GLN D 523 1.79 30.35 6.69
C GLN D 523 2.56 29.40 7.60
N LEU D 524 3.44 28.60 7.01
CA LEU D 524 4.20 27.59 7.72
C LEU D 524 5.66 28.00 7.80
N HIS D 525 6.27 27.73 8.95
CA HIS D 525 7.66 28.09 9.15
C HIS D 525 8.55 27.26 8.24
N PRO D 526 9.55 27.87 7.59
CA PRO D 526 10.38 27.11 6.64
C PRO D 526 11.15 25.96 7.29
N LEU D 527 11.51 26.08 8.56
CA LEU D 527 12.38 25.09 9.18
C LEU D 527 11.65 23.78 9.47
N VAL D 528 10.34 23.83 9.74
CA VAL D 528 9.60 22.62 10.13
C VAL D 528 9.16 21.80 8.94
N CYS D 529 9.37 22.28 7.71
CA CYS D 529 8.88 21.56 6.55
C CYS D 529 9.47 20.16 6.48
N GLU D 530 10.75 20.02 6.81
CA GLU D 530 11.37 18.71 6.79
C GLU D 530 10.66 17.75 7.73
N ALA D 531 10.24 18.23 8.89
CA ALA D 531 9.47 17.39 9.80
C ALA D 531 8.14 16.98 9.16
N PHE D 532 7.47 17.92 8.49
CA PHE D 532 6.20 17.64 7.84
C PHE D 532 6.35 17.05 6.45
N ASN D 533 7.57 17.02 5.90
CA ASN D 533 7.79 16.56 4.53
C ASN D 533 6.93 17.35 3.55
N ALA D 534 6.81 18.66 3.79
CA ALA D 534 5.92 19.52 3.04
C ALA D 534 6.71 20.42 2.08
N ASP D 535 6.14 20.64 0.91
CA ASP D 535 6.67 21.59 -0.06
C ASP D 535 5.54 22.50 -0.50
N PHE D 536 5.85 23.78 -0.67
CA PHE D 536 4.81 24.75 -1.00
C PHE D 536 4.54 24.77 -2.50
N ASP D 537 4.19 23.61 -3.05
CA ASP D 537 3.78 23.49 -4.45
C ASP D 537 2.32 23.07 -4.58
N GLY D 538 1.53 23.25 -3.52
CA GLY D 538 0.12 22.90 -3.55
C GLY D 538 -0.30 22.09 -2.34
N ASP D 539 0.64 21.78 -1.46
CA ASP D 539 0.35 20.94 -0.31
C ASP D 539 -0.66 21.60 0.62
N GLN D 540 -1.48 20.78 1.25
CA GLN D 540 -2.44 21.22 2.25
C GLN D 540 -2.07 20.66 3.62
N MET D 541 -2.65 21.26 4.65
CA MET D 541 -2.36 20.88 6.03
C MET D 541 -3.63 21.06 6.84
N ALA D 542 -3.81 20.19 7.85
CA ALA D 542 -4.97 20.24 8.72
C ALA D 542 -4.59 20.86 10.06
N VAL D 543 -5.57 21.51 10.67
CA VAL D 543 -5.40 22.23 11.93
C VAL D 543 -6.45 21.72 12.92
N HIS D 544 -6.02 21.39 14.12
CA HIS D 544 -6.90 20.93 15.20
C HIS D 544 -6.75 21.85 16.40
N LEU D 545 -7.85 22.05 17.10
CA LEU D 545 -7.88 22.98 18.24
C LEU D 545 -8.05 22.21 19.55
N PRO D 546 -7.01 22.10 20.37
CA PRO D 546 -7.22 21.59 21.74
C PRO D 546 -8.15 22.51 22.51
N LEU D 547 -9.03 21.92 23.31
CA LEU D 547 -10.03 22.67 24.07
C LEU D 547 -9.78 22.63 25.57
N SER D 548 -9.61 21.44 26.14
CA SER D 548 -9.47 21.32 27.59
C SER D 548 -8.12 21.86 28.05
N ALA D 549 -8.06 22.19 29.35
CA ALA D 549 -6.82 22.74 29.90
C ALA D 549 -5.68 21.75 29.78
N GLU D 550 -5.95 20.46 30.04
CA GLU D 550 -4.90 19.45 29.91
C GLU D 550 -4.40 19.36 28.47
N ALA D 551 -5.32 19.38 27.50
CA ALA D 551 -4.91 19.30 26.11
C ALA D 551 -4.08 20.52 25.71
N GLN D 552 -4.49 21.71 26.15
CA GLN D 552 -3.73 22.91 25.85
C GLN D 552 -2.33 22.86 26.48
N ALA D 553 -2.25 22.38 27.71
CA ALA D 553 -0.94 22.24 28.35
C ALA D 553 -0.06 21.24 27.62
N GLU D 554 -0.65 20.12 27.18
CA GLU D 554 0.12 19.14 26.42
C GLU D 554 0.64 19.75 25.12
N ALA D 555 -0.21 20.50 24.42
CA ALA D 555 0.22 21.13 23.18
C ALA D 555 1.32 22.16 23.43
N ARG D 556 1.19 22.92 24.52
CA ARG D 556 2.14 23.98 24.81
C ARG D 556 3.47 23.45 25.32
N ILE D 557 3.48 22.26 25.93
CA ILE D 557 4.68 21.70 26.56
C ILE D 557 5.24 20.55 25.72
N LEU D 558 4.45 19.51 25.49
CA LEU D 558 4.97 18.31 24.84
C LEU D 558 5.13 18.50 23.33
N MET D 559 4.20 19.20 22.69
CA MET D 559 4.08 19.17 21.24
C MET D 559 4.57 20.45 20.57
N LEU D 560 5.00 21.46 21.33
CA LEU D 560 5.41 22.71 20.71
C LEU D 560 6.61 22.48 19.79
N SER D 561 6.60 23.16 18.65
CA SER D 561 7.62 22.91 17.63
C SER D 561 9.01 23.24 18.14
N SER D 562 9.15 24.30 18.93
CA SER D 562 10.46 24.70 19.42
C SER D 562 11.05 23.70 20.41
N ASN D 563 10.26 22.76 20.91
CA ASN D 563 10.74 21.72 21.82
C ASN D 563 11.08 20.42 21.11
N ASN D 564 10.92 20.35 19.79
CA ASN D 564 11.14 19.13 19.05
C ASN D 564 12.16 19.33 17.94
N ILE D 565 13.27 20.02 18.26
CA ILE D 565 14.29 20.30 17.26
C ILE D 565 14.96 19.00 16.81
N LEU D 566 15.14 18.06 17.72
CA LEU D 566 15.89 16.83 17.45
C LEU D 566 14.92 15.71 17.07
N SER D 567 15.31 14.93 16.06
CA SER D 567 14.49 13.80 15.63
C SER D 567 14.54 12.70 16.69
N PRO D 568 13.41 12.04 16.97
CA PRO D 568 13.44 10.95 17.96
C PRO D 568 14.13 9.69 17.46
N ALA D 569 14.26 9.51 16.15
CA ALA D 569 14.82 8.26 15.63
C ALA D 569 16.32 8.18 15.88
N SER D 570 17.04 9.29 15.72
CA SER D 570 18.49 9.30 15.82
C SER D 570 19.04 10.43 16.68
N GLY D 571 18.24 11.42 17.04
CA GLY D 571 18.72 12.56 17.80
C GLY D 571 19.37 13.63 16.96
N LYS D 572 19.47 13.46 15.66
CA LYS D 572 20.05 14.49 14.81
C LYS D 572 19.11 15.69 14.73
N PRO D 573 19.65 16.90 14.55
CA PRO D 573 18.77 18.06 14.39
C PRO D 573 17.88 17.93 13.18
N LEU D 574 16.65 18.38 13.31
CA LEU D 574 15.67 18.32 12.23
C LEU D 574 15.19 19.69 11.80
N ALA D 575 14.90 20.59 12.74
CA ALA D 575 14.54 21.97 12.41
C ALA D 575 15.82 22.77 12.29
N MET D 576 16.48 22.62 11.13
CA MET D 576 17.76 23.26 10.88
C MET D 576 17.77 23.85 9.47
N PRO D 577 18.74 24.71 9.16
CA PRO D 577 18.72 25.40 7.86
C PRO D 577 18.68 24.42 6.69
N ARG D 578 17.95 24.79 5.65
CA ARG D 578 17.78 23.97 4.47
C ARG D 578 17.79 24.85 3.23
N LEU D 579 18.10 24.23 2.09
CA LEU D 579 18.02 24.86 0.78
C LEU D 579 18.66 26.26 0.78
N ASP D 580 17.84 27.30 0.60
CA ASP D 580 18.37 28.65 0.47
C ASP D 580 19.27 29.01 1.65
N MET D 581 18.88 28.61 2.85
CA MET D 581 19.67 28.95 4.03
C MET D 581 21.05 28.32 3.97
N VAL D 582 21.13 27.06 3.55
CA VAL D 582 22.42 26.38 3.48
C VAL D 582 23.34 27.08 2.50
N THR D 583 22.83 27.41 1.31
CA THR D 583 23.66 28.08 0.31
C THR D 583 24.05 29.48 0.78
N GLY D 584 23.14 30.18 1.45
CA GLY D 584 23.47 31.51 1.95
C GLY D 584 24.59 31.46 2.97
N LEU D 585 24.51 30.54 3.93
CA LEU D 585 25.56 30.43 4.93
C LEU D 585 26.87 29.95 4.30
N TYR D 586 26.79 29.04 3.33
CA TYR D 586 27.97 28.57 2.63
C TYR D 586 28.67 29.71 1.91
N TYR D 587 27.90 30.55 1.22
CA TYR D 587 28.47 31.73 0.57
C TYR D 587 29.06 32.69 1.58
N LEU D 588 28.36 32.88 2.70
CA LEU D 588 28.82 33.84 3.71
C LEU D 588 30.16 33.42 4.29
N THR D 589 30.30 32.14 4.65
CA THR D 589 31.46 31.68 5.40
C THR D 589 32.58 31.12 4.54
N THR D 590 32.41 31.09 3.22
CA THR D 590 33.48 30.62 2.35
C THR D 590 34.54 31.69 2.18
N LEU D 591 35.78 31.25 1.93
CA LEU D 591 36.93 32.13 1.79
C LEU D 591 37.40 32.11 0.34
N VAL D 592 37.53 33.30 -0.25
CA VAL D 592 37.96 33.46 -1.64
C VAL D 592 39.34 34.09 -1.64
N GLU D 593 40.31 33.41 -2.26
CA GLU D 593 41.66 33.93 -2.36
C GLU D 593 41.72 34.98 -3.46
N GLY D 594 42.37 36.11 -3.16
CA GLY D 594 42.46 37.21 -4.10
C GLY D 594 41.28 38.14 -4.11
N ALA D 595 40.42 38.09 -3.09
CA ALA D 595 39.27 38.96 -3.03
C ALA D 595 39.72 40.40 -2.80
N THR D 596 38.74 41.32 -2.79
CA THR D 596 39.05 42.73 -2.60
C THR D 596 39.40 43.00 -1.14
N GLY D 597 40.50 43.71 -0.92
CA GLY D 597 40.90 44.07 0.43
C GLY D 597 41.49 42.95 1.25
N GLU D 598 41.86 41.84 0.63
CA GLU D 598 42.37 40.70 1.39
C GLU D 598 43.67 41.08 2.10
N TYR D 599 43.86 40.49 3.27
CA TYR D 599 45.04 40.78 4.08
C TYR D 599 46.32 40.38 3.36
N GLN D 600 47.35 41.21 3.47
CA GLN D 600 48.66 40.92 2.92
C GLN D 600 49.73 41.43 3.87
N ALA D 601 50.86 40.73 3.90
CA ALA D 601 51.93 41.03 4.84
C ALA D 601 52.69 42.28 4.41
N ALA D 602 53.49 42.80 5.34
CA ALA D 602 54.31 43.97 5.05
C ALA D 602 55.33 43.65 3.96
N THR D 603 55.59 44.64 3.10
CA THR D 603 56.47 44.47 1.94
C THR D 603 57.75 45.27 2.08
N LYS D 604 58.15 45.62 3.31
CA LYS D 604 59.31 46.45 3.60
C LYS D 604 59.12 47.90 3.15
N ASP D 605 57.93 48.26 2.66
CA ASP D 605 57.60 49.62 2.30
C ASP D 605 56.33 50.13 2.96
N ALA D 606 55.38 49.24 3.27
CA ALA D 606 54.14 49.57 3.95
C ALA D 606 53.84 48.47 4.96
N PRO D 607 53.08 48.77 5.99
CA PRO D 607 52.79 47.77 7.02
C PRO D 607 51.68 46.83 6.55
N GLU D 608 51.26 45.95 7.45
CA GLU D 608 50.13 45.07 7.14
C GLU D 608 48.92 45.89 6.77
N GLN D 609 48.25 45.52 5.68
CA GLN D 609 47.19 46.33 5.10
C GLN D 609 45.79 45.90 5.56
N GLY D 610 45.43 44.64 5.36
CA GLY D 610 44.10 44.18 5.69
C GLY D 610 43.90 43.84 7.15
N VAL D 611 44.00 44.83 8.02
CA VAL D 611 43.80 44.66 9.46
C VAL D 611 42.76 45.68 9.90
N TYR D 612 41.80 45.23 10.70
CA TYR D 612 40.69 46.07 11.14
C TYR D 612 40.57 46.02 12.66
N SER D 613 40.34 47.18 13.27
CA SER D 613 40.31 47.29 14.73
C SER D 613 39.03 46.76 15.34
N SER D 614 37.99 46.51 14.55
CA SER D 614 36.73 45.99 15.07
C SER D 614 35.90 45.49 13.89
N PRO D 615 34.95 44.58 14.14
CA PRO D 615 34.07 44.15 13.05
C PRO D 615 33.26 45.28 12.45
N ALA D 616 32.92 46.31 13.24
CA ALA D 616 32.19 47.44 12.71
C ALA D 616 33.00 48.17 11.64
N GLU D 617 34.31 48.31 11.86
CA GLU D 617 35.15 48.94 10.85
C GLU D 617 35.18 48.09 9.58
N ALA D 618 35.23 46.77 9.71
CA ALA D 618 35.18 45.90 8.54
C ALA D 618 33.86 46.08 7.79
N ILE D 619 32.75 46.20 8.52
CA ILE D 619 31.46 46.42 7.88
C ILE D 619 31.46 47.75 7.14
N MET D 620 32.01 48.80 7.76
CA MET D 620 32.09 50.09 7.10
C MET D 620 32.92 50.00 5.82
N ALA D 621 34.05 49.29 5.87
CA ALA D 621 34.86 49.12 4.68
C ALA D 621 34.11 48.35 3.60
N MET D 622 33.35 47.33 4.00
CA MET D 622 32.55 46.58 3.03
C MET D 622 31.53 47.47 2.35
N ASP D 623 30.88 48.34 3.12
CA ASP D 623 29.93 49.28 2.53
C ASP D 623 30.61 50.16 1.50
N ARG D 624 31.82 50.63 1.79
CA ARG D 624 32.58 51.42 0.84
C ARG D 624 32.90 50.64 -0.44
N GLY D 625 32.83 49.32 -0.40
CA GLY D 625 33.27 48.50 -1.50
C GLY D 625 34.76 48.21 -1.50
N ALA D 626 35.50 48.71 -0.51
CA ALA D 626 36.93 48.46 -0.40
C ALA D 626 37.24 47.10 0.19
N LEU D 627 36.26 46.40 0.75
CA LEU D 627 36.47 45.09 1.36
C LEU D 627 35.38 44.15 0.89
N SER D 628 35.75 42.90 0.65
CA SER D 628 34.81 41.85 0.33
C SER D 628 34.47 41.05 1.59
N VAL D 629 33.21 40.63 1.70
CA VAL D 629 32.79 39.87 2.88
C VAL D 629 33.50 38.53 2.95
N ARG D 630 34.06 38.05 1.85
CA ARG D 630 34.72 36.75 1.78
C ARG D 630 36.23 36.88 1.66
N ALA D 631 36.78 38.05 1.93
CA ALA D 631 38.22 38.26 1.84
C ALA D 631 38.88 37.96 3.17
N LYS D 632 40.09 37.41 3.11
CA LYS D 632 40.84 37.11 4.33
C LYS D 632 41.35 38.40 4.94
N ILE D 633 41.11 38.57 6.25
CA ILE D 633 41.49 39.76 6.98
C ILE D 633 41.91 39.34 8.39
N LYS D 634 42.51 40.30 9.11
CA LYS D 634 42.81 40.16 10.52
C LYS D 634 41.99 41.19 11.27
N VAL D 635 41.21 40.73 12.24
CA VAL D 635 40.24 41.59 12.93
C VAL D 635 40.40 41.42 14.44
N ARG D 636 40.32 42.54 15.15
CA ARG D 636 40.29 42.52 16.61
C ARG D 636 38.88 42.23 17.08
N LEU D 637 38.70 41.11 17.77
CA LEU D 637 37.41 40.69 18.30
C LEU D 637 37.43 40.83 19.82
N THR D 638 36.38 41.44 20.37
CA THR D 638 36.23 41.61 21.80
C THR D 638 35.04 40.87 22.39
N GLU D 639 34.01 40.59 21.59
CA GLU D 639 32.79 39.95 22.07
C GLU D 639 32.63 38.53 21.52
N LEU D 640 33.67 37.99 20.88
CA LEU D 640 33.65 36.63 20.37
C LEU D 640 34.65 35.79 21.16
N ARG D 641 34.20 34.67 21.69
CA ARG D 641 35.08 33.80 22.46
C ARG D 641 36.08 33.12 21.53
N PRO D 642 37.38 33.20 21.80
CA PRO D 642 38.37 32.61 20.89
C PRO D 642 38.30 31.09 20.91
N PRO D 643 38.88 30.43 19.91
CA PRO D 643 38.92 28.96 19.92
C PRO D 643 39.63 28.44 21.17
N THR D 644 39.37 27.17 21.47
CA THR D 644 39.92 26.58 22.69
C THR D 644 41.43 26.71 22.74
N ASP D 645 42.12 26.29 21.67
CA ASP D 645 43.57 26.39 21.65
C ASP D 645 44.03 27.83 21.82
N LEU D 646 43.47 28.74 21.03
CA LEU D 646 43.88 30.14 21.14
C LEU D 646 43.44 30.74 22.46
N GLU D 647 42.31 30.32 23.01
CA GLU D 647 41.89 30.81 24.31
C GLU D 647 42.89 30.44 25.39
N ALA D 648 43.34 29.18 25.39
CA ALA D 648 44.33 28.75 26.36
C ALA D 648 45.68 29.42 26.12
N GLN D 649 46.02 29.68 24.85
CA GLN D 649 47.32 30.26 24.52
C GLN D 649 47.39 31.73 24.90
N LEU D 650 46.30 32.48 24.71
CA LEU D 650 46.26 33.91 24.96
C LEU D 650 45.71 34.26 26.33
N PHE D 651 44.63 33.60 26.76
CA PHE D 651 44.01 33.83 28.06
C PHE D 651 44.03 32.51 28.81
N GLU D 652 45.13 32.25 29.51
CA GLU D 652 45.29 30.98 30.22
C GLU D 652 44.44 30.90 31.48
N ASN D 653 43.85 32.01 31.93
CA ASN D 653 43.00 32.02 33.11
C ASN D 653 41.52 32.20 32.77
N GLY D 654 41.16 32.14 31.48
CA GLY D 654 39.77 32.25 31.09
C GLY D 654 39.46 33.54 30.35
N TRP D 655 38.76 33.44 29.23
CA TRP D 655 38.36 34.59 28.43
C TRP D 655 37.04 35.14 28.94
N LYS D 656 36.97 36.46 29.11
CA LYS D 656 35.75 37.14 29.51
C LYS D 656 35.28 38.06 28.39
N PRO D 657 33.97 38.30 28.29
CA PRO D 657 33.48 39.24 27.26
C PRO D 657 34.15 40.61 27.42
N GLY D 658 34.81 41.06 26.37
CA GLY D 658 35.53 42.32 26.37
C GLY D 658 37.04 42.19 26.24
N ASP D 659 37.60 40.99 26.44
CA ASP D 659 39.04 40.79 26.29
C ASP D 659 39.38 40.70 24.81
N ALA D 660 40.10 41.68 24.30
CA ALA D 660 40.38 41.75 22.88
C ALA D 660 41.40 40.72 22.47
N TRP D 661 41.16 40.08 21.33
CA TRP D 661 42.12 39.18 20.70
C TRP D 661 42.10 39.42 19.20
N THR D 662 43.04 38.83 18.49
CA THR D 662 43.18 39.02 17.05
C THR D 662 42.87 37.71 16.33
N ALA D 663 41.97 37.77 15.35
CA ALA D 663 41.54 36.60 14.61
C ALA D 663 41.85 36.81 13.12
N GLU D 664 42.47 35.82 12.51
CA GLU D 664 42.68 35.79 11.06
C GLU D 664 41.48 35.06 10.46
N THR D 665 40.52 35.81 9.96
CA THR D 665 39.26 35.25 9.51
C THR D 665 38.67 36.17 8.44
N THR D 666 37.41 35.93 8.08
CA THR D 666 36.69 36.74 7.12
C THR D 666 35.52 37.41 7.81
N LEU D 667 35.14 38.59 7.32
CA LEU D 667 34.01 39.30 7.91
C LEU D 667 32.75 38.46 7.87
N GLY D 668 32.59 37.62 6.84
CA GLY D 668 31.45 36.74 6.78
C GLY D 668 31.42 35.74 7.93
N ARG D 669 32.58 35.15 8.24
CA ARG D 669 32.65 34.20 9.35
C ARG D 669 32.42 34.89 10.69
N VAL D 670 32.90 36.14 10.83
CA VAL D 670 32.62 36.89 12.04
C VAL D 670 31.12 37.14 12.19
N MET D 671 30.47 37.54 11.10
CA MET D 671 29.04 37.78 11.16
C MET D 671 28.26 36.49 11.42
N PHE D 672 28.75 35.36 10.91
CA PHE D 672 28.12 34.08 11.20
C PHE D 672 28.26 33.74 12.68
N ASN D 673 29.47 33.88 13.23
CA ASN D 673 29.69 33.56 14.64
C ASN D 673 28.90 34.48 15.55
N GLU D 674 28.62 35.71 15.10
CA GLU D 674 27.77 36.59 15.89
C GLU D 674 26.37 36.04 16.08
N LEU D 675 25.96 35.07 15.25
CA LEU D 675 24.64 34.46 15.37
C LEU D 675 24.59 33.36 16.43
N LEU D 676 25.74 32.89 16.90
CA LEU D 676 25.80 31.80 17.87
C LEU D 676 25.82 32.35 19.28
N PRO D 677 25.62 31.50 20.29
CA PRO D 677 25.61 31.98 21.67
C PRO D 677 26.92 32.65 22.04
N LYS D 678 26.82 33.64 22.94
CA LYS D 678 27.98 34.45 23.29
C LYS D 678 29.15 33.60 23.78
N SER D 679 28.87 32.49 24.45
CA SER D 679 29.91 31.66 25.04
C SER D 679 30.41 30.57 24.10
N TYR D 680 29.84 30.45 22.91
CA TYR D 680 30.27 29.40 21.99
C TYR D 680 31.60 29.81 21.35
N PRO D 681 32.63 28.96 21.38
CA PRO D 681 33.92 29.34 20.80
C PRO D 681 33.80 29.67 19.33
N PHE D 682 34.62 30.62 18.89
CA PHE D 682 34.67 31.00 17.49
C PHE D 682 35.00 29.79 16.63
N VAL D 683 34.26 29.62 15.54
CA VAL D 683 34.37 28.42 14.71
C VAL D 683 35.45 28.61 13.65
N ASN D 684 35.25 29.59 12.76
CA ASN D 684 36.21 29.88 11.69
C ASN D 684 36.32 28.70 10.74
N GLU D 685 35.20 28.36 10.11
CA GLU D 685 35.16 27.26 9.15
C GLU D 685 34.10 27.56 8.10
N GLN D 686 34.24 26.90 6.95
CA GLN D 686 33.24 27.01 5.89
C GLN D 686 32.02 26.17 6.25
N MET D 687 30.84 26.77 6.17
CA MET D 687 29.63 26.17 6.72
C MET D 687 28.95 25.29 5.68
N HIS D 688 29.56 24.14 5.46
CA HIS D 688 28.89 23.06 4.76
C HIS D 688 27.74 22.53 5.62
N LYS D 689 26.75 21.92 4.97
CA LYS D 689 25.60 21.42 5.70
C LYS D 689 26.03 20.49 6.84
N LYS D 690 27.08 19.70 6.61
CA LYS D 690 27.61 18.84 7.66
C LYS D 690 28.10 19.66 8.84
N VAL D 691 28.81 20.76 8.56
CA VAL D 691 29.34 21.60 9.64
C VAL D 691 28.21 22.26 10.41
N GLN D 692 27.18 22.72 9.70
CA GLN D 692 26.03 23.31 10.38
C GLN D 692 25.34 22.28 11.27
N ALA D 693 25.19 21.06 10.78
CA ALA D 693 24.57 20.01 11.59
C ALA D 693 25.41 19.74 12.84
N ARG D 694 26.73 19.69 12.67
CA ARG D 694 27.62 19.48 13.83
C ARG D 694 27.46 20.61 14.85
N ILE D 695 27.43 21.86 14.37
CA ILE D 695 27.30 22.99 15.29
C ILE D 695 25.98 22.93 16.03
N ILE D 696 24.89 22.60 15.32
CA ILE D 696 23.59 22.55 15.98
C ILE D 696 23.54 21.40 16.98
N ASN D 697 24.17 20.27 16.65
CA ASN D 697 24.26 19.17 17.61
C ASN D 697 24.99 19.61 18.87
N ASP D 698 26.11 20.33 18.71
CA ASP D 698 26.84 20.82 19.88
C ASP D 698 25.97 21.76 20.70
N LEU D 699 25.27 22.67 20.03
CA LEU D 699 24.41 23.61 20.75
C LEU D 699 23.33 22.88 21.53
N ALA D 700 22.70 21.88 20.92
CA ALA D 700 21.69 21.10 21.63
C ALA D 700 22.30 20.38 22.81
N GLU D 701 23.51 19.85 22.65
CA GLU D 701 24.15 19.13 23.74
C GLU D 701 24.44 20.04 24.92
N ARG D 702 24.88 21.27 24.67
CA ARG D 702 25.45 22.12 25.71
C ARG D 702 24.56 23.28 26.14
N PHE D 703 23.43 23.52 25.48
CA PHE D 703 22.62 24.69 25.75
C PHE D 703 21.16 24.33 25.90
N PRO D 704 20.36 25.17 26.57
CA PRO D 704 18.93 24.91 26.69
C PRO D 704 18.24 24.95 25.33
N MET D 705 17.02 24.38 25.30
CA MET D 705 16.27 24.30 24.05
C MET D 705 15.95 25.69 23.50
N ILE D 706 15.62 26.64 24.38
CA ILE D 706 15.29 27.99 23.92
C ILE D 706 16.47 28.59 23.17
N VAL D 707 17.69 28.37 23.68
CA VAL D 707 18.87 28.91 23.02
C VAL D 707 19.02 28.32 21.62
N VAL D 708 18.80 27.01 21.49
CA VAL D 708 18.93 26.36 20.19
C VAL D 708 17.88 26.89 19.23
N ALA D 709 16.65 27.07 19.70
CA ALA D 709 15.59 27.59 18.84
C ALA D 709 15.94 29.00 18.35
N GLN D 710 16.41 29.85 19.27
CA GLN D 710 16.78 31.20 18.88
C GLN D 710 17.93 31.19 17.89
N THR D 711 18.92 30.31 18.11
CA THR D 711 20.06 30.23 17.21
C THR D 711 19.64 29.78 15.83
N VAL D 712 18.75 28.79 15.74
CA VAL D 712 18.32 28.33 14.41
C VAL D 712 17.50 29.41 13.72
N ASP D 713 16.71 30.18 14.47
CA ASP D 713 16.00 31.29 13.85
C ASP D 713 16.98 32.32 13.30
N LYS D 714 18.02 32.65 14.06
CA LYS D 714 19.03 33.60 13.59
C LYS D 714 19.73 33.07 12.34
N LEU D 715 20.06 31.78 12.34
CA LEU D 715 20.70 31.18 11.17
C LEU D 715 19.77 31.22 9.96
N LYS D 716 18.48 30.96 10.17
CA LYS D 716 17.52 31.06 9.07
C LYS D 716 17.53 32.46 8.49
N ASP D 717 17.46 33.48 9.35
CA ASP D 717 17.44 34.86 8.86
C ASP D 717 18.70 35.18 8.07
N ALA D 718 19.86 34.82 8.62
CA ALA D 718 21.12 35.12 7.93
C ALA D 718 21.21 34.36 6.60
N GLY D 719 20.80 33.10 6.58
CA GLY D 719 20.86 32.33 5.35
C GLY D 719 19.95 32.88 4.27
N PHE D 720 18.72 33.25 4.64
CA PHE D 720 17.83 33.87 3.64
C PHE D 720 18.39 35.19 3.17
N TYR D 721 18.98 35.98 4.07
CA TYR D 721 19.53 37.27 3.66
C TYR D 721 20.68 37.08 2.66
N TRP D 722 21.56 36.12 2.91
CA TRP D 722 22.76 35.96 2.08
C TRP D 722 22.56 35.01 0.91
N ALA D 723 21.42 34.32 0.81
CA ALA D 723 21.14 33.55 -0.39
C ALA D 723 20.71 34.46 -1.53
N THR D 724 19.97 35.53 -1.21
CA THR D 724 19.57 36.49 -2.23
C THR D 724 20.78 37.17 -2.86
N ARG D 725 21.84 37.38 -2.08
CA ARG D 725 23.03 38.08 -2.53
C ARG D 725 24.17 37.12 -2.86
N SER D 726 23.91 35.81 -2.88
CA SER D 726 24.93 34.83 -3.21
C SER D 726 25.23 34.76 -4.70
N GLY D 727 24.40 35.39 -5.54
CA GLY D 727 24.63 35.32 -6.98
C GLY D 727 24.33 33.98 -7.58
N VAL D 728 23.50 33.17 -6.94
CA VAL D 728 23.18 31.84 -7.42
C VAL D 728 21.98 31.94 -8.36
N THR D 729 22.20 31.58 -9.63
CA THR D 729 21.14 31.62 -10.63
C THR D 729 21.50 30.64 -11.74
N VAL D 730 20.51 30.31 -12.55
CA VAL D 730 20.66 29.33 -13.63
C VAL D 730 20.59 30.07 -14.97
N SER D 731 21.58 29.81 -15.82
CA SER D 731 21.61 30.33 -17.18
C SER D 731 22.42 29.36 -18.02
N MET D 732 22.25 29.46 -19.34
CA MET D 732 22.87 28.49 -20.22
C MET D 732 24.36 28.74 -20.40
N ALA D 733 24.85 29.92 -19.99
CA ALA D 733 26.29 30.12 -19.93
C ALA D 733 26.91 29.29 -18.82
N ASP D 734 26.17 29.07 -17.72
CA ASP D 734 26.70 28.42 -16.53
C ASP D 734 26.42 26.92 -16.47
N VAL D 735 25.64 26.38 -17.43
CA VAL D 735 25.47 24.92 -17.53
C VAL D 735 26.57 24.44 -18.46
N LEU D 736 27.75 24.21 -17.90
CA LEU D 736 28.94 23.92 -18.68
C LEU D 736 28.98 22.45 -19.08
N VAL D 737 29.52 22.20 -20.27
CA VAL D 737 29.68 20.86 -20.83
C VAL D 737 31.17 20.55 -20.87
N PRO D 738 31.64 19.47 -20.26
CA PRO D 738 33.08 19.18 -20.27
C PRO D 738 33.58 18.91 -21.67
N PRO D 739 34.72 19.49 -22.06
CA PRO D 739 35.23 19.26 -23.42
C PRO D 739 35.68 17.82 -23.65
N GLN D 740 35.88 17.03 -22.60
CA GLN D 740 36.35 15.66 -22.74
C GLN D 740 35.20 14.67 -22.88
N LYS D 741 34.00 15.14 -23.20
CA LYS D 741 32.84 14.27 -23.31
C LYS D 741 32.72 13.63 -24.69
N GLN D 742 33.25 14.29 -25.73
CA GLN D 742 33.21 13.70 -27.07
C GLN D 742 34.25 12.60 -27.24
N GLU D 743 35.42 12.76 -26.61
CA GLU D 743 36.47 11.75 -26.72
C GLU D 743 36.10 10.49 -25.95
N ILE D 744 35.83 10.64 -24.65
CA ILE D 744 35.52 9.50 -23.79
C ILE D 744 34.52 8.62 -24.53
N LEU D 745 33.39 9.21 -24.93
CA LEU D 745 32.33 8.43 -25.55
C LEU D 745 32.87 7.63 -26.72
N GLU D 746 33.53 8.30 -27.68
CA GLU D 746 33.97 7.57 -28.86
C GLU D 746 34.90 6.43 -28.47
N ARG D 747 35.81 6.67 -27.53
CA ARG D 747 36.68 5.61 -27.07
C ARG D 747 35.85 4.41 -26.63
N HIS D 748 34.89 4.64 -25.73
CA HIS D 748 34.08 3.54 -25.26
C HIS D 748 33.26 2.95 -26.38
N GLU D 749 32.80 3.79 -27.32
CA GLU D 749 32.07 3.27 -28.47
C GLU D 749 32.90 2.21 -29.18
N ALA D 750 34.19 2.47 -29.36
CA ALA D 750 35.05 1.47 -29.98
C ALA D 750 34.94 0.14 -29.26
N GLU D 751 35.07 0.17 -27.93
CA GLU D 751 34.92 -1.06 -27.15
C GLU D 751 33.58 -1.71 -27.45
N ALA D 752 32.50 -0.92 -27.42
CA ALA D 752 31.20 -1.46 -27.74
C ALA D 752 31.22 -2.18 -29.07
N ASP D 753 31.79 -1.52 -30.09
CA ASP D 753 31.91 -2.16 -31.40
C ASP D 753 32.59 -3.51 -31.27
N ALA D 754 33.73 -3.55 -30.59
CA ALA D 754 34.44 -4.80 -30.40
C ALA D 754 33.52 -5.86 -29.83
N ILE D 755 32.74 -5.51 -28.80
CA ILE D 755 31.83 -6.49 -28.21
C ILE D 755 30.91 -7.04 -29.27
N GLU D 756 30.25 -6.16 -30.02
CA GLU D 756 29.36 -6.62 -31.07
C GLU D 756 30.11 -7.50 -32.06
N ARG D 757 31.34 -7.13 -32.38
CA ARG D 757 32.16 -7.95 -33.27
C ARG D 757 32.29 -9.37 -32.71
N LYS D 758 32.67 -9.49 -31.44
CA LYS D 758 32.78 -10.82 -30.84
C LYS D 758 31.45 -11.52 -30.81
N TYR D 759 30.35 -10.77 -30.71
CA TYR D 759 29.03 -11.39 -30.75
C TYR D 759 28.70 -11.92 -32.14
N GLN D 760 29.22 -11.27 -33.19
CA GLN D 760 28.94 -11.74 -34.55
C GLN D 760 29.69 -13.02 -34.85
N ARG D 761 30.82 -13.25 -34.19
CA ARG D 761 31.59 -14.47 -34.37
C ARG D 761 31.10 -15.62 -33.48
N GLY D 762 30.12 -15.37 -32.63
CA GLY D 762 29.63 -16.42 -31.74
C GLY D 762 30.40 -16.59 -30.47
N ALA D 763 31.28 -15.66 -30.12
CA ALA D 763 31.99 -15.73 -28.84
C ALA D 763 31.17 -15.17 -27.69
N LEU D 764 29.96 -14.68 -27.93
CA LEU D 764 29.14 -14.04 -26.91
C LEU D 764 27.69 -14.47 -27.07
N ASN D 765 27.04 -14.71 -25.93
CA ASN D 765 25.59 -14.87 -25.91
C ASN D 765 24.92 -13.50 -25.89
N HIS D 766 23.64 -13.49 -26.22
CA HIS D 766 22.92 -12.22 -26.32
C HIS D 766 22.83 -11.53 -24.97
N THR D 767 22.41 -12.27 -23.93
CA THR D 767 22.29 -11.67 -22.61
C THR D 767 23.66 -11.24 -22.08
N GLU D 768 24.69 -12.07 -22.28
CA GLU D 768 26.02 -11.70 -21.83
C GLU D 768 26.57 -10.53 -22.64
N ARG D 769 26.25 -10.45 -23.93
CA ARG D 769 26.64 -9.29 -24.72
C ARG D 769 26.00 -8.02 -24.16
N ASN D 770 24.71 -8.10 -23.82
CA ASN D 770 24.05 -6.93 -23.23
C ASN D 770 24.68 -6.56 -21.89
N GLU D 771 25.04 -7.56 -21.09
CA GLU D 771 25.70 -7.28 -19.82
C GLU D 771 27.03 -6.57 -20.03
N SER D 772 27.82 -7.04 -20.99
CA SER D 772 29.10 -6.40 -21.27
C SER D 772 28.90 -4.96 -21.73
N LEU D 773 27.92 -4.74 -22.61
CA LEU D 773 27.64 -3.39 -23.07
C LEU D 773 27.22 -2.50 -21.92
N VAL D 774 26.39 -3.02 -21.01
CA VAL D 774 25.94 -2.24 -19.87
C VAL D 774 27.13 -1.86 -18.99
N LYS D 775 28.04 -2.81 -18.75
CA LYS D 775 29.21 -2.49 -17.94
C LYS D 775 30.07 -1.42 -18.61
N ILE D 776 30.30 -1.56 -19.92
CA ILE D 776 31.12 -0.58 -20.63
C ILE D 776 30.51 0.81 -20.55
N TRP D 777 29.19 0.90 -20.76
CA TRP D 777 28.56 2.20 -20.76
C TRP D 777 28.42 2.78 -19.35
N GLN D 778 28.32 1.93 -18.33
CA GLN D 778 28.40 2.42 -16.96
C GLN D 778 29.77 3.03 -16.69
N ASP D 779 30.83 2.38 -17.16
CA ASP D 779 32.16 2.95 -17.02
C ASP D 779 32.26 4.28 -17.76
N ALA D 780 31.68 4.36 -18.96
CA ALA D 780 31.69 5.61 -19.72
C ALA D 780 30.96 6.72 -18.96
N THR D 781 29.81 6.40 -18.38
CA THR D 781 29.05 7.40 -17.62
C THR D 781 29.85 7.87 -16.41
N GLU D 782 30.53 6.95 -15.72
CA GLU D 782 31.36 7.35 -14.59
C GLU D 782 32.48 8.27 -15.03
N GLU D 783 33.13 7.95 -16.17
CA GLU D 783 34.18 8.81 -16.68
C GLU D 783 33.65 10.20 -17.02
N VAL D 784 32.48 10.26 -17.65
CA VAL D 784 31.90 11.55 -18.01
C VAL D 784 31.58 12.35 -16.75
N GLY D 785 31.07 11.68 -15.72
CA GLY D 785 30.80 12.38 -14.47
C GLY D 785 32.06 12.94 -13.83
N LYS D 786 33.14 12.15 -13.83
CA LYS D 786 34.40 12.64 -13.29
C LYS D 786 34.91 13.83 -14.09
N ALA D 787 34.82 13.76 -15.41
CA ALA D 787 35.26 14.88 -16.24
C ALA D 787 34.43 16.13 -15.96
N LEU D 788 33.11 15.96 -15.82
CA LEU D 788 32.25 17.10 -15.51
C LEU D 788 32.63 17.73 -14.17
N GLU D 789 32.88 16.89 -13.16
CA GLU D 789 33.27 17.43 -11.86
C GLU D 789 34.60 18.17 -11.95
N GLU D 790 35.55 17.63 -12.71
CA GLU D 790 36.84 18.29 -12.85
C GLU D 790 36.71 19.62 -13.56
N PHE D 791 35.89 19.69 -14.61
CA PHE D 791 35.84 20.88 -15.46
C PHE D 791 35.21 22.07 -14.74
N TYR D 792 34.15 21.83 -13.98
CA TYR D 792 33.36 22.92 -13.44
C TYR D 792 34.21 23.79 -12.50
N PRO D 793 34.12 25.11 -12.60
CA PRO D 793 34.77 25.96 -11.58
C PRO D 793 34.11 25.80 -10.22
N ALA D 794 34.88 26.08 -9.18
CA ALA D 794 34.37 25.91 -7.82
C ALA D 794 33.22 26.85 -7.53
N ASP D 795 33.18 28.02 -8.18
CA ASP D 795 32.19 29.06 -7.88
C ASP D 795 30.99 29.02 -8.81
N ASN D 796 30.90 28.04 -9.70
CA ASN D 796 29.76 27.94 -10.60
C ASN D 796 28.49 27.69 -9.78
N PRO D 797 27.39 28.41 -10.04
CA PRO D 797 26.20 28.22 -9.21
C PRO D 797 25.64 26.80 -9.23
N ILE D 798 25.66 26.14 -10.39
CA ILE D 798 25.09 24.80 -10.49
C ILE D 798 25.85 23.84 -9.60
N ILE D 799 27.18 23.88 -9.67
CA ILE D 799 27.98 23.01 -8.82
C ILE D 799 28.04 23.55 -7.39
N THR D 800 27.90 24.88 -7.23
CA THR D 800 27.92 25.45 -5.90
C THR D 800 26.76 24.92 -5.06
N ILE D 801 25.57 24.83 -5.66
CA ILE D 801 24.41 24.34 -4.92
C ILE D 801 24.65 22.91 -4.46
N VAL D 802 25.20 22.06 -5.32
CA VAL D 802 25.39 20.65 -4.98
C VAL D 802 26.47 20.51 -3.92
N LYS D 803 27.61 21.18 -4.11
CA LYS D 803 28.74 20.99 -3.20
C LYS D 803 28.48 21.58 -1.82
N SER D 804 27.51 22.48 -1.68
CA SER D 804 27.19 23.08 -0.39
C SER D 804 26.23 22.23 0.43
N GLY D 805 25.80 21.09 -0.08
CA GLY D 805 24.84 20.25 0.63
C GLY D 805 23.42 20.76 0.60
N ALA D 806 23.11 21.70 -0.28
CA ALA D 806 21.76 22.27 -0.33
C ALA D 806 20.79 21.33 -1.04
N THR D 807 21.08 20.97 -2.29
CA THR D 807 20.18 20.13 -3.06
C THR D 807 20.96 19.29 -4.06
N GLY D 808 20.35 18.19 -4.47
CA GLY D 808 20.80 17.46 -5.63
C GLY D 808 22.04 16.63 -5.40
N ASN D 809 22.50 16.02 -6.49
CA ASN D 809 23.66 15.15 -6.50
C ASN D 809 24.48 15.46 -7.74
N LEU D 810 25.70 14.96 -7.77
CA LEU D 810 26.49 15.03 -8.99
C LEU D 810 25.90 14.16 -10.09
N THR D 811 25.08 13.17 -9.74
CA THR D 811 24.38 12.39 -10.74
C THR D 811 23.41 13.25 -11.54
N GLN D 812 22.64 14.10 -10.85
CA GLN D 812 21.73 14.99 -11.54
C GLN D 812 22.47 15.99 -12.41
N THR D 813 23.60 16.52 -11.90
CA THR D 813 24.40 17.44 -12.70
C THR D 813 24.94 16.76 -13.95
N ARG D 814 25.39 15.51 -13.83
CA ARG D 814 25.84 14.78 -15.00
C ARG D 814 24.70 14.57 -15.98
N THR D 815 23.53 14.16 -15.49
CA THR D 815 22.38 13.96 -16.37
C THR D 815 22.00 15.26 -17.08
N LEU D 816 22.19 16.40 -16.42
CA LEU D 816 21.84 17.68 -17.02
C LEU D 816 22.85 18.10 -18.07
N ALA D 817 24.14 18.16 -17.69
CA ALA D 817 25.18 18.70 -18.56
C ALA D 817 26.18 17.66 -19.05
N GLY D 818 26.07 16.41 -18.58
CA GLY D 818 26.97 15.36 -19.01
C GLY D 818 26.31 14.44 -20.03
N MET D 819 25.85 13.28 -19.56
CA MET D 819 25.08 12.37 -20.39
C MET D 819 24.06 11.67 -19.51
N LYS D 820 22.86 11.44 -20.06
CA LYS D 820 21.81 10.80 -19.28
C LYS D 820 22.21 9.39 -18.86
N GLY D 821 22.83 8.64 -19.76
CA GLY D 821 23.31 7.31 -19.43
C GLY D 821 22.36 6.20 -19.85
N LEU D 822 22.28 5.15 -19.03
CA LEU D 822 21.48 3.99 -19.33
C LEU D 822 20.05 4.16 -18.80
N VAL D 823 19.11 3.51 -19.48
CA VAL D 823 17.71 3.49 -19.07
C VAL D 823 17.22 2.06 -19.14
N THR D 824 16.10 1.80 -18.46
CA THR D 824 15.59 0.46 -18.26
C THR D 824 14.36 0.19 -19.11
N ASN D 825 14.24 -1.06 -19.56
CA ASN D 825 13.06 -1.54 -20.27
C ASN D 825 11.85 -1.49 -19.34
N PRO D 826 10.64 -1.64 -19.87
CA PRO D 826 9.47 -1.77 -18.97
C PRO D 826 9.58 -2.97 -18.04
N LYS D 827 10.31 -4.01 -18.45
CA LYS D 827 10.51 -5.20 -17.64
C LYS D 827 11.69 -5.07 -16.68
N GLY D 828 12.32 -3.90 -16.61
CA GLY D 828 13.36 -3.63 -15.64
C GLY D 828 14.78 -3.85 -16.13
N GLU D 829 14.97 -4.46 -17.30
CA GLU D 829 16.31 -4.69 -17.81
C GLU D 829 16.90 -3.42 -18.39
N PHE D 830 18.22 -3.32 -18.34
CA PHE D 830 18.91 -2.18 -18.93
C PHE D 830 18.90 -2.30 -20.45
N ILE D 831 18.75 -1.15 -21.11
CA ILE D 831 18.84 -1.06 -22.57
C ILE D 831 20.30 -0.81 -22.92
N PRO D 832 20.96 -1.70 -23.68
CA PRO D 832 22.41 -1.53 -23.90
C PRO D 832 22.77 -0.23 -24.61
N ARG D 833 21.84 0.38 -25.35
CA ARG D 833 22.12 1.64 -26.01
C ARG D 833 21.94 2.79 -25.01
N PRO D 834 23.00 3.52 -24.68
CA PRO D 834 22.85 4.63 -23.72
C PRO D 834 22.27 5.87 -24.39
N ILE D 835 21.81 6.78 -23.53
CA ILE D 835 21.36 8.10 -23.97
C ILE D 835 22.58 9.01 -23.88
N LYS D 836 23.39 9.01 -24.94
CA LYS D 836 24.60 9.82 -24.96
C LYS D 836 24.31 11.31 -24.94
N SER D 837 23.08 11.72 -25.24
CA SER D 837 22.72 13.12 -25.18
C SER D 837 22.38 13.53 -23.75
N SER D 838 22.41 14.84 -23.50
CA SER D 838 22.09 15.40 -22.20
C SER D 838 20.96 16.40 -22.36
N PHE D 839 20.22 16.61 -21.27
CA PHE D 839 19.09 17.53 -21.31
C PHE D 839 19.53 18.94 -21.67
N ARG D 840 20.79 19.30 -21.41
CA ARG D 840 21.31 20.57 -21.89
C ARG D 840 21.33 20.60 -23.42
N GLU D 841 21.78 19.52 -24.05
CA GLU D 841 21.80 19.45 -25.50
C GLU D 841 20.42 19.15 -26.07
N GLY D 842 19.59 18.41 -25.35
CA GLY D 842 18.30 18.00 -25.85
C GLY D 842 18.31 16.58 -26.36
N LEU D 843 17.34 15.78 -25.91
CA LEU D 843 17.28 14.38 -26.30
C LEU D 843 16.59 14.23 -27.66
N THR D 844 17.05 13.24 -28.42
CA THR D 844 16.40 12.90 -29.68
C THR D 844 15.04 12.26 -29.40
N VAL D 845 14.32 11.93 -30.47
CA VAL D 845 12.98 11.38 -30.31
C VAL D 845 13.03 10.00 -29.67
N LEU D 846 13.89 9.13 -30.19
CA LEU D 846 13.93 7.76 -29.69
C LEU D 846 14.52 7.70 -28.28
N GLU D 847 15.51 8.55 -28.00
CA GLU D 847 16.06 8.62 -26.65
C GLU D 847 14.99 9.02 -25.65
N TYR D 848 14.18 10.03 -26.00
CA TYR D 848 13.11 10.45 -25.12
C TYR D 848 12.07 9.35 -24.94
N PHE D 849 11.72 8.67 -26.02
CA PHE D 849 10.72 7.61 -25.93
C PHE D 849 11.19 6.48 -25.01
N ILE D 850 12.45 6.04 -25.17
CA ILE D 850 12.95 4.99 -24.31
C ILE D 850 13.11 5.47 -22.88
N ASN D 851 13.39 6.76 -22.68
CA ASN D 851 13.50 7.30 -21.34
C ASN D 851 12.16 7.31 -20.62
N THR D 852 11.06 7.48 -21.37
CA THR D 852 9.74 7.53 -20.72
C THR D 852 9.40 6.26 -19.95
N HIS D 853 9.99 5.11 -20.31
CA HIS D 853 9.60 3.85 -19.70
C HIS D 853 9.79 3.87 -18.19
N GLY D 854 11.04 4.00 -17.73
CA GLY D 854 11.31 4.03 -16.32
C GLY D 854 10.67 5.21 -15.62
N ALA D 855 10.54 6.34 -16.33
CA ALA D 855 9.87 7.49 -15.76
C ALA D 855 8.44 7.14 -15.34
N ARG D 856 7.71 6.42 -16.19
CA ARG D 856 6.37 6.01 -15.80
C ARG D 856 6.39 4.88 -14.78
N LYS D 857 7.38 3.99 -14.88
CA LYS D 857 7.47 2.87 -13.94
C LYS D 857 7.61 3.37 -12.50
N GLY D 858 8.41 4.42 -12.31
CA GLY D 858 8.63 4.94 -10.97
C GLY D 858 7.36 5.41 -10.29
N LEU D 859 6.39 5.91 -11.07
CA LEU D 859 5.16 6.40 -10.48
C LEU D 859 4.43 5.29 -9.74
N ALA D 860 4.36 4.10 -10.32
CA ALA D 860 3.75 2.96 -9.64
C ALA D 860 4.66 2.36 -8.58
N ASP D 861 5.98 2.36 -8.82
CA ASP D 861 6.90 1.80 -7.83
C ASP D 861 6.82 2.55 -6.50
N THR D 862 6.77 3.88 -6.56
CA THR D 862 6.72 4.68 -5.34
C THR D 862 5.44 4.39 -4.56
N ALA D 863 4.30 4.28 -5.27
CA ALA D 863 3.06 3.96 -4.58
C ALA D 863 3.10 2.56 -3.97
N LEU D 864 3.69 1.60 -4.67
CA LEU D 864 3.71 0.23 -4.17
C LEU D 864 4.59 0.09 -2.94
N ARG D 865 5.71 0.82 -2.90
CA ARG D 865 6.64 0.66 -1.77
C ARG D 865 5.99 1.00 -0.43
N THR D 866 5.07 1.98 -0.43
CA THR D 866 4.44 2.39 0.81
C THR D 866 3.63 1.25 1.43
N ALA D 867 3.08 0.37 0.61
CA ALA D 867 2.30 -0.75 1.14
C ALA D 867 3.17 -1.65 2.02
N ASP D 868 4.33 -2.04 1.51
CA ASP D 868 5.24 -2.87 2.29
C ASP D 868 5.75 -2.13 3.52
N SER D 869 6.07 -0.84 3.36
CA SER D 869 6.52 -0.07 4.51
C SER D 869 5.46 -0.06 5.60
N GLY D 870 4.21 0.17 5.23
CA GLY D 870 3.14 0.20 6.21
C GLY D 870 2.88 -1.16 6.83
N TYR D 871 3.03 -2.24 6.04
CA TYR D 871 2.89 -3.58 6.60
C TYR D 871 3.90 -3.81 7.72
N LEU D 872 5.18 -3.55 7.43
CA LEU D 872 6.20 -3.75 8.45
C LEU D 872 5.97 -2.83 9.64
N THR D 873 5.57 -1.57 9.38
CA THR D 873 5.34 -0.63 10.47
C THR D 873 4.21 -1.10 11.37
N ARG D 874 3.13 -1.62 10.78
CA ARG D 874 2.02 -2.10 11.59
C ARG D 874 2.41 -3.31 12.41
N ARG D 875 3.18 -4.22 11.83
CA ARG D 875 3.66 -5.36 12.61
C ARG D 875 4.49 -4.89 13.80
N LEU D 876 5.42 -3.96 13.56
CA LEU D 876 6.27 -3.47 14.64
C LEU D 876 5.46 -2.75 15.70
N VAL D 877 4.48 -1.94 15.30
CA VAL D 877 3.64 -1.25 16.26
C VAL D 877 2.85 -2.26 17.10
N ASP D 878 2.29 -3.27 16.45
CA ASP D 878 1.54 -4.28 17.19
C ASP D 878 2.41 -4.96 18.24
N VAL D 879 3.63 -5.34 17.86
CA VAL D 879 4.48 -6.07 18.81
C VAL D 879 4.96 -5.16 19.93
N SER D 880 5.34 -3.93 19.60
CA SER D 880 6.03 -3.07 20.56
C SER D 880 5.15 -1.98 21.18
N GLN D 881 3.86 -1.94 20.86
CA GLN D 881 3.01 -0.88 21.39
C GLN D 881 2.89 -0.94 22.91
N ASP D 882 3.11 -2.10 23.52
CA ASP D 882 2.94 -2.23 24.96
C ASP D 882 4.10 -1.64 25.75
N VAL D 883 5.30 -1.60 25.16
CA VAL D 883 6.50 -1.24 25.92
C VAL D 883 6.39 0.21 26.38
N ILE D 884 6.49 0.42 27.70
CA ILE D 884 6.48 1.74 28.29
C ILE D 884 7.49 1.76 29.44
N VAL D 885 8.13 2.90 29.64
CA VAL D 885 9.06 3.07 30.75
C VAL D 885 8.25 3.21 32.03
N ARG D 886 8.50 2.30 32.98
CA ARG D 886 7.67 2.19 34.17
C ARG D 886 8.38 2.60 35.46
N GLU D 887 9.69 2.43 35.55
CA GLU D 887 10.43 2.75 36.77
C GLU D 887 11.74 3.43 36.39
N HIS D 888 12.31 4.14 37.35
CA HIS D 888 13.55 4.87 37.08
C HIS D 888 14.74 3.94 36.94
N ASP D 889 14.86 2.96 37.83
CA ASP D 889 15.99 2.04 37.81
C ASP D 889 15.54 0.67 38.29
N CYS D 890 16.06 -0.37 37.63
CA CYS D 890 15.78 -1.74 38.01
C CYS D 890 16.88 -2.34 38.90
N GLU D 891 17.90 -1.56 39.24
CA GLU D 891 18.95 -2.00 40.16
C GLU D 891 19.63 -3.27 39.66
N THR D 892 20.12 -3.22 38.41
CA THR D 892 20.82 -4.34 37.82
C THR D 892 22.15 -3.87 37.25
N GLU D 893 23.15 -4.73 37.33
CA GLU D 893 24.47 -4.47 36.76
C GLU D 893 24.70 -5.21 35.44
N ARG D 894 23.67 -5.88 34.92
CA ARG D 894 23.80 -6.56 33.64
C ARG D 894 23.82 -5.55 32.51
N GLY D 895 24.66 -5.82 31.51
CA GLY D 895 24.79 -4.91 30.38
C GLY D 895 25.43 -5.60 29.20
N ILE D 896 25.58 -4.83 28.12
CA ILE D 896 26.18 -5.32 26.89
C ILE D 896 27.43 -4.49 26.60
N ASN D 897 28.40 -5.11 25.95
CA ASN D 897 29.68 -4.48 25.69
C ASN D 897 29.70 -3.88 24.29
N VAL D 898 30.08 -2.62 24.19
CA VAL D 898 30.12 -1.88 22.93
C VAL D 898 31.53 -1.35 22.74
N THR D 899 32.08 -1.54 21.53
CA THR D 899 33.41 -1.07 21.22
C THR D 899 33.38 0.40 20.81
N LEU D 900 34.38 1.15 21.29
CA LEU D 900 34.51 2.57 20.97
C LEU D 900 35.53 2.83 19.87
N ALA D 901 36.69 2.16 19.94
CA ALA D 901 37.72 2.34 18.94
C ALA D 901 38.51 1.04 18.81
N GLU D 902 39.25 0.92 17.70
CA GLU D 902 39.98 -0.29 17.38
C GLU D 902 41.44 0.03 17.12
N ARG D 903 42.31 -0.92 17.46
CA ARG D 903 43.74 -0.78 17.20
C ARG D 903 44.06 -1.26 15.80
N GLY D 904 44.72 -0.39 15.02
CA GLY D 904 45.12 -0.72 13.68
C GLY D 904 46.58 -1.17 13.64
N PRO D 905 47.33 -0.72 12.63
CA PRO D 905 48.76 -1.03 12.59
C PRO D 905 49.62 -0.19 13.53
N ASP D 906 48.99 0.53 14.46
CA ASP D 906 49.71 1.37 15.40
C ASP D 906 48.81 1.57 16.61
N GLY D 907 49.39 2.09 17.69
CA GLY D 907 48.63 2.39 18.90
C GLY D 907 47.44 3.29 18.63
N THR D 908 47.43 3.95 17.47
CA THR D 908 46.29 4.78 17.07
C THR D 908 44.98 4.03 17.23
N LEU D 909 44.08 4.59 18.02
CA LEU D 909 42.74 4.03 18.22
C LEU D 909 41.80 4.68 17.21
N ILE D 910 41.51 3.95 16.14
CA ILE D 910 40.58 4.45 15.13
C ILE D 910 39.17 4.39 15.68
N ARG D 911 38.47 5.52 15.66
CA ARG D 911 37.09 5.57 16.12
C ARG D 911 36.22 4.68 15.25
N ASP D 912 35.44 3.81 15.89
CA ASP D 912 34.57 2.92 15.15
C ASP D 912 33.47 3.70 14.45
N ALA D 913 33.11 3.26 13.24
CA ALA D 913 32.09 3.96 12.46
C ALA D 913 30.71 3.83 13.06
N HIS D 914 30.49 2.87 13.96
CA HIS D 914 29.16 2.58 14.50
C HIS D 914 28.96 3.15 15.90
N VAL D 915 29.84 4.04 16.36
CA VAL D 915 29.74 4.54 17.73
C VAL D 915 28.45 5.32 17.92
N GLU D 916 28.11 6.19 16.96
CA GLU D 916 27.00 7.11 17.14
C GLU D 916 25.64 6.41 17.21
N THR D 917 25.56 5.14 16.85
CA THR D 917 24.30 4.40 16.90
C THR D 917 24.36 3.16 17.79
N SER D 918 25.47 2.94 18.50
CA SER D 918 25.60 1.77 19.36
C SER D 918 26.01 2.12 20.79
N ALA D 919 26.87 3.12 20.96
CA ALA D 919 27.33 3.54 22.27
C ALA D 919 26.83 4.91 22.69
N PHE D 920 26.62 5.82 21.74
CA PHE D 920 26.13 7.15 22.06
C PHE D 920 24.74 7.06 22.68
N ALA D 921 24.52 7.90 23.70
CA ALA D 921 23.21 8.03 24.34
C ALA D 921 22.84 6.79 25.16
N ARG D 922 23.82 6.21 25.84
CA ARG D 922 23.58 5.11 26.78
C ARG D 922 24.27 5.41 28.10
N THR D 923 23.79 4.78 29.16
CA THR D 923 24.37 4.89 30.49
C THR D 923 25.32 3.73 30.73
N LEU D 924 26.47 4.02 31.32
CA LEU D 924 27.45 2.99 31.63
C LEU D 924 26.93 2.04 32.70
N ALA D 925 27.17 0.74 32.51
CA ALA D 925 26.84 -0.25 33.52
C ALA D 925 27.96 -0.44 34.54
N THR D 926 29.19 -0.13 34.17
CA THR D 926 30.33 -0.23 35.08
C THR D 926 31.29 0.92 34.80
N ASP D 927 32.11 1.22 35.79
CA ASP D 927 33.07 2.31 35.65
C ASP D 927 34.06 2.02 34.54
N ALA D 928 34.46 3.07 33.83
CA ALA D 928 35.43 2.97 32.74
C ALA D 928 36.78 3.44 33.24
N VAL D 929 37.80 2.58 33.09
CA VAL D 929 39.15 2.86 33.57
C VAL D 929 40.13 2.72 32.42
N ASP D 930 41.25 3.41 32.55
CA ASP D 930 42.36 3.28 31.61
C ASP D 930 43.33 2.23 32.12
N ALA D 931 44.51 2.14 31.49
CA ALA D 931 45.51 1.16 31.91
C ALA D 931 46.03 1.42 33.32
N ASN D 932 45.84 2.63 33.84
CA ASN D 932 46.31 2.99 35.17
C ASN D 932 45.25 2.81 36.25
N GLY D 933 44.05 2.36 35.89
CA GLY D 933 43.01 2.11 36.85
C GLY D 933 42.20 3.32 37.27
N ASN D 934 42.51 4.51 36.75
CA ASN D 934 41.77 5.71 37.09
C ASN D 934 40.46 5.75 36.31
N VAL D 935 39.36 5.97 37.02
CA VAL D 935 38.05 5.99 36.38
C VAL D 935 37.85 7.34 35.70
N ILE D 936 37.51 7.29 34.41
CA ILE D 936 37.24 8.50 33.64
C ILE D 936 35.75 8.80 33.72
N ILE D 937 34.93 7.85 33.30
CA ILE D 937 33.48 7.94 33.40
C ILE D 937 33.02 6.84 34.34
N GLU D 938 32.34 7.22 35.41
CA GLU D 938 31.87 6.24 36.39
C GLU D 938 30.46 5.75 36.03
N ARG D 939 29.99 4.79 36.82
CA ARG D 939 28.72 4.15 36.52
C ARG D 939 27.57 5.15 36.57
N GLY D 940 26.63 5.00 35.64
CA GLY D 940 25.39 5.76 35.66
C GLY D 940 25.37 7.03 34.84
N HIS D 941 26.50 7.44 34.25
CA HIS D 941 26.54 8.66 33.46
C HIS D 941 26.27 8.37 31.99
N ASP D 942 25.57 9.30 31.35
CA ASP D 942 25.26 9.16 29.93
C ASP D 942 26.52 9.30 29.09
N LEU D 943 26.62 8.47 28.06
CA LEU D 943 27.77 8.51 27.15
C LEU D 943 27.47 9.47 25.99
N GLY D 944 27.52 10.75 26.32
CA GLY D 944 27.36 11.78 25.31
C GLY D 944 28.59 11.92 24.45
N ASP D 945 28.47 12.75 23.42
CA ASP D 945 29.60 12.98 22.52
C ASP D 945 30.83 13.48 23.28
N PRO D 946 30.74 14.49 24.14
CA PRO D 946 31.92 14.87 24.94
C PRO D 946 32.47 13.72 25.79
N ALA D 947 31.58 12.91 26.38
CA ALA D 947 32.05 11.79 27.18
C ALA D 947 32.81 10.78 26.33
N ILE D 948 32.28 10.47 25.14
CA ILE D 948 32.98 9.55 24.24
C ILE D 948 34.33 10.13 23.83
N ASP D 949 34.35 11.43 23.52
CA ASP D 949 35.60 12.06 23.11
C ASP D 949 36.63 11.98 24.23
N ALA D 950 36.20 12.19 25.47
CA ALA D 950 37.10 12.02 26.61
C ALA D 950 37.59 10.58 26.70
N LEU D 951 36.70 9.61 26.46
CA LEU D 951 37.10 8.22 26.56
C LEU D 951 38.18 7.87 25.55
N LEU D 952 38.01 8.29 24.28
CA LEU D 952 39.06 8.05 23.29
C LEU D 952 40.31 8.88 23.59
N ALA D 953 40.16 10.07 24.17
CA ALA D 953 41.34 10.82 24.58
C ALA D 953 42.15 10.05 25.61
N ALA D 954 41.47 9.42 26.56
CA ALA D 954 42.16 8.58 27.55
C ALA D 954 42.66 7.27 26.95
N GLY D 955 42.05 6.81 25.85
CA GLY D 955 42.53 5.62 25.17
C GLY D 955 41.81 4.34 25.58
N ILE D 956 40.48 4.35 25.52
CA ILE D 956 39.66 3.18 25.84
C ILE D 956 39.04 2.67 24.55
N THR D 957 38.90 1.34 24.45
CA THR D 957 38.42 0.70 23.23
C THR D 957 37.05 0.06 23.37
N THR D 958 36.58 -0.21 24.58
CA THR D 958 35.28 -0.83 24.78
C THR D 958 34.74 -0.44 26.14
N VAL D 959 33.41 -0.47 26.28
CA VAL D 959 32.75 -0.13 27.53
C VAL D 959 31.47 -0.94 27.65
N LYS D 960 31.08 -1.22 28.89
CA LYS D 960 29.84 -1.93 29.19
C LYS D 960 28.74 -0.92 29.45
N VAL D 961 27.61 -1.08 28.78
CA VAL D 961 26.51 -0.12 28.84
C VAL D 961 25.22 -0.88 29.14
N ARG D 962 24.27 -0.17 29.74
CA ARG D 962 22.97 -0.76 30.04
C ARG D 962 22.05 -0.64 28.83
N SER D 963 21.27 -1.70 28.59
CA SER D 963 20.38 -1.75 27.44
C SER D 963 19.06 -2.37 27.88
N VAL D 964 18.02 -2.11 27.08
CA VAL D 964 16.70 -2.68 27.37
C VAL D 964 16.74 -4.20 27.32
N LEU D 965 17.66 -4.77 26.55
CA LEU D 965 17.76 -6.22 26.47
C LEU D 965 17.99 -6.84 27.84
N THR D 966 18.95 -6.30 28.59
CA THR D 966 19.33 -6.85 29.88
C THR D 966 18.49 -6.30 31.04
N CYS D 967 17.56 -5.40 30.76
CA CYS D 967 16.75 -4.81 31.83
C CYS D 967 15.92 -5.88 32.53
N THR D 968 16.11 -6.00 33.84
CA THR D 968 15.31 -6.90 34.68
C THR D 968 14.13 -6.15 35.30
N SER D 969 13.33 -5.49 34.48
CA SER D 969 12.18 -4.76 34.98
C SER D 969 10.98 -5.69 35.13
N ALA D 970 10.25 -5.52 36.23
CA ALA D 970 9.06 -6.35 36.45
C ALA D 970 8.03 -6.14 35.35
N THR D 971 7.80 -4.88 34.97
CA THR D 971 6.87 -4.55 33.89
C THR D 971 7.48 -3.44 33.05
N GLY D 972 7.45 -3.60 31.73
CA GLY D 972 8.04 -2.61 30.86
C GLY D 972 9.55 -2.57 31.02
N VAL D 973 10.12 -1.37 30.89
CA VAL D 973 11.54 -1.13 31.05
C VAL D 973 11.73 0.06 31.99
N CYS D 974 12.95 0.20 32.50
CA CYS D 974 13.28 1.32 33.37
C CYS D 974 14.00 2.40 32.58
N ALA D 975 14.05 3.59 33.17
CA ALA D 975 14.67 4.72 32.49
C ALA D 975 16.17 4.51 32.29
N MET D 976 16.86 3.98 33.31
CA MET D 976 18.31 3.90 33.25
C MET D 976 18.77 2.96 32.14
N CYS D 977 18.12 1.81 31.98
CA CYS D 977 18.52 0.88 30.94
C CYS D 977 18.27 1.45 29.56
N TYR D 978 17.10 2.04 29.34
CA TYR D 978 16.83 2.69 28.07
C TYR D 978 17.79 3.86 27.85
N GLY D 979 18.00 4.67 28.89
CA GLY D 979 18.99 5.72 28.85
C GLY D 979 18.49 7.04 28.29
N ARG D 980 19.40 7.76 27.63
CA ARG D 980 19.10 9.10 27.15
C ARG D 980 18.04 9.06 26.06
N SER D 981 17.04 9.93 26.18
CA SER D 981 16.02 10.06 25.15
C SER D 981 16.58 10.85 23.97
N MET D 982 16.40 10.33 22.76
CA MET D 982 16.96 10.98 21.59
C MET D 982 16.28 12.31 21.28
N ALA D 983 14.97 12.38 21.51
CA ALA D 983 14.24 13.61 21.18
C ALA D 983 14.62 14.75 22.10
N THR D 984 14.65 14.50 23.41
CA THR D 984 14.91 15.55 24.38
C THR D 984 16.38 15.67 24.77
N GLY D 985 17.19 14.67 24.46
CA GLY D 985 18.59 14.70 24.84
C GLY D 985 18.85 14.50 26.32
N LYS D 986 17.83 14.16 27.10
CA LYS D 986 17.94 13.93 28.52
C LYS D 986 17.48 12.51 28.84
N LEU D 987 17.72 12.10 30.08
CA LEU D 987 17.33 10.76 30.50
C LEU D 987 15.84 10.55 30.27
N VAL D 988 15.48 9.40 29.71
CA VAL D 988 14.09 9.12 29.41
C VAL D 988 13.25 9.20 30.67
N ASP D 989 12.07 9.80 30.56
CA ASP D 989 11.20 10.01 31.70
C ASP D 989 10.28 8.80 31.90
N ILE D 990 9.81 8.64 33.13
CA ILE D 990 8.89 7.55 33.45
C ILE D 990 7.56 7.81 32.75
N GLY D 991 7.06 6.79 32.03
CA GLY D 991 5.79 6.88 31.35
C GLY D 991 5.88 7.11 29.86
N GLU D 992 7.06 7.42 29.34
CA GLU D 992 7.20 7.66 27.91
C GLU D 992 7.02 6.35 27.14
N ALA D 993 6.24 6.41 26.05
CA ALA D 993 5.93 5.23 25.25
C ALA D 993 7.05 4.98 24.25
N VAL D 994 8.16 4.46 24.78
CA VAL D 994 9.34 4.22 23.94
C VAL D 994 9.05 3.18 22.87
N GLY D 995 8.08 2.28 23.12
CA GLY D 995 7.81 1.24 22.14
C GLY D 995 7.29 1.80 20.83
N ILE D 996 6.32 2.71 20.89
CA ILE D 996 5.79 3.32 19.68
C ILE D 996 6.87 4.13 18.98
N VAL D 997 7.71 4.83 19.75
CA VAL D 997 8.79 5.60 19.15
C VAL D 997 9.73 4.69 18.37
N ALA D 998 10.10 3.55 18.97
CA ALA D 998 10.97 2.61 18.29
C ALA D 998 10.31 2.05 17.03
N ALA D 999 9.03 1.70 17.13
CA ALA D 999 8.33 1.15 15.98
C ALA D 999 8.30 2.16 14.83
N GLN D 1000 7.97 3.41 15.14
CA GLN D 1000 7.92 4.44 14.10
C GLN D 1000 9.30 4.70 13.52
N SER D 1001 10.32 4.76 14.37
CA SER D 1001 11.68 5.03 13.89
C SER D 1001 12.17 3.91 12.98
N ILE D 1002 11.80 2.67 13.27
CA ILE D 1002 12.25 1.57 12.42
C ILE D 1002 11.42 1.49 11.15
N GLY D 1003 10.13 1.83 11.21
CA GLY D 1003 9.26 1.68 10.06
C GLY D 1003 9.29 2.82 9.06
N GLU D 1004 9.49 4.05 9.53
CA GLU D 1004 9.43 5.20 8.63
C GLU D 1004 10.43 5.11 7.49
N PRO D 1005 11.71 4.78 7.71
CA PRO D 1005 12.65 4.67 6.60
C PRO D 1005 12.55 3.37 5.80
N GLY D 1006 11.48 2.60 5.98
CA GLY D 1006 11.37 1.34 5.25
C GLY D 1006 11.27 1.53 3.75
N THR D 1007 10.72 2.66 3.31
CA THR D 1007 10.56 2.90 1.88
C THR D 1007 11.90 3.04 1.17
N GLN D 1008 12.98 3.32 1.89
CA GLN D 1008 14.29 3.44 1.27
C GLN D 1008 14.95 2.10 1.01
N LEU D 1009 14.48 1.03 1.65
CA LEU D 1009 15.09 -0.28 1.51
C LEU D 1009 14.70 -0.92 0.18
N THR D 1010 15.56 -1.82 -0.29
CA THR D 1010 15.20 -2.66 -1.44
C THR D 1010 14.12 -3.63 -1.03
N MET D 1011 13.33 -4.07 -2.02
CA MET D 1011 12.17 -4.91 -1.76
C MET D 1011 12.07 -5.98 -2.83
N ARG D 1012 11.16 -6.93 -2.59
CA ARG D 1012 10.87 -7.95 -3.60
C ARG D 1012 10.30 -7.28 -4.86
N THR D 1013 10.55 -7.91 -6.00
CA THR D 1013 10.08 -7.37 -7.26
C THR D 1013 8.56 -7.25 -7.26
N PHE D 1014 8.06 -6.17 -7.85
CA PHE D 1014 6.63 -5.95 -7.97
C PHE D 1014 6.05 -6.61 -9.23
N HIS D 1015 6.88 -7.19 -10.08
CA HIS D 1015 6.38 -7.90 -11.25
C HIS D 1015 5.66 -9.17 -10.82
N GLN D 1016 4.55 -9.46 -11.50
CA GLN D 1016 3.67 -10.53 -11.06
C GLN D 1016 4.27 -11.91 -11.32
N GLY D 1017 4.93 -12.09 -12.46
CA GLY D 1017 5.47 -13.37 -12.85
C GLY D 1017 6.97 -13.44 -12.72
N GLY D 1018 7.55 -14.45 -13.37
CA GLY D 1018 8.99 -14.62 -13.39
C GLY D 1018 9.50 -15.54 -12.29
N VAL D 1019 10.83 -15.60 -12.21
CA VAL D 1019 11.52 -16.46 -11.27
C VAL D 1019 11.59 -15.78 -9.89
N THR D 1020 11.94 -16.55 -8.87
CA THR D 1020 12.06 -16.02 -7.52
C THR D 1020 13.27 -15.09 -7.44
N GLY D 1021 13.02 -13.82 -7.15
CA GLY D 1021 14.11 -12.85 -7.04
C GLY D 1021 14.98 -13.02 -5.81
N GLY D 1022 14.59 -13.90 -4.89
CA GLY D 1022 15.40 -14.15 -3.71
C GLY D 1022 16.60 -15.04 -3.93
N ALA D 1023 16.73 -15.63 -5.13
CA ALA D 1023 17.92 -16.42 -5.44
C ALA D 1023 19.16 -15.55 -5.40
N ASP D 1024 19.07 -14.33 -5.96
CA ASP D 1024 20.11 -13.34 -5.83
C ASP D 1024 19.93 -12.57 -4.52
N ILE D 1025 21.01 -11.95 -4.05
CA ILE D 1025 20.97 -11.27 -2.77
C ILE D 1025 19.97 -10.12 -2.85
N VAL D 1026 18.93 -10.20 -2.03
CA VAL D 1026 17.90 -9.16 -1.97
C VAL D 1026 17.83 -8.64 -0.54
N GLY D 1027 18.96 -8.65 0.16
CA GLY D 1027 18.95 -8.44 1.59
C GLY D 1027 18.55 -7.03 1.99
N GLY D 1028 17.28 -6.71 1.76
CA GLY D 1028 16.72 -5.43 2.15
C GLY D 1028 15.56 -5.61 3.10
N LEU D 1029 14.40 -5.07 2.75
CA LEU D 1029 13.22 -5.28 3.57
C LEU D 1029 12.89 -6.75 3.79
N PRO D 1030 13.01 -7.63 2.79
CA PRO D 1030 12.76 -9.06 3.06
C PRO D 1030 13.63 -9.62 4.17
N ARG D 1031 14.90 -9.21 4.23
CA ARG D 1031 15.77 -9.70 5.30
C ARG D 1031 15.29 -9.24 6.67
N VAL D 1032 14.83 -7.99 6.77
CA VAL D 1032 14.30 -7.49 8.04
C VAL D 1032 13.05 -8.25 8.42
N GLN D 1033 12.18 -8.51 7.45
CA GLN D 1033 10.98 -9.30 7.71
C GLN D 1033 11.34 -10.68 8.22
N GLU D 1034 12.34 -11.32 7.61
CA GLU D 1034 12.79 -12.63 8.06
C GLU D 1034 13.33 -12.56 9.48
N LEU D 1035 14.12 -11.53 9.78
CA LEU D 1035 14.74 -11.44 11.10
C LEU D 1035 13.71 -11.23 12.19
N PHE D 1036 12.82 -10.26 12.02
CA PHE D 1036 11.86 -9.95 13.07
C PHE D 1036 10.84 -11.07 13.27
N GLU D 1037 10.65 -11.94 12.29
CA GLU D 1037 9.74 -13.07 12.42
C GLU D 1037 10.45 -14.35 12.86
N ALA D 1038 11.76 -14.30 13.09
CA ALA D 1038 12.51 -15.45 13.58
C ALA D 1038 12.35 -16.66 12.66
N ARG D 1039 12.30 -16.43 11.36
CA ARG D 1039 12.15 -17.52 10.40
C ARG D 1039 13.52 -18.02 9.94
N VAL D 1040 13.56 -19.28 9.54
CA VAL D 1040 14.83 -19.91 9.17
C VAL D 1040 15.38 -19.24 7.91
N PRO D 1041 16.66 -18.87 7.86
CA PRO D 1041 17.20 -18.24 6.66
C PRO D 1041 17.20 -19.19 5.47
N ARG D 1042 17.11 -18.60 4.27
CA ARG D 1042 17.19 -19.41 3.05
C ARG D 1042 18.58 -20.01 2.90
N ASN D 1043 19.62 -19.18 3.01
CA ASN D 1043 21.00 -19.64 2.93
C ASN D 1043 21.57 -19.87 4.34
N LYS D 1044 20.97 -20.84 5.02
CA LYS D 1044 21.34 -21.12 6.41
C LYS D 1044 22.79 -21.54 6.50
N ALA D 1045 23.50 -20.94 7.46
CA ALA D 1045 24.90 -21.27 7.72
C ALA D 1045 25.01 -21.95 9.08
N PRO D 1046 25.48 -23.20 9.16
CA PRO D 1046 25.61 -23.85 10.46
C PRO D 1046 26.64 -23.14 11.33
N ILE D 1047 26.40 -23.18 12.64
CA ILE D 1047 27.27 -22.55 13.62
C ILE D 1047 27.93 -23.62 14.47
N ALA D 1048 29.11 -23.31 14.97
CA ALA D 1048 29.91 -24.27 15.72
C ALA D 1048 29.30 -24.50 17.10
N ASP D 1049 28.97 -25.76 17.41
CA ASP D 1049 28.45 -26.08 18.73
C ASP D 1049 29.53 -26.08 19.80
N VAL D 1050 30.79 -26.28 19.42
CA VAL D 1050 31.89 -26.39 20.37
C VAL D 1050 33.13 -25.73 19.76
N ALA D 1051 33.91 -25.06 20.60
CA ALA D 1051 35.18 -24.53 20.16
C ALA D 1051 36.19 -25.65 19.97
N GLY D 1052 37.07 -25.47 18.99
CA GLY D 1052 38.05 -26.50 18.69
C GLY D 1052 38.78 -26.19 17.39
N ARG D 1053 39.33 -27.23 16.79
CA ARG D 1053 40.07 -27.11 15.54
C ARG D 1053 39.27 -27.74 14.41
N VAL D 1054 39.30 -27.10 13.24
CA VAL D 1054 38.48 -27.51 12.11
C VAL D 1054 39.30 -28.39 11.18
N ARG D 1055 38.71 -29.51 10.77
CA ARG D 1055 39.25 -30.37 9.72
C ARG D 1055 38.18 -30.52 8.65
N LEU D 1056 38.57 -30.30 7.39
CA LEU D 1056 37.62 -30.11 6.30
C LEU D 1056 37.90 -31.09 5.18
N GLU D 1057 36.83 -31.62 4.59
CA GLU D 1057 36.90 -32.46 3.41
C GLU D 1057 35.90 -31.95 2.39
N GLU D 1058 36.16 -32.23 1.11
CA GLU D 1058 35.33 -31.70 0.04
C GLU D 1058 34.99 -32.80 -0.96
N SER D 1059 33.86 -32.63 -1.64
CA SER D 1059 33.38 -33.56 -2.65
C SER D 1059 32.90 -32.73 -3.84
N ASP D 1060 32.16 -33.38 -4.75
CA ASP D 1060 31.72 -32.70 -5.96
C ASP D 1060 30.88 -31.46 -5.62
N LYS D 1061 29.92 -31.60 -4.71
CA LYS D 1061 29.04 -30.48 -4.38
C LYS D 1061 28.74 -30.36 -2.89
N PHE D 1062 29.38 -31.15 -2.03
CA PHE D 1062 29.18 -31.08 -0.59
C PHE D 1062 30.52 -30.91 0.12
N PHE D 1063 30.49 -30.17 1.22
CA PHE D 1063 31.59 -30.14 2.18
C PHE D 1063 31.29 -31.09 3.33
N LYS D 1064 32.35 -31.47 4.04
CA LYS D 1064 32.26 -32.31 5.23
C LYS D 1064 33.22 -31.69 6.24
N ILE D 1065 32.69 -30.83 7.11
CA ILE D 1065 33.49 -30.12 8.09
C ILE D 1065 33.39 -30.86 9.41
N THR D 1066 34.41 -30.74 10.25
CA THR D 1066 34.38 -31.35 11.56
C THR D 1066 35.18 -30.49 12.53
N ILE D 1067 34.69 -30.38 13.75
CA ILE D 1067 35.34 -29.63 14.82
C ILE D 1067 35.78 -30.64 15.87
N VAL D 1068 37.07 -30.63 16.19
CA VAL D 1068 37.63 -31.43 17.26
C VAL D 1068 37.84 -30.50 18.45
N PRO D 1069 37.09 -30.65 19.54
CA PRO D 1069 37.24 -29.72 20.67
C PRO D 1069 38.51 -29.99 21.44
N ASP D 1070 39.29 -28.94 21.70
CA ASP D 1070 40.54 -29.10 22.44
C ASP D 1070 40.27 -29.59 23.86
N ASP D 1071 39.34 -28.94 24.56
CA ASP D 1071 38.96 -29.38 25.90
C ASP D 1071 37.96 -30.52 25.89
N GLY D 1072 37.30 -30.76 24.75
CA GLY D 1072 36.34 -31.84 24.63
C GLY D 1072 37.01 -33.15 24.23
N GLY D 1073 36.17 -34.14 23.95
CA GLY D 1073 36.65 -35.45 23.58
C GLY D 1073 35.80 -36.13 22.52
N GLU D 1074 35.00 -35.35 21.79
CA GLU D 1074 34.13 -35.90 20.75
C GLU D 1074 34.16 -34.98 19.54
N GLU D 1075 34.27 -35.59 18.36
CA GLU D 1075 34.25 -34.84 17.11
C GLU D 1075 32.81 -34.45 16.77
N VAL D 1076 32.61 -33.20 16.37
CA VAL D 1076 31.29 -32.69 15.98
C VAL D 1076 31.32 -32.45 14.48
N VAL D 1077 30.40 -33.09 13.75
CA VAL D 1077 30.48 -33.16 12.30
C VAL D 1077 29.36 -32.35 11.67
N TYR D 1078 29.65 -31.78 10.49
CA TYR D 1078 28.67 -31.14 9.63
C TYR D 1078 28.88 -31.75 8.25
N ASP D 1079 27.95 -32.61 7.83
CA ASP D 1079 28.21 -33.59 6.79
C ASP D 1079 27.56 -33.26 5.44
N LYS D 1080 26.62 -32.31 5.39
CA LYS D 1080 25.83 -32.07 4.20
C LYS D 1080 25.79 -30.59 3.86
N LEU D 1081 26.97 -29.97 3.83
CA LEU D 1081 27.10 -28.55 3.48
C LEU D 1081 27.33 -28.43 1.98
N SER D 1082 26.35 -27.88 1.27
CA SER D 1082 26.44 -27.77 -0.18
C SER D 1082 27.56 -26.82 -0.59
N LYS D 1083 28.22 -27.15 -1.70
CA LYS D 1083 29.29 -26.31 -2.23
C LYS D 1083 28.78 -25.08 -2.97
N ARG D 1084 27.50 -25.02 -3.33
CA ARG D 1084 26.96 -23.82 -3.94
C ARG D 1084 26.98 -22.63 -3.01
N GLN D 1085 27.19 -22.86 -1.71
CA GLN D 1085 27.37 -21.80 -0.73
C GLN D 1085 28.83 -21.79 -0.30
N ARG D 1086 29.42 -20.60 -0.22
CA ARG D 1086 30.85 -20.48 0.02
C ARG D 1086 31.17 -20.62 1.51
N LEU D 1087 32.45 -20.87 1.79
CA LEU D 1087 32.93 -20.96 3.16
C LEU D 1087 33.13 -19.57 3.73
N ARG D 1088 33.28 -19.51 5.05
CA ARG D 1088 33.51 -18.25 5.73
C ARG D 1088 34.91 -17.72 5.44
N VAL D 1089 35.07 -16.40 5.54
CA VAL D 1089 36.32 -15.73 5.29
C VAL D 1089 36.71 -14.94 6.54
N ILE D 1090 38.00 -14.95 6.86
CA ILE D 1090 38.51 -14.33 8.08
C ILE D 1090 39.00 -12.91 7.83
N THR D 1091 39.89 -12.73 6.86
CA THR D 1091 40.47 -11.42 6.55
C THR D 1091 41.21 -10.86 7.75
N HIS D 1092 42.26 -11.57 8.16
CA HIS D 1092 43.04 -11.18 9.32
C HIS D 1092 43.76 -9.85 9.06
N GLU D 1093 44.15 -9.19 10.14
CA GLU D 1093 44.75 -7.86 10.04
C GLU D 1093 45.98 -7.88 9.14
N ASP D 1094 46.92 -8.79 9.40
CA ASP D 1094 48.16 -8.87 8.63
C ASP D 1094 48.44 -10.26 8.07
N GLY D 1095 47.88 -11.33 8.63
CA GLY D 1095 48.10 -12.65 8.10
C GLY D 1095 47.36 -12.94 6.81
N THR D 1096 46.29 -12.19 6.52
CA THR D 1096 45.48 -12.40 5.33
C THR D 1096 45.06 -13.87 5.23
N GLU D 1097 44.53 -14.40 6.34
CA GLU D 1097 44.23 -15.82 6.43
C GLU D 1097 43.15 -16.25 5.44
N GLY D 1098 42.34 -15.31 4.96
CA GLY D 1098 41.39 -15.63 3.90
C GLY D 1098 40.33 -16.62 4.35
N VAL D 1099 39.98 -17.53 3.45
CA VAL D 1099 38.84 -18.41 3.66
C VAL D 1099 39.14 -19.44 4.74
N LEU D 1100 38.09 -19.88 5.43
CA LEU D 1100 38.22 -20.94 6.42
C LEU D 1100 38.80 -22.19 5.77
N SER D 1101 39.72 -22.83 6.46
CA SER D 1101 40.41 -24.00 5.92
C SER D 1101 40.82 -24.92 7.06
N ASP D 1102 41.17 -26.15 6.69
CA ASP D 1102 41.60 -27.15 7.66
C ASP D 1102 42.69 -26.57 8.57
N GLY D 1103 42.60 -26.93 9.86
CA GLY D 1103 43.58 -26.52 10.84
C GLY D 1103 43.28 -25.21 11.53
N ASP D 1104 42.27 -24.48 11.08
CA ASP D 1104 41.93 -23.20 11.72
C ASP D 1104 41.24 -23.45 13.06
N HIS D 1105 41.21 -22.41 13.88
CA HIS D 1105 40.58 -22.46 15.19
C HIS D 1105 39.26 -21.69 15.15
N VAL D 1106 38.21 -22.31 15.67
CA VAL D 1106 36.87 -21.74 15.65
C VAL D 1106 36.31 -21.73 17.07
N GLU D 1107 35.63 -20.66 17.42
CA GLU D 1107 35.02 -20.51 18.73
C GLU D 1107 33.57 -20.96 18.68
N VAL D 1108 32.91 -20.96 19.85
CA VAL D 1108 31.51 -21.37 19.92
C VAL D 1108 30.65 -20.30 19.27
N GLY D 1109 29.72 -20.75 18.41
CA GLY D 1109 28.83 -19.84 17.72
C GLY D 1109 29.39 -19.21 16.47
N ASP D 1110 30.57 -19.63 16.03
CA ASP D 1110 31.16 -19.10 14.81
C ASP D 1110 30.48 -19.69 13.58
N GLN D 1111 30.36 -18.87 12.54
CA GLN D 1111 29.76 -19.32 11.29
C GLN D 1111 30.77 -20.12 10.48
N LEU D 1112 30.38 -21.35 10.12
CA LEU D 1112 31.24 -22.20 9.30
C LEU D 1112 31.06 -21.94 7.81
N MET D 1113 29.84 -21.63 7.39
CA MET D 1113 29.52 -21.37 5.99
C MET D 1113 29.14 -19.90 5.83
N GLU D 1114 29.45 -19.36 4.65
CA GLU D 1114 29.13 -17.96 4.36
C GLU D 1114 27.65 -17.84 4.05
N GLY D 1115 26.93 -17.09 4.88
CA GLY D 1115 25.50 -16.92 4.70
C GLY D 1115 24.84 -16.25 5.88
N ALA D 1116 23.72 -16.82 6.34
CA ALA D 1116 22.97 -16.29 7.47
C ALA D 1116 22.76 -17.38 8.50
N ALA D 1117 23.15 -17.12 9.74
CA ALA D 1117 22.97 -18.08 10.82
C ALA D 1117 21.51 -18.10 11.28
N ASP D 1118 21.06 -19.28 11.67
CA ASP D 1118 19.69 -19.45 12.13
C ASP D 1118 19.55 -18.93 13.57
N PRO D 1119 18.63 -18.00 13.84
CA PRO D 1119 18.49 -17.51 15.22
C PRO D 1119 18.19 -18.59 16.23
N HIS D 1120 17.45 -19.63 15.86
CA HIS D 1120 17.09 -20.68 16.82
C HIS D 1120 18.32 -21.48 17.24
N GLU D 1121 19.23 -21.76 16.30
CA GLU D 1121 20.47 -22.43 16.67
C GLU D 1121 21.28 -21.57 17.62
N VAL D 1122 21.35 -20.26 17.36
CA VAL D 1122 22.08 -19.36 18.24
C VAL D 1122 21.43 -19.36 19.63
N LEU D 1123 20.10 -19.40 19.69
CA LEU D 1123 19.43 -19.47 20.98
C LEU D 1123 19.81 -20.74 21.73
N ARG D 1124 19.75 -21.88 21.03
CA ARG D 1124 20.00 -23.15 21.73
C ARG D 1124 21.46 -23.29 22.15
N VAL D 1125 22.38 -22.72 21.39
CA VAL D 1125 23.81 -22.90 21.68
C VAL D 1125 24.33 -21.83 22.64
N GLN D 1126 24.06 -20.56 22.35
CA GLN D 1126 24.68 -19.46 23.08
C GLN D 1126 23.77 -18.83 24.13
N GLY D 1127 22.46 -18.89 23.96
CA GLY D 1127 21.54 -18.40 24.97
C GLY D 1127 20.79 -17.14 24.55
N PRO D 1128 19.82 -16.73 25.38
CA PRO D 1128 19.00 -15.56 25.03
C PRO D 1128 19.80 -14.28 24.81
N ARG D 1129 20.82 -14.05 25.64
CA ARG D 1129 21.63 -12.84 25.50
C ARG D 1129 22.25 -12.77 24.11
N GLU D 1130 22.93 -13.84 23.71
CA GLU D 1130 23.67 -13.83 22.46
C GLU D 1130 22.74 -13.81 21.26
N VAL D 1131 21.58 -14.49 21.33
CA VAL D 1131 20.65 -14.45 20.21
C VAL D 1131 20.04 -13.06 20.06
N GLN D 1132 19.75 -12.39 21.18
CA GLN D 1132 19.27 -11.01 21.09
C GLN D 1132 20.33 -10.11 20.45
N ILE D 1133 21.58 -10.27 20.88
CA ILE D 1133 22.67 -9.49 20.30
C ILE D 1133 22.76 -9.76 18.80
N HIS D 1134 22.66 -11.03 18.41
CA HIS D 1134 22.75 -11.41 17.01
C HIS D 1134 21.63 -10.79 16.18
N LEU D 1135 20.40 -10.81 16.71
CA LEU D 1135 19.28 -10.23 15.98
C LEU D 1135 19.48 -8.74 15.80
N VAL D 1136 19.89 -8.04 16.85
CA VAL D 1136 20.12 -6.60 16.75
C VAL D 1136 21.21 -6.33 15.72
N LYS D 1137 22.29 -7.10 15.79
CA LYS D 1137 23.41 -6.91 14.86
C LYS D 1137 22.96 -7.10 13.42
N GLU D 1138 22.18 -8.15 13.16
CA GLU D 1138 21.74 -8.43 11.79
C GLU D 1138 20.82 -7.33 11.27
N VAL D 1139 19.85 -6.92 12.07
CA VAL D 1139 18.92 -5.88 11.62
C VAL D 1139 19.68 -4.58 11.36
N GLN D 1140 20.61 -4.22 12.25
CA GLN D 1140 21.36 -3.00 12.03
C GLN D 1140 22.31 -3.13 10.85
N GLU D 1141 22.81 -4.32 10.57
CA GLU D 1141 23.60 -4.53 9.37
C GLU D 1141 22.77 -4.25 8.13
N VAL D 1142 21.55 -4.78 8.09
CA VAL D 1142 20.67 -4.54 6.94
C VAL D 1142 20.41 -3.05 6.79
N TYR D 1143 20.09 -2.37 7.90
CA TYR D 1143 19.74 -0.95 7.81
C TYR D 1143 20.96 -0.09 7.50
N ARG D 1144 22.15 -0.48 7.92
CA ARG D 1144 23.34 0.30 7.62
C ARG D 1144 23.78 0.11 6.18
N ALA D 1145 23.63 -1.09 5.63
CA ALA D 1145 23.99 -1.31 4.24
C ALA D 1145 23.17 -0.45 3.29
N GLN D 1146 21.94 -0.12 3.68
CA GLN D 1146 21.03 0.65 2.84
C GLN D 1146 21.11 2.15 3.10
N GLY D 1147 22.01 2.61 3.96
CA GLY D 1147 22.18 4.03 4.21
C GLY D 1147 21.19 4.62 5.18
N VAL D 1148 20.58 3.82 6.04
CA VAL D 1148 19.63 4.30 7.05
C VAL D 1148 20.30 4.16 8.41
N SER D 1149 20.21 5.22 9.23
CA SER D 1149 20.82 5.27 10.54
C SER D 1149 19.71 5.23 11.60
N ILE D 1150 19.65 4.14 12.36
CA ILE D 1150 18.71 3.98 13.45
C ILE D 1150 19.51 3.56 14.68
N HIS D 1151 19.24 4.22 15.81
CA HIS D 1151 19.93 3.86 17.04
C HIS D 1151 19.58 2.44 17.45
N ASP D 1152 20.57 1.72 17.98
CA ASP D 1152 20.37 0.32 18.30
C ASP D 1152 19.28 0.11 19.35
N LYS D 1153 19.01 1.14 20.17
CA LYS D 1153 18.06 0.95 21.26
C LYS D 1153 16.65 0.68 20.76
N HIS D 1154 16.27 1.25 19.62
CA HIS D 1154 14.94 0.99 19.07
C HIS D 1154 14.81 -0.48 18.65
N ILE D 1155 15.82 -0.99 17.93
CA ILE D 1155 15.81 -2.39 17.54
C ILE D 1155 15.85 -3.28 18.77
N GLU D 1156 16.56 -2.86 19.82
CA GLU D 1156 16.58 -3.65 21.05
C GLU D 1156 15.21 -3.65 21.72
N VAL D 1157 14.51 -2.52 21.69
CA VAL D 1157 13.15 -2.48 22.23
C VAL D 1157 12.27 -3.46 21.48
N ILE D 1158 12.39 -3.51 20.16
CA ILE D 1158 11.61 -4.47 19.38
C ILE D 1158 11.98 -5.90 19.76
N VAL D 1159 13.29 -6.18 19.85
CA VAL D 1159 13.75 -7.55 20.04
C VAL D 1159 13.38 -8.06 21.43
N ARG D 1160 13.41 -7.18 22.44
CA ARG D 1160 13.14 -7.62 23.81
C ARG D 1160 11.79 -8.30 23.92
N GLN D 1161 10.82 -7.90 23.09
CA GLN D 1161 9.52 -8.53 23.10
C GLN D 1161 9.52 -9.87 22.36
N MET D 1162 10.53 -10.11 21.52
CA MET D 1162 10.61 -11.36 20.76
C MET D 1162 11.01 -12.55 21.63
N LEU D 1163 11.54 -12.30 22.83
CA LEU D 1163 12.12 -13.34 23.68
C LEU D 1163 11.59 -13.21 25.10
N ARG D 1164 10.27 -13.07 25.22
CA ARG D 1164 9.62 -12.84 26.50
C ARG D 1164 9.09 -14.12 27.13
N ARG D 1165 9.24 -15.27 26.47
CA ARG D 1165 8.52 -16.48 26.86
C ARG D 1165 9.47 -17.63 27.15
N VAL D 1166 9.04 -18.50 28.06
CA VAL D 1166 9.71 -19.76 28.36
C VAL D 1166 8.72 -20.88 28.18
N THR D 1167 9.16 -21.94 27.49
CA THR D 1167 8.34 -23.13 27.28
C THR D 1167 8.63 -24.16 28.36
N ILE D 1168 7.58 -24.80 28.86
CA ILE D 1168 7.64 -25.69 30.01
C ILE D 1168 7.49 -27.12 29.54
N ILE D 1169 8.20 -28.05 30.20
CA ILE D 1169 8.13 -29.46 29.88
C ILE D 1169 7.66 -30.25 31.09
N ASP D 1170 7.95 -29.74 32.29
CA ASP D 1170 7.55 -30.39 33.53
C ASP D 1170 7.50 -29.34 34.62
N SER D 1171 6.71 -29.61 35.66
CA SER D 1171 6.53 -28.69 36.77
C SER D 1171 6.57 -29.44 38.09
N GLY D 1172 7.36 -28.93 39.02
CA GLY D 1172 7.37 -29.42 40.39
C GLY D 1172 6.70 -28.44 41.32
N SER D 1173 7.49 -27.79 42.19
CA SER D 1173 6.94 -26.74 43.03
C SER D 1173 6.46 -25.56 42.19
N THR D 1174 7.21 -25.21 41.15
CA THR D 1174 6.87 -24.10 40.26
C THR D 1174 5.72 -24.54 39.37
N GLU D 1175 4.51 -24.38 39.89
CA GLU D 1175 3.30 -24.89 39.25
C GLU D 1175 3.01 -24.24 37.90
N PHE D 1176 3.19 -24.99 36.82
CA PHE D 1176 2.76 -24.61 35.49
C PHE D 1176 2.53 -25.86 34.64
N LEU D 1177 1.69 -25.72 33.62
CA LEU D 1177 1.36 -26.86 32.79
C LEU D 1177 2.55 -27.25 31.92
N PRO D 1178 2.70 -28.55 31.61
CA PRO D 1178 3.77 -28.97 30.69
C PRO D 1178 3.36 -28.75 29.24
N GLY D 1179 4.04 -27.80 28.59
CA GLY D 1179 3.76 -27.43 27.21
C GLY D 1179 3.37 -25.98 27.04
N SER D 1180 2.78 -25.39 28.06
CA SER D 1180 2.35 -24.00 27.98
C SER D 1180 3.56 -23.06 27.96
N LEU D 1181 3.34 -21.87 27.40
CA LEU D 1181 4.34 -20.82 27.36
C LEU D 1181 4.03 -19.81 28.46
N THR D 1182 5.05 -19.40 29.20
CA THR D 1182 4.86 -18.50 30.33
C THR D 1182 5.83 -17.33 30.25
N GLU D 1183 5.36 -16.16 30.69
CA GLU D 1183 6.24 -15.02 30.85
C GLU D 1183 7.37 -15.37 31.81
N ARG D 1184 8.60 -15.05 31.43
CA ARG D 1184 9.74 -15.39 32.28
C ARG D 1184 9.66 -14.68 33.62
N ALA D 1185 9.08 -13.48 33.66
CA ALA D 1185 8.99 -12.74 34.92
C ALA D 1185 8.08 -13.46 35.91
N GLU D 1186 6.88 -13.86 35.49
CA GLU D 1186 5.99 -14.57 36.39
C GLU D 1186 6.55 -15.95 36.72
N PHE D 1187 7.29 -16.56 35.79
CA PHE D 1187 7.94 -17.83 36.08
C PHE D 1187 8.96 -17.69 37.21
N GLU D 1188 9.77 -16.63 37.15
CA GLU D 1188 10.74 -16.37 38.22
C GLU D 1188 10.04 -16.05 39.52
N ALA D 1189 8.97 -15.25 39.46
CA ALA D 1189 8.21 -14.97 40.68
C ALA D 1189 7.67 -16.25 41.29
N GLU D 1190 7.14 -17.15 40.46
CA GLU D 1190 6.58 -18.40 40.94
C GLU D 1190 7.66 -19.24 41.63
N ASN D 1191 8.78 -19.48 40.94
CA ASN D 1191 9.80 -20.34 41.54
C ASN D 1191 10.48 -19.68 42.73
N ARG D 1192 10.41 -18.34 42.84
CA ARG D 1192 10.97 -17.66 44.01
C ARG D 1192 10.00 -17.62 45.18
N ARG D 1193 8.69 -17.76 44.95
CA ARG D 1193 7.71 -17.67 46.04
C ARG D 1193 7.19 -19.03 46.49
N VAL D 1194 7.38 -20.09 45.71
CA VAL D 1194 7.00 -21.42 46.13
C VAL D 1194 8.18 -22.12 46.79
N VAL D 1195 9.22 -21.36 47.12
CA VAL D 1195 10.42 -21.91 47.72
C VAL D 1195 10.14 -22.59 49.05
N ALA D 1196 8.96 -22.34 49.65
CA ALA D 1196 8.62 -23.01 50.90
C ALA D 1196 8.59 -24.53 50.72
N GLU D 1197 8.04 -24.99 49.61
CA GLU D 1197 8.12 -26.40 49.21
C GLU D 1197 9.47 -26.74 48.60
N GLY D 1198 10.41 -25.80 48.62
CA GLY D 1198 11.65 -25.94 47.88
C GLY D 1198 11.59 -25.24 46.54
N GLY D 1199 12.75 -24.77 46.09
CA GLY D 1199 12.83 -24.03 44.84
C GLY D 1199 12.86 -24.93 43.62
N GLU D 1200 12.27 -26.11 43.72
CA GLU D 1200 12.25 -27.03 42.60
C GLU D 1200 11.57 -26.35 41.41
N PRO D 1201 12.24 -26.18 40.29
CA PRO D 1201 11.67 -25.41 39.18
C PRO D 1201 10.77 -26.29 38.31
N ALA D 1202 10.26 -25.69 37.25
CA ALA D 1202 9.53 -26.39 36.20
C ALA D 1202 10.42 -26.51 34.99
N ALA D 1203 10.65 -27.74 34.53
CA ALA D 1203 11.52 -27.96 33.40
C ALA D 1203 11.08 -27.12 32.21
N GLY D 1204 11.93 -26.18 31.81
CA GLY D 1204 11.59 -25.29 30.72
C GLY D 1204 12.79 -24.48 30.29
N ARG D 1205 12.65 -23.86 29.13
CA ARG D 1205 13.75 -23.10 28.54
C ARG D 1205 13.18 -21.94 27.74
N PRO D 1206 13.97 -20.88 27.54
CA PRO D 1206 13.47 -19.74 26.76
C PRO D 1206 13.13 -20.15 25.33
N VAL D 1207 12.15 -19.44 24.75
CA VAL D 1207 11.72 -19.70 23.38
C VAL D 1207 11.69 -18.38 22.63
N LEU D 1208 12.29 -18.35 21.44
CA LEU D 1208 12.25 -17.17 20.59
C LEU D 1208 10.96 -17.14 19.78
N MET D 1209 10.36 -15.96 19.69
CA MET D 1209 9.09 -15.77 19.01
C MET D 1209 9.20 -14.66 17.98
N GLY D 1210 8.53 -14.83 16.85
CA GLY D 1210 8.39 -13.74 15.91
C GLY D 1210 7.49 -12.64 16.46
N ILE D 1211 7.63 -11.44 15.89
CA ILE D 1211 6.88 -10.30 16.39
C ILE D 1211 5.38 -10.55 16.27
N THR D 1212 4.95 -11.34 15.29
CA THR D 1212 3.53 -11.63 15.13
C THR D 1212 3.01 -12.47 16.30
N LYS D 1213 3.57 -13.68 16.46
CA LYS D 1213 3.13 -14.54 17.55
C LYS D 1213 3.43 -13.91 18.90
N ALA D 1214 4.56 -13.19 19.00
CA ALA D 1214 4.89 -12.51 20.25
C ALA D 1214 3.82 -11.48 20.61
N SER D 1215 3.36 -10.71 19.62
CA SER D 1215 2.29 -9.75 19.86
C SER D 1215 0.95 -10.42 20.11
N LEU D 1216 0.78 -11.66 19.63
CA LEU D 1216 -0.47 -12.36 19.84
C LEU D 1216 -0.68 -12.72 21.30
N ALA D 1217 0.40 -12.96 22.04
CA ALA D 1217 0.31 -13.44 23.43
C ALA D 1217 0.18 -12.25 24.36
N THR D 1218 -1.07 -11.83 24.58
CA THR D 1218 -1.37 -10.80 25.56
C THR D 1218 -1.49 -11.41 26.96
N ASP D 1219 -1.67 -10.53 27.95
CA ASP D 1219 -1.83 -10.95 29.35
C ASP D 1219 -3.02 -10.23 29.99
N SER D 1220 -3.99 -9.81 29.19
CA SER D 1220 -5.18 -9.13 29.68
C SER D 1220 -6.40 -9.75 29.01
N TRP D 1221 -7.52 -9.75 29.73
CA TRP D 1221 -8.72 -10.38 29.20
C TRP D 1221 -9.57 -9.44 28.34
N LEU D 1222 -9.46 -8.11 28.54
CA LEU D 1222 -10.05 -7.19 27.56
C LEU D 1222 -9.32 -7.30 26.23
N SER D 1223 -7.99 -7.22 26.26
CA SER D 1223 -7.22 -7.36 25.02
C SER D 1223 -7.39 -8.74 24.42
N ALA D 1224 -7.39 -9.78 25.26
CA ALA D 1224 -7.57 -11.14 24.75
C ALA D 1224 -8.94 -11.30 24.09
N ALA D 1225 -9.98 -10.75 24.71
CA ALA D 1225 -11.31 -10.80 24.12
C ALA D 1225 -11.40 -9.98 22.83
N SER D 1226 -10.43 -9.10 22.59
CA SER D 1226 -10.44 -8.33 21.36
C SER D 1226 -9.99 -9.15 20.15
N PHE D 1227 -9.27 -10.24 20.37
CA PHE D 1227 -8.68 -10.99 19.26
C PHE D 1227 -8.82 -12.51 19.35
N GLN D 1228 -9.00 -13.08 20.55
CA GLN D 1228 -8.94 -14.53 20.72
C GLN D 1228 -10.19 -15.02 21.43
N GLU D 1229 -10.92 -15.92 20.77
CA GLU D 1229 -11.92 -16.78 21.41
C GLU D 1229 -12.65 -16.04 22.53
N THR D 1230 -13.35 -14.98 22.14
CA THR D 1230 -13.91 -14.05 23.13
C THR D 1230 -14.71 -14.79 24.19
N THR D 1231 -15.60 -15.70 23.77
CA THR D 1231 -16.43 -16.42 24.74
C THR D 1231 -15.56 -17.24 25.68
N ARG D 1232 -14.58 -17.98 25.12
CA ARG D 1232 -13.69 -18.77 25.96
C ARG D 1232 -12.88 -17.90 26.90
N VAL D 1233 -12.37 -16.77 26.40
CA VAL D 1233 -11.58 -15.87 27.23
C VAL D 1233 -12.40 -15.35 28.40
N LEU D 1234 -13.62 -14.89 28.12
CA LEU D 1234 -14.48 -14.38 29.18
C LEU D 1234 -14.84 -15.48 30.18
N THR D 1235 -15.11 -16.69 29.69
CA THR D 1235 -15.45 -17.78 30.60
C THR D 1235 -14.28 -18.09 31.52
N ASP D 1236 -13.07 -18.16 30.96
CA ASP D 1236 -11.89 -18.45 31.77
C ASP D 1236 -11.64 -17.35 32.80
N ALA D 1237 -11.75 -16.08 32.37
CA ALA D 1237 -11.57 -14.99 33.31
C ALA D 1237 -12.65 -14.97 34.38
N ALA D 1238 -13.85 -15.42 34.05
CA ALA D 1238 -14.93 -15.48 35.03
C ALA D 1238 -14.65 -16.55 36.07
N ILE D 1239 -14.25 -17.75 35.63
CA ILE D 1239 -13.92 -18.79 36.61
C ILE D 1239 -12.74 -18.38 37.46
N ASN D 1240 -11.75 -17.73 36.85
CA ASN D 1240 -10.59 -17.23 37.58
C ASN D 1240 -10.86 -15.90 38.27
N CYS D 1241 -11.97 -15.22 37.94
CA CYS D 1241 -12.34 -13.96 38.57
C CYS D 1241 -11.19 -12.95 38.44
N ARG D 1242 -10.57 -12.93 37.26
CA ARG D 1242 -9.43 -12.05 37.03
C ARG D 1242 -9.85 -10.59 37.02
N SER D 1243 -9.03 -9.75 37.64
CA SER D 1243 -9.24 -8.31 37.68
C SER D 1243 -8.19 -7.65 36.77
N ASP D 1244 -8.64 -7.14 35.63
CA ASP D 1244 -7.72 -6.49 34.70
C ASP D 1244 -7.13 -5.24 35.32
N LYS D 1245 -5.85 -4.99 35.02
CA LYS D 1245 -5.16 -3.79 35.50
C LYS D 1245 -5.12 -2.68 34.46
N LEU D 1246 -5.36 -3.00 33.19
CA LEU D 1246 -5.53 -1.98 32.14
C LEU D 1246 -4.22 -1.24 31.84
N ASN D 1247 -3.13 -1.98 31.74
CA ASN D 1247 -1.81 -1.41 31.46
C ASN D 1247 -1.27 -1.86 30.10
N GLY D 1248 -2.16 -2.07 29.13
CA GLY D 1248 -1.73 -2.52 27.81
C GLY D 1248 -1.97 -1.49 26.71
N LEU D 1249 -2.67 -0.41 27.04
CA LEU D 1249 -2.93 0.70 26.12
C LEU D 1249 -3.95 0.32 25.06
N LYS D 1250 -4.34 -0.96 24.99
CA LYS D 1250 -5.40 -1.41 24.10
C LYS D 1250 -6.73 -1.53 24.82
N GLU D 1251 -6.72 -2.08 26.04
CA GLU D 1251 -7.93 -2.12 26.84
C GLU D 1251 -8.42 -0.71 27.16
N ASN D 1252 -7.50 0.24 27.32
CA ASN D 1252 -7.89 1.61 27.64
C ASN D 1252 -8.58 2.27 26.44
N VAL D 1253 -8.05 2.07 25.24
CA VAL D 1253 -8.71 2.64 24.07
C VAL D 1253 -10.03 1.93 23.80
N ILE D 1254 -10.11 0.62 24.11
CA ILE D 1254 -11.39 -0.07 24.00
C ILE D 1254 -12.41 0.54 24.94
N ILE D 1255 -12.01 0.78 26.19
CA ILE D 1255 -12.92 1.36 27.17
C ILE D 1255 -13.22 2.82 26.84
N GLY D 1256 -12.24 3.55 26.30
CA GLY D 1256 -12.30 4.99 26.26
C GLY D 1256 -11.58 5.66 27.38
N LYS D 1257 -10.72 4.94 28.09
CA LYS D 1257 -9.95 5.44 29.23
C LYS D 1257 -8.64 6.05 28.74
N LEU D 1258 -8.04 6.87 29.61
CA LEU D 1258 -6.74 7.45 29.30
C LEU D 1258 -5.72 6.35 29.05
N ILE D 1259 -4.90 6.55 28.02
CA ILE D 1259 -3.86 5.54 27.73
C ILE D 1259 -2.86 5.52 28.88
N PRO D 1260 -2.30 4.36 29.27
CA PRO D 1260 -1.39 4.27 30.41
C PRO D 1260 0.05 4.68 30.08
N ALA D 1261 0.20 5.84 29.43
CA ALA D 1261 1.52 6.33 29.06
C ALA D 1261 1.50 7.85 29.13
N GLY D 1262 2.69 8.42 29.31
CA GLY D 1262 2.82 9.86 29.37
C GLY D 1262 1.97 10.44 30.49
N THR D 1263 1.09 11.37 30.13
CA THR D 1263 0.26 12.05 31.11
C THR D 1263 -0.84 11.18 31.68
N GLY D 1264 -1.07 9.98 31.13
CA GLY D 1264 -2.17 9.15 31.56
C GLY D 1264 -1.89 8.19 32.68
N ILE D 1265 -0.62 7.97 33.05
CA ILE D 1265 -0.31 7.02 34.10
C ILE D 1265 -0.69 7.62 35.46
N SER D 1266 -0.98 6.74 36.41
CA SER D 1266 -1.45 7.20 37.72
C SER D 1266 -0.43 8.08 38.42
N ARG D 1267 0.85 7.91 38.12
CA ARG D 1267 1.89 8.69 38.79
C ARG D 1267 1.65 10.19 38.61
N TYR D 1268 1.33 10.61 37.38
CA TYR D 1268 1.04 12.01 37.10
C TYR D 1268 -0.44 12.32 37.08
N ARG D 1269 -1.28 11.34 36.74
CA ARG D 1269 -2.71 11.59 36.64
C ARG D 1269 -3.30 12.07 37.96
N ASN D 1270 -2.72 11.66 39.09
CA ASN D 1270 -3.28 11.94 40.40
C ASN D 1270 -2.53 13.04 41.16
N ILE D 1271 -1.75 13.86 40.45
CA ILE D 1271 -1.01 14.93 41.12
C ILE D 1271 -1.98 15.91 41.75
N GLN D 1272 -1.62 16.38 42.95
CA GLN D 1272 -2.37 17.41 43.66
C GLN D 1272 -1.57 18.71 43.66
N VAL D 1273 -2.25 19.82 43.40
CA VAL D 1273 -1.61 21.13 43.28
C VAL D 1273 -2.18 22.04 44.36
N GLN D 1274 -1.29 22.79 45.02
CA GLN D 1274 -1.67 23.69 46.08
C GLN D 1274 -0.68 24.83 46.15
N PRO D 1275 -1.13 26.06 46.40
CA PRO D 1275 -0.18 27.16 46.60
C PRO D 1275 0.62 26.97 47.89
N THR D 1276 1.85 27.48 47.87
CA THR D 1276 2.67 27.47 49.07
C THR D 1276 2.14 28.46 50.09
N GLU D 1277 2.35 28.15 51.37
CA GLU D 1277 1.89 29.04 52.43
C GLU D 1277 2.55 30.41 52.34
N GLU D 1278 3.84 30.44 51.99
CA GLU D 1278 4.52 31.72 51.84
C GLU D 1278 3.87 32.55 50.75
N ALA D 1279 3.53 31.94 49.62
CA ALA D 1279 2.85 32.65 48.55
C ALA D 1279 1.42 32.98 48.94
N ARG D 1280 0.76 32.09 49.67
CA ARG D 1280 -0.61 32.34 50.10
C ARG D 1280 -0.70 33.57 50.99
N ALA D 1281 0.25 33.72 51.91
CA ALA D 1281 0.25 34.89 52.79
C ALA D 1281 0.40 36.19 52.00
N ALA D 1282 1.06 36.14 50.84
CA ALA D 1282 1.24 37.34 50.03
C ALA D 1282 -0.05 37.74 49.31
N ALA D 1283 -0.90 36.78 49.00
CA ALA D 1283 -2.16 37.07 48.32
C ALA D 1283 -3.08 37.91 49.20
N SER E 24 21.96 30.93 32.56
CA SER E 24 21.96 30.91 31.10
C SER E 24 21.39 32.20 30.55
N ALA E 25 21.97 32.68 29.44
CA ALA E 25 21.58 33.93 28.82
C ALA E 25 20.96 33.66 27.46
N TYR E 26 20.00 34.50 27.08
CA TYR E 26 19.22 34.30 25.87
C TYR E 26 18.33 35.52 25.67
N ASP E 27 17.84 35.68 24.44
CA ASP E 27 16.95 36.79 24.13
C ASP E 27 15.59 36.56 24.77
N THR E 28 14.90 37.65 25.09
CA THR E 28 13.68 37.57 25.86
C THR E 28 12.71 36.57 25.21
N PRO E 29 12.04 35.73 26.00
CA PRO E 29 11.05 34.82 25.41
C PRO E 29 9.92 35.58 24.75
N LEU E 30 9.34 34.98 23.71
CA LEU E 30 8.29 35.60 22.91
C LEU E 30 7.02 34.78 23.02
N GLY E 31 5.93 35.43 23.41
CA GLY E 31 4.63 34.78 23.36
C GLY E 31 4.58 33.50 24.17
N ILE E 32 4.12 32.43 23.52
CA ILE E 32 3.85 31.18 24.21
C ILE E 32 5.10 30.56 24.81
N THR E 33 6.29 30.95 24.33
CA THR E 33 7.53 30.40 24.85
C THR E 33 7.90 30.96 26.22
N ASN E 34 7.19 31.97 26.71
CA ASN E 34 7.46 32.53 28.03
C ASN E 34 6.62 31.82 29.08
N PRO E 35 7.21 31.32 30.18
CA PRO E 35 8.64 31.31 30.54
C PRO E 35 9.41 30.20 29.84
N PRO E 36 10.73 30.22 29.94
CA PRO E 36 11.54 29.18 29.27
C PRO E 36 11.14 27.79 29.75
N ILE E 37 11.14 26.84 28.81
CA ILE E 37 10.61 25.52 29.09
C ILE E 37 11.53 24.76 30.04
N ASP E 38 12.84 24.88 29.87
CA ASP E 38 13.78 24.16 30.72
C ASP E 38 13.65 24.59 32.17
N GLU E 39 13.47 25.89 32.41
CA GLU E 39 13.26 26.37 33.77
C GLU E 39 12.05 25.68 34.41
N LEU E 40 10.94 25.60 33.68
CA LEU E 40 9.75 24.94 34.22
C LEU E 40 10.02 23.46 34.48
N LEU E 41 10.69 22.78 33.55
CA LEU E 41 11.00 21.37 33.77
C LEU E 41 11.87 21.16 34.99
N SER E 42 12.72 22.14 35.32
CA SER E 42 13.56 22.02 36.50
C SER E 42 12.77 22.03 37.80
N ARG E 43 11.51 22.48 37.77
CA ARG E 43 10.67 22.53 38.95
C ARG E 43 9.69 21.36 39.05
N ALA E 44 9.76 20.41 38.12
CA ALA E 44 8.87 19.25 38.15
C ALA E 44 9.69 18.00 37.87
N SER E 45 9.15 16.86 38.31
CA SER E 45 9.86 15.59 38.12
C SER E 45 10.05 15.27 36.65
N SER E 46 9.08 15.64 35.80
CA SER E 46 9.17 15.36 34.38
C SER E 46 8.26 16.33 33.63
N LYS E 47 8.34 16.28 32.30
CA LYS E 47 7.51 17.16 31.49
C LYS E 47 6.03 16.79 31.61
N TYR E 48 5.72 15.50 31.75
CA TYR E 48 4.34 15.09 31.96
C TYR E 48 3.82 15.61 33.30
N ALA E 49 4.66 15.53 34.33
CA ALA E 49 4.29 16.10 35.62
C ALA E 49 4.03 17.59 35.51
N LEU E 50 4.87 18.30 34.74
CA LEU E 50 4.64 19.72 34.52
C LEU E 50 3.32 19.96 33.80
N VAL E 51 3.00 19.11 32.82
CA VAL E 51 1.74 19.26 32.09
C VAL E 51 0.55 19.16 33.04
N ILE E 52 0.52 18.09 33.85
CA ILE E 52 -0.61 17.90 34.75
C ILE E 52 -0.63 19.00 35.80
N TYR E 53 0.54 19.42 36.28
CA TYR E 53 0.65 20.47 37.28
C TYR E 53 0.06 21.78 36.78
N ALA E 54 0.48 22.20 35.57
CA ALA E 54 -0.04 23.42 34.99
C ALA E 54 -1.54 23.30 34.70
N ALA E 55 -1.99 22.13 34.22
CA ALA E 55 -3.40 21.98 33.92
C ALA E 55 -4.25 22.09 35.17
N LYS E 56 -3.83 21.45 36.26
CA LYS E 56 -4.57 21.54 37.50
C LYS E 56 -4.61 22.97 38.01
N ARG E 57 -3.48 23.68 37.96
CA ARG E 57 -3.48 25.05 38.41
C ARG E 57 -4.37 25.93 37.55
N ALA E 58 -4.37 25.69 36.23
CA ALA E 58 -5.23 26.46 35.33
C ALA E 58 -6.70 26.20 35.63
N ARG E 59 -7.06 24.96 35.92
CA ARG E 59 -8.44 24.67 36.31
C ARG E 59 -8.79 25.39 37.60
N GLN E 60 -7.86 25.43 38.56
CA GLN E 60 -8.14 26.14 39.81
C GLN E 60 -8.37 27.63 39.54
N ILE E 61 -7.53 28.23 38.68
CA ILE E 61 -7.68 29.66 38.38
C ILE E 61 -9.01 29.91 37.67
N ASN E 62 -9.38 29.04 36.73
CA ASN E 62 -10.65 29.20 36.02
C ASN E 62 -11.82 29.09 36.99
N ASP E 63 -11.74 28.15 37.94
CA ASP E 63 -12.79 28.04 38.95
C ASP E 63 -12.87 29.29 39.81
N TYR E 64 -11.70 29.85 40.18
CA TYR E 64 -11.70 31.09 40.95
C TYR E 64 -12.39 32.21 40.19
N TYR E 65 -12.09 32.35 38.90
CA TYR E 65 -12.79 33.35 38.10
C TYR E 65 -14.28 33.06 38.04
N ASN E 66 -14.68 31.79 37.90
CA ASN E 66 -16.08 31.45 38.01
C ASN E 66 -16.61 31.66 39.42
N GLN E 67 -15.73 31.69 40.41
CA GLN E 67 -16.12 31.92 41.80
C GLN E 67 -17.13 30.89 42.27
N TYR E 75 -11.39 28.58 46.32
CA TYR E 75 -10.36 28.75 45.30
C TYR E 75 -9.49 29.96 45.62
N VAL E 76 -8.18 29.82 45.43
CA VAL E 76 -7.25 30.86 45.85
C VAL E 76 -7.10 31.94 44.78
N GLY E 77 -7.12 31.57 43.50
CA GLY E 77 -6.97 32.52 42.43
C GLY E 77 -5.52 32.77 42.08
N PRO E 78 -5.26 33.71 41.17
CA PRO E 78 -3.90 33.95 40.71
C PRO E 78 -3.04 34.60 41.78
N LEU E 79 -1.84 34.06 41.97
CA LEU E 79 -0.88 34.59 42.93
C LEU E 79 0.01 35.67 42.35
N VAL E 80 -0.05 35.90 41.04
CA VAL E 80 0.75 36.91 40.37
C VAL E 80 -0.17 37.74 39.50
N GLU E 81 0.20 39.00 39.27
CA GLU E 81 -0.66 39.91 38.53
C GLU E 81 -0.80 39.42 37.09
N PRO E 82 -2.01 39.13 36.63
CA PRO E 82 -2.17 38.68 35.24
C PRO E 82 -2.28 39.84 34.27
N GLY E 83 -2.11 39.52 32.99
CA GLY E 83 -2.26 40.50 31.94
C GLY E 83 -3.71 40.84 31.69
N LEU E 84 -3.92 41.83 30.81
CA LEU E 84 -5.27 42.27 30.49
C LEU E 84 -6.10 41.15 29.87
N GLN E 85 -5.45 40.21 29.17
CA GLN E 85 -6.12 39.06 28.59
C GLN E 85 -5.40 37.76 28.85
N GLU E 86 -4.39 37.75 29.73
CA GLU E 86 -3.61 36.55 29.97
C GLU E 86 -4.51 35.41 30.40
N LYS E 87 -4.40 34.27 29.72
CA LYS E 87 -5.25 33.14 29.98
C LYS E 87 -4.83 32.43 31.27
N PRO E 88 -5.75 31.65 31.87
CA PRO E 88 -5.39 30.97 33.13
C PRO E 88 -4.16 30.09 33.02
N LEU E 89 -3.94 29.42 31.89
CA LEU E 89 -2.80 28.53 31.77
C LEU E 89 -1.49 29.30 31.80
N SER E 90 -1.43 30.45 31.11
CA SER E 90 -0.22 31.27 31.16
C SER E 90 0.05 31.78 32.56
N ILE E 91 -1.01 32.21 33.27
CA ILE E 91 -0.85 32.66 34.64
C ILE E 91 -0.30 31.54 35.50
N ALA E 92 -0.86 30.34 35.35
CA ALA E 92 -0.41 29.20 36.14
C ALA E 92 1.05 28.88 35.86
N LEU E 93 1.45 28.90 34.59
CA LEU E 93 2.85 28.63 34.26
C LEU E 93 3.76 29.70 34.87
N ARG E 94 3.32 30.95 34.88
CA ARG E 94 4.15 31.99 35.48
C ARG E 94 4.24 31.84 37.01
N GLU E 95 3.17 31.38 37.65
CA GLU E 95 3.27 31.05 39.08
C GLU E 95 4.26 29.90 39.29
N ILE E 96 4.21 28.90 38.40
CA ILE E 96 5.11 27.77 38.52
C ILE E 96 6.56 28.23 38.40
N HIS E 97 6.84 29.12 37.45
CA HIS E 97 8.19 29.63 37.28
C HIS E 97 8.65 30.39 38.53
N GLY E 98 7.72 31.03 39.23
CA GLY E 98 8.04 31.81 40.41
C GLY E 98 8.16 31.02 41.70
N ASP E 99 8.03 29.69 41.63
CA ASP E 99 8.12 28.84 42.82
C ASP E 99 7.04 29.18 43.84
N LEU E 100 5.89 29.67 43.36
CA LEU E 100 4.80 30.03 44.25
C LEU E 100 3.97 28.83 44.67
N LEU E 101 3.96 27.77 43.87
CA LEU E 101 3.08 26.63 44.06
C LEU E 101 3.87 25.42 44.56
N GLU E 102 3.12 24.39 44.96
CA GLU E 102 3.69 23.12 45.38
C GLU E 102 2.77 22.00 44.95
N HIS E 103 3.32 20.79 44.84
CA HIS E 103 2.55 19.64 44.41
C HIS E 103 3.18 18.37 44.98
N THR E 104 2.38 17.31 44.99
CA THR E 104 2.81 15.99 45.46
C THR E 104 2.52 14.97 44.38
N GLU E 105 3.48 14.07 44.15
CA GLU E 105 3.31 13.05 43.13
C GLU E 105 2.14 12.14 43.49
N GLY E 106 1.39 11.73 42.47
CA GLY E 106 0.13 11.05 42.66
C GLY E 106 0.19 9.55 42.86
N GLU E 107 1.37 8.94 42.80
CA GLU E 107 1.46 7.49 42.96
C GLU E 107 1.41 7.11 44.44
N ASP F 139 -36.26 -50.97 -0.57
CA ASP F 139 -35.30 -50.89 0.54
C ASP F 139 -33.88 -50.78 0.03
N PHE F 140 -33.48 -51.72 -0.84
CA PHE F 140 -32.13 -51.75 -1.42
C PHE F 140 -32.21 -51.14 -2.82
N VAL F 141 -32.18 -49.80 -2.88
CA VAL F 141 -32.26 -49.07 -4.14
C VAL F 141 -31.33 -47.87 -4.08
N TRP F 142 -30.64 -47.60 -5.18
CA TRP F 142 -29.77 -46.44 -5.30
C TRP F 142 -30.03 -45.76 -6.63
N ASP F 143 -30.16 -44.43 -6.58
CA ASP F 143 -30.39 -43.61 -7.77
C ASP F 143 -29.83 -42.23 -7.50
N GLU F 144 -29.77 -41.42 -8.57
CA GLU F 144 -29.46 -40.00 -8.39
C GLU F 144 -30.56 -39.30 -7.61
N GLU F 145 -31.82 -39.57 -7.96
CA GLU F 145 -32.94 -38.99 -7.25
C GLU F 145 -32.95 -39.42 -5.79
N GLU F 146 -32.50 -40.64 -5.50
CA GLU F 146 -32.35 -41.09 -4.13
C GLU F 146 -31.08 -40.54 -3.48
N SER F 147 -30.05 -40.28 -4.27
CA SER F 147 -28.86 -39.63 -3.75
C SER F 147 -29.17 -38.23 -3.24
N GLU F 148 -30.08 -37.52 -3.92
CA GLU F 148 -30.43 -36.16 -3.51
C GLU F 148 -30.99 -36.12 -2.09
N ALA F 149 -31.82 -37.12 -1.74
CA ALA F 149 -32.49 -37.11 -0.44
C ALA F 149 -31.50 -37.15 0.71
N LEU F 150 -30.35 -37.82 0.52
CA LEU F 150 -29.27 -37.75 1.47
C LEU F 150 -28.37 -36.55 1.23
N ARG F 151 -28.31 -36.07 -0.01
CA ARG F 151 -27.45 -34.94 -0.36
C ARG F 151 -27.81 -33.70 0.45
N GLN F 152 -29.08 -33.29 0.34
CA GLN F 152 -29.51 -32.08 1.04
C GLN F 152 -29.43 -32.24 2.55
N ALA F 153 -29.86 -33.39 3.07
CA ALA F 153 -29.79 -33.60 4.51
C ALA F 153 -28.36 -33.55 5.00
N ARG F 154 -27.43 -34.14 4.24
CA ARG F 154 -26.03 -34.13 4.65
C ARG F 154 -25.45 -32.73 4.63
N LYS F 155 -25.73 -31.94 3.58
CA LYS F 155 -25.19 -30.59 3.57
C LYS F 155 -25.75 -29.77 4.72
N ASP F 156 -27.04 -29.90 5.02
CA ASP F 156 -27.66 -28.98 5.95
C ASP F 156 -27.55 -29.41 7.41
N ALA F 157 -27.85 -30.68 7.71
CA ALA F 157 -28.19 -31.11 9.06
C ALA F 157 -27.02 -31.71 9.82
N GLU F 158 -25.80 -31.19 9.62
CA GLU F 158 -24.70 -31.59 10.50
C GLU F 158 -24.87 -31.01 11.90
N LEU F 159 -25.43 -29.80 12.00
CA LEU F 159 -25.63 -29.13 13.27
C LEU F 159 -27.09 -29.26 13.68
N THR F 160 -27.31 -29.59 14.95
CA THR F 160 -28.64 -29.96 15.43
C THR F 160 -29.46 -28.73 15.79
N ALA F 161 -30.60 -28.55 15.12
CA ALA F 161 -31.60 -27.56 15.51
C ALA F 161 -32.51 -28.21 16.54
N SER F 162 -32.12 -28.07 17.82
CA SER F 162 -32.78 -28.80 18.90
C SER F 162 -34.25 -28.44 19.03
N ALA F 163 -34.67 -27.28 18.52
CA ALA F 163 -36.06 -26.85 18.70
C ALA F 163 -37.05 -27.88 18.15
N ASP F 164 -36.63 -28.67 17.15
CA ASP F 164 -37.48 -29.70 16.57
C ASP F 164 -36.96 -31.10 16.86
N SER F 165 -35.90 -31.23 17.65
CA SER F 165 -35.33 -32.54 18.00
C SER F 165 -36.27 -33.23 18.97
N VAL F 166 -37.21 -34.01 18.43
CA VAL F 166 -38.22 -34.68 19.23
C VAL F 166 -37.81 -36.05 19.70
N ARG F 167 -36.59 -36.50 19.37
CA ARG F 167 -36.24 -37.90 19.54
C ARG F 167 -36.32 -38.33 21.00
N ALA F 168 -35.86 -37.48 21.92
CA ALA F 168 -35.90 -37.85 23.33
C ALA F 168 -37.32 -38.08 23.81
N TYR F 169 -38.23 -37.15 23.47
CA TYR F 169 -39.61 -37.27 23.95
C TYR F 169 -40.29 -38.49 23.35
N LEU F 170 -40.08 -38.75 22.05
CA LEU F 170 -40.67 -39.93 21.43
C LEU F 170 -40.11 -41.20 22.04
N LYS F 171 -38.81 -41.22 22.34
CA LYS F 171 -38.24 -42.36 23.05
C LYS F 171 -38.93 -42.56 24.39
N GLN F 172 -39.20 -41.47 25.11
CA GLN F 172 -39.84 -41.59 26.41
C GLN F 172 -41.28 -42.08 26.31
N ILE F 173 -42.03 -41.65 25.28
CA ILE F 173 -43.42 -42.07 25.16
C ILE F 173 -43.52 -43.55 24.81
N GLY F 174 -42.55 -44.07 24.04
CA GLY F 174 -42.69 -45.38 23.44
C GLY F 174 -43.08 -46.51 24.35
N LYS F 175 -43.04 -46.28 25.67
CA LYS F 175 -43.42 -47.30 26.65
C LYS F 175 -44.94 -47.29 26.85
N VAL F 176 -45.66 -47.59 25.78
CA VAL F 176 -47.11 -47.42 25.76
C VAL F 176 -47.75 -48.48 24.87
N ALA F 177 -48.99 -48.82 25.20
CA ALA F 177 -49.84 -49.66 24.37
C ALA F 177 -51.28 -49.18 24.51
N LEU F 178 -52.03 -49.26 23.41
CA LEU F 178 -53.37 -48.67 23.39
C LEU F 178 -54.29 -49.39 24.38
N LEU F 179 -55.19 -48.60 24.98
CA LEU F 179 -56.20 -49.12 25.89
C LEU F 179 -57.34 -49.75 25.09
N ASN F 180 -58.38 -50.17 25.81
CA ASN F 180 -59.64 -50.62 25.22
C ASN F 180 -60.79 -49.92 25.94
N ALA F 181 -62.02 -50.23 25.52
CA ALA F 181 -63.19 -49.56 26.09
C ALA F 181 -63.32 -49.85 27.58
N GLU F 182 -63.03 -51.08 27.99
CA GLU F 182 -63.16 -51.44 29.40
C GLU F 182 -62.31 -50.53 30.27
N GLU F 183 -61.02 -50.41 29.95
CA GLU F 183 -60.18 -49.45 30.65
C GLU F 183 -60.61 -48.02 30.37
N GLU F 184 -61.09 -47.74 29.16
CA GLU F 184 -61.55 -46.39 28.85
C GLU F 184 -62.61 -45.92 29.84
N VAL F 185 -63.40 -46.84 30.39
CA VAL F 185 -64.38 -46.49 31.41
C VAL F 185 -63.79 -46.60 32.81
N GLU F 186 -63.09 -47.69 33.09
CA GLU F 186 -62.62 -47.95 34.44
C GLU F 186 -61.63 -46.89 34.91
N LEU F 187 -60.73 -46.46 34.03
CA LEU F 187 -59.69 -45.52 34.43
C LEU F 187 -60.28 -44.14 34.69
N ALA F 188 -61.26 -43.73 33.88
CA ALA F 188 -61.96 -42.47 34.15
C ALA F 188 -62.72 -42.55 35.46
N LYS F 189 -63.37 -43.67 35.73
CA LYS F 189 -64.06 -43.83 37.01
C LYS F 189 -63.08 -43.75 38.18
N ARG F 190 -61.90 -44.36 38.02
CA ARG F 190 -60.87 -44.28 39.05
C ARG F 190 -60.41 -42.84 39.25
N ILE F 191 -60.25 -42.10 38.15
CA ILE F 191 -59.85 -40.71 38.25
C ILE F 191 -60.88 -39.92 39.06
N GLU F 192 -62.17 -40.14 38.75
CA GLU F 192 -63.22 -39.44 39.49
C GLU F 192 -63.20 -39.82 40.97
N ALA F 193 -63.04 -41.11 41.26
CA ALA F 193 -63.03 -41.57 42.65
C ALA F 193 -61.87 -40.94 43.42
N GLY F 194 -60.68 -40.92 42.82
CA GLY F 194 -59.54 -40.32 43.49
C GLY F 194 -59.67 -38.82 43.65
N LEU F 195 -60.26 -38.15 42.64
CA LEU F 195 -60.49 -36.71 42.76
C LEU F 195 -61.45 -36.40 43.90
N TYR F 196 -62.47 -37.26 44.09
CA TYR F 196 -63.35 -37.10 45.23
C TYR F 196 -62.61 -37.36 46.54
N ALA F 197 -61.80 -38.43 46.57
CA ALA F 197 -61.14 -38.81 47.81
C ALA F 197 -60.14 -37.75 48.28
N THR F 198 -59.35 -37.19 47.35
CA THR F 198 -58.34 -36.23 47.75
C THR F 198 -58.95 -35.00 48.39
N GLN F 199 -60.16 -34.62 47.97
CA GLN F 199 -60.85 -33.50 48.60
C GLN F 199 -61.52 -33.92 49.91
N LYS F 200 -62.17 -35.09 49.92
CA LYS F 200 -62.88 -35.53 51.12
C LYS F 200 -61.92 -35.76 52.28
N LEU F 201 -60.70 -36.22 51.99
CA LEU F 201 -59.73 -36.51 53.05
C LEU F 201 -59.37 -35.28 53.87
N ALA F 202 -59.50 -34.08 53.30
CA ALA F 202 -59.15 -32.86 54.01
C ALA F 202 -60.19 -32.56 55.10
N PRO F 212 -56.64 -46.42 60.43
CA PRO F 212 -56.12 -47.76 60.75
C PRO F 212 -57.19 -48.84 60.58
N VAL F 213 -58.30 -48.49 59.95
CA VAL F 213 -59.41 -49.41 59.74
C VAL F 213 -59.78 -49.35 58.26
N GLN F 214 -60.46 -50.40 57.79
CA GLN F 214 -60.68 -50.55 56.36
C GLN F 214 -61.37 -49.33 55.74
N GLN F 215 -62.19 -48.62 56.51
CA GLN F 215 -62.80 -47.40 55.97
C GLN F 215 -61.73 -46.37 55.61
N ARG F 216 -60.73 -46.20 56.48
CA ARG F 216 -59.69 -45.22 56.21
C ARG F 216 -58.70 -45.74 55.18
N ARG F 217 -58.39 -47.03 55.23
CA ARG F 217 -57.46 -47.63 54.28
C ARG F 217 -58.02 -47.55 52.86
N ASP F 218 -59.32 -47.76 52.69
CA ASP F 218 -59.91 -47.72 51.35
C ASP F 218 -59.72 -46.35 50.71
N MET F 219 -59.98 -45.28 51.46
CA MET F 219 -59.86 -43.95 50.88
C MET F 219 -58.39 -43.56 50.69
N GLN F 220 -57.52 -43.98 51.62
CA GLN F 220 -56.09 -43.78 51.39
C GLN F 220 -55.62 -44.47 50.11
N TRP F 221 -56.21 -45.63 49.80
CA TRP F 221 -55.90 -46.32 48.55
C TRP F 221 -56.42 -45.56 47.35
N ILE F 222 -57.69 -45.14 47.41
CA ILE F 222 -58.35 -44.54 46.25
C ILE F 222 -57.70 -43.21 45.89
N CYS F 223 -57.30 -42.43 46.90
CA CYS F 223 -56.71 -41.12 46.63
C CYS F 223 -55.47 -41.24 45.75
N ARG F 224 -54.61 -42.22 46.05
CA ARG F 224 -53.41 -42.44 45.23
C ARG F 224 -53.78 -43.08 43.89
N ASP F 225 -54.72 -44.03 43.91
CA ASP F 225 -55.04 -44.75 42.68
C ASP F 225 -55.63 -43.84 41.61
N GLY F 226 -56.41 -42.83 42.00
CA GLY F 226 -56.99 -41.93 41.01
C GLY F 226 -55.93 -41.09 40.31
N ASP F 227 -54.96 -40.58 41.07
CA ASP F 227 -53.86 -39.85 40.45
C ASP F 227 -53.05 -40.76 39.53
N ARG F 228 -52.82 -42.00 39.97
CA ARG F 228 -52.16 -42.96 39.10
C ARG F 228 -52.92 -43.14 37.80
N ALA F 229 -54.25 -43.22 37.89
CA ALA F 229 -55.08 -43.40 36.70
C ALA F 229 -54.95 -42.20 35.76
N LYS F 230 -55.00 -40.99 36.31
CA LYS F 230 -54.84 -39.79 35.49
C LYS F 230 -53.52 -39.83 34.74
N ASN F 231 -52.43 -40.11 35.47
CA ASN F 231 -51.11 -40.15 34.84
C ASN F 231 -51.06 -41.20 33.74
N HIS F 232 -51.60 -42.40 34.02
CA HIS F 232 -51.53 -43.48 33.05
C HIS F 232 -52.32 -43.14 31.79
N LEU F 233 -53.51 -42.55 31.95
CA LEU F 233 -54.31 -42.22 30.77
C LEU F 233 -53.60 -41.16 29.92
N LEU F 234 -53.03 -40.14 30.56
CA LEU F 234 -52.31 -39.12 29.80
C LEU F 234 -51.14 -39.74 29.05
N GLU F 235 -50.37 -40.59 29.74
CA GLU F 235 -49.22 -41.23 29.11
C GLU F 235 -49.65 -42.13 27.97
N ALA F 236 -50.82 -42.75 28.08
CA ALA F 236 -51.35 -43.56 26.99
C ALA F 236 -51.71 -42.71 25.78
N ASN F 237 -52.24 -41.51 26.00
CA ASN F 237 -52.73 -40.69 24.89
C ASN F 237 -51.68 -39.74 24.30
N LEU F 238 -50.47 -39.69 24.86
CA LEU F 238 -49.46 -38.77 24.34
C LEU F 238 -49.25 -38.88 22.81
N ARG F 239 -49.23 -40.11 22.29
CA ARG F 239 -48.94 -40.29 20.87
C ARG F 239 -49.89 -39.49 19.99
N LEU F 240 -51.17 -39.46 20.37
CA LEU F 240 -52.14 -38.68 19.62
C LEU F 240 -51.76 -37.20 19.61
N VAL F 241 -51.30 -36.69 20.75
CA VAL F 241 -50.87 -35.30 20.81
C VAL F 241 -49.75 -35.05 19.81
N VAL F 242 -48.80 -35.99 19.74
CA VAL F 242 -47.72 -35.85 18.75
C VAL F 242 -48.28 -35.81 17.33
N SER F 243 -49.13 -36.79 17.01
CA SER F 243 -49.62 -36.93 15.64
C SER F 243 -50.43 -35.71 15.23
N LEU F 244 -51.11 -35.06 16.17
CA LEU F 244 -51.86 -33.85 15.86
C LEU F 244 -50.96 -32.62 15.81
N ALA F 245 -49.92 -32.57 16.65
CA ALA F 245 -48.98 -31.46 16.58
C ALA F 245 -48.28 -31.42 15.23
N LYS F 246 -48.17 -32.57 14.55
CA LYS F 246 -47.55 -32.54 13.22
C LYS F 246 -48.31 -31.63 12.27
N ARG F 247 -49.62 -31.45 12.47
CA ARG F 247 -50.48 -30.91 11.42
C ARG F 247 -50.27 -29.43 11.14
N TYR F 248 -49.57 -28.67 12.00
CA TYR F 248 -49.32 -27.27 11.71
C TYR F 248 -47.84 -26.93 11.79
N THR F 249 -46.97 -27.91 11.59
CA THR F 249 -45.53 -27.65 11.65
C THR F 249 -45.07 -26.93 10.37
N GLY F 250 -43.98 -26.18 10.51
CA GLY F 250 -43.38 -25.48 9.40
C GLY F 250 -43.78 -24.02 9.25
N ARG F 251 -44.87 -23.59 9.88
CA ARG F 251 -45.31 -22.21 9.81
C ARG F 251 -44.77 -21.38 10.99
N GLY F 252 -43.45 -21.43 11.16
CA GLY F 252 -42.79 -20.71 12.24
C GLY F 252 -42.88 -21.36 13.60
N MET F 253 -43.89 -22.19 13.84
CA MET F 253 -44.08 -22.80 15.15
C MET F 253 -43.20 -24.04 15.27
N ALA F 254 -42.46 -24.13 16.38
CA ALA F 254 -41.66 -25.31 16.64
C ALA F 254 -42.57 -26.47 17.07
N PHE F 255 -42.21 -27.67 16.62
CA PHE F 255 -43.07 -28.83 16.81
C PHE F 255 -43.33 -29.10 18.29
N LEU F 256 -42.30 -28.94 19.13
CA LEU F 256 -42.45 -29.24 20.55
C LEU F 256 -43.47 -28.31 21.21
N ASP F 257 -43.54 -27.05 20.75
CA ASP F 257 -44.56 -26.13 21.27
C ASP F 257 -45.96 -26.67 21.03
N LEU F 258 -46.22 -27.14 19.82
CA LEU F 258 -47.51 -27.74 19.51
C LEU F 258 -47.74 -28.98 20.35
N ILE F 259 -46.70 -29.79 20.54
CA ILE F 259 -46.83 -30.98 21.38
C ILE F 259 -47.31 -30.57 22.77
N GLN F 260 -46.66 -29.56 23.35
CA GLN F 260 -46.96 -29.20 24.74
C GLN F 260 -48.32 -28.54 24.87
N GLU F 261 -48.71 -27.72 23.89
CA GLU F 261 -50.03 -27.13 23.92
C GLU F 261 -51.11 -28.20 23.83
N GLY F 262 -50.93 -29.16 22.91
CA GLY F 262 -51.86 -30.27 22.83
C GLY F 262 -51.85 -31.10 24.10
N ASN F 263 -50.68 -31.24 24.73
CA ASN F 263 -50.60 -31.98 25.98
C ASN F 263 -51.38 -31.30 27.09
N LEU F 264 -51.31 -29.97 27.16
CA LEU F 264 -52.12 -29.26 28.15
C LEU F 264 -53.60 -29.39 27.85
N GLY F 265 -53.98 -29.31 26.57
CA GLY F 265 -55.37 -29.59 26.21
C GLY F 265 -55.81 -30.97 26.63
N LEU F 266 -54.94 -31.97 26.44
CA LEU F 266 -55.25 -33.33 26.87
C LEU F 266 -55.36 -33.41 28.39
N ILE F 267 -54.47 -32.73 29.11
CA ILE F 267 -54.54 -32.70 30.58
C ILE F 267 -55.86 -32.11 31.02
N ARG F 268 -56.41 -31.18 30.25
CA ARG F 268 -57.80 -30.79 30.46
C ARG F 268 -58.73 -31.96 30.17
N ALA F 269 -58.53 -32.64 29.04
CA ALA F 269 -59.47 -33.66 28.59
C ALA F 269 -59.57 -34.83 29.56
N VAL F 270 -58.46 -35.18 30.24
CA VAL F 270 -58.48 -36.38 31.07
C VAL F 270 -59.52 -36.26 32.18
N GLU F 271 -59.64 -35.08 32.78
CA GLU F 271 -60.55 -34.88 33.91
C GLU F 271 -61.89 -34.29 33.51
N LYS F 272 -61.91 -33.39 32.53
CA LYS F 272 -63.16 -32.78 32.07
C LYS F 272 -63.91 -33.75 31.15
N PHE F 273 -64.29 -34.88 31.72
CA PHE F 273 -64.83 -35.98 30.93
C PHE F 273 -65.73 -36.84 31.82
N ASP F 274 -66.74 -37.44 31.19
CA ASP F 274 -67.64 -38.39 31.84
C ASP F 274 -67.76 -39.63 30.98
N TYR F 275 -67.54 -40.80 31.58
CA TYR F 275 -67.58 -42.05 30.82
C TYR F 275 -68.98 -42.37 30.31
N THR F 276 -70.02 -41.85 30.98
CA THR F 276 -71.39 -42.17 30.60
C THR F 276 -71.73 -41.65 29.21
N LYS F 277 -70.98 -40.67 28.69
CA LYS F 277 -71.30 -40.11 27.38
C LYS F 277 -71.08 -41.12 26.28
N GLY F 278 -70.15 -42.05 26.46
CA GLY F 278 -69.95 -43.15 25.53
C GLY F 278 -69.06 -42.86 24.35
N TYR F 279 -68.60 -41.63 24.17
CA TYR F 279 -67.72 -41.31 23.05
C TYR F 279 -66.35 -41.95 23.27
N LYS F 280 -65.74 -42.39 22.17
CA LYS F 280 -64.38 -42.89 22.25
C LYS F 280 -63.45 -41.80 22.74
N PHE F 281 -62.62 -42.14 23.72
CA PHE F 281 -61.82 -41.10 24.39
C PHE F 281 -60.82 -40.47 23.44
N SER F 282 -60.32 -41.21 22.45
CA SER F 282 -59.32 -40.67 21.53
C SER F 282 -59.90 -39.52 20.72
N THR F 283 -61.17 -39.61 20.32
CA THR F 283 -61.78 -38.54 19.54
C THR F 283 -61.95 -37.28 20.37
N TYR F 284 -62.41 -37.43 21.62
CA TYR F 284 -62.53 -36.28 22.52
C TYR F 284 -61.15 -35.66 22.78
N ALA F 285 -60.14 -36.52 22.96
CA ALA F 285 -58.77 -36.03 23.13
C ALA F 285 -58.32 -35.25 21.90
N THR F 286 -58.62 -35.76 20.71
CA THR F 286 -58.28 -35.03 19.48
C THR F 286 -58.96 -33.67 19.46
N TRP F 287 -60.24 -33.63 19.81
CA TRP F 287 -60.97 -32.37 19.86
C TRP F 287 -60.27 -31.37 20.76
N TRP F 288 -59.96 -31.77 22.00
CA TRP F 288 -59.38 -30.83 22.94
C TRP F 288 -57.93 -30.49 22.59
N ILE F 289 -57.16 -31.44 22.07
CA ILE F 289 -55.80 -31.15 21.64
C ILE F 289 -55.80 -30.12 20.52
N ARG F 290 -56.65 -30.31 19.51
CA ARG F 290 -56.71 -29.33 18.43
C ARG F 290 -57.21 -27.99 18.93
N GLN F 291 -58.17 -28.00 19.86
CA GLN F 291 -58.66 -26.74 20.40
C GLN F 291 -57.57 -25.98 21.14
N ALA F 292 -56.78 -26.69 21.96
CA ALA F 292 -55.68 -26.03 22.67
C ALA F 292 -54.61 -25.56 21.70
N ILE F 293 -54.33 -26.35 20.66
CA ILE F 293 -53.29 -25.96 19.71
C ILE F 293 -53.71 -24.72 18.95
N THR F 294 -54.98 -24.63 18.55
CA THR F 294 -55.44 -23.44 17.84
C THR F 294 -55.59 -22.24 18.78
N ARG F 295 -55.89 -22.49 20.06
CA ARG F 295 -55.87 -21.41 21.03
C ARG F 295 -54.47 -20.83 21.16
N ALA F 296 -53.46 -21.70 21.20
CA ALA F 296 -52.07 -21.23 21.18
C ALA F 296 -51.80 -20.48 19.88
N MET F 297 -52.30 -21.02 18.76
CA MET F 297 -52.12 -20.39 17.47
C MET F 297 -52.89 -19.09 17.34
N ALA F 298 -53.80 -18.80 18.28
CA ALA F 298 -54.44 -17.49 18.33
C ALA F 298 -53.47 -16.39 18.72
N ASP F 299 -52.37 -16.75 19.39
CA ASP F 299 -51.35 -15.80 19.78
C ASP F 299 -50.26 -15.66 18.73
N GLN F 300 -49.76 -16.78 18.23
CA GLN F 300 -48.74 -16.78 17.18
C GLN F 300 -47.46 -16.12 17.67
N SER G 2 52.15 -42.88 -17.41
CA SER G 2 51.95 -41.45 -17.18
C SER G 2 53.20 -40.68 -17.58
N GLY G 3 53.15 -40.05 -18.75
CA GLY G 3 54.33 -39.38 -19.28
C GLY G 3 54.69 -38.14 -18.48
N ARG G 4 55.98 -37.83 -18.48
CA ARG G 4 56.46 -36.58 -17.87
C ARG G 4 55.94 -35.37 -18.63
N ASP G 5 55.92 -35.44 -19.96
CA ASP G 5 55.34 -34.36 -20.75
C ASP G 5 53.87 -34.16 -20.42
N TYR G 6 53.17 -35.25 -20.08
CA TYR G 6 51.79 -35.11 -19.62
C TYR G 6 51.72 -34.27 -18.35
N GLU G 7 52.67 -34.51 -17.41
CA GLU G 7 52.71 -33.70 -16.20
C GLU G 7 53.00 -32.24 -16.52
N ASP G 8 53.91 -31.98 -17.46
CA ASP G 8 54.20 -30.60 -17.82
C ASP G 8 52.98 -29.92 -18.42
N GLU G 9 52.26 -30.61 -19.31
CA GLU G 9 51.05 -30.05 -19.90
C GLU G 9 49.99 -29.80 -18.82
N LEU G 10 49.86 -30.74 -17.88
CA LEU G 10 48.90 -30.55 -16.79
C LEU G 10 49.25 -29.33 -15.96
N GLN G 11 50.54 -29.13 -15.68
CA GLN G 11 50.96 -27.96 -14.91
C GLN G 11 50.66 -26.67 -15.67
N SER G 12 50.90 -26.67 -16.98
CA SER G 12 50.60 -25.47 -17.78
C SER G 12 49.11 -25.17 -17.74
N GLU G 13 48.28 -26.20 -17.90
CA GLU G 13 46.83 -25.99 -17.87
C GLU G 13 46.39 -25.51 -16.49
N ARG G 14 47.01 -26.05 -15.43
CA ARG G 14 46.68 -25.61 -14.08
C ARG G 14 47.02 -24.14 -13.89
N ASP G 15 48.17 -23.70 -14.41
CA ASP G 15 48.53 -22.29 -14.32
C ASP G 15 47.54 -21.42 -15.09
N TYR G 16 47.11 -21.88 -16.26
CA TYR G 16 46.12 -21.12 -17.02
C TYR G 16 44.82 -20.99 -16.24
N VAL G 17 44.37 -22.09 -15.62
CA VAL G 17 43.13 -22.04 -14.84
C VAL G 17 43.31 -21.12 -13.63
N ALA G 18 44.51 -21.12 -13.05
CA ALA G 18 44.78 -20.21 -11.93
C ALA G 18 44.67 -18.76 -12.36
N GLY G 19 45.20 -18.44 -13.54
CA GLY G 19 45.04 -17.09 -14.06
C GLY G 19 43.59 -16.73 -14.29
N LEU G 20 42.81 -17.67 -14.84
CA LEU G 20 41.38 -17.42 -15.02
C LEU G 20 40.70 -17.15 -13.69
N TYR G 21 41.05 -17.93 -12.66
CA TYR G 21 40.45 -17.73 -11.34
C TYR G 21 40.88 -16.40 -10.73
N ALA G 22 42.11 -15.96 -10.99
CA ALA G 22 42.54 -14.65 -10.52
C ALA G 22 41.70 -13.55 -11.16
N ARG G 23 41.47 -13.64 -12.47
CA ARG G 23 40.61 -12.67 -13.13
C ARG G 23 39.19 -12.73 -12.56
N LEU G 24 38.70 -13.93 -12.28
CA LEU G 24 37.39 -14.07 -11.66
C LEU G 24 37.33 -13.37 -10.31
N ASP G 25 38.37 -13.54 -9.49
CA ASP G 25 38.41 -12.90 -8.19
C ASP G 25 38.41 -11.38 -8.33
N ALA G 26 39.19 -10.86 -9.27
CA ALA G 26 39.20 -9.41 -9.49
C ALA G 26 37.82 -8.91 -9.88
N GLU G 27 37.16 -9.62 -10.80
CA GLU G 27 35.83 -9.21 -11.23
C GLU G 27 34.84 -9.26 -10.06
N ARG G 28 34.92 -10.29 -9.22
CA ARG G 28 34.02 -10.39 -8.09
C ARG G 28 34.25 -9.25 -7.10
N ALA G 29 35.51 -8.90 -6.85
CA ALA G 29 35.81 -7.79 -5.95
C ALA G 29 35.23 -6.49 -6.49
N GLN G 30 35.42 -6.23 -7.79
CA GLN G 30 34.85 -5.03 -8.39
C GLN G 30 33.33 -5.02 -8.26
N SER G 31 32.70 -6.17 -8.54
CA SER G 31 31.24 -6.23 -8.47
C SER G 31 30.75 -5.99 -7.04
N GLN G 32 31.43 -6.57 -6.05
CA GLN G 32 31.03 -6.35 -4.66
C GLN G 32 31.15 -4.88 -4.29
N ARG G 33 32.25 -4.23 -4.68
CA ARG G 33 32.43 -2.82 -4.35
C ARG G 33 31.32 -1.99 -4.98
N ARG G 34 31.03 -2.22 -6.26
CA ARG G 34 29.99 -1.45 -6.93
C ARG G 34 28.62 -1.72 -6.31
N TYR G 35 28.36 -2.97 -5.94
CA TYR G 35 27.08 -3.32 -5.32
C TYR G 35 26.90 -2.60 -3.99
N ALA G 36 27.94 -2.58 -3.16
CA ALA G 36 27.86 -1.86 -1.89
C ALA G 36 27.63 -0.38 -2.11
N ALA G 37 28.36 0.22 -3.06
CA ALA G 37 28.18 1.65 -3.32
C ALA G 37 26.77 1.94 -3.78
N ALA G 38 26.23 1.11 -4.68
CA ALA G 38 24.87 1.32 -5.18
C ALA G 38 23.85 1.19 -4.07
N LEU G 39 24.00 0.18 -3.21
CA LEU G 39 23.09 0.02 -2.08
C LEU G 39 23.15 1.23 -1.17
N ARG G 40 24.34 1.81 -0.98
CA ARG G 40 24.49 2.86 0.01
C ARG G 40 24.03 4.22 -0.50
N GLU G 41 24.64 4.71 -1.58
CA GLU G 41 24.52 6.12 -1.96
C GLU G 41 24.24 6.27 -3.45
N HIS G 42 23.26 5.54 -3.96
CA HIS G 42 22.94 5.62 -5.39
C HIS G 42 22.69 7.06 -5.82
N GLY G 43 21.78 7.75 -5.13
CA GLY G 43 21.49 9.13 -5.43
C GLY G 43 20.58 9.38 -6.62
N GLY G 44 20.10 8.31 -7.26
CA GLY G 44 19.20 8.43 -8.39
C GLY G 44 17.76 8.14 -8.00
N THR G 45 16.97 7.76 -9.00
CA THR G 45 15.58 7.38 -8.77
C THR G 45 15.50 5.95 -8.24
N ALA G 46 14.38 5.64 -7.59
CA ALA G 46 14.21 4.32 -6.99
C ALA G 46 14.28 3.21 -8.02
N VAL G 47 13.66 3.42 -9.19
CA VAL G 47 13.66 2.39 -10.22
C VAL G 47 15.07 2.14 -10.73
N GLU G 48 15.83 3.21 -10.98
CA GLU G 48 17.20 3.05 -11.43
C GLU G 48 18.06 2.36 -10.38
N ARG G 49 17.88 2.75 -9.11
CA ARG G 49 18.62 2.09 -8.03
C ARG G 49 18.31 0.60 -8.00
N ASP G 50 17.03 0.24 -8.12
CA ASP G 50 16.65 -1.16 -8.13
C ASP G 50 17.28 -1.89 -9.31
N ALA G 51 17.27 -1.27 -10.48
CA ALA G 51 17.84 -1.90 -11.67
C ALA G 51 19.32 -2.19 -11.47
N GLU G 52 20.09 -1.18 -11.06
CA GLU G 52 21.53 -1.38 -10.89
C GLU G 52 21.81 -2.39 -9.78
N VAL G 53 21.09 -2.30 -8.66
CA VAL G 53 21.33 -3.23 -7.56
C VAL G 53 21.06 -4.66 -8.00
N ARG G 54 19.95 -4.87 -8.72
CA ARG G 54 19.61 -6.23 -9.15
C ARG G 54 20.59 -6.75 -10.18
N ALA G 55 21.05 -5.89 -11.10
CA ALA G 55 22.03 -6.33 -12.07
C ALA G 55 23.33 -6.75 -11.38
N LEU G 56 23.79 -5.93 -10.43
CA LEU G 56 25.02 -6.27 -9.71
C LEU G 56 24.86 -7.54 -8.89
N ALA G 57 23.70 -7.70 -8.25
CA ALA G 57 23.45 -8.91 -7.47
C ALA G 57 23.43 -10.14 -8.37
N LYS G 58 22.82 -10.04 -9.54
CA LYS G 58 22.82 -11.15 -10.48
C LYS G 58 24.23 -11.50 -10.93
N ASP G 59 25.04 -10.48 -11.22
CA ASP G 59 26.43 -10.75 -11.60
C ASP G 59 27.19 -11.44 -10.47
N ILE G 60 27.01 -10.97 -9.24
CA ILE G 60 27.71 -11.56 -8.10
C ILE G 60 27.28 -13.01 -7.92
N ALA G 61 25.97 -13.27 -8.00
CA ALA G 61 25.48 -14.64 -7.84
C ALA G 61 26.00 -15.55 -8.95
N ARG G 62 26.04 -15.04 -10.18
CA ARG G 62 26.56 -15.86 -11.28
C ARG G 62 28.03 -16.19 -11.06
N LEU G 63 28.82 -15.21 -10.61
CA LEU G 63 30.22 -15.48 -10.34
C LEU G 63 30.38 -16.48 -9.21
N ASN G 64 29.58 -16.35 -8.15
CA ASN G 64 29.65 -17.29 -7.05
C ASN G 64 29.32 -18.71 -7.51
N VAL G 65 28.28 -18.85 -8.33
CA VAL G 65 27.92 -20.16 -8.86
C VAL G 65 29.05 -20.73 -9.70
N ALA G 66 29.64 -19.90 -10.56
CA ALA G 66 30.71 -20.35 -11.44
C ALA G 66 32.02 -20.61 -10.70
N ASP G 67 32.14 -20.18 -9.44
CA ASP G 67 33.38 -20.38 -8.70
C ASP G 67 33.78 -21.85 -8.66
N ASN G 68 32.81 -22.76 -8.64
CA ASN G 68 33.09 -24.19 -8.54
C ASN G 68 33.19 -24.78 -9.94
N GLY G 69 34.38 -25.30 -10.28
CA GLY G 69 34.59 -25.91 -11.58
C GLY G 69 34.44 -24.92 -12.72
N LEU G 70 35.34 -23.93 -12.78
CA LEU G 70 35.18 -22.85 -13.73
C LEU G 70 35.32 -23.34 -15.18
N CYS G 71 36.30 -24.20 -15.45
CA CYS G 71 36.64 -24.60 -16.80
C CYS G 71 36.32 -26.07 -17.02
N PHE G 72 35.54 -26.35 -18.07
CA PHE G 72 35.22 -27.73 -18.43
C PHE G 72 36.36 -28.37 -19.22
N GLY G 73 36.89 -27.67 -20.20
CA GLY G 73 37.85 -28.29 -21.08
C GLY G 73 38.40 -27.33 -22.11
N ARG G 74 39.00 -27.92 -23.13
CA ARG G 74 39.70 -27.16 -24.18
C ARG G 74 39.46 -27.84 -25.52
N LEU G 75 39.49 -27.03 -26.57
CA LEU G 75 39.32 -27.50 -27.93
C LEU G 75 40.50 -27.02 -28.76
N ASP G 76 41.11 -27.93 -29.51
CA ASP G 76 42.19 -27.60 -30.44
C ASP G 76 41.61 -27.56 -31.84
N THR G 77 41.63 -26.38 -32.45
CA THR G 77 41.07 -26.20 -33.78
C THR G 77 42.07 -26.66 -34.83
N LEU G 78 41.55 -27.08 -35.99
CA LEU G 78 42.42 -27.54 -37.06
C LEU G 78 43.39 -26.44 -37.51
N ASP G 79 43.06 -25.18 -37.27
CA ASP G 79 43.98 -24.08 -37.47
C ASP G 79 44.99 -23.94 -36.33
N ASP G 80 45.04 -24.91 -35.41
CA ASP G 80 45.97 -24.93 -34.28
C ASP G 80 45.66 -23.85 -33.25
N ALA G 81 44.42 -23.40 -33.18
CA ALA G 81 44.01 -22.43 -32.17
C ALA G 81 43.61 -23.17 -30.89
N ARG G 82 43.22 -22.40 -29.88
CA ARG G 82 42.79 -22.94 -28.59
C ARG G 82 41.48 -22.28 -28.18
N LEU G 83 40.54 -23.07 -27.69
CA LEU G 83 39.26 -22.56 -27.21
C LEU G 83 38.94 -23.21 -25.87
N TYR G 84 38.91 -22.40 -24.81
CA TYR G 84 38.65 -22.91 -23.47
C TYR G 84 37.16 -22.80 -23.15
N ILE G 85 36.56 -23.91 -22.73
CA ILE G 85 35.14 -24.00 -22.42
C ILE G 85 34.97 -24.12 -20.92
N GLY G 86 34.14 -23.24 -20.36
CA GLY G 86 33.90 -23.21 -18.94
C GLY G 86 32.55 -22.60 -18.64
N ARG G 87 32.30 -22.34 -17.36
CA ARG G 87 31.00 -21.86 -16.90
C ARG G 87 30.79 -20.37 -17.14
N LEU G 88 31.84 -19.61 -17.44
CA LEU G 88 31.72 -18.17 -17.61
C LEU G 88 32.49 -17.74 -18.85
N GLY G 89 32.05 -16.63 -19.44
CA GLY G 89 32.78 -16.01 -20.52
C GLY G 89 33.75 -14.96 -20.02
N ILE G 90 35.04 -15.25 -20.08
CA ILE G 90 36.09 -14.34 -19.62
C ILE G 90 36.83 -13.82 -20.85
N PHE G 91 36.91 -12.50 -20.98
CA PHE G 91 37.49 -11.85 -22.14
C PHE G 91 38.54 -10.84 -21.71
N ASP G 92 39.53 -10.63 -22.57
CA ASP G 92 40.63 -9.70 -22.30
C ASP G 92 40.20 -8.32 -22.79
N ARG G 93 39.69 -7.50 -21.87
CA ARG G 93 39.22 -6.17 -22.24
C ARG G 93 40.34 -5.31 -22.82
N ASP G 94 41.59 -5.63 -22.51
CA ASP G 94 42.73 -4.87 -23.02
C ASP G 94 43.22 -5.34 -24.38
N ASN G 95 42.67 -6.45 -24.90
CA ASN G 95 43.11 -7.04 -26.15
C ASN G 95 41.91 -7.27 -27.07
N ASP G 96 41.07 -6.25 -27.20
CA ASP G 96 39.89 -6.31 -28.07
C ASP G 96 38.91 -7.40 -27.61
N PHE G 97 38.86 -7.64 -26.30
CA PHE G 97 37.95 -8.63 -25.72
C PHE G 97 38.13 -10.00 -26.35
N GLU G 98 39.39 -10.39 -26.56
CA GLU G 98 39.67 -11.74 -27.06
C GLU G 98 39.25 -12.76 -26.01
N PRO G 99 38.54 -13.83 -26.39
CA PRO G 99 38.02 -14.77 -25.38
C PRO G 99 39.14 -15.54 -24.70
N LEU G 100 39.23 -15.41 -23.38
CA LEU G 100 40.09 -16.28 -22.58
C LEU G 100 39.35 -17.51 -22.10
N LEU G 101 38.03 -17.41 -21.94
CA LEU G 101 37.19 -18.54 -21.58
C LEU G 101 35.83 -18.34 -22.21
N LEU G 102 35.28 -19.41 -22.79
CA LEU G 102 34.01 -19.36 -23.50
C LEU G 102 32.91 -19.98 -22.65
N ASP G 103 31.80 -19.27 -22.52
CA ASP G 103 30.63 -19.86 -21.88
C ASP G 103 30.15 -21.05 -22.69
N TRP G 104 29.83 -22.15 -22.00
CA TRP G 104 29.49 -23.38 -22.70
C TRP G 104 28.27 -23.20 -23.61
N ARG G 105 27.44 -22.20 -23.33
CA ARG G 105 26.30 -21.93 -24.20
C ARG G 105 26.65 -21.07 -25.41
N ALA G 106 27.89 -20.59 -25.50
CA ALA G 106 28.28 -19.76 -26.62
C ALA G 106 28.28 -20.58 -27.91
N PRO G 107 27.91 -19.97 -29.04
CA PRO G 107 27.86 -20.74 -30.30
C PRO G 107 29.17 -21.42 -30.66
N MET G 108 30.32 -20.75 -30.49
CA MET G 108 31.57 -21.39 -30.86
C MET G 108 31.98 -22.51 -29.92
N ALA G 109 31.34 -22.64 -28.76
CA ALA G 109 31.53 -23.79 -27.90
C ALA G 109 30.62 -24.96 -28.30
N ARG G 110 29.80 -24.78 -29.33
CA ARG G 110 28.92 -25.88 -29.75
C ARG G 110 29.69 -27.15 -30.09
N PRO G 111 30.82 -27.11 -30.80
CA PRO G 111 31.51 -28.37 -31.15
C PRO G 111 31.86 -29.23 -29.95
N PHE G 112 32.28 -28.62 -28.83
CA PHE G 112 32.68 -29.39 -27.65
C PHE G 112 31.64 -30.43 -27.28
N TYR G 113 30.37 -30.19 -27.61
CA TYR G 113 29.30 -31.12 -27.31
C TYR G 113 28.85 -31.94 -28.51
N VAL G 114 28.98 -31.40 -29.73
CA VAL G 114 28.42 -32.03 -30.91
C VAL G 114 29.47 -32.65 -31.83
N ALA G 115 30.72 -32.23 -31.72
CA ALA G 115 31.74 -32.74 -32.63
C ALA G 115 32.02 -34.22 -32.36
N THR G 116 32.34 -34.94 -33.44
CA THR G 116 32.64 -36.37 -33.36
C THR G 116 33.82 -36.67 -34.28
N ALA G 117 34.40 -37.86 -34.10
CA ALA G 117 35.53 -38.27 -34.92
C ALA G 117 35.15 -38.41 -36.38
N ALA G 118 33.88 -38.68 -36.69
CA ALA G 118 33.43 -38.81 -38.07
C ALA G 118 33.04 -37.45 -38.67
N ASN G 119 32.52 -36.54 -37.85
CA ASN G 119 32.15 -35.20 -38.28
C ASN G 119 32.80 -34.19 -37.34
N PRO G 120 34.13 -34.02 -37.44
CA PRO G 120 34.80 -33.01 -36.61
C PRO G 120 34.48 -31.61 -37.10
N GLU G 121 33.92 -30.79 -36.20
CA GLU G 121 33.53 -29.43 -36.54
C GLU G 121 34.75 -28.51 -36.52
N ASN G 122 35.75 -28.90 -37.33
CA ASN G 122 36.99 -28.14 -37.47
C ASN G 122 37.84 -28.19 -36.21
N MET G 123 37.81 -29.33 -35.50
CA MET G 123 38.61 -29.54 -34.30
C MET G 123 39.35 -30.86 -34.39
N ARG G 124 40.55 -30.89 -33.80
CA ARG G 124 41.40 -32.08 -33.83
C ARG G 124 41.48 -32.79 -32.49
N ARG G 125 41.35 -32.07 -31.37
CA ARG G 125 41.44 -32.67 -30.05
C ARG G 125 40.47 -31.98 -29.11
N ARG G 126 39.78 -32.78 -28.30
CA ARG G 126 38.88 -32.30 -27.27
C ARG G 126 39.39 -32.77 -25.91
N ARG G 127 39.63 -31.83 -25.01
CA ARG G 127 40.27 -32.09 -23.73
C ARG G 127 39.30 -31.82 -22.60
N GLN G 128 39.12 -32.79 -21.71
CA GLN G 128 38.29 -32.64 -20.53
C GLN G 128 39.17 -32.48 -19.30
N PHE G 129 38.78 -31.55 -18.42
CA PHE G 129 39.44 -31.39 -17.12
C PHE G 129 38.51 -31.90 -16.03
N HIS G 130 39.04 -32.74 -15.13
CA HIS G 130 38.30 -33.20 -13.97
C HIS G 130 38.72 -32.35 -12.77
N THR G 131 37.76 -31.63 -12.20
CA THR G 131 38.04 -30.63 -11.19
C THR G 131 37.27 -30.94 -9.90
N LEU G 132 37.95 -30.78 -8.77
CA LEU G 132 37.34 -30.93 -7.46
C LEU G 132 37.18 -29.60 -6.73
N GLY G 133 37.41 -28.49 -7.42
CA GLY G 133 37.33 -27.18 -6.82
C GLY G 133 37.96 -26.12 -7.70
N ARG G 134 38.87 -25.32 -7.13
CA ARG G 134 39.66 -24.36 -7.90
C ARG G 134 40.88 -25.00 -8.54
N LYS G 135 40.90 -26.32 -8.64
CA LYS G 135 42.09 -27.06 -9.05
C LYS G 135 41.71 -28.12 -10.07
N VAL G 136 42.57 -28.33 -11.06
CA VAL G 136 42.37 -29.36 -12.06
C VAL G 136 43.10 -30.62 -11.59
N VAL G 137 42.33 -31.67 -11.31
CA VAL G 137 42.94 -32.92 -10.83
C VAL G 137 43.71 -33.59 -11.97
N ASP G 138 43.11 -33.66 -13.15
CA ASP G 138 43.76 -34.26 -14.31
C ASP G 138 42.97 -33.87 -15.56
N PHE G 139 43.55 -34.20 -16.71
CA PHE G 139 42.92 -33.95 -17.99
C PHE G 139 43.00 -35.22 -18.85
N THR G 140 41.99 -35.39 -19.70
CA THR G 140 41.93 -36.52 -20.61
C THR G 140 41.53 -36.02 -21.99
N ASP G 141 42.25 -36.48 -23.01
CA ASP G 141 42.10 -35.98 -24.36
C ASP G 141 41.47 -37.04 -25.25
N GLU G 142 40.69 -36.59 -26.23
CA GLU G 142 40.17 -37.45 -27.28
C GLU G 142 40.45 -36.82 -28.63
N ILE G 143 41.00 -37.61 -29.55
CA ILE G 143 41.29 -37.15 -30.90
C ILE G 143 40.03 -37.30 -31.74
N LEU G 144 39.68 -36.24 -32.47
CA LEU G 144 38.55 -36.29 -33.40
C LEU G 144 39.07 -36.70 -34.78
N GLY G 145 39.41 -37.98 -34.88
CA GLY G 145 40.03 -38.53 -36.07
C GLY G 145 40.72 -39.84 -35.74
N ARG G 146 41.62 -40.25 -36.62
CA ARG G 146 42.39 -41.46 -36.39
C ARG G 146 43.39 -41.23 -35.25
N PRO G 147 43.37 -42.03 -34.19
CA PRO G 147 44.32 -41.81 -33.10
C PRO G 147 45.68 -42.42 -33.41
N THR G 148 46.64 -42.15 -32.50
CA THR G 148 48.00 -42.65 -32.64
C THR G 148 48.56 -43.31 -31.39
N GLY G 149 47.89 -43.19 -30.25
CA GLY G 149 48.28 -43.89 -29.04
C GLY G 149 49.16 -43.11 -28.09
N ALA G 150 49.81 -42.04 -28.55
CA ALA G 150 50.65 -41.23 -27.68
C ALA G 150 49.84 -40.33 -26.76
N GLU G 151 48.56 -40.11 -27.08
CA GLU G 151 47.71 -39.28 -26.24
C GLU G 151 47.34 -39.98 -24.94
N HIS G 152 47.10 -39.19 -23.90
CA HIS G 152 46.84 -39.68 -22.55
C HIS G 152 45.37 -39.42 -22.21
N ASP G 153 44.61 -40.50 -22.04
CA ASP G 153 43.22 -40.42 -21.59
C ASP G 153 42.96 -41.54 -20.61
N ALA G 154 42.25 -41.23 -19.52
CA ALA G 154 41.98 -42.24 -18.51
C ALA G 154 41.13 -43.37 -19.07
N THR G 155 40.25 -43.08 -20.03
CA THR G 155 39.43 -44.11 -20.66
C THR G 155 40.21 -44.98 -21.62
N ASN G 156 41.42 -44.56 -22.02
CA ASN G 156 42.29 -45.34 -22.89
C ASN G 156 41.69 -45.53 -24.29
N ASP G 157 40.68 -44.74 -24.64
CA ASP G 157 40.04 -44.90 -25.95
C ASP G 157 41.04 -44.66 -27.08
N ALA G 158 41.89 -43.65 -26.93
CA ALA G 158 42.88 -43.37 -27.97
C ALA G 158 43.89 -44.51 -28.10
N ALA G 159 44.34 -45.06 -26.98
CA ALA G 159 45.30 -46.16 -27.04
C ALA G 159 44.65 -47.43 -27.56
N LEU G 160 43.42 -47.72 -27.13
CA LEU G 160 42.73 -48.91 -27.60
C LEU G 160 42.45 -48.84 -29.10
N LEU G 161 42.00 -47.68 -29.58
CA LEU G 161 41.74 -47.52 -31.01
C LEU G 161 43.03 -47.43 -31.82
N ALA G 162 44.13 -47.02 -31.19
CA ALA G 162 45.42 -47.01 -31.87
C ALA G 162 45.99 -48.41 -32.04
N ALA G 163 45.63 -49.32 -31.15
CA ALA G 163 46.09 -50.71 -31.24
C ALA G 163 45.51 -51.38 -32.47
N ASP G 174 38.14 -49.17 -43.85
CA ASP G 174 38.88 -49.32 -42.60
C ASP G 174 37.92 -49.64 -41.47
N ILE G 175 38.27 -50.63 -40.65
CA ILE G 175 37.40 -51.04 -39.55
C ILE G 175 37.28 -49.91 -38.53
N VAL G 176 38.37 -49.20 -38.27
CA VAL G 176 38.31 -48.06 -37.35
C VAL G 176 37.37 -47.00 -37.91
N ALA G 177 37.41 -46.79 -39.22
CA ALA G 177 36.49 -45.83 -39.84
C ALA G 177 35.04 -46.26 -39.64
N THR G 178 34.75 -47.56 -39.75
CA THR G 178 33.39 -48.02 -39.52
C THR G 178 32.99 -47.83 -38.06
N ILE G 179 33.93 -48.04 -37.13
CA ILE G 179 33.65 -47.78 -35.72
C ILE G 179 33.27 -46.32 -35.52
N GLN G 180 34.05 -45.41 -36.10
CA GLN G 180 33.74 -43.99 -36.00
C GLN G 180 32.37 -43.69 -36.59
N ALA G 181 32.07 -44.26 -37.76
CA ALA G 181 30.80 -44.00 -38.41
C ALA G 181 29.63 -44.48 -37.55
N GLU G 182 29.74 -45.68 -36.98
CA GLU G 182 28.67 -46.21 -36.14
C GLU G 182 28.48 -45.35 -34.90
N GLN G 183 29.58 -44.98 -34.24
CA GLN G 183 29.46 -44.15 -33.05
C GLN G 183 28.83 -42.80 -33.38
N ASP G 184 29.22 -42.19 -34.51
CA ASP G 184 28.61 -40.94 -34.93
C ASP G 184 27.13 -41.13 -35.21
N GLN G 185 26.76 -42.23 -35.86
CA GLN G 185 25.35 -42.47 -36.16
C GLN G 185 24.54 -42.55 -34.88
N VAL G 186 25.06 -43.25 -33.87
CA VAL G 186 24.35 -43.32 -32.59
C VAL G 186 24.27 -41.93 -31.94
N ILE G 187 25.39 -41.20 -31.95
CA ILE G 187 25.47 -39.97 -31.17
C ILE G 187 24.56 -38.89 -31.78
N ARG G 188 24.65 -38.70 -33.09
CA ARG G 188 23.99 -37.57 -33.74
C ARG G 188 22.51 -37.78 -33.99
N LEU G 189 21.99 -38.99 -33.76
CA LEU G 189 20.60 -39.30 -34.10
C LEU G 189 19.65 -38.26 -33.54
N ASP G 190 18.93 -37.59 -34.45
CA ASP G 190 17.93 -36.59 -34.05
C ASP G 190 16.56 -37.26 -33.96
N HIS G 191 16.44 -38.13 -32.95
CA HIS G 191 15.23 -38.91 -32.75
C HIS G 191 14.26 -38.28 -31.77
N THR G 192 14.75 -37.55 -30.78
CA THR G 192 13.92 -36.97 -29.72
C THR G 192 12.86 -37.96 -29.25
N GLY G 193 13.29 -39.21 -29.07
CA GLY G 193 12.40 -40.27 -28.64
C GLY G 193 13.11 -41.36 -27.86
N VAL G 194 12.55 -42.55 -27.85
CA VAL G 194 13.13 -43.67 -27.10
C VAL G 194 14.22 -44.30 -27.97
N LEU G 195 15.47 -44.15 -27.54
CA LEU G 195 16.62 -44.73 -28.23
C LEU G 195 17.20 -45.83 -27.37
N VAL G 196 17.32 -47.03 -27.92
CA VAL G 196 17.87 -48.18 -27.22
C VAL G 196 19.24 -48.46 -27.81
N ILE G 197 20.28 -48.24 -27.03
CA ILE G 197 21.67 -48.48 -27.43
C ILE G 197 22.10 -49.80 -26.80
N GLU G 198 22.55 -50.74 -27.63
CA GLU G 198 23.03 -52.03 -27.17
C GLU G 198 24.40 -52.31 -27.74
N GLY G 199 25.21 -53.03 -26.98
CA GLY G 199 26.53 -53.42 -27.43
C GLY G 199 27.15 -54.46 -26.54
N GLY G 200 27.89 -55.39 -27.14
CA GLY G 200 28.59 -56.40 -26.39
C GLY G 200 29.74 -55.80 -25.61
N PRO G 201 30.22 -56.51 -24.58
CA PRO G 201 31.30 -55.95 -23.77
C PRO G 201 32.56 -55.75 -24.58
N GLY G 202 33.33 -54.72 -24.20
CA GLY G 202 34.52 -54.35 -24.93
C GLY G 202 34.28 -53.51 -26.15
N THR G 203 33.03 -53.15 -26.43
CA THR G 203 32.70 -52.29 -27.57
C THR G 203 32.61 -50.82 -27.18
N GLY G 204 32.43 -50.52 -25.90
CA GLY G 204 32.42 -49.14 -25.45
C GLY G 204 31.07 -48.47 -25.55
N LYS G 205 30.00 -49.20 -25.21
CA LYS G 205 28.67 -48.61 -25.24
C LYS G 205 28.55 -47.46 -24.24
N THR G 206 29.30 -47.51 -23.15
CA THR G 206 29.22 -46.46 -22.14
C THR G 206 29.70 -45.12 -22.70
N VAL G 207 30.82 -45.14 -23.42
CA VAL G 207 31.37 -43.89 -23.97
C VAL G 207 30.40 -43.30 -24.98
N VAL G 208 29.87 -44.15 -25.88
CA VAL G 208 28.94 -43.66 -26.90
C VAL G 208 27.68 -43.13 -26.25
N ALA G 209 27.19 -43.82 -25.22
CA ALA G 209 25.99 -43.34 -24.52
C ALA G 209 26.24 -42.01 -23.84
N LEU G 210 27.41 -41.83 -23.22
CA LEU G 210 27.72 -40.56 -22.58
C LEU G 210 27.77 -39.44 -23.60
N HIS G 211 28.42 -39.68 -24.74
CA HIS G 211 28.48 -38.64 -25.77
C HIS G 211 27.09 -38.34 -26.33
N ARG G 212 26.27 -39.39 -26.50
CA ARG G 212 24.93 -39.20 -27.03
C ARG G 212 24.08 -38.37 -26.07
N VAL G 213 24.15 -38.67 -24.78
CA VAL G 213 23.34 -37.93 -23.82
C VAL G 213 23.85 -36.50 -23.71
N ALA G 214 25.17 -36.29 -23.78
CA ALA G 214 25.69 -34.93 -23.77
C ALA G 214 25.17 -34.14 -24.95
N TYR G 215 25.22 -34.73 -26.15
CA TYR G 215 24.71 -34.05 -27.33
C TYR G 215 23.23 -33.73 -27.18
N LEU G 216 22.44 -34.71 -26.73
CA LEU G 216 21.00 -34.50 -26.60
C LEU G 216 20.68 -33.40 -25.60
N LEU G 217 21.35 -33.41 -24.46
CA LEU G 217 21.08 -32.41 -23.43
C LEU G 217 21.52 -31.02 -23.89
N TYR G 218 22.61 -30.93 -24.65
CA TYR G 218 23.05 -29.61 -25.12
C TYR G 218 22.10 -29.08 -26.19
N THR G 219 21.73 -29.91 -27.16
CA THR G 219 20.91 -29.42 -28.26
C THR G 219 19.50 -29.06 -27.81
N TYR G 220 19.02 -29.69 -26.74
CA TYR G 220 17.66 -29.46 -26.24
C TYR G 220 17.66 -28.84 -24.84
N ARG G 221 18.72 -28.11 -24.49
CA ARG G 221 18.81 -27.55 -23.15
C ARG G 221 17.66 -26.58 -22.88
N LYS G 222 17.33 -25.73 -23.85
CA LYS G 222 16.25 -24.78 -23.66
C LYS G 222 14.93 -25.48 -23.40
N GLN G 223 14.69 -26.61 -24.09
CA GLN G 223 13.43 -27.33 -23.94
C GLN G 223 13.37 -28.17 -22.68
N MET G 224 14.52 -28.40 -22.01
CA MET G 224 14.57 -29.25 -20.83
C MET G 224 15.28 -28.57 -19.66
N GLU G 225 15.40 -27.24 -19.68
CA GLU G 225 16.03 -26.53 -18.58
C GLU G 225 15.13 -26.47 -17.34
N ARG G 226 13.82 -26.66 -17.52
CA ARG G 226 12.87 -26.59 -16.41
C ARG G 226 12.36 -27.95 -15.98
N HIS G 227 12.25 -28.91 -16.91
CA HIS G 227 11.65 -30.20 -16.58
C HIS G 227 12.58 -31.10 -15.79
N GLY G 228 13.88 -31.03 -16.06
CA GLY G 228 14.85 -31.86 -15.37
C GLY G 228 15.09 -33.19 -16.05
N VAL G 229 16.21 -33.81 -15.69
CA VAL G 229 16.64 -35.08 -16.27
C VAL G 229 16.79 -36.10 -15.15
N LEU G 230 16.17 -37.27 -15.35
CA LEU G 230 16.24 -38.36 -14.39
C LEU G 230 17.25 -39.39 -14.88
N VAL G 231 18.05 -39.92 -13.95
CA VAL G 231 19.05 -40.93 -14.26
C VAL G 231 18.78 -42.15 -13.38
N VAL G 232 18.78 -43.33 -14.00
CA VAL G 232 18.52 -44.59 -13.31
C VAL G 232 19.62 -45.57 -13.68
N GLY G 233 20.16 -46.26 -12.67
CA GLY G 233 21.16 -47.27 -12.90
C GLY G 233 21.81 -47.73 -11.62
N PRO G 234 22.65 -48.76 -11.70
CA PRO G 234 23.35 -49.24 -10.49
C PRO G 234 24.39 -48.29 -9.96
N THR G 235 24.77 -47.25 -10.70
CA THR G 235 25.82 -46.33 -10.28
C THR G 235 25.55 -44.96 -10.86
N PRO G 236 26.00 -43.89 -10.18
CA PRO G 236 25.74 -42.52 -10.68
C PRO G 236 26.73 -42.06 -11.75
N ALA G 237 27.47 -42.98 -12.36
CA ALA G 237 28.51 -42.59 -13.30
C ALA G 237 27.98 -41.64 -14.37
N PHE G 238 26.78 -41.91 -14.89
CA PHE G 238 26.20 -41.04 -15.91
C PHE G 238 25.96 -39.65 -15.33
N LEU G 239 25.46 -39.57 -14.10
CA LEU G 239 25.31 -38.28 -13.46
C LEU G 239 26.66 -37.62 -13.22
N ASP G 240 27.69 -38.42 -12.95
CA ASP G 240 29.04 -37.85 -12.83
C ASP G 240 29.46 -37.17 -14.11
N HIS G 241 29.27 -37.83 -15.26
CA HIS G 241 29.65 -37.22 -16.52
C HIS G 241 28.81 -35.98 -16.80
N ILE G 242 27.50 -36.07 -16.55
CA ILE G 242 26.62 -34.92 -16.79
C ILE G 242 27.07 -33.72 -15.97
N GLY G 243 27.37 -33.95 -14.68
CA GLY G 243 27.86 -32.88 -13.84
C GLY G 243 29.20 -32.33 -14.30
N ARG G 244 30.06 -33.21 -14.84
CA ARG G 244 31.37 -32.75 -15.29
C ARG G 244 31.33 -32.08 -16.65
N VAL G 245 30.23 -32.16 -17.39
CA VAL G 245 30.10 -31.44 -18.64
C VAL G 245 28.96 -30.43 -18.64
N LEU G 246 27.93 -30.61 -17.82
CA LEU G 246 26.79 -29.68 -17.76
C LEU G 246 26.46 -29.39 -16.30
N PRO G 247 27.35 -28.70 -15.59
CA PRO G 247 27.08 -28.42 -14.17
C PRO G 247 25.81 -27.62 -13.94
N SER G 248 25.49 -26.68 -14.83
CA SER G 248 24.28 -25.89 -14.66
C SER G 248 23.04 -26.78 -14.63
N LEU G 249 23.09 -27.93 -15.29
CA LEU G 249 22.00 -28.90 -15.28
C LEU G 249 22.24 -30.04 -14.30
N GLY G 250 23.48 -30.53 -14.20
CA GLY G 250 23.75 -31.64 -13.30
C GLY G 250 23.58 -31.28 -11.84
N GLU G 251 23.98 -30.07 -11.45
CA GLU G 251 24.00 -29.71 -10.04
C GLU G 251 22.60 -29.47 -9.51
N SER G 252 21.74 -28.78 -10.27
CA SER G 252 20.45 -28.35 -9.78
C SER G 252 19.25 -28.98 -10.47
N ASP G 253 19.43 -29.57 -11.65
CA ASP G 253 18.31 -30.11 -12.42
C ASP G 253 18.29 -31.62 -12.48
N ALA G 254 19.45 -32.27 -12.53
CA ALA G 254 19.50 -33.72 -12.65
C ALA G 254 19.05 -34.40 -11.37
N VAL G 255 18.58 -35.64 -11.51
CA VAL G 255 18.14 -36.46 -10.39
C VAL G 255 18.58 -37.90 -10.65
N PHE G 256 18.99 -38.59 -9.58
CA PHE G 256 19.44 -39.97 -9.66
C PHE G 256 18.59 -40.85 -8.77
N MET G 257 18.25 -42.04 -9.28
CA MET G 257 17.45 -42.98 -8.53
C MET G 257 17.83 -44.40 -8.92
N THR G 258 17.96 -45.26 -7.91
CA THR G 258 18.06 -46.69 -8.12
C THR G 258 16.66 -47.29 -8.17
N PRO G 259 16.50 -48.49 -8.74
CA PRO G 259 15.16 -49.08 -8.82
C PRO G 259 14.52 -49.28 -7.46
N GLY G 260 15.31 -49.38 -6.39
CA GLY G 260 14.79 -49.43 -5.04
C GLY G 260 14.54 -48.09 -4.40
N ASP G 261 14.77 -46.99 -5.13
CA ASP G 261 14.62 -45.64 -4.59
C ASP G 261 13.59 -44.82 -5.37
N PHE G 262 12.74 -45.48 -6.17
CA PHE G 262 11.72 -44.73 -6.90
C PHE G 262 10.77 -44.01 -5.95
N VAL G 263 10.36 -44.67 -4.88
CA VAL G 263 9.41 -44.09 -3.93
C VAL G 263 10.13 -43.02 -3.12
N PRO G 264 9.65 -41.77 -3.11
CA PRO G 264 10.30 -40.75 -2.30
C PRO G 264 10.28 -41.11 -0.82
N GLY G 265 11.36 -40.77 -0.13
CA GLY G 265 11.48 -41.09 1.28
C GLY G 265 12.01 -42.49 1.52
N LEU G 266 11.32 -43.48 0.96
CA LEU G 266 11.76 -44.86 1.09
C LEU G 266 13.06 -45.08 0.33
N HIS G 267 13.89 -45.99 0.86
CA HIS G 267 15.15 -46.35 0.23
C HIS G 267 15.41 -47.82 0.54
N VAL G 268 15.03 -48.69 -0.39
CA VAL G 268 15.17 -50.14 -0.22
C VAL G 268 16.45 -50.60 -0.90
N THR G 269 17.08 -51.61 -0.31
CA THR G 269 18.24 -52.26 -0.91
C THR G 269 18.16 -53.78 -0.94
N ALA G 270 17.37 -54.40 -0.06
CA ALA G 270 17.22 -55.84 -0.07
C ALA G 270 16.53 -56.30 -1.34
N GLU G 271 16.92 -57.48 -1.81
CA GLU G 271 16.40 -58.05 -3.06
C GLU G 271 15.70 -59.36 -2.76
N ASP G 272 14.61 -59.61 -3.48
CA ASP G 272 13.75 -60.76 -3.23
C ASP G 272 14.27 -62.00 -3.96
N THR G 273 13.64 -63.14 -3.66
CA THR G 273 14.05 -64.40 -4.26
C THR G 273 13.75 -64.40 -5.76
N PRO G 274 14.45 -65.24 -6.54
CA PRO G 274 14.36 -65.12 -8.00
C PRO G 274 13.07 -65.63 -8.61
N GLU G 275 12.07 -65.94 -7.80
CA GLU G 275 10.75 -66.31 -8.31
C GLU G 275 9.65 -65.37 -7.85
N ALA G 276 9.66 -64.95 -6.58
CA ALA G 276 8.74 -63.92 -6.15
C ALA G 276 9.00 -62.61 -6.88
N ALA G 277 10.27 -62.30 -7.13
CA ALA G 277 10.61 -61.09 -7.88
C ALA G 277 10.03 -61.15 -9.28
N GLU G 278 10.11 -62.31 -9.94
CA GLU G 278 9.64 -62.41 -11.31
C GLU G 278 8.16 -62.11 -11.41
N VAL G 279 7.34 -62.74 -10.55
CA VAL G 279 5.91 -62.46 -10.55
C VAL G 279 5.65 -61.01 -10.15
N LYS G 280 6.37 -60.53 -9.14
CA LYS G 280 6.22 -59.14 -8.70
C LYS G 280 6.77 -58.15 -9.72
N GLY G 281 7.60 -58.61 -10.66
CA GLY G 281 8.16 -57.78 -11.70
C GLY G 281 7.44 -57.84 -13.03
N SER G 282 6.22 -58.36 -13.08
CA SER G 282 5.47 -58.49 -14.31
C SER G 282 4.10 -57.86 -14.15
N LEU G 283 3.55 -57.36 -15.27
CA LEU G 283 2.22 -56.77 -15.24
C LEU G 283 1.14 -57.79 -14.92
N LYS G 284 1.45 -59.09 -15.01
CA LYS G 284 0.47 -60.10 -14.62
C LYS G 284 0.06 -59.94 -13.16
N ILE G 285 0.92 -59.36 -12.34
CA ILE G 285 0.58 -59.11 -10.93
C ILE G 285 -0.33 -57.92 -10.74
N LEU G 286 -0.47 -57.06 -11.76
CA LEU G 286 -1.33 -55.89 -11.62
C LEU G 286 -2.75 -56.32 -11.28
N ASP G 287 -3.28 -57.31 -12.02
CA ASP G 287 -4.60 -57.82 -11.72
C ASP G 287 -4.71 -58.28 -10.28
N VAL G 288 -3.61 -58.80 -9.71
CA VAL G 288 -3.62 -59.19 -8.31
C VAL G 288 -3.82 -57.98 -7.42
N LEU G 289 -3.06 -56.91 -7.68
CA LEU G 289 -3.13 -55.74 -6.81
C LEU G 289 -4.56 -55.21 -6.72
N LYS G 290 -5.22 -55.05 -7.87
CA LYS G 290 -6.63 -54.67 -7.85
C LYS G 290 -7.43 -55.61 -6.98
N ALA G 291 -7.31 -56.91 -7.24
CA ALA G 291 -8.00 -57.89 -6.41
C ALA G 291 -7.71 -57.66 -4.94
N ALA G 292 -6.45 -57.36 -4.61
CA ALA G 292 -6.09 -57.12 -3.22
C ALA G 292 -6.92 -55.98 -2.64
N VAL G 293 -6.99 -54.84 -3.35
CA VAL G 293 -7.79 -53.73 -2.85
C VAL G 293 -9.27 -54.05 -2.95
N ALA G 294 -9.65 -55.00 -3.81
CA ALA G 294 -11.01 -55.50 -3.79
C ALA G 294 -11.24 -56.45 -2.62
N ASP G 295 -10.19 -57.14 -2.17
CA ASP G 295 -10.34 -58.05 -1.03
C ASP G 295 -10.67 -57.31 0.26
N ARG G 296 -10.29 -56.03 0.34
CA ARG G 296 -10.56 -55.22 1.53
C ARG G 296 -11.96 -54.64 1.53
N GLN G 297 -12.78 -54.93 0.51
CA GLN G 297 -14.18 -54.52 0.50
C GLN G 297 -15.01 -55.50 1.33
N GLU G 298 -14.60 -55.61 2.59
CA GLU G 298 -15.13 -56.63 3.48
C GLU G 298 -16.56 -56.32 3.90
N LEU G 299 -17.33 -57.37 4.14
CA LEU G 299 -18.65 -57.29 4.76
C LEU G 299 -18.69 -58.25 5.95
N PRO G 300 -19.25 -57.82 7.08
CA PRO G 300 -19.06 -58.57 8.32
C PRO G 300 -19.74 -59.92 8.29
N SER G 301 -19.15 -60.88 9.01
CA SER G 301 -19.74 -62.21 9.14
C SER G 301 -20.92 -62.21 10.10
N GLU G 302 -21.02 -61.22 10.98
CA GLU G 302 -22.10 -61.09 11.95
C GLU G 302 -22.56 -59.65 11.98
N PRO G 303 -23.85 -59.41 12.23
CA PRO G 303 -24.32 -58.02 12.31
C PRO G 303 -23.62 -57.25 13.43
N ILE G 304 -23.36 -55.97 13.17
CA ILE G 304 -22.67 -55.09 14.10
C ILE G 304 -23.71 -54.15 14.71
N PRO G 305 -24.01 -54.25 16.01
CA PRO G 305 -24.96 -53.31 16.61
C PRO G 305 -24.49 -51.88 16.45
N ILE G 306 -25.43 -51.00 16.10
CA ILE G 306 -25.12 -49.57 16.05
C ILE G 306 -24.90 -49.04 17.46
N ASP G 307 -25.64 -49.57 18.44
CA ASP G 307 -25.59 -49.09 19.82
C ASP G 307 -25.97 -47.63 19.92
N LEU G 308 -26.89 -47.19 19.07
CA LEU G 308 -27.33 -45.80 19.08
C LEU G 308 -27.94 -45.46 20.44
N SER G 309 -28.04 -44.15 20.70
CA SER G 309 -28.47 -43.68 22.02
C SER G 309 -29.86 -44.19 22.37
N ASP G 310 -30.80 -44.09 21.43
CA ASP G 310 -32.20 -44.42 21.69
C ASP G 310 -32.69 -45.63 20.93
N VAL G 311 -32.22 -45.86 19.70
CA VAL G 311 -32.69 -46.95 18.87
C VAL G 311 -31.63 -48.04 18.82
N THR G 312 -32.06 -49.29 18.73
CA THR G 312 -31.16 -50.43 18.64
C THR G 312 -30.98 -50.85 17.18
N MET G 313 -30.40 -49.93 16.40
CA MET G 313 -30.15 -50.21 14.99
C MET G 313 -28.93 -51.11 14.83
N ARG G 314 -28.89 -51.83 13.73
CA ARG G 314 -27.78 -52.75 13.47
C ARG G 314 -27.54 -52.83 11.96
N ILE G 315 -26.30 -53.16 11.60
CA ILE G 315 -25.90 -53.32 10.21
C ILE G 315 -25.63 -54.80 9.96
N ASP G 316 -25.88 -55.24 8.74
CA ASP G 316 -25.85 -56.65 8.39
C ASP G 316 -25.12 -56.85 7.07
N ALA G 317 -24.68 -58.09 6.84
CA ALA G 317 -23.96 -58.40 5.62
C ALA G 317 -24.78 -58.08 4.37
N GLU G 318 -26.11 -58.07 4.49
CA GLU G 318 -26.95 -57.75 3.33
C GLU G 318 -26.70 -56.31 2.86
N THR G 319 -26.94 -55.35 3.75
CA THR G 319 -26.76 -53.94 3.40
C THR G 319 -25.30 -53.63 3.11
N ALA G 320 -24.37 -54.24 3.84
CA ALA G 320 -22.95 -54.03 3.56
C ALA G 320 -22.58 -54.53 2.18
N LYS G 321 -23.12 -55.69 1.79
CA LYS G 321 -22.91 -56.21 0.44
C LYS G 321 -23.46 -55.23 -0.58
N TRP G 322 -24.68 -54.73 -0.37
CA TRP G 322 -25.26 -53.82 -1.33
C TRP G 322 -24.43 -52.55 -1.46
N ALA G 323 -23.96 -52.03 -0.33
CA ALA G 323 -23.18 -50.79 -0.32
C ALA G 323 -21.85 -50.97 -1.04
N ARG G 324 -21.12 -52.04 -0.72
CA ARG G 324 -19.86 -52.27 -1.40
C ARG G 324 -20.07 -52.58 -2.87
N ASP G 325 -21.19 -53.21 -3.22
CA ASP G 325 -21.53 -53.42 -4.62
C ASP G 325 -21.68 -52.10 -5.34
N GLU G 326 -22.43 -51.17 -4.74
CA GLU G 326 -22.61 -49.85 -5.36
C GLU G 326 -21.28 -49.11 -5.48
N ALA G 327 -20.46 -49.17 -4.43
CA ALA G 327 -19.17 -48.49 -4.47
C ALA G 327 -18.28 -49.05 -5.57
N ARG G 328 -18.29 -50.37 -5.74
CA ARG G 328 -17.60 -50.97 -6.87
C ARG G 328 -18.16 -50.48 -8.19
N LYS G 329 -19.50 -50.40 -8.28
CA LYS G 329 -20.13 -49.94 -9.52
C LYS G 329 -19.71 -48.53 -9.87
N THR G 330 -19.41 -47.70 -8.86
CA THR G 330 -18.99 -46.33 -9.15
C THR G 330 -17.68 -46.30 -9.93
N GLY G 331 -16.76 -47.21 -9.64
CA GLY G 331 -15.52 -47.32 -10.38
C GLY G 331 -14.41 -46.38 -9.93
N LEU G 332 -14.65 -45.53 -8.94
CA LEU G 332 -13.62 -44.64 -8.46
C LEU G 332 -12.60 -45.41 -7.61
N PRO G 333 -11.44 -44.82 -7.36
CA PRO G 333 -10.45 -45.49 -6.50
C PRO G 333 -10.97 -45.77 -5.10
N HIS G 334 -10.19 -46.49 -4.30
CA HIS G 334 -10.62 -46.95 -2.98
C HIS G 334 -11.03 -45.79 -2.07
N ASN G 335 -10.08 -44.92 -1.75
CA ASN G 335 -10.35 -43.83 -0.83
C ASN G 335 -11.32 -42.81 -1.42
N GLU G 336 -11.51 -42.83 -2.75
CA GLU G 336 -12.49 -41.95 -3.38
C GLU G 336 -13.88 -42.56 -3.41
N ALA G 337 -13.98 -43.88 -3.66
CA ALA G 337 -15.26 -44.57 -3.58
C ALA G 337 -15.72 -44.77 -2.15
N ARG G 338 -14.85 -44.54 -1.16
CA ARG G 338 -15.29 -44.51 0.23
C ARG G 338 -16.45 -43.55 0.41
N ALA G 339 -16.43 -42.42 -0.28
CA ALA G 339 -17.52 -41.45 -0.15
C ALA G 339 -18.85 -42.08 -0.55
N GLU G 340 -18.88 -42.74 -1.71
CA GLU G 340 -20.10 -43.39 -2.16
C GLU G 340 -20.54 -44.47 -1.19
N PHE G 341 -19.59 -45.29 -0.71
CA PHE G 341 -19.93 -46.37 0.20
C PHE G 341 -20.56 -45.83 1.47
N VAL G 342 -19.94 -44.82 2.08
CA VAL G 342 -20.45 -44.26 3.33
C VAL G 342 -21.80 -43.60 3.08
N ASP G 343 -21.96 -42.90 1.96
CA ASP G 343 -23.21 -42.23 1.67
C ASP G 343 -24.36 -43.23 1.54
N VAL G 344 -24.12 -44.34 0.82
CA VAL G 344 -25.17 -45.34 0.63
C VAL G 344 -25.51 -46.03 1.95
N VAL G 345 -24.50 -46.37 2.74
CA VAL G 345 -24.75 -46.99 4.03
C VAL G 345 -25.57 -46.06 4.92
N THR G 346 -25.18 -44.78 4.95
CA THR G 346 -25.93 -43.80 5.75
C THR G 346 -27.36 -43.68 5.26
N TYR G 347 -27.56 -43.67 3.94
CA TYR G 347 -28.92 -43.57 3.41
C TYR G 347 -29.78 -44.71 3.95
N VAL G 348 -29.32 -45.95 3.81
CA VAL G 348 -30.14 -47.08 4.24
C VAL G 348 -30.37 -47.04 5.76
N VAL G 349 -29.30 -46.81 6.52
CA VAL G 349 -29.44 -46.87 7.98
C VAL G 349 -30.38 -45.78 8.46
N THR G 350 -30.30 -44.59 7.85
CA THR G 350 -31.19 -43.50 8.24
C THR G 350 -32.63 -43.80 7.86
N GLU G 351 -32.86 -44.35 6.67
CA GLU G 351 -34.23 -44.74 6.32
C GLU G 351 -34.80 -45.69 7.35
N ARG G 352 -34.06 -46.75 7.68
CA ARG G 352 -34.58 -47.73 8.63
C ARG G 352 -34.78 -47.13 10.01
N ALA G 353 -33.82 -46.32 10.48
CA ALA G 353 -33.93 -45.73 11.82
C ALA G 353 -35.11 -44.77 11.89
N VAL G 354 -35.32 -43.96 10.86
CA VAL G 354 -36.44 -43.02 10.86
C VAL G 354 -37.75 -43.78 10.81
N ALA G 355 -37.80 -44.87 10.05
CA ALA G 355 -39.01 -45.71 10.06
C ALA G 355 -39.29 -46.26 11.45
N ARG G 356 -38.23 -46.68 12.15
CA ARG G 356 -38.42 -47.25 13.49
C ARG G 356 -38.88 -46.18 14.48
N ILE G 357 -38.24 -45.01 14.46
CA ILE G 357 -38.64 -43.93 15.36
C ILE G 357 -40.01 -43.41 14.98
N GLY G 358 -40.30 -43.33 13.68
CA GLY G 358 -41.60 -42.87 13.22
C GLY G 358 -42.63 -43.97 13.33
N ARG G 359 -43.11 -44.22 14.54
CA ARG G 359 -44.06 -45.29 14.81
C ARG G 359 -45.39 -44.68 15.20
N GLY G 360 -46.44 -44.98 14.44
CA GLY G 360 -47.77 -44.51 14.73
C GLY G 360 -47.97 -43.04 14.40
N TRP G 361 -47.23 -42.17 15.07
CA TRP G 361 -47.34 -40.73 14.84
C TRP G 361 -46.83 -40.33 13.46
N LEU G 362 -45.93 -41.12 12.86
CA LEU G 362 -45.32 -40.80 11.58
C LEU G 362 -45.17 -42.07 10.77
N THR G 363 -45.81 -42.13 9.60
CA THR G 363 -45.66 -43.26 8.70
C THR G 363 -44.99 -42.86 7.39
N ARG G 364 -45.56 -41.91 6.65
CA ARG G 364 -44.99 -41.49 5.37
C ARG G 364 -45.16 -39.99 5.15
N ASP G 365 -45.00 -39.20 6.22
CA ASP G 365 -45.09 -37.75 6.08
C ASP G 365 -43.82 -37.24 5.39
N ASP G 366 -43.71 -37.50 4.08
CA ASP G 366 -42.46 -37.24 3.37
C ASP G 366 -42.01 -35.80 3.52
N LYS G 367 -42.93 -34.84 3.41
CA LYS G 367 -42.58 -33.43 3.33
C LYS G 367 -42.42 -32.84 4.73
N HIS G 368 -41.20 -32.48 5.09
CA HIS G 368 -40.84 -31.66 6.24
C HIS G 368 -41.02 -32.38 7.59
N ALA G 369 -41.57 -33.59 7.61
CA ALA G 369 -41.67 -34.37 8.83
C ALA G 369 -40.86 -35.65 8.77
N TRP G 370 -41.08 -36.48 7.76
CA TRP G 370 -40.21 -37.64 7.53
C TRP G 370 -38.80 -37.19 7.20
N GLU G 371 -38.68 -36.24 6.27
CA GLU G 371 -37.37 -35.73 5.87
C GLU G 371 -36.67 -35.03 7.03
N LYS G 372 -37.43 -34.36 7.90
CA LYS G 372 -36.83 -33.70 9.05
C LYS G 372 -36.20 -34.73 10.00
N MET G 373 -36.90 -35.84 10.23
CA MET G 373 -36.33 -36.89 11.06
C MET G 373 -35.14 -37.54 10.39
N ARG G 374 -35.16 -37.67 9.06
CA ARG G 374 -33.97 -38.14 8.35
C ARG G 374 -32.80 -37.19 8.59
N ALA G 375 -33.05 -35.89 8.53
CA ALA G 375 -32.00 -34.91 8.76
C ALA G 375 -31.44 -35.04 10.17
N ASP G 376 -32.31 -35.17 11.16
CA ASP G 376 -31.84 -35.33 12.54
C ASP G 376 -31.01 -36.60 12.70
N VAL G 377 -31.49 -37.71 12.12
CA VAL G 377 -30.80 -38.98 12.29
C VAL G 377 -29.44 -38.95 11.61
N VAL G 378 -29.34 -38.37 10.41
CA VAL G 378 -28.04 -38.27 9.76
C VAL G 378 -27.12 -37.36 10.57
N GLY G 379 -27.63 -36.22 11.03
CA GLY G 379 -26.79 -35.33 11.82
C GLY G 379 -26.22 -36.00 13.04
N GLU G 380 -27.02 -36.83 13.70
CA GLU G 380 -26.52 -37.58 14.85
C GLU G 380 -25.53 -38.66 14.42
N LEU G 381 -25.88 -39.43 13.40
CA LEU G 381 -25.10 -40.61 13.04
C LEU G 381 -23.70 -40.23 12.56
N GLU G 382 -23.58 -39.15 11.79
CA GLU G 382 -22.28 -38.79 11.24
C GLU G 382 -21.24 -38.55 12.32
N ASP G 383 -21.67 -38.26 13.55
CA ASP G 383 -20.76 -38.08 14.68
C ASP G 383 -20.78 -39.24 15.67
N HIS G 384 -21.55 -40.29 15.40
CA HIS G 384 -21.64 -41.41 16.32
C HIS G 384 -20.35 -42.22 16.26
N GLU G 385 -19.72 -42.41 17.43
CA GLU G 385 -18.41 -43.07 17.45
C GLU G 385 -18.49 -44.50 16.96
N GLN G 386 -19.52 -45.24 17.38
CA GLN G 386 -19.64 -46.64 16.97
C GLN G 386 -19.85 -46.75 15.46
N PHE G 387 -20.62 -45.84 14.88
CA PHE G 387 -20.82 -45.85 13.43
C PHE G 387 -19.52 -45.64 12.69
N ASN G 388 -18.70 -44.68 13.15
CA ASN G 388 -17.41 -44.44 12.52
C ASN G 388 -16.49 -45.64 12.69
N ALA G 389 -16.52 -46.27 13.86
CA ALA G 389 -15.71 -47.48 14.06
C ALA G 389 -16.13 -48.58 13.10
N ALA G 390 -17.45 -48.77 12.92
CA ALA G 390 -17.94 -49.79 12.00
C ALA G 390 -17.50 -49.48 10.57
N LEU G 391 -17.64 -48.22 10.15
CA LEU G 391 -17.22 -47.84 8.80
C LEU G 391 -15.71 -47.86 8.64
N ASP G 392 -14.95 -47.88 9.74
CA ASP G 392 -13.52 -48.12 9.65
C ASP G 392 -13.22 -49.61 9.49
N ALA G 393 -13.94 -50.45 10.23
CA ALA G 393 -13.78 -51.89 10.06
C ALA G 393 -14.20 -52.32 8.66
N LEU G 394 -15.30 -51.77 8.16
CA LEU G 394 -15.76 -52.04 6.80
C LEU G 394 -15.21 -50.96 5.87
N TRP G 395 -14.48 -51.38 4.86
CA TRP G 395 -13.91 -50.45 3.89
C TRP G 395 -13.06 -49.41 4.60
N PRO G 396 -11.89 -49.78 5.12
CA PRO G 396 -11.00 -48.81 5.73
C PRO G 396 -10.23 -48.00 4.68
N ILE G 397 -9.79 -46.81 5.11
CA ILE G 397 -8.84 -46.06 4.31
C ILE G 397 -7.47 -46.73 4.38
N LEU G 398 -6.84 -46.91 3.23
CA LEU G 398 -5.65 -47.73 3.13
C LEU G 398 -4.51 -46.96 2.48
N THR G 399 -3.31 -47.24 2.93
CA THR G 399 -2.08 -46.84 2.26
C THR G 399 -1.45 -48.05 1.59
N PRO G 400 -0.52 -47.85 0.66
CA PRO G 400 0.12 -49.01 0.00
C PRO G 400 0.73 -49.99 0.99
N GLU G 401 1.34 -49.49 2.07
CA GLU G 401 1.90 -50.38 3.08
C GLU G 401 0.81 -51.18 3.78
N ASP G 402 -0.30 -50.53 4.14
CA ASP G 402 -1.38 -51.25 4.79
C ASP G 402 -1.90 -52.38 3.91
N VAL G 403 -1.89 -52.20 2.59
CA VAL G 403 -2.31 -53.26 1.68
C VAL G 403 -1.27 -54.37 1.65
N LEU G 404 -0.03 -54.01 1.32
CA LEU G 404 0.99 -55.02 1.08
C LEU G 404 1.29 -55.84 2.33
N ALA G 405 1.46 -55.19 3.49
CA ALA G 405 1.83 -55.93 4.68
C ALA G 405 0.78 -57.00 5.00
N GLN G 406 -0.49 -56.59 5.07
CA GLN G 406 -1.55 -57.55 5.38
C GLN G 406 -1.65 -58.62 4.30
N LEU G 407 -1.52 -58.23 3.02
CA LEU G 407 -1.62 -59.20 1.94
C LEU G 407 -0.53 -60.26 2.07
N TYR G 408 0.70 -59.83 2.34
CA TYR G 408 1.80 -60.79 2.44
C TYR G 408 1.68 -61.65 3.70
N THR G 409 1.15 -61.10 4.78
CA THR G 409 1.16 -61.82 6.05
C THR G 409 0.00 -62.81 6.16
N SER G 410 -1.21 -62.41 5.74
CA SER G 410 -2.40 -63.18 6.07
C SER G 410 -2.32 -64.61 5.55
N HIS G 411 -1.92 -64.77 4.28
CA HIS G 411 -1.85 -66.05 3.59
C HIS G 411 -3.25 -66.57 3.25
N GLU G 412 -4.29 -65.89 3.74
CA GLU G 412 -5.65 -66.12 3.26
C GLU G 412 -6.01 -65.12 2.18
N ARG G 413 -5.54 -63.89 2.31
CA ARG G 413 -5.77 -62.89 1.28
C ARG G 413 -5.04 -63.25 0.00
N LEU G 414 -3.84 -63.83 0.11
CA LEU G 414 -3.12 -64.26 -1.09
C LEU G 414 -3.89 -65.30 -1.85
N ARG G 415 -4.44 -66.29 -1.15
CA ARG G 415 -5.21 -67.34 -1.82
C ARG G 415 -6.46 -66.76 -2.49
N ALA G 416 -7.16 -65.85 -1.81
CA ALA G 416 -8.37 -65.27 -2.38
C ALA G 416 -8.07 -64.42 -3.59
N ALA G 417 -6.98 -63.64 -3.53
CA ALA G 417 -6.64 -62.71 -4.60
C ALA G 417 -5.98 -63.41 -5.79
N GLY G 418 -5.68 -64.70 -5.69
CA GLY G 418 -4.97 -65.38 -6.75
C GLY G 418 -3.47 -65.19 -6.74
N ALA G 419 -2.93 -64.56 -5.71
CA ALA G 419 -1.48 -64.38 -5.62
C ALA G 419 -0.81 -65.69 -5.22
N PRO G 420 0.29 -66.05 -5.86
CA PRO G 420 0.98 -67.29 -5.47
C PRO G 420 1.61 -67.17 -4.10
N GLU G 421 1.76 -68.31 -3.44
CA GLU G 421 2.39 -68.37 -2.13
C GLU G 421 3.91 -68.32 -2.19
N CYS G 422 4.48 -68.04 -3.37
CA CYS G 422 5.91 -67.85 -3.51
C CYS G 422 6.40 -66.57 -2.82
N LEU G 423 5.48 -65.69 -2.41
CA LEU G 423 5.83 -64.36 -1.92
C LEU G 423 5.30 -64.09 -0.51
N TRP G 424 4.91 -65.13 0.22
CA TRP G 424 4.48 -64.95 1.60
C TRP G 424 5.69 -64.66 2.50
N ARG G 425 5.45 -63.84 3.53
CA ARG G 425 6.46 -63.61 4.55
C ARG G 425 5.77 -63.05 5.80
N ALA G 426 6.30 -63.43 6.96
CA ALA G 426 5.75 -62.92 8.22
C ALA G 426 6.11 -61.45 8.42
N ASP G 427 7.34 -61.06 8.04
CA ASP G 427 7.77 -59.67 8.12
C ASP G 427 7.18 -58.92 6.93
N GLY G 428 5.88 -58.62 7.04
CA GLY G 428 5.16 -58.05 5.93
C GLY G 428 5.72 -56.72 5.47
N GLU G 429 6.08 -55.86 6.42
CA GLU G 429 6.56 -54.51 6.10
C GLU G 429 8.05 -54.48 5.76
N ALA G 430 8.68 -55.64 5.57
CA ALA G 430 10.06 -55.69 5.08
C ALA G 430 10.01 -55.62 3.55
N TRP G 431 10.46 -54.49 3.00
CA TRP G 431 10.34 -54.23 1.58
C TRP G 431 11.62 -54.60 0.85
N THR G 432 11.47 -55.25 -0.29
CA THR G 432 12.56 -55.48 -1.23
C THR G 432 12.40 -54.56 -2.42
N VAL G 433 13.47 -54.48 -3.23
CA VAL G 433 13.42 -53.60 -4.40
C VAL G 433 12.27 -53.98 -5.31
N SER G 434 11.81 -55.23 -5.24
CA SER G 434 10.71 -55.67 -6.10
C SER G 434 9.37 -55.10 -5.63
N ASP G 435 9.23 -54.83 -4.33
CA ASP G 435 7.98 -54.28 -3.82
C ASP G 435 7.82 -52.80 -4.12
N VAL G 436 8.91 -52.09 -4.43
CA VAL G 436 8.83 -50.65 -4.64
C VAL G 436 7.86 -50.29 -5.75
N PRO G 437 7.97 -50.84 -6.96
CA PRO G 437 7.01 -50.46 -8.02
C PRO G 437 5.57 -50.82 -7.67
N LEU G 438 5.34 -51.94 -6.98
CA LEU G 438 4.00 -52.29 -6.55
C LEU G 438 3.48 -51.27 -5.54
N LEU G 439 4.34 -50.86 -4.61
CA LEU G 439 3.95 -49.85 -3.63
C LEU G 439 3.59 -48.54 -4.33
N ASP G 440 4.32 -48.19 -5.39
CA ASP G 440 4.02 -46.96 -6.11
C ASP G 440 2.71 -47.07 -6.89
N GLU G 441 2.48 -48.21 -7.53
CA GLU G 441 1.25 -48.40 -8.30
C GLU G 441 0.04 -48.41 -7.38
N LEU G 442 0.21 -48.91 -6.15
CA LEU G 442 -0.86 -48.86 -5.17
C LEU G 442 -1.24 -47.41 -4.84
N VAL G 443 -0.35 -46.45 -5.08
CA VAL G 443 -0.73 -45.04 -4.93
C VAL G 443 -1.84 -44.68 -5.90
N ASP G 444 -1.70 -45.08 -7.17
CA ASP G 444 -2.74 -44.79 -8.15
C ASP G 444 -3.98 -45.63 -7.95
N LEU G 445 -3.82 -46.88 -7.52
CA LEU G 445 -5.00 -47.72 -7.32
C LEU G 445 -5.81 -47.27 -6.10
N LEU G 446 -5.14 -46.92 -5.01
CA LEU G 446 -5.85 -46.50 -3.80
C LEU G 446 -6.38 -45.07 -3.92
N GLY G 447 -5.58 -44.17 -4.49
CA GLY G 447 -5.95 -42.78 -4.60
C GLY G 447 -5.80 -42.03 -3.30
N ARG G 448 -5.96 -40.72 -3.38
CA ARG G 448 -5.89 -39.85 -2.21
C ARG G 448 -7.27 -39.68 -1.59
N ASN G 449 -7.29 -39.56 -0.27
CA ASN G 449 -8.55 -39.43 0.45
C ASN G 449 -9.26 -38.12 0.17
N LYS G 450 -8.58 -37.14 -0.44
CA LYS G 450 -9.18 -35.87 -0.80
C LYS G 450 -9.68 -35.14 0.45
N ALA G 451 -8.80 -35.04 1.44
CA ALA G 451 -9.14 -34.41 2.71
C ALA G 451 -9.20 -32.89 2.53
N ALA G 452 -9.71 -32.22 3.57
CA ALA G 452 -9.86 -30.78 3.59
C ALA G 452 -8.80 -30.17 4.51
N ASP G 453 -8.07 -29.18 3.99
CA ASP G 453 -7.03 -28.50 4.75
C ASP G 453 -7.60 -27.22 5.38
N GLU G 454 -8.38 -27.42 6.44
CA GLU G 454 -9.06 -26.30 7.09
C GLU G 454 -8.08 -25.36 7.76
N ALA G 455 -7.04 -25.91 8.42
CA ALA G 455 -6.13 -25.08 9.19
C ALA G 455 -5.35 -24.12 8.30
N ALA G 456 -4.79 -24.63 7.20
CA ALA G 456 -4.04 -23.77 6.29
C ALA G 456 -4.94 -22.73 5.65
N GLU G 457 -6.18 -23.11 5.33
CA GLU G 457 -7.13 -22.15 4.78
C GLU G 457 -7.43 -21.04 5.76
N ARG G 458 -7.60 -21.40 7.04
CA ARG G 458 -7.83 -20.37 8.06
C ARG G 458 -6.62 -19.47 8.21
N GLU G 459 -5.41 -20.03 8.15
CA GLU G 459 -4.21 -19.22 8.23
C GLU G 459 -4.15 -18.22 7.07
N ARG G 460 -4.46 -18.69 5.86
CA ARG G 460 -4.48 -17.79 4.71
C ARG G 460 -5.53 -16.71 4.89
N ARG G 461 -6.71 -17.08 5.40
CA ARG G 461 -7.76 -16.09 5.62
C ARG G 461 -7.31 -15.03 6.61
N GLU G 462 -6.66 -15.44 7.71
CA GLU G 462 -6.20 -14.47 8.70
C GLU G 462 -5.12 -13.56 8.12
N GLU G 463 -4.21 -14.12 7.34
CA GLU G 463 -3.18 -13.28 6.70
C GLU G 463 -3.81 -12.27 5.74
N GLU G 464 -4.79 -12.71 4.96
CA GLU G 464 -5.46 -11.80 4.04
C GLU G 464 -6.20 -10.71 4.80
N ALA G 465 -6.83 -11.07 5.92
CA ALA G 465 -7.51 -10.07 6.73
C ALA G 465 -6.54 -9.03 7.27
N TYR G 466 -5.37 -9.49 7.73
CA TYR G 466 -4.37 -8.55 8.24
C TYR G 466 -3.86 -7.64 7.13
N ALA G 467 -3.64 -8.19 5.93
CA ALA G 467 -3.22 -7.35 4.80
C ALA G 467 -4.28 -6.33 4.44
N ALA G 468 -5.55 -6.74 4.45
CA ALA G 468 -6.64 -5.80 4.18
C ALA G 468 -6.69 -4.71 5.24
N GLY G 469 -6.47 -5.06 6.51
CA GLY G 469 -6.40 -4.06 7.54
C GLY G 469 -5.25 -3.09 7.33
N VAL G 470 -4.10 -3.61 6.88
CA VAL G 470 -2.96 -2.74 6.58
C VAL G 470 -3.34 -1.75 5.48
N LEU G 471 -4.00 -2.24 4.42
CA LEU G 471 -4.41 -1.34 3.34
C LEU G 471 -5.42 -0.31 3.84
N ASP G 472 -6.38 -0.73 4.66
CA ASP G 472 -7.33 0.21 5.24
C ASP G 472 -6.66 1.21 6.16
N LEU G 473 -5.46 0.89 6.65
CA LEU G 473 -4.74 1.78 7.55
C LEU G 473 -4.13 2.96 6.82
N MET G 474 -4.01 2.89 5.49
CA MET G 474 -3.42 3.96 4.71
C MET G 474 -4.42 5.08 4.47
N VAL G 475 -3.90 6.23 4.03
CA VAL G 475 -4.74 7.38 3.77
C VAL G 475 -5.54 7.17 2.50
N ASP G 476 -6.80 7.60 2.52
CA ASP G 476 -7.69 7.45 1.38
C ASP G 476 -7.56 8.66 0.44
N ARG G 477 -8.12 8.49 -0.77
CA ARG G 477 -8.01 9.54 -1.78
C ARG G 477 -8.69 10.83 -1.32
N GLU G 478 -9.82 10.70 -0.63
CA GLU G 478 -10.57 11.90 -0.21
C GLU G 478 -9.75 12.77 0.73
N ASP G 479 -8.93 12.17 1.58
CA ASP G 479 -8.20 12.89 2.62
C ASP G 479 -6.80 13.31 2.20
N LEU G 480 -6.41 13.06 0.96
CA LEU G 480 -5.05 13.37 0.54
C LEU G 480 -4.76 14.86 0.69
N MET G 481 -3.59 15.16 1.24
CA MET G 481 -3.12 16.53 1.41
C MET G 481 -2.04 16.92 0.42
N ASP G 482 -1.69 16.03 -0.51
CA ASP G 482 -0.64 16.31 -1.46
C ASP G 482 -1.07 17.38 -2.45
N ASP G 483 -0.07 17.98 -3.10
CA ASP G 483 -0.35 19.07 -4.04
C ASP G 483 -1.26 18.62 -5.18
N GLU G 484 -1.16 17.36 -5.59
CA GLU G 484 -1.93 16.87 -6.71
C GLU G 484 -2.26 15.40 -6.47
N ASP G 485 -3.33 14.95 -7.12
CA ASP G 485 -3.72 13.55 -7.01
C ASP G 485 -2.63 12.65 -7.57
N HIS G 486 -2.49 11.46 -6.99
CA HIS G 486 -1.45 10.55 -7.38
C HIS G 486 -1.90 9.12 -7.06
N LEU G 487 -1.18 8.15 -7.63
CA LEU G 487 -1.49 6.76 -7.38
C LEU G 487 -1.31 6.42 -5.91
N LEU G 488 -2.26 5.69 -5.35
CA LEU G 488 -2.19 5.17 -4.00
C LEU G 488 -1.97 3.67 -4.04
N ALA G 489 -1.43 3.14 -2.93
CA ALA G 489 -1.15 1.71 -2.87
C ALA G 489 -2.41 0.89 -3.10
N GLN G 490 -3.55 1.38 -2.62
CA GLN G 490 -4.80 0.63 -2.78
C GLN G 490 -5.24 0.54 -4.23
N ASP G 491 -4.74 1.41 -5.11
CA ASP G 491 -5.12 1.36 -6.51
C ASP G 491 -4.39 0.28 -7.30
N LEU G 492 -3.28 -0.23 -6.77
CA LEU G 492 -2.43 -1.16 -7.51
C LEU G 492 -2.39 -2.56 -6.92
N ILE G 493 -2.50 -2.70 -5.60
CA ILE G 493 -2.37 -3.98 -4.92
C ILE G 493 -3.62 -4.24 -4.11
N ASP G 494 -4.07 -5.49 -4.12
CA ASP G 494 -5.20 -5.92 -3.32
C ASP G 494 -4.72 -6.62 -2.05
N ALA G 495 -5.67 -6.90 -1.15
CA ALA G 495 -5.32 -7.49 0.13
C ALA G 495 -4.67 -8.86 -0.06
N GLU G 496 -5.18 -9.66 -0.99
CA GLU G 496 -4.63 -11.00 -1.21
C GLU G 496 -3.19 -10.91 -1.71
N GLU G 497 -2.92 -10.02 -2.65
CA GLU G 497 -1.56 -9.89 -3.18
C GLU G 497 -0.59 -9.45 -2.08
N LEU G 498 -0.99 -8.46 -1.27
CA LEU G 498 -0.12 -8.00 -0.21
C LEU G 498 0.13 -9.10 0.82
N ALA G 499 -0.92 -9.85 1.17
CA ALA G 499 -0.75 -10.94 2.13
C ALA G 499 0.19 -12.01 1.59
N ASP G 500 0.03 -12.38 0.31
CA ASP G 500 0.92 -13.36 -0.29
C ASP G 500 2.35 -12.84 -0.41
N ARG G 501 2.51 -11.52 -0.55
CA ARG G 501 3.84 -10.94 -0.76
C ARG G 501 4.77 -11.24 0.40
N PHE G 502 4.23 -11.42 1.61
CA PHE G 502 5.03 -11.58 2.81
C PHE G 502 5.11 -13.02 3.29
N LYS G 503 4.66 -13.98 2.48
CA LYS G 503 4.78 -15.38 2.87
C LYS G 503 6.18 -15.90 2.54
N GLU G 504 6.48 -17.09 3.08
CA GLU G 504 7.83 -17.64 2.96
C GLU G 504 8.15 -18.01 1.52
N GLN G 505 7.17 -18.51 0.78
CA GLN G 505 7.32 -18.87 -0.63
C GLN G 505 8.63 -19.64 -0.87
N ASP G 506 8.67 -20.86 -0.32
CA ASP G 506 9.85 -21.71 -0.46
C ASP G 506 10.22 -21.88 -1.92
N ASN G 507 11.53 -21.97 -2.18
CA ASN G 507 12.08 -21.94 -3.53
C ASN G 507 13.13 -23.05 -3.70
N ARG G 508 12.80 -24.27 -3.28
CA ARG G 508 13.75 -25.37 -3.35
C ARG G 508 14.24 -25.56 -4.78
N GLU G 509 15.42 -26.17 -4.90
CA GLU G 509 15.99 -26.48 -6.21
C GLU G 509 15.21 -27.62 -6.88
N LEU G 510 15.33 -27.67 -8.21
CA LEU G 510 14.66 -28.73 -8.96
C LEU G 510 15.16 -30.10 -8.55
N SER G 511 16.47 -30.25 -8.38
CA SER G 511 17.01 -31.55 -7.95
C SER G 511 16.40 -31.98 -6.63
N GLU G 512 15.99 -31.03 -5.80
CA GLU G 512 15.27 -31.34 -4.57
C GLU G 512 13.77 -31.37 -4.78
N ARG G 513 13.25 -30.46 -5.61
CA ARG G 513 11.80 -30.36 -5.80
C ARG G 513 11.26 -31.61 -6.47
N ALA G 514 11.93 -32.09 -7.52
CA ALA G 514 11.43 -33.24 -8.27
C ALA G 514 11.62 -34.55 -7.51
N ALA G 515 12.78 -34.73 -6.88
CA ALA G 515 13.05 -35.98 -6.18
C ALA G 515 12.07 -36.23 -5.05
N ALA G 516 11.53 -35.17 -4.46
CA ALA G 516 10.59 -35.28 -3.36
C ALA G 516 9.14 -35.38 -3.84
N ASP G 517 8.89 -35.32 -5.14
CA ASP G 517 7.54 -35.38 -5.70
C ASP G 517 7.39 -36.67 -6.48
N ARG G 518 6.55 -37.57 -5.97
CA ARG G 518 6.29 -38.82 -6.66
C ARG G 518 5.63 -38.63 -8.02
N GLU G 519 4.94 -37.51 -8.22
CA GLU G 519 4.17 -37.26 -9.43
C GLU G 519 4.87 -36.33 -10.40
N TRP G 520 6.16 -36.08 -10.21
CA TRP G 520 6.90 -35.19 -11.10
C TRP G 520 7.12 -35.87 -12.45
N THR G 521 6.89 -35.12 -13.53
CA THR G 521 7.15 -35.59 -14.89
C THR G 521 8.45 -34.98 -15.37
N TYR G 522 9.42 -35.84 -15.70
CA TYR G 522 10.75 -35.39 -16.10
C TYR G 522 10.82 -35.17 -17.61
N GLY G 523 11.72 -34.27 -18.01
CA GLY G 523 11.88 -33.99 -19.42
C GLY G 523 12.64 -35.05 -20.18
N HIS G 524 13.52 -35.78 -19.50
CA HIS G 524 14.29 -36.84 -20.13
C HIS G 524 14.66 -37.87 -19.08
N VAL G 525 14.78 -39.13 -19.52
CA VAL G 525 15.13 -40.24 -18.66
C VAL G 525 16.28 -41.01 -19.28
N VAL G 526 17.32 -41.26 -18.51
CA VAL G 526 18.47 -42.06 -18.93
C VAL G 526 18.50 -43.31 -18.07
N VAL G 527 18.68 -44.46 -18.70
CA VAL G 527 18.65 -45.76 -18.03
C VAL G 527 19.91 -46.52 -18.42
N ASP G 528 20.83 -46.66 -17.47
CA ASP G 528 22.01 -47.49 -17.66
C ASP G 528 21.75 -48.88 -17.09
N GLU G 529 22.28 -49.90 -17.77
CA GLU G 529 22.00 -51.29 -17.43
C GLU G 529 20.49 -51.54 -17.40
N ALA G 530 19.83 -51.06 -18.45
CA ALA G 530 18.37 -51.06 -18.48
C ALA G 530 17.78 -52.46 -18.57
N GLN G 531 18.57 -53.46 -18.99
CA GLN G 531 18.03 -54.80 -19.11
C GLN G 531 17.58 -55.36 -17.77
N GLU G 532 18.02 -54.76 -16.67
CA GLU G 532 17.73 -55.31 -15.35
C GLU G 532 16.38 -54.87 -14.82
N LEU G 533 15.79 -53.83 -15.40
CA LEU G 533 14.50 -53.32 -14.94
C LEU G 533 13.40 -54.34 -15.24
N SER G 534 12.47 -54.49 -14.29
CA SER G 534 11.31 -55.33 -14.52
C SER G 534 10.25 -54.54 -15.28
N GLU G 535 9.25 -55.26 -15.81
CA GLU G 535 8.21 -54.62 -16.60
C GLU G 535 7.49 -53.55 -15.78
N MET G 536 7.29 -53.80 -14.48
CA MET G 536 6.64 -52.80 -13.64
C MET G 536 7.51 -51.55 -13.47
N ASP G 537 8.83 -51.72 -13.43
CA ASP G 537 9.72 -50.56 -13.39
C ASP G 537 9.59 -49.73 -14.66
N TRP G 538 9.48 -50.40 -15.81
CA TRP G 538 9.26 -49.67 -17.06
C TRP G 538 7.92 -48.94 -17.03
N ARG G 539 6.89 -49.58 -16.49
CA ARG G 539 5.59 -48.92 -16.35
C ARG G 539 5.73 -47.66 -15.50
N LEU G 540 6.43 -47.77 -14.37
CA LEU G 540 6.62 -46.62 -13.49
C LEU G 540 7.37 -45.50 -14.21
N LEU G 541 8.48 -45.83 -14.87
CA LEU G 541 9.28 -44.81 -15.54
C LEU G 541 8.48 -44.13 -16.64
N MET G 542 7.75 -44.91 -17.44
CA MET G 542 6.92 -44.33 -18.49
C MET G 542 5.83 -43.44 -17.91
N ARG G 543 5.27 -43.82 -16.76
CA ARG G 543 4.35 -42.93 -16.07
C ARG G 543 5.03 -41.63 -15.67
N ARG G 544 6.32 -41.70 -15.32
CA ARG G 544 7.05 -40.52 -14.88
C ARG G 544 7.66 -39.72 -16.02
N CYS G 545 7.57 -40.20 -17.26
CA CYS G 545 8.11 -39.49 -18.42
C CYS G 545 7.11 -39.56 -19.57
N PRO G 546 6.05 -38.74 -19.52
CA PRO G 546 5.08 -38.75 -20.63
C PRO G 546 5.67 -38.34 -21.97
N ARG G 547 6.80 -37.62 -21.97
CA ARG G 547 7.42 -37.22 -23.22
C ARG G 547 8.01 -38.40 -24.00
N ARG G 548 8.19 -39.55 -23.33
CA ARG G 548 8.76 -40.73 -23.97
C ARG G 548 10.14 -40.46 -24.55
N SER G 549 10.91 -39.58 -23.91
CA SER G 549 12.28 -39.27 -24.33
C SER G 549 13.21 -40.07 -23.42
N PHE G 550 13.76 -41.15 -23.95
CA PHE G 550 14.57 -42.07 -23.18
C PHE G 550 15.88 -42.34 -23.89
N THR G 551 16.95 -42.48 -23.10
CA THR G 551 18.23 -42.99 -23.58
C THR G 551 18.49 -44.29 -22.82
N ILE G 552 18.13 -45.41 -23.44
CA ILE G 552 18.16 -46.72 -22.80
C ILE G 552 19.44 -47.41 -23.20
N VAL G 553 20.28 -47.72 -22.21
CA VAL G 553 21.57 -48.36 -22.42
C VAL G 553 21.60 -49.66 -21.64
N GLY G 554 21.99 -50.75 -22.31
CA GLY G 554 22.09 -52.03 -21.64
C GLY G 554 22.47 -53.10 -22.62
N ASP G 555 22.56 -54.33 -22.10
CA ASP G 555 22.87 -55.50 -22.91
C ASP G 555 22.06 -56.67 -22.36
N LEU G 556 21.21 -57.25 -23.20
CA LEU G 556 20.31 -58.30 -22.73
C LEU G 556 21.08 -59.51 -22.24
N ALA G 557 22.15 -59.90 -22.94
CA ALA G 557 22.88 -61.11 -22.61
C ALA G 557 23.61 -61.04 -21.27
N GLN G 558 23.75 -59.84 -20.69
CA GLN G 558 24.41 -59.68 -19.41
C GLN G 558 23.43 -59.60 -18.24
N ARG G 559 22.14 -59.84 -18.49
CA ARG G 559 21.15 -59.78 -17.44
C ARG G 559 21.43 -60.82 -16.36
N ARG G 560 21.19 -60.43 -15.09
CA ARG G 560 21.25 -61.34 -13.97
C ARG G 560 19.94 -61.45 -13.20
N SER G 561 19.09 -60.43 -13.22
CA SER G 561 17.81 -60.52 -12.55
C SER G 561 16.84 -61.39 -13.34
N PRO G 562 15.92 -62.08 -12.66
CA PRO G 562 14.96 -62.93 -13.39
C PRO G 562 13.89 -62.11 -14.09
N ALA G 563 13.54 -60.97 -13.50
CA ALA G 563 12.54 -60.07 -14.08
C ALA G 563 13.12 -59.15 -15.13
N GLY G 564 14.42 -59.22 -15.39
CA GLY G 564 15.03 -58.34 -16.37
C GLY G 564 14.54 -58.62 -17.78
N ALA G 565 14.84 -57.68 -18.67
CA ALA G 565 14.34 -57.75 -20.03
C ALA G 565 14.97 -58.91 -20.78
N ARG G 566 14.15 -59.58 -21.60
CA ARG G 566 14.63 -60.58 -22.54
C ARG G 566 14.55 -60.11 -23.99
N SER G 567 13.83 -59.03 -24.26
CA SER G 567 13.76 -58.46 -25.60
C SER G 567 13.22 -57.04 -25.48
N TRP G 568 13.93 -56.07 -26.07
CA TRP G 568 13.51 -54.68 -25.95
C TRP G 568 12.09 -54.47 -26.47
N GLY G 569 11.71 -55.21 -27.51
CA GLY G 569 10.35 -55.07 -28.03
C GLY G 569 9.30 -55.44 -27.01
N ALA G 570 9.53 -56.52 -26.27
CA ALA G 570 8.55 -56.95 -25.27
C ALA G 570 8.35 -55.89 -24.19
N MET G 571 9.37 -55.09 -23.91
CA MET G 571 9.30 -54.06 -22.89
C MET G 571 8.74 -52.74 -23.41
N LEU G 572 9.08 -52.37 -24.64
CA LEU G 572 8.79 -51.03 -25.14
C LEU G 572 7.57 -50.96 -26.06
N ASP G 573 7.23 -52.05 -26.75
CA ASP G 573 6.12 -52.01 -27.69
C ASP G 573 4.80 -51.64 -27.02
N SER G 574 4.69 -51.85 -25.70
CA SER G 574 3.47 -51.49 -25.00
C SER G 574 3.26 -49.98 -24.95
N TYR G 575 4.31 -49.19 -25.12
CA TYR G 575 4.26 -47.75 -24.96
C TYR G 575 4.61 -46.98 -26.23
N VAL G 576 5.61 -47.43 -26.98
CA VAL G 576 6.03 -46.73 -28.20
C VAL G 576 6.17 -47.76 -29.32
N PRO G 577 5.07 -48.38 -29.77
CA PRO G 577 5.18 -49.42 -30.80
C PRO G 577 5.83 -48.92 -32.08
N GLY G 578 7.01 -49.47 -32.39
CA GLY G 578 7.71 -49.13 -33.61
C GLY G 578 8.41 -47.79 -33.59
N ARG G 579 8.01 -46.90 -32.67
CA ARG G 579 8.57 -45.56 -32.62
C ARG G 579 9.93 -45.52 -31.96
N TRP G 580 10.25 -46.48 -31.10
CA TRP G 580 11.57 -46.54 -30.49
C TRP G 580 12.61 -47.03 -31.51
N VAL G 581 13.79 -46.42 -31.47
CA VAL G 581 14.84 -46.68 -32.44
C VAL G 581 15.93 -47.50 -31.76
N TYR G 582 16.34 -48.58 -32.41
CA TYR G 582 17.34 -49.51 -31.89
C TYR G 582 18.67 -49.28 -32.62
N LYS G 583 19.74 -49.10 -31.85
CA LYS G 583 21.09 -48.99 -32.38
C LYS G 583 21.97 -49.99 -31.65
N SER G 584 22.71 -50.80 -32.41
CA SER G 584 23.57 -51.83 -31.86
C SER G 584 25.00 -51.61 -32.36
N LEU G 585 25.96 -51.78 -31.46
CA LEU G 585 27.37 -51.59 -31.75
C LEU G 585 28.01 -52.96 -31.96
N SER G 586 28.83 -53.07 -33.02
CA SER G 586 29.25 -54.36 -33.54
C SER G 586 30.67 -54.75 -33.18
N VAL G 587 31.61 -53.81 -33.16
CA VAL G 587 33.03 -54.12 -33.12
C VAL G 587 33.51 -54.11 -31.67
N ASN G 588 34.24 -55.16 -31.29
CA ASN G 588 34.89 -55.25 -29.99
C ASN G 588 36.37 -54.89 -30.15
N TYR G 589 36.79 -53.83 -29.46
CA TYR G 589 38.18 -53.40 -29.49
C TYR G 589 38.77 -53.09 -28.13
N ARG G 590 37.96 -52.76 -27.12
CA ARG G 590 38.50 -52.39 -25.82
C ARG G 590 39.02 -53.59 -25.05
N THR G 591 38.45 -54.77 -25.29
CA THR G 591 38.95 -55.99 -24.67
C THR G 591 39.83 -56.76 -25.64
N PRO G 592 40.90 -57.41 -25.18
CA PRO G 592 41.70 -58.24 -26.08
C PRO G 592 40.85 -59.36 -26.68
N ALA G 593 41.14 -59.69 -27.93
CA ALA G 593 40.36 -60.72 -28.62
C ALA G 593 40.39 -62.04 -27.87
N GLU G 594 41.46 -62.32 -27.13
CA GLU G 594 41.53 -63.55 -26.36
C GLU G 594 40.45 -63.58 -25.28
N ILE G 595 40.10 -62.43 -24.71
CA ILE G 595 39.01 -62.39 -23.74
C ILE G 595 37.69 -62.79 -24.40
N MET G 596 37.43 -62.21 -25.59
CA MET G 596 36.20 -62.57 -26.30
C MET G 596 36.20 -64.03 -26.73
N ALA G 597 37.39 -64.63 -26.91
CA ALA G 597 37.45 -66.04 -27.26
C ALA G 597 36.74 -66.90 -26.22
N VAL G 598 36.97 -66.61 -24.93
CA VAL G 598 36.30 -67.36 -23.88
C VAL G 598 34.92 -66.80 -23.59
N ALA G 599 34.72 -65.49 -23.80
CA ALA G 599 33.41 -64.90 -23.57
C ALA G 599 32.36 -65.49 -24.51
N ALA G 600 32.73 -65.75 -25.76
CA ALA G 600 31.80 -66.39 -26.69
C ALA G 600 31.47 -67.80 -26.25
N ALA G 601 32.46 -68.54 -25.75
CA ALA G 601 32.20 -69.89 -25.27
C ALA G 601 31.24 -69.88 -24.10
N VAL G 602 31.43 -68.96 -23.16
CA VAL G 602 30.50 -68.83 -22.04
C VAL G 602 29.13 -68.34 -22.51
N LEU G 603 29.10 -67.63 -23.64
CA LEU G 603 27.85 -67.01 -24.10
C LEU G 603 27.01 -67.97 -24.92
N ALA G 604 27.63 -68.96 -25.58
CA ALA G 604 26.86 -69.91 -26.38
C ALA G 604 25.88 -70.72 -25.53
N GLU G 605 26.08 -70.76 -24.22
CA GLU G 605 25.17 -71.51 -23.35
C GLU G 605 23.74 -71.01 -23.44
N PHE G 606 23.53 -69.76 -23.83
CA PHE G 606 22.19 -69.19 -23.91
C PHE G 606 21.63 -69.16 -25.32
N ALA G 607 22.46 -69.36 -26.35
CA ALA G 607 22.00 -69.38 -27.73
C ALA G 607 23.00 -70.15 -28.56
N PRO G 608 22.56 -71.01 -29.48
CA PRO G 608 23.54 -71.77 -30.28
C PRO G 608 24.52 -70.86 -31.03
N ASP G 609 24.06 -69.72 -31.53
CA ASP G 609 24.92 -68.77 -32.23
C ASP G 609 25.13 -67.46 -31.49
N ALA G 610 24.13 -67.00 -30.75
CA ALA G 610 24.22 -65.73 -30.02
C ALA G 610 24.62 -64.63 -31.03
N THR G 611 25.37 -63.64 -30.58
CA THR G 611 25.86 -62.60 -31.48
C THR G 611 27.18 -62.04 -30.94
N PRO G 612 28.22 -62.87 -30.77
CA PRO G 612 29.51 -62.34 -30.39
C PRO G 612 29.96 -61.23 -31.33
N PRO G 613 30.48 -60.12 -30.80
CA PRO G 613 31.06 -59.11 -31.68
C PRO G 613 32.42 -59.55 -32.21
N ASP G 614 32.72 -59.14 -33.44
CA ASP G 614 34.05 -59.38 -33.99
C ASP G 614 35.07 -58.54 -33.24
N SER G 615 36.25 -59.14 -33.00
CA SER G 615 37.22 -58.59 -32.06
C SER G 615 38.51 -58.20 -32.79
N VAL G 616 38.75 -56.89 -32.87
CA VAL G 616 40.04 -56.36 -33.30
C VAL G 616 40.94 -56.26 -32.07
N ARG G 617 42.20 -55.88 -32.28
CA ARG G 617 43.14 -55.71 -31.19
C ARG G 617 43.35 -57.01 -30.40
N ALA G 618 43.89 -58.02 -31.04
CA ALA G 618 44.47 -59.14 -30.32
C ALA G 618 45.79 -58.71 -29.72
N CYS G 619 46.04 -59.11 -28.47
CA CYS G 619 47.20 -58.62 -27.73
C CYS G 619 48.32 -59.63 -27.58
N GLY G 620 48.03 -60.93 -27.73
CA GLY G 620 49.03 -61.96 -27.55
C GLY G 620 49.27 -62.38 -26.12
N VAL G 621 48.98 -61.52 -25.15
CA VAL G 621 49.10 -61.89 -23.74
C VAL G 621 47.89 -62.73 -23.37
N ALA G 622 48.06 -64.05 -23.41
CA ALA G 622 46.93 -64.95 -23.22
C ALA G 622 46.43 -64.92 -21.79
N PRO G 623 45.13 -65.12 -21.56
CA PRO G 623 44.65 -65.32 -20.20
C PRO G 623 45.22 -66.60 -19.60
N TRP G 624 45.35 -66.61 -18.28
CA TRP G 624 45.94 -67.75 -17.58
C TRP G 624 45.01 -68.26 -16.51
N ALA G 625 45.01 -69.59 -16.33
CA ALA G 625 44.17 -70.27 -15.35
C ALA G 625 45.07 -71.08 -14.42
N ARG G 626 44.71 -71.10 -13.13
CA ARG G 626 45.55 -71.70 -12.11
C ARG G 626 44.72 -72.64 -11.24
N GLN G 627 45.27 -73.82 -10.99
CA GLN G 627 44.72 -74.74 -10.01
C GLN G 627 45.09 -74.28 -8.61
N VAL G 628 44.11 -74.29 -7.70
CA VAL G 628 44.33 -73.92 -6.30
C VAL G 628 43.91 -75.09 -5.43
N THR G 629 44.82 -75.55 -4.59
CA THR G 629 44.57 -76.69 -3.71
C THR G 629 45.36 -76.52 -2.43
N ASP G 630 44.95 -77.28 -1.41
CA ASP G 630 45.68 -77.34 -0.14
C ASP G 630 45.84 -75.94 0.47
N ASP G 631 44.77 -75.15 0.42
CA ASP G 631 44.71 -73.84 1.06
C ASP G 631 45.79 -72.91 0.50
N ASP G 632 45.65 -72.61 -0.79
CA ASP G 632 46.50 -71.63 -1.46
C ASP G 632 45.72 -70.65 -2.31
N ILE G 633 44.39 -70.75 -2.36
CA ILE G 633 43.60 -69.81 -3.15
C ILE G 633 43.70 -68.41 -2.56
N ALA G 634 43.60 -68.30 -1.25
CA ALA G 634 43.76 -67.00 -0.60
C ALA G 634 45.15 -66.44 -0.88
N SER G 635 46.18 -67.28 -0.80
CA SER G 635 47.49 -66.84 -1.25
C SER G 635 47.43 -66.37 -2.69
N ALA G 636 46.92 -67.22 -3.59
CA ALA G 636 46.92 -66.89 -5.01
C ALA G 636 46.38 -65.48 -5.23
N ILE G 637 45.25 -65.15 -4.60
CA ILE G 637 44.73 -63.80 -4.74
C ILE G 637 45.64 -62.77 -4.08
N ALA G 638 46.29 -63.13 -2.96
CA ALA G 638 47.17 -62.19 -2.28
C ALA G 638 48.34 -61.78 -3.17
N GLU G 639 49.05 -62.76 -3.75
CA GLU G 639 50.10 -62.42 -4.69
C GLU G 639 49.56 -61.78 -5.97
N PHE G 640 48.33 -62.11 -6.38
CA PHE G 640 47.77 -61.42 -7.55
C PHE G 640 47.66 -59.93 -7.28
N VAL G 641 47.08 -59.56 -6.14
CA VAL G 641 46.93 -58.14 -5.82
C VAL G 641 48.30 -57.50 -5.60
N SER G 642 49.21 -58.20 -4.94
CA SER G 642 50.54 -57.64 -4.71
C SER G 642 51.26 -57.39 -6.03
N GLU G 643 51.06 -58.25 -7.02
CA GLU G 643 51.70 -58.07 -8.32
C GLU G 643 51.05 -56.94 -9.11
N GLU G 644 49.72 -56.95 -9.20
CA GLU G 644 49.02 -55.94 -9.99
C GLU G 644 49.04 -54.56 -9.33
N ALA G 645 49.44 -54.46 -8.07
CA ALA G 645 49.60 -53.14 -7.46
C ALA G 645 50.68 -52.34 -8.19
N GLY G 646 51.78 -52.99 -8.54
CA GLY G 646 52.88 -52.36 -9.23
C GLY G 646 52.89 -52.51 -10.74
N ARG G 647 51.77 -52.92 -11.34
CA ARG G 647 51.73 -53.12 -12.79
C ARG G 647 50.69 -52.22 -13.45
N GLU G 648 50.66 -50.94 -13.05
CA GLU G 648 49.92 -49.91 -13.78
C GLU G 648 48.41 -50.09 -13.67
N GLY G 649 47.69 -49.00 -13.92
CA GLY G 649 46.24 -49.03 -14.08
C GLY G 649 45.53 -49.49 -12.82
N THR G 650 44.38 -50.12 -13.03
CA THR G 650 43.55 -50.65 -11.95
C THR G 650 43.31 -52.14 -12.18
N SER G 651 43.22 -52.87 -11.08
CA SER G 651 43.01 -54.31 -11.13
C SER G 651 41.93 -54.69 -10.13
N VAL G 652 41.29 -55.84 -10.39
CA VAL G 652 40.19 -56.29 -9.53
C VAL G 652 40.18 -57.81 -9.44
N VAL G 653 39.59 -58.30 -8.35
CA VAL G 653 39.35 -59.73 -8.13
C VAL G 653 37.85 -59.91 -7.92
N ILE G 654 37.27 -60.87 -8.61
CA ILE G 654 35.83 -61.12 -8.60
C ILE G 654 35.58 -62.55 -8.16
N GLY G 655 34.70 -62.71 -7.17
CA GLY G 655 34.34 -64.00 -6.64
C GLY G 655 33.19 -63.89 -5.66
N PRO G 656 32.71 -65.03 -5.16
CA PRO G 656 31.62 -64.98 -4.19
C PRO G 656 32.06 -64.29 -2.91
N PRO G 657 31.13 -63.64 -2.20
CA PRO G 657 31.51 -62.99 -0.94
C PRO G 657 32.07 -63.95 0.10
N ASP G 658 31.94 -65.26 -0.08
CA ASP G 658 32.53 -66.20 0.85
C ASP G 658 34.05 -66.06 0.91
N VAL G 659 34.65 -65.45 -0.10
CA VAL G 659 36.08 -65.13 -0.10
C VAL G 659 36.22 -63.66 0.29
N PRO G 660 36.95 -63.33 1.36
CA PRO G 660 36.99 -61.93 1.81
C PRO G 660 37.49 -60.95 0.77
N GLY G 661 38.44 -61.36 -0.07
CA GLY G 661 39.17 -60.43 -0.91
C GLY G 661 38.63 -60.23 -2.32
N THR G 662 37.34 -60.46 -2.53
CA THR G 662 36.75 -60.36 -3.87
C THR G 662 35.50 -59.50 -3.84
N VAL G 663 35.34 -58.70 -4.89
CA VAL G 663 34.11 -57.94 -5.13
C VAL G 663 33.10 -58.90 -5.76
N PRO G 664 31.81 -58.86 -5.38
CA PRO G 664 30.85 -59.76 -6.02
C PRO G 664 30.68 -59.41 -7.48
N PRO G 665 30.42 -60.39 -8.34
CA PRO G 665 30.33 -60.11 -9.78
C PRO G 665 29.27 -59.06 -10.12
N SER G 666 28.18 -58.99 -9.34
CA SER G 666 27.12 -58.05 -9.66
C SER G 666 27.59 -56.60 -9.59
N GLU G 667 28.57 -56.31 -8.72
CA GLU G 667 28.98 -54.92 -8.51
C GLU G 667 29.84 -54.39 -9.65
N THR G 668 30.64 -55.25 -10.29
CA THR G 668 31.51 -54.84 -11.38
C THR G 668 30.80 -54.79 -12.73
N LYS G 669 29.47 -54.61 -12.74
CA LYS G 669 28.69 -54.72 -13.96
C LYS G 669 29.23 -53.80 -15.05
N GLY G 670 29.39 -52.52 -14.75
CA GLY G 670 29.69 -51.51 -15.74
C GLY G 670 31.11 -50.97 -15.75
N LEU G 671 32.05 -51.63 -15.09
CA LEU G 671 33.41 -51.14 -14.97
C LEU G 671 34.35 -51.88 -15.91
N GLU G 672 35.52 -51.29 -16.12
CA GLU G 672 36.60 -51.89 -16.89
C GLU G 672 37.89 -51.78 -16.10
N PHE G 673 38.80 -52.72 -16.33
CA PHE G 673 40.04 -52.78 -15.56
C PHE G 673 41.15 -53.37 -16.44
N ASP G 674 42.39 -53.09 -16.04
CA ASP G 674 43.53 -53.63 -16.76
C ASP G 674 43.73 -55.11 -16.45
N ALA G 675 43.84 -55.45 -15.17
CA ALA G 675 44.02 -56.83 -14.73
C ALA G 675 42.80 -57.29 -13.95
N VAL G 676 42.22 -58.40 -14.39
CA VAL G 676 41.03 -58.95 -13.76
C VAL G 676 41.29 -60.42 -13.41
N LEU G 677 41.09 -60.77 -12.15
CA LEU G 677 41.15 -62.14 -11.69
C LEU G 677 39.76 -62.58 -11.28
N VAL G 678 39.35 -63.77 -11.70
CA VAL G 678 38.08 -64.36 -11.29
C VAL G 678 38.38 -65.67 -10.57
N VAL G 679 37.81 -65.84 -9.38
CA VAL G 679 38.17 -66.94 -8.50
C VAL G 679 37.05 -67.97 -8.49
N GLU G 680 37.41 -69.23 -8.68
CA GLU G 680 36.51 -70.38 -8.60
C GLU G 680 35.21 -70.10 -9.38
N PRO G 681 35.26 -70.11 -10.71
CA PRO G 681 34.03 -69.91 -11.50
C PRO G 681 32.98 -70.98 -11.27
N GLU G 682 33.35 -72.14 -10.73
CA GLU G 682 32.38 -73.20 -10.49
C GLU G 682 31.27 -72.73 -9.53
N ARG G 683 31.61 -71.90 -8.55
CA ARG G 683 30.58 -71.36 -7.67
C ARG G 683 29.79 -70.24 -8.34
N ILE G 684 30.45 -69.43 -9.18
CA ILE G 684 29.73 -68.38 -9.90
C ILE G 684 28.66 -68.98 -10.79
N LEU G 685 28.98 -70.09 -11.45
CA LEU G 685 28.01 -70.72 -12.35
C LEU G 685 26.76 -71.15 -11.60
N ALA G 686 26.92 -71.64 -10.37
CA ALA G 686 25.79 -72.15 -9.60
C ALA G 686 24.99 -71.05 -8.90
N ASP G 687 25.45 -69.81 -8.93
CA ASP G 687 24.77 -68.72 -8.24
C ASP G 687 23.48 -68.38 -8.96
N GLY G 688 22.35 -68.83 -8.41
CA GLY G 688 21.05 -68.46 -8.93
C GLY G 688 20.80 -68.98 -10.33
N PRO G 689 19.74 -68.47 -10.97
CA PRO G 689 19.44 -68.92 -12.34
C PRO G 689 20.32 -68.31 -13.41
N ARG G 690 21.17 -67.33 -13.07
CA ARG G 690 21.94 -66.59 -14.06
C ARG G 690 23.43 -66.65 -13.75
N GLY G 691 23.88 -67.70 -13.05
CA GLY G 691 25.27 -67.76 -12.67
C GLY G 691 26.20 -67.68 -13.86
N ALA G 692 25.88 -68.41 -14.94
CA ALA G 692 26.71 -68.33 -16.13
C ALA G 692 26.83 -66.89 -16.61
N ALA G 693 25.71 -66.16 -16.65
CA ALA G 693 25.78 -64.76 -17.06
C ALA G 693 26.75 -63.99 -16.18
N GLU G 694 26.69 -64.21 -14.87
CA GLU G 694 27.63 -63.54 -13.98
C GLU G 694 29.06 -63.81 -14.42
N LEU G 695 29.39 -65.08 -14.65
CA LEU G 695 30.72 -65.42 -15.10
C LEU G 695 31.06 -64.64 -16.36
N TYR G 696 30.16 -64.63 -17.34
CA TYR G 696 30.40 -63.88 -18.56
C TYR G 696 30.78 -62.44 -18.23
N VAL G 697 29.95 -61.78 -17.40
CA VAL G 697 30.24 -60.40 -17.05
C VAL G 697 31.62 -60.30 -16.42
N ALA G 698 31.89 -61.18 -15.44
CA ALA G 698 33.16 -61.10 -14.73
C ALA G 698 34.32 -61.29 -15.70
N LEU G 699 34.14 -62.15 -16.71
CA LEU G 699 35.23 -62.39 -17.66
C LEU G 699 35.48 -61.16 -18.52
N THR G 700 34.41 -60.44 -18.88
CA THR G 700 34.48 -59.42 -19.92
C THR G 700 34.87 -58.05 -19.38
N ARG G 701 35.46 -57.97 -18.18
CA ARG G 701 35.90 -56.70 -17.62
C ARG G 701 37.39 -56.45 -17.83
N ALA G 702 38.10 -57.36 -18.47
CA ALA G 702 39.56 -57.29 -18.58
C ALA G 702 39.95 -56.62 -19.89
N THR G 703 40.85 -55.64 -19.80
CA THR G 703 41.40 -54.97 -20.98
C THR G 703 42.85 -55.34 -21.27
N GLN G 704 43.62 -55.75 -20.26
CA GLN G 704 45.02 -56.09 -20.45
C GLN G 704 45.34 -57.53 -20.08
N ARG G 705 44.91 -58.00 -18.91
CA ARG G 705 45.31 -59.31 -18.41
C ARG G 705 44.15 -59.97 -17.67
N LEU G 706 43.99 -61.27 -17.90
CA LEU G 706 42.89 -62.04 -17.33
C LEU G 706 43.43 -63.29 -16.65
N GLY G 707 43.07 -63.47 -15.39
CA GLY G 707 43.46 -64.65 -14.64
C GLY G 707 42.25 -65.33 -14.04
N VAL G 708 42.36 -66.64 -13.89
CA VAL G 708 41.28 -67.47 -13.36
C VAL G 708 41.88 -68.41 -12.31
N LEU G 709 41.14 -68.60 -11.22
CA LEU G 709 41.47 -69.60 -10.22
C LEU G 709 40.36 -70.64 -10.18
N TYR G 710 40.72 -71.92 -10.34
CA TYR G 710 39.75 -73.00 -10.26
C TYR G 710 40.26 -74.09 -9.34
N ARG G 711 39.31 -74.79 -8.71
CA ARG G 711 39.60 -75.68 -7.59
C ARG G 711 40.01 -77.08 -8.05
N ASP G 712 39.15 -77.75 -8.82
CA ASP G 712 39.38 -79.11 -9.25
C ASP G 712 39.70 -79.19 -10.74
N ALA G 713 38.82 -78.65 -11.59
CA ALA G 713 39.07 -78.65 -13.02
C ALA G 713 38.29 -77.51 -13.65
N LEU G 714 38.76 -77.08 -14.81
CA LEU G 714 38.08 -76.01 -15.53
C LEU G 714 36.69 -76.49 -15.98
N PRO G 715 35.66 -75.66 -15.86
CA PRO G 715 34.35 -76.04 -16.38
C PRO G 715 34.42 -76.19 -17.90
N GLN G 716 33.45 -76.93 -18.44
CA GLN G 716 33.50 -77.33 -19.85
C GLN G 716 33.73 -76.11 -20.75
N ALA G 717 33.05 -75.01 -20.48
CA ALA G 717 33.23 -73.81 -21.30
C ALA G 717 34.62 -73.23 -21.12
N LEU G 718 35.15 -73.22 -19.90
CA LEU G 718 36.42 -72.59 -19.60
C LEU G 718 37.62 -73.51 -19.80
N ALA G 719 37.44 -74.63 -20.51
CA ALA G 719 38.57 -75.50 -20.79
C ALA G 719 39.55 -74.88 -21.77
N GLY G 720 39.16 -73.80 -22.45
CA GLY G 720 40.03 -73.22 -23.46
C GLY G 720 41.25 -72.52 -22.89
N LEU G 721 41.14 -71.98 -21.69
CA LEU G 721 42.25 -71.25 -21.08
C LEU G 721 42.73 -71.97 -19.83
N TRP H 82 -61.29 -30.09 40.16
CA TRP H 82 -62.16 -30.60 41.22
C TRP H 82 -63.58 -30.08 41.04
N ASP H 83 -63.71 -28.82 40.65
CA ASP H 83 -65.03 -28.21 40.48
C ASP H 83 -65.81 -28.93 39.38
N MET H 84 -65.16 -29.26 38.28
CA MET H 84 -65.85 -29.87 37.15
C MET H 84 -66.44 -31.24 37.49
N LEU H 85 -65.84 -31.96 38.45
CA LEU H 85 -66.38 -33.27 38.83
C LEU H 85 -67.73 -33.12 39.52
N LEU H 86 -67.82 -32.21 40.51
CA LEU H 86 -69.09 -31.97 41.18
C LEU H 86 -70.10 -31.34 40.22
N GLU H 87 -69.65 -30.41 39.37
CA GLU H 87 -70.57 -29.71 38.49
C GLU H 87 -71.16 -30.64 37.44
N ARG H 88 -70.34 -31.54 36.88
CA ARG H 88 -70.78 -32.40 35.78
C ARG H 88 -71.68 -33.53 36.26
N ARG H 89 -71.41 -34.09 37.43
CA ARG H 89 -72.16 -35.22 37.95
C ARG H 89 -72.56 -34.95 39.40
N SER H 90 -73.70 -35.51 39.79
CA SER H 90 -74.20 -35.35 41.14
C SER H 90 -73.27 -36.02 42.14
N VAL H 91 -73.23 -35.47 43.35
CA VAL H 91 -72.37 -36.02 44.40
C VAL H 91 -72.77 -37.46 44.71
N GLU H 92 -74.05 -37.80 44.54
CA GLU H 92 -74.48 -39.17 44.76
C GLU H 92 -73.78 -40.13 43.81
N GLU H 93 -73.65 -39.75 42.55
CA GLU H 93 -72.96 -40.61 41.58
C GLU H 93 -71.50 -40.77 41.96
N LEU H 94 -70.84 -39.70 42.40
CA LEU H 94 -69.45 -39.80 42.82
C LEU H 94 -69.29 -40.71 44.02
N GLU H 95 -70.19 -40.59 44.99
CA GLU H 95 -70.13 -41.47 46.16
C GLU H 95 -70.35 -42.92 45.77
N GLU H 96 -71.30 -43.17 44.86
CA GLU H 96 -71.54 -44.53 44.40
C GLU H 96 -70.31 -45.09 43.68
N LEU H 97 -69.66 -44.26 42.86
CA LEU H 97 -68.45 -44.71 42.17
C LEU H 97 -67.33 -45.01 43.17
N LEU H 98 -67.17 -44.17 44.19
CA LEU H 98 -66.15 -44.43 45.21
C LEU H 98 -66.44 -45.73 45.94
N LYS H 99 -67.70 -45.97 46.30
CA LYS H 99 -68.07 -47.21 46.96
C LYS H 99 -67.80 -48.41 46.06
N GLU H 100 -68.12 -48.28 44.77
CA GLU H 100 -67.87 -49.37 43.83
C GLU H 100 -66.37 -49.67 43.72
N ARG H 101 -65.55 -48.62 43.67
CA ARG H 101 -64.10 -48.83 43.62
C ARG H 101 -63.61 -49.51 44.90
N LEU H 102 -64.10 -49.07 46.05
CA LEU H 102 -63.69 -49.69 47.31
C LEU H 102 -64.10 -51.16 47.35
N ASP H 103 -65.29 -51.48 46.85
CA ASP H 103 -65.74 -52.87 46.84
C ASP H 103 -64.91 -53.71 45.88
N LEU H 104 -64.63 -53.17 44.68
CA LEU H 104 -63.80 -53.90 43.73
C LEU H 104 -62.37 -54.07 44.23
N ILE H 105 -61.94 -53.22 45.15
CA ILE H 105 -60.65 -53.42 45.80
C ILE H 105 -60.75 -54.44 46.94
N LYS H 106 -61.90 -54.50 47.61
CA LYS H 106 -62.09 -55.46 48.68
C LYS H 106 -62.53 -56.83 48.19
N ALA H 107 -63.18 -56.90 47.02
CA ALA H 107 -63.65 -58.17 46.48
C ALA H 107 -62.48 -59.11 46.21
ZN ZN I . 16.57 -1.71 33.68
ZN ZN J . -49.52 6.64 34.61
MG MG K . 3.95 18.82 -2.72
#